data_7FRW
#
_entry.id   7FRW
#
_cell.length_a   208.144
_cell.length_b   112.752
_cell.length_c   188.438
_cell.angle_alpha   90.000
_cell.angle_beta   91.410
_cell.angle_gamma   90.000
#
_symmetry.space_group_name_H-M   'C 1 2 1'
#
loop_
_entity.id
_entity.type
_entity.pdbx_description
1 polymer 'Pyruvate kinase PKLR'
2 non-polymer 1,6-di-O-phosphono-beta-D-fructofuranose
3 non-polymer 'OXALATE ION'
4 non-polymer 'MAGNESIUM ION'
5 non-polymer 'POTASSIUM ION'
6 non-polymer (10aM)-3,8,9-trihydroxy-6H-6lambda~6~-dibenzo[c,e][1,2]oxathiine-6,6-dione
7 water water
#
_entity_poly.entity_id   1
_entity_poly.type   'polypeptide(L)'
_entity_poly.pdbx_seq_one_letter_code
;GSMEGPAGYLRRADVAQLTQELGTAFFQQQQLPAAMADTFLEHLCLLDIDSEPVAARSTSIIATIGPASRSVERLKEMIK
AGMNIARLNFSHGSHEYHAESIANVREAVESFAGSPLSYRPVAIALDTKGPGSGPGLSEQDVRDLRFGVEHGVDIVFASF
VRKASDVAAVRAALGPEGHGIKIISKIENHEGVKRFDEILEVSDGIMVARGDLGIEIPAEKVFLAQKMMIGRCNLAGKPV
VCATQMLESMITKPRPTRAETSDVANAVLDGADCIMLSGETAKGNFPVEAVKMQHAIAREAEAAVYHRQLFEELRRAAPL
SRDPTEVTAIGAVEAAFKCCAAAIIVLTTTGRSAQLLSRYRPRAAVIAVTRSAQAARQVHLCRGVFPLLYREPPEAIWAD
DVDRRVQFGIESGKLRGFLRVGDLVIVVTGWRPGSGYTNIMRVLSIS
;
_entity_poly.pdbx_strand_id   A,B,C,D,E,F,G,H
#
# COMPACT_ATOMS: atom_id res chain seq x y z
N ALA A 25 -29.13 -14.25 13.68
CA ALA A 25 -30.24 -13.48 13.13
C ALA A 25 -30.88 -12.60 14.21
N PHE A 26 -31.05 -13.15 15.43
CA PHE A 26 -31.63 -12.42 16.55
C PHE A 26 -30.83 -11.16 16.85
N PHE A 27 -29.50 -11.28 16.90
CA PHE A 27 -28.60 -10.18 17.23
C PHE A 27 -28.40 -9.16 16.09
N GLN A 28 -28.99 -9.38 14.91
CA GLN A 28 -28.91 -8.42 13.81
C GLN A 28 -30.16 -7.51 13.76
N GLN A 29 -31.29 -7.98 14.31
CA GLN A 29 -32.57 -7.28 14.36
C GLN A 29 -32.62 -6.25 15.50
N GLN A 30 -33.70 -5.43 15.55
CA GLN A 30 -34.03 -4.41 16.55
C GLN A 30 -32.83 -3.55 16.98
N GLN A 31 -31.97 -3.19 16.02
CA GLN A 31 -30.77 -2.38 16.25
C GLN A 31 -29.89 -2.93 17.37
N LEU A 32 -29.83 -4.27 17.51
CA LEU A 32 -29.02 -4.87 18.57
C LEU A 32 -27.51 -4.59 18.39
N PRO A 33 -26.91 -4.54 17.18
CA PRO A 33 -25.50 -4.12 17.09
C PRO A 33 -25.28 -2.70 17.65
N ALA A 34 -26.21 -1.76 17.38
CA ALA A 34 -26.11 -0.39 17.92
C ALA A 34 -26.36 -0.37 19.44
N ALA A 35 -27.19 -1.29 19.95
CA ALA A 35 -27.49 -1.41 21.37
C ALA A 35 -26.28 -1.83 22.17
N MET A 36 -25.40 -2.64 21.59
CA MET A 36 -24.20 -3.13 22.30
C MET A 36 -23.02 -2.15 22.26
N ALA A 37 -23.15 -1.00 21.59
CA ALA A 37 -22.04 -0.05 21.49
C ALA A 37 -21.59 0.51 22.83
N ASP A 38 -20.31 0.81 22.94
CA ASP A 38 -19.68 1.33 24.16
C ASP A 38 -19.83 2.83 24.37
N THR A 39 -20.13 3.58 23.30
CA THR A 39 -20.37 5.02 23.41
C THR A 39 -21.62 5.38 22.58
N PHE A 40 -22.23 6.53 22.87
CA PHE A 40 -23.38 7.02 22.11
C PHE A 40 -22.98 7.28 20.65
N LEU A 41 -21.77 7.82 20.43
CA LEU A 41 -21.27 8.07 19.07
C LEU A 41 -21.18 6.75 18.27
N GLU A 42 -20.61 5.70 18.87
CA GLU A 42 -20.51 4.39 18.22
C GLU A 42 -21.90 3.78 18.00
N HIS A 43 -22.85 4.03 18.93
CA HIS A 43 -24.24 3.61 18.80
C HIS A 43 -24.85 4.22 17.53
N LEU A 44 -24.64 5.53 17.30
CA LEU A 44 -25.15 6.19 16.11
C LEU A 44 -24.55 5.58 14.85
N CYS A 45 -23.22 5.37 14.84
CA CYS A 45 -22.49 4.80 13.72
C CYS A 45 -23.00 3.41 13.34
N LEU A 46 -23.56 2.67 14.32
CA LEU A 46 -24.02 1.31 14.07
C LEU A 46 -25.49 1.18 13.72
N LEU A 47 -26.25 2.29 13.69
CA LEU A 47 -27.68 2.23 13.32
C LEU A 47 -27.80 1.74 11.88
N ASP A 48 -28.71 0.80 11.65
CA ASP A 48 -28.82 0.11 10.38
C ASP A 48 -30.25 0.12 9.85
N ILE A 49 -30.45 0.68 8.65
CA ILE A 49 -31.77 0.73 8.01
C ILE A 49 -32.30 -0.69 7.67
N ASP A 50 -31.42 -1.69 7.57
CA ASP A 50 -31.81 -3.08 7.30
C ASP A 50 -32.10 -3.88 8.58
N SER A 51 -31.87 -3.30 9.77
CA SER A 51 -32.13 -3.98 11.03
C SER A 51 -33.60 -3.76 11.35
N GLU A 52 -34.44 -4.80 11.16
CA GLU A 52 -35.87 -4.66 11.32
C GLU A 52 -36.36 -4.66 12.76
N PRO A 53 -37.36 -3.81 13.07
CA PRO A 53 -37.89 -3.83 14.44
C PRO A 53 -38.69 -5.11 14.69
N VAL A 54 -38.57 -5.68 15.88
CA VAL A 54 -39.29 -6.90 16.22
C VAL A 54 -40.27 -6.68 17.36
N ALA A 55 -39.85 -5.89 18.36
CA ALA A 55 -40.70 -5.58 19.50
C ALA A 55 -41.95 -4.84 19.11
N ALA A 56 -43.00 -4.99 19.91
CA ALA A 56 -44.25 -4.29 19.69
C ALA A 56 -44.04 -2.79 19.92
N ARG A 57 -44.79 -1.95 19.20
CA ARG A 57 -44.69 -0.51 19.31
C ARG A 57 -45.14 -0.04 20.71
N SER A 58 -44.20 0.57 21.46
CA SER A 58 -44.32 1.03 22.84
C SER A 58 -44.93 2.41 23.09
N THR A 59 -44.70 3.36 22.19
CA THR A 59 -45.17 4.74 22.38
C THR A 59 -46.63 4.82 21.94
N SER A 60 -47.54 5.19 22.84
CA SER A 60 -48.97 5.26 22.48
C SER A 60 -49.29 6.39 21.54
N ILE A 61 -50.30 6.17 20.69
CA ILE A 61 -50.76 7.15 19.74
C ILE A 61 -52.09 7.72 20.20
N ILE A 62 -52.16 9.04 20.32
CA ILE A 62 -53.39 9.75 20.67
C ILE A 62 -53.93 10.35 19.38
N ALA A 63 -55.17 9.99 19.00
CA ALA A 63 -55.77 10.55 17.79
C ALA A 63 -56.93 11.45 18.18
N THR A 64 -56.99 12.64 17.61
CA THR A 64 -58.09 13.56 17.90
C THR A 64 -59.30 13.18 17.06
N ILE A 65 -60.47 13.07 17.69
CA ILE A 65 -61.70 12.71 17.01
C ILE A 65 -62.36 13.95 16.42
N GLY A 66 -62.84 13.82 15.19
CA GLY A 66 -63.53 14.89 14.49
C GLY A 66 -64.30 14.37 13.29
N PRO A 67 -64.74 15.27 12.40
CA PRO A 67 -65.50 14.82 11.22
C PRO A 67 -64.83 13.73 10.38
N ALA A 68 -63.50 13.74 10.28
CA ALA A 68 -62.79 12.73 9.49
C ALA A 68 -62.59 11.38 10.20
N SER A 69 -62.88 11.31 11.50
CA SER A 69 -62.62 10.10 12.28
C SER A 69 -63.73 9.80 13.29
N ARG A 70 -64.98 10.12 12.96
CA ARG A 70 -66.08 9.93 13.90
C ARG A 70 -66.93 8.69 13.69
N SER A 71 -67.03 8.21 12.44
CA SER A 71 -67.86 7.04 12.15
C SER A 71 -67.30 5.78 12.76
N VAL A 72 -68.18 4.84 13.15
CA VAL A 72 -67.79 3.58 13.76
C VAL A 72 -66.86 2.78 12.84
N GLU A 73 -67.14 2.76 11.54
CA GLU A 73 -66.32 2.05 10.58
C GLU A 73 -64.92 2.65 10.45
N ARG A 74 -64.82 3.99 10.49
CA ARG A 74 -63.54 4.71 10.42
C ARG A 74 -62.74 4.46 11.70
N LEU A 75 -63.41 4.49 12.86
CA LEU A 75 -62.80 4.24 14.16
C LEU A 75 -62.25 2.82 14.27
N LYS A 76 -62.92 1.82 13.66
CA LYS A 76 -62.42 0.44 13.66
C LYS A 76 -61.10 0.37 12.91
N GLU A 77 -60.98 1.09 11.79
CA GLU A 77 -59.75 1.11 11.01
C GLU A 77 -58.64 1.81 11.80
N MET A 78 -58.97 2.87 12.54
CA MET A 78 -57.98 3.59 13.33
CA MET A 78 -57.97 3.59 13.33
C MET A 78 -57.48 2.76 14.50
N ILE A 79 -58.35 1.91 15.09
CA ILE A 79 -57.95 1.03 16.19
C ILE A 79 -56.99 -0.01 15.64
N LYS A 80 -57.29 -0.59 14.46
CA LYS A 80 -56.43 -1.57 13.80
C LYS A 80 -55.09 -0.95 13.39
N ALA A 81 -55.10 0.34 12.99
CA ALA A 81 -53.89 1.06 12.59
C ALA A 81 -52.98 1.39 13.80
N GLY A 82 -53.54 1.43 15.01
CA GLY A 82 -52.74 1.66 16.20
C GLY A 82 -53.17 2.73 17.19
N MET A 83 -54.34 3.36 16.98
CA MET A 83 -54.83 4.38 17.92
C MET A 83 -55.05 3.75 19.31
N ASN A 84 -54.47 4.34 20.35
CA ASN A 84 -54.60 3.83 21.72
C ASN A 84 -55.48 4.72 22.59
N ILE A 85 -55.48 6.02 22.30
CA ILE A 85 -56.22 7.02 23.05
C ILE A 85 -56.98 7.91 22.07
N ALA A 86 -58.28 8.09 22.30
CA ALA A 86 -59.13 8.95 21.49
C ALA A 86 -59.27 10.27 22.22
N ARG A 87 -58.88 11.38 21.60
CA ARG A 87 -58.95 12.70 22.21
C ARG A 87 -60.18 13.47 21.72
N LEU A 88 -61.00 13.98 22.65
CA LEU A 88 -62.14 14.81 22.30
C LEU A 88 -61.74 16.24 22.61
N ASN A 89 -61.67 17.07 21.58
CA ASN A 89 -61.28 18.46 21.75
C ASN A 89 -62.51 19.31 22.08
N PHE A 90 -62.66 19.69 23.35
CA PHE A 90 -63.80 20.47 23.78
C PHE A 90 -63.73 21.96 23.39
N SER A 91 -62.74 22.35 22.58
CA SER A 91 -62.70 23.70 22.02
C SER A 91 -63.76 23.83 20.90
N HIS A 92 -64.22 22.70 20.31
CA HIS A 92 -65.22 22.68 19.24
C HIS A 92 -66.30 21.64 19.57
N GLY A 93 -67.50 21.86 19.07
CA GLY A 93 -68.60 20.92 19.24
C GLY A 93 -69.36 21.01 20.55
N SER A 94 -70.62 20.59 20.53
CA SER A 94 -71.49 20.60 21.69
C SER A 94 -71.32 19.33 22.54
N HIS A 95 -71.96 19.28 23.73
CA HIS A 95 -71.94 18.08 24.56
C HIS A 95 -72.60 16.91 23.82
N GLU A 96 -73.66 17.18 23.03
CA GLU A 96 -74.33 16.15 22.25
C GLU A 96 -73.39 15.55 21.22
N TYR A 97 -72.59 16.39 20.55
CA TYR A 97 -71.61 15.98 19.55
C TYR A 97 -70.56 15.06 20.19
N HIS A 98 -70.00 15.46 21.34
CA HIS A 98 -68.99 14.67 22.04
C HIS A 98 -69.53 13.36 22.60
N ALA A 99 -70.80 13.36 23.08
CA ALA A 99 -71.41 12.12 23.57
C ALA A 99 -71.54 11.09 22.45
N GLU A 100 -71.85 11.56 21.23
CA GLU A 100 -71.96 10.66 20.09
C GLU A 100 -70.58 10.12 19.69
N SER A 101 -69.54 10.96 19.78
CA SER A 101 -68.16 10.55 19.49
C SER A 101 -67.74 9.43 20.48
N ILE A 102 -68.05 9.61 21.78
CA ILE A 102 -67.76 8.61 22.82
C ILE A 102 -68.47 7.29 22.52
N ALA A 103 -69.78 7.36 22.16
CA ALA A 103 -70.56 6.17 21.85
C ALA A 103 -69.98 5.43 20.65
N ASN A 104 -69.56 6.18 19.62
CA ASN A 104 -68.98 5.57 18.42
C ASN A 104 -67.63 4.92 18.71
N VAL A 105 -66.80 5.55 19.57
CA VAL A 105 -65.51 4.98 19.96
C VAL A 105 -65.76 3.68 20.71
N ARG A 106 -66.65 3.70 21.71
CA ARG A 106 -66.97 2.51 22.48
C ARG A 106 -67.54 1.38 21.62
N GLU A 107 -68.39 1.71 20.64
CA GLU A 107 -68.96 0.69 19.75
C GLU A 107 -67.85 0.04 18.91
N ALA A 108 -66.94 0.85 18.37
CA ALA A 108 -65.83 0.34 17.58
C ALA A 108 -64.89 -0.51 18.42
N VAL A 109 -64.59 -0.07 19.66
CA VAL A 109 -63.69 -0.82 20.55
C VAL A 109 -64.29 -2.15 20.94
N GLU A 110 -65.58 -2.15 21.32
CA GLU A 110 -66.25 -3.38 21.75
C GLU A 110 -66.54 -4.36 20.62
N SER A 111 -66.45 -3.92 19.35
CA SER A 111 -66.62 -4.84 18.24
C SER A 111 -65.52 -5.94 18.19
N PHE A 112 -64.38 -5.73 18.88
CA PHE A 112 -63.27 -6.67 18.95
C PHE A 112 -63.23 -7.50 20.25
N ALA A 113 -64.19 -7.27 21.18
CA ALA A 113 -64.25 -7.95 22.48
C ALA A 113 -64.52 -9.46 22.40
N GLY A 114 -65.02 -9.93 21.26
CA GLY A 114 -65.31 -11.34 21.03
C GLY A 114 -64.08 -12.24 21.06
N SER A 115 -62.89 -11.66 20.91
CA SER A 115 -61.64 -12.41 20.99
C SER A 115 -60.84 -11.81 22.14
N PRO A 116 -61.04 -12.32 23.37
CA PRO A 116 -60.36 -11.74 24.55
C PRO A 116 -58.83 -11.77 24.52
N LEU A 117 -58.23 -12.74 23.84
CA LEU A 117 -56.77 -12.82 23.76
C LEU A 117 -56.14 -11.73 22.86
N SER A 118 -56.94 -11.06 22.02
CA SER A 118 -56.43 -10.00 21.15
C SER A 118 -57.10 -8.64 21.36
N TYR A 119 -58.11 -8.54 22.25
CA TYR A 119 -58.84 -7.28 22.51
C TYR A 119 -57.89 -6.16 22.93
N ARG A 120 -58.04 -5.00 22.28
CA ARG A 120 -57.23 -3.82 22.59
C ARG A 120 -58.06 -2.72 23.23
N PRO A 121 -57.80 -2.43 24.52
CA PRO A 121 -58.50 -1.31 25.16
C PRO A 121 -58.11 0.04 24.54
N VAL A 122 -59.03 1.00 24.51
CA VAL A 122 -58.76 2.35 23.96
C VAL A 122 -59.25 3.38 24.98
N ALA A 123 -58.37 4.28 25.43
CA ALA A 123 -58.73 5.29 26.40
C ALA A 123 -59.48 6.46 25.76
N ILE A 124 -60.28 7.18 26.54
CA ILE A 124 -60.97 8.36 26.06
C ILE A 124 -60.49 9.54 26.88
N ALA A 125 -59.94 10.55 26.21
CA ALA A 125 -59.40 11.72 26.87
C ALA A 125 -60.18 12.97 26.51
N LEU A 126 -60.47 13.80 27.50
CA LEU A 126 -61.21 15.04 27.29
C LEU A 126 -60.20 16.19 27.34
N ASP A 127 -60.08 16.95 26.25
CA ASP A 127 -59.15 18.08 26.21
C ASP A 127 -59.97 19.36 26.38
N THR A 128 -59.74 20.08 27.48
CA THR A 128 -60.52 21.27 27.80
C THR A 128 -60.29 22.47 26.88
N LYS A 129 -61.31 23.34 26.78
CA LYS A 129 -61.26 24.56 25.99
C LYS A 129 -60.22 25.53 26.55
N GLY A 130 -60.16 25.64 27.87
CA GLY A 130 -59.17 26.51 28.51
C GLY A 130 -59.74 27.70 29.23
N PRO A 131 -58.84 28.46 29.89
CA PRO A 131 -59.30 29.63 30.66
C PRO A 131 -59.60 30.88 29.84
N GLY A 132 -59.03 30.98 28.64
CA GLY A 132 -59.20 32.15 27.80
C GLY A 132 -58.53 33.35 28.43
N SER A 133 -59.27 34.47 28.56
CA SER A 133 -58.74 35.67 29.19
C SER A 133 -58.77 35.63 30.74
N GLY A 134 -59.47 34.64 31.31
CA GLY A 134 -59.60 34.48 32.75
C GLY A 134 -58.33 34.05 33.45
N GLY A 136 -58.24 31.60 35.97
CA GLY A 136 -58.28 30.20 36.33
C GLY A 136 -59.35 29.42 35.60
N LEU A 137 -59.94 28.42 36.27
CA LEU A 137 -60.96 27.54 35.69
C LEU A 137 -62.22 28.26 35.23
N SER A 138 -62.48 28.22 33.91
CA SER A 138 -63.64 28.86 33.32
C SER A 138 -64.94 28.09 33.64
N GLU A 139 -66.10 28.76 33.50
CA GLU A 139 -67.39 28.12 33.76
C GLU A 139 -67.68 27.04 32.73
N GLN A 140 -67.24 27.22 31.47
CA GLN A 140 -67.43 26.20 30.45
C GLN A 140 -66.62 24.95 30.79
N ASP A 141 -65.39 25.13 31.30
CA ASP A 141 -64.55 24.01 31.70
C ASP A 141 -65.17 23.23 32.85
N VAL A 142 -65.81 23.90 33.81
CA VAL A 142 -66.50 23.21 34.91
C VAL A 142 -67.62 22.30 34.37
N ARG A 143 -68.39 22.80 33.41
CA ARG A 143 -69.47 22.04 32.79
C ARG A 143 -68.93 20.87 31.95
N ASP A 144 -67.85 21.11 31.21
CA ASP A 144 -67.24 20.08 30.38
C ASP A 144 -66.60 18.98 31.22
N LEU A 145 -65.96 19.36 32.33
CA LEU A 145 -65.36 18.39 33.24
C LEU A 145 -66.42 17.52 33.88
N ARG A 146 -67.58 18.13 34.24
CA ARG A 146 -68.72 17.40 34.81
C ARG A 146 -69.24 16.40 33.77
N PHE A 147 -69.32 16.82 32.49
CA PHE A 147 -69.74 15.97 31.38
C PHE A 147 -68.80 14.76 31.28
N GLY A 148 -67.50 15.00 31.40
CA GLY A 148 -66.49 13.96 31.34
C GLY A 148 -66.68 12.90 32.40
N VAL A 149 -66.93 13.33 33.65
CA VAL A 149 -67.17 12.40 34.75
C VAL A 149 -68.44 11.57 34.49
N GLU A 150 -69.51 12.25 34.06
CA GLU A 150 -70.78 11.59 33.77
C GLU A 150 -70.67 10.58 32.63
N HIS A 151 -69.81 10.85 31.65
CA HIS A 151 -69.63 9.93 30.52
C HIS A 151 -68.45 8.95 30.68
N GLY A 152 -67.83 8.92 31.86
CA GLY A 152 -66.77 7.98 32.17
C GLY A 152 -65.47 8.11 31.40
N VAL A 153 -65.02 9.35 31.13
CA VAL A 153 -63.74 9.55 30.44
C VAL A 153 -62.60 9.08 31.35
N ASP A 154 -61.49 8.67 30.75
CA ASP A 154 -60.35 8.14 31.50
C ASP A 154 -59.32 9.19 31.87
N ILE A 155 -59.16 10.20 31.00
CA ILE A 155 -58.12 11.22 31.13
C ILE A 155 -58.65 12.60 30.83
N VAL A 156 -58.07 13.61 31.46
CA VAL A 156 -58.35 15.00 31.15
C VAL A 156 -57.02 15.64 30.74
N PHE A 157 -56.99 16.29 29.57
CA PHE A 157 -55.84 17.07 29.13
C PHE A 157 -56.24 18.49 29.49
N ALA A 158 -55.73 19.01 30.62
CA ALA A 158 -56.09 20.34 31.12
C ALA A 158 -55.32 21.45 30.42
N SER A 159 -56.04 22.30 29.66
CA SER A 159 -55.42 23.38 28.91
C SER A 159 -54.87 24.51 29.76
N PHE A 160 -53.79 25.13 29.28
CA PHE A 160 -53.10 26.28 29.86
C PHE A 160 -52.87 26.18 31.39
N VAL A 161 -52.23 25.10 31.84
CA VAL A 161 -51.92 24.97 33.27
C VAL A 161 -50.70 25.85 33.55
N ARG A 162 -50.83 26.81 34.47
CA ARG A 162 -49.75 27.74 34.80
C ARG A 162 -49.15 27.57 36.18
N LYS A 163 -49.87 26.89 37.09
CA LYS A 163 -49.44 26.68 38.46
C LYS A 163 -50.18 25.50 39.09
N ALA A 164 -49.70 25.05 40.27
CA ALA A 164 -50.32 23.92 40.97
C ALA A 164 -51.80 24.13 41.31
N SER A 165 -52.21 25.37 41.63
CA SER A 165 -53.62 25.64 41.96
C SER A 165 -54.56 25.44 40.77
N ASP A 166 -54.05 25.55 39.53
CA ASP A 166 -54.85 25.27 38.34
C ASP A 166 -55.21 23.79 38.29
N VAL A 167 -54.27 22.91 38.68
CA VAL A 167 -54.50 21.46 38.72
C VAL A 167 -55.51 21.13 39.82
N ALA A 168 -55.37 21.78 40.98
CA ALA A 168 -56.30 21.57 42.10
C ALA A 168 -57.73 21.95 41.72
N ALA A 169 -57.88 23.03 40.92
CA ALA A 169 -59.20 23.46 40.46
C ALA A 169 -59.82 22.41 39.53
N VAL A 170 -59.03 21.81 38.64
CA VAL A 170 -59.51 20.77 37.74
C VAL A 170 -59.93 19.54 38.54
N ARG A 171 -59.10 19.16 39.52
CA ARG A 171 -59.37 18.03 40.39
C ARG A 171 -60.70 18.24 41.17
N ALA A 172 -60.91 19.45 41.69
CA ALA A 172 -62.12 19.79 42.42
C ALA A 172 -63.36 19.76 41.51
N ALA A 173 -63.24 20.27 40.27
CA ALA A 173 -64.36 20.25 39.32
C ALA A 173 -64.75 18.84 38.89
N LEU A 174 -63.82 17.87 38.96
CA LEU A 174 -64.14 16.47 38.66
C LEU A 174 -64.99 15.82 39.79
N GLY A 175 -64.93 16.38 40.99
CA GLY A 175 -65.71 15.92 42.14
C GLY A 175 -65.28 14.58 42.71
N PRO A 176 -66.09 14.04 43.64
CA PRO A 176 -65.74 12.75 44.25
C PRO A 176 -65.88 11.56 43.29
N GLU A 177 -66.73 11.67 42.26
CA GLU A 177 -66.89 10.58 41.29
C GLU A 177 -65.73 10.55 40.25
N GLY A 178 -65.00 11.64 40.10
CA GLY A 178 -63.91 11.71 39.14
C GLY A 178 -62.52 11.53 39.73
N HIS A 179 -62.44 10.93 40.93
CA HIS A 179 -61.18 10.69 41.66
C HIS A 179 -60.16 9.86 40.86
N GLY A 180 -60.66 8.91 40.07
CA GLY A 180 -59.83 7.99 39.30
C GLY A 180 -59.38 8.47 37.94
N ILE A 181 -59.88 9.63 37.50
CA ILE A 181 -59.52 10.20 36.20
C ILE A 181 -58.10 10.79 36.26
N LYS A 182 -57.26 10.49 35.25
CA LYS A 182 -55.90 11.02 35.21
C LYS A 182 -55.89 12.45 34.70
N ILE A 183 -55.16 13.34 35.37
CA ILE A 183 -55.03 14.73 34.92
C ILE A 183 -53.65 14.94 34.28
N ILE A 184 -53.64 15.21 32.99
CA ILE A 184 -52.41 15.50 32.24
C ILE A 184 -52.42 17.00 32.01
N SER A 185 -51.51 17.72 32.65
CA SER A 185 -51.45 19.18 32.51
C SER A 185 -50.76 19.61 31.22
N LYS A 186 -51.43 20.46 30.44
CA LYS A 186 -50.86 20.97 29.20
C LYS A 186 -50.03 22.22 29.50
N ILE A 187 -48.73 22.19 29.14
CA ILE A 187 -47.84 23.33 29.35
C ILE A 187 -47.82 24.10 28.05
N GLU A 188 -48.40 25.32 28.07
CA GLU A 188 -48.61 26.09 26.85
C GLU A 188 -48.05 27.50 26.86
N ASN A 189 -47.42 27.94 27.96
CA ASN A 189 -46.88 29.29 28.03
C ASN A 189 -45.63 29.40 28.90
N HIS A 190 -45.01 30.59 28.96
CA HIS A 190 -43.81 30.81 29.74
C HIS A 190 -43.99 30.47 31.22
N GLU A 191 -45.11 30.88 31.82
CA GLU A 191 -45.35 30.61 33.24
C GLU A 191 -45.41 29.12 33.55
N GLY A 192 -46.07 28.35 32.68
CA GLY A 192 -46.16 26.90 32.85
C GLY A 192 -44.79 26.25 32.82
N VAL A 193 -43.90 26.73 31.93
CA VAL A 193 -42.54 26.21 31.83
C VAL A 193 -41.75 26.55 33.09
N LYS A 194 -41.83 27.81 33.53
CA LYS A 194 -41.12 28.27 34.73
C LYS A 194 -41.59 27.62 36.02
N ARG A 195 -42.89 27.34 36.14
CA ARG A 195 -43.43 26.67 37.31
C ARG A 195 -43.66 25.18 37.07
N PHE A 196 -42.93 24.58 36.10
CA PHE A 196 -43.06 23.17 35.74
C PHE A 196 -42.97 22.21 36.91
N ASP A 197 -41.97 22.36 37.77
CA ASP A 197 -41.78 21.42 38.89
C ASP A 197 -43.00 21.33 39.81
N GLU A 198 -43.61 22.47 40.16
CA GLU A 198 -44.77 22.46 41.04
C GLU A 198 -46.01 21.88 40.33
N ILE A 199 -46.11 22.06 39.00
CA ILE A 199 -47.20 21.53 38.22
C ILE A 199 -47.08 20.01 38.11
N LEU A 200 -45.88 19.51 37.76
CA LEU A 200 -45.66 18.07 37.62
C LEU A 200 -45.91 17.33 38.94
N GLU A 201 -45.51 17.93 40.06
CA GLU A 201 -45.70 17.33 41.38
C GLU A 201 -47.15 16.96 41.69
N VAL A 202 -48.11 17.79 41.26
CA VAL A 202 -49.53 17.53 41.52
C VAL A 202 -50.29 16.95 40.34
N SER A 203 -49.64 16.77 39.17
CA SER A 203 -50.31 16.22 38.00
C SER A 203 -49.99 14.75 37.84
N ASP A 204 -50.81 14.02 37.07
CA ASP A 204 -50.50 12.64 36.74
C ASP A 204 -49.47 12.55 35.59
N GLY A 205 -49.39 13.60 34.79
CA GLY A 205 -48.50 13.68 33.65
C GLY A 205 -48.56 15.04 32.98
N ILE A 206 -47.84 15.19 31.87
CA ILE A 206 -47.74 16.47 31.18
C ILE A 206 -47.94 16.33 29.69
N MET A 207 -48.46 17.36 29.05
CA MET A 207 -48.52 17.42 27.60
C MET A 207 -47.70 18.64 27.18
N VAL A 208 -46.76 18.46 26.27
CA VAL A 208 -45.99 19.55 25.72
C VAL A 208 -46.85 20.06 24.55
N ALA A 209 -47.67 21.08 24.81
CA ALA A 209 -48.60 21.63 23.84
C ALA A 209 -47.87 22.65 23.01
N ARG A 210 -47.16 22.17 21.98
CA ARG A 210 -46.28 22.99 21.17
C ARG A 210 -46.94 24.10 20.35
N GLY A 211 -48.21 23.94 20.01
CA GLY A 211 -48.96 24.95 19.26
C GLY A 211 -48.98 26.29 19.97
N ASP A 212 -49.60 26.34 21.14
CA ASP A 212 -49.65 27.57 21.93
C ASP A 212 -48.29 27.95 22.48
N LEU A 213 -47.47 26.97 22.88
CA LEU A 213 -46.12 27.23 23.40
C LEU A 213 -45.27 28.00 22.36
N GLY A 214 -45.40 27.62 21.10
CA GLY A 214 -44.69 28.24 19.98
C GLY A 214 -45.12 29.65 19.63
N ILE A 215 -46.25 30.10 20.20
CA ILE A 215 -46.76 31.46 20.04
C ILE A 215 -46.44 32.28 21.31
N GLU A 216 -46.48 31.63 22.49
CA GLU A 216 -46.21 32.27 23.77
C GLU A 216 -44.72 32.55 24.00
N ILE A 217 -43.85 31.65 23.52
CA ILE A 217 -42.41 31.84 23.63
C ILE A 217 -41.81 31.82 22.20
N PRO A 218 -40.57 32.32 21.98
CA PRO A 218 -40.01 32.26 20.61
C PRO A 218 -40.03 30.83 20.04
N ALA A 219 -40.47 30.68 18.79
CA ALA A 219 -40.60 29.38 18.13
C ALA A 219 -39.30 28.56 18.17
N GLU A 220 -38.15 29.23 18.07
CA GLU A 220 -36.84 28.58 18.11
C GLU A 220 -36.45 28.05 19.49
N LYS A 221 -37.26 28.30 20.54
CA LYS A 221 -36.97 27.79 21.89
C LYS A 221 -37.87 26.61 22.29
N VAL A 222 -38.91 26.29 21.49
CA VAL A 222 -39.83 25.21 21.83
C VAL A 222 -39.12 23.87 22.04
N PHE A 223 -38.13 23.52 21.20
CA PHE A 223 -37.42 22.26 21.36
C PHE A 223 -36.72 22.14 22.73
N LEU A 224 -36.26 23.27 23.29
CA LEU A 224 -35.61 23.27 24.61
C LEU A 224 -36.64 22.95 25.69
N ALA A 225 -37.83 23.56 25.60
CA ALA A 225 -38.90 23.31 26.57
C ALA A 225 -39.36 21.86 26.44
N GLN A 226 -39.50 21.34 25.21
CA GLN A 226 -39.90 19.96 24.99
C GLN A 226 -38.89 18.99 25.60
N LYS A 227 -37.60 19.13 25.28
CA LYS A 227 -36.57 18.23 25.78
C LYS A 227 -36.45 18.28 27.30
N MET A 228 -36.55 19.49 27.89
CA MET A 228 -36.47 19.64 29.34
C MET A 228 -37.66 18.96 30.03
N MET A 229 -38.88 19.19 29.53
CA MET A 229 -40.08 18.61 30.14
C MET A 229 -40.10 17.11 30.02
N ILE A 230 -39.69 16.57 28.86
CA ILE A 230 -39.61 15.13 28.68
C ILE A 230 -38.60 14.52 29.66
N GLY A 231 -37.40 15.13 29.77
CA GLY A 231 -36.38 14.66 30.70
C GLY A 231 -36.86 14.67 32.14
N ARG A 232 -37.52 15.76 32.57
CA ARG A 232 -38.03 15.85 33.95
C ARG A 232 -39.16 14.84 34.22
N CYS A 233 -40.03 14.60 33.22
CA CYS A 233 -41.09 13.60 33.39
C CYS A 233 -40.50 12.20 33.45
N ASN A 234 -39.46 11.91 32.63
CA ASN A 234 -38.79 10.62 32.67
C ASN A 234 -38.13 10.41 34.05
N LEU A 235 -37.53 11.46 34.60
CA LEU A 235 -36.90 11.41 35.91
CA LEU A 235 -36.89 11.42 35.92
C LEU A 235 -37.95 11.13 36.99
N ALA A 236 -39.11 11.80 36.90
CA ALA A 236 -40.21 11.62 37.86
C ALA A 236 -41.01 10.31 37.67
N GLY A 237 -40.83 9.63 36.54
CA GLY A 237 -41.58 8.41 36.26
C GLY A 237 -43.04 8.70 35.94
N LYS A 238 -43.33 9.87 35.35
CA LYS A 238 -44.70 10.28 35.00
C LYS A 238 -44.84 10.46 33.50
N PRO A 239 -46.01 10.08 32.94
CA PRO A 239 -46.20 10.20 31.48
C PRO A 239 -46.05 11.58 30.88
N VAL A 240 -45.47 11.66 29.69
CA VAL A 240 -45.33 12.92 28.96
C VAL A 240 -45.77 12.71 27.51
N VAL A 241 -46.58 13.64 27.01
CA VAL A 241 -47.12 13.56 25.66
C VAL A 241 -46.49 14.66 24.81
N CYS A 242 -46.05 14.32 23.59
CA CYS A 242 -45.60 15.33 22.65
C CYS A 242 -46.77 15.60 21.70
N ALA A 243 -47.09 16.87 21.49
CA ALA A 243 -48.25 17.22 20.68
C ALA A 243 -48.02 18.35 19.69
N THR A 244 -48.88 18.39 18.63
CA THR A 244 -49.12 19.44 17.63
C THR A 244 -48.14 19.48 16.47
N GLN A 245 -48.73 19.41 15.25
CA GLN A 245 -48.08 19.51 13.95
C GLN A 245 -47.03 18.47 13.68
N MET A 246 -47.11 17.31 14.35
CA MET A 246 -46.12 16.24 14.16
C MET A 246 -46.12 15.70 12.73
N LEU A 247 -47.31 15.56 12.11
CA LEU A 247 -47.45 15.10 10.73
C LEU A 247 -48.42 16.04 9.97
N GLU A 248 -48.35 17.35 10.25
CA GLU A 248 -49.25 18.38 9.74
C GLU A 248 -49.58 18.31 8.24
N SER A 249 -48.57 18.16 7.38
CA SER A 249 -48.79 18.10 5.94
C SER A 249 -49.73 16.96 5.51
N MET A 250 -49.86 15.91 6.35
CA MET A 250 -50.75 14.78 6.08
C MET A 250 -52.24 15.13 6.17
N ILE A 251 -52.59 16.37 6.57
CA ILE A 251 -53.97 16.83 6.56
C ILE A 251 -54.46 16.85 5.09
N THR A 252 -53.59 17.22 4.13
CA THR A 252 -53.95 17.23 2.71
C THR A 252 -53.12 16.28 1.84
N LYS A 253 -51.94 15.83 2.32
CA LYS A 253 -51.07 14.98 1.51
C LYS A 253 -50.99 13.54 2.03
N PRO A 254 -50.82 12.54 1.14
CA PRO A 254 -50.79 11.14 1.60
C PRO A 254 -49.50 10.72 2.33
N ARG A 255 -48.43 11.50 2.17
CA ARG A 255 -47.14 11.21 2.78
C ARG A 255 -46.64 12.46 3.51
N PRO A 256 -45.96 12.27 4.65
CA PRO A 256 -45.45 13.45 5.38
C PRO A 256 -44.12 13.97 4.84
N THR A 257 -43.69 15.16 5.31
CA THR A 257 -42.41 15.72 4.92
C THR A 257 -41.27 15.00 5.70
N ARG A 258 -40.01 15.23 5.28
CA ARG A 258 -38.85 14.68 5.96
C ARG A 258 -38.70 15.26 7.37
N ALA A 259 -39.12 16.52 7.58
CA ALA A 259 -39.05 17.14 8.91
C ALA A 259 -40.08 16.52 9.86
N GLU A 260 -41.25 16.14 9.34
CA GLU A 260 -42.31 15.54 10.13
C GLU A 260 -41.94 14.14 10.62
N THR A 261 -41.36 13.30 9.74
CA THR A 261 -40.95 11.96 10.19
C THR A 261 -39.82 12.07 11.22
N SER A 262 -38.90 13.02 11.00
CA SER A 262 -37.81 13.30 11.93
C SER A 262 -38.38 13.74 13.29
N ASP A 263 -39.40 14.62 13.29
CA ASP A 263 -40.02 15.13 14.53
C ASP A 263 -40.62 14.01 15.37
N VAL A 264 -41.35 13.08 14.72
CA VAL A 264 -41.94 11.96 15.41
C VAL A 264 -40.83 11.07 16.01
N ALA A 265 -39.82 10.74 15.21
CA ALA A 265 -38.73 9.89 15.67
C ALA A 265 -37.98 10.53 16.83
N ASN A 266 -37.72 11.84 16.76
CA ASN A 266 -37.01 12.53 17.82
C ASN A 266 -37.82 12.70 19.08
N ALA A 267 -39.17 12.78 18.99
CA ALA A 267 -39.99 12.85 20.20
C ALA A 267 -39.87 11.52 20.97
N VAL A 268 -39.88 10.40 20.23
CA VAL A 268 -39.73 9.08 20.82
C VAL A 268 -38.31 8.95 21.42
N LEU A 269 -37.28 9.31 20.67
CA LEU A 269 -35.91 9.25 21.16
C LEU A 269 -35.70 10.15 22.38
N ASP A 270 -36.36 11.33 22.43
CA ASP A 270 -36.31 12.26 23.57
C ASP A 270 -36.82 11.57 24.86
N GLY A 271 -37.81 10.71 24.71
CA GLY A 271 -38.39 9.96 25.83
C GLY A 271 -39.89 10.11 26.00
N ALA A 272 -40.61 10.62 24.98
CA ALA A 272 -42.06 10.82 25.09
C ALA A 272 -42.79 9.49 25.28
N ASP A 273 -43.74 9.45 26.20
CA ASP A 273 -44.55 8.25 26.42
C ASP A 273 -45.62 8.15 25.34
N CYS A 274 -46.19 9.29 24.90
CA CYS A 274 -47.22 9.34 23.89
C CYS A 274 -46.90 10.38 22.84
N ILE A 275 -47.41 10.15 21.63
CA ILE A 275 -47.34 11.10 20.53
C ILE A 275 -48.78 11.35 20.07
N MET A 276 -49.05 12.55 19.55
CA MET A 276 -50.41 12.94 19.23
C MET A 276 -50.62 13.40 17.81
N LEU A 277 -51.86 13.24 17.32
CA LEU A 277 -52.35 13.71 16.03
C LEU A 277 -53.56 14.59 16.33
N SER A 278 -53.61 15.78 15.72
CA SER A 278 -54.72 16.72 15.92
C SER A 278 -55.53 16.83 14.63
N GLY A 279 -55.27 17.85 13.80
CA GLY A 279 -55.96 18.01 12.53
C GLY A 279 -55.76 16.84 11.60
N GLU A 280 -54.61 16.14 11.73
CA GLU A 280 -54.29 14.97 10.90
C GLU A 280 -55.37 13.91 10.99
N THR A 281 -55.98 13.74 12.16
CA THR A 281 -57.04 12.72 12.33
C THR A 281 -58.42 13.34 12.50
N ALA A 282 -58.50 14.55 13.03
CA ALA A 282 -59.79 15.21 13.26
C ALA A 282 -60.46 15.68 11.98
N LYS A 283 -59.71 16.30 11.07
CA LYS A 283 -60.32 16.87 9.86
C LYS A 283 -59.60 16.56 8.55
N GLY A 284 -58.46 15.90 8.61
CA GLY A 284 -57.67 15.63 7.42
C GLY A 284 -58.22 14.57 6.49
N ASN A 285 -57.64 14.48 5.30
CA ASN A 285 -58.06 13.50 4.31
C ASN A 285 -57.43 12.13 4.47
N PHE A 286 -56.42 11.98 5.36
CA PHE A 286 -55.74 10.70 5.54
C PHE A 286 -55.60 10.32 7.04
N PRO A 287 -56.71 10.26 7.82
CA PRO A 287 -56.57 9.96 9.25
C PRO A 287 -55.96 8.62 9.59
N VAL A 288 -56.35 7.56 8.87
CA VAL A 288 -55.83 6.23 9.10
C VAL A 288 -54.35 6.16 8.72
N GLU A 289 -53.99 6.78 7.60
CA GLU A 289 -52.60 6.79 7.13
C GLU A 289 -51.68 7.55 8.11
N ALA A 290 -52.20 8.59 8.76
CA ALA A 290 -51.44 9.37 9.73
C ALA A 290 -51.13 8.51 10.96
N VAL A 291 -52.11 7.70 11.41
CA VAL A 291 -51.92 6.79 12.54
C VAL A 291 -50.90 5.71 12.15
N LYS A 292 -51.02 5.15 10.94
CA LYS A 292 -50.10 4.14 10.45
C LYS A 292 -48.66 4.67 10.38
N MET A 293 -48.51 5.93 9.95
CA MET A 293 -47.19 6.55 9.85
C MET A 293 -46.56 6.75 11.23
N GLN A 294 -47.35 7.24 12.23
CA GLN A 294 -46.81 7.39 13.59
C GLN A 294 -46.41 6.03 14.16
N HIS A 295 -47.23 4.99 13.89
CA HIS A 295 -46.91 3.64 14.35
C HIS A 295 -45.58 3.16 13.76
N ALA A 296 -45.40 3.31 12.45
CA ALA A 296 -44.20 2.84 11.74
C ALA A 296 -42.96 3.58 12.23
N ILE A 297 -43.04 4.91 12.39
CA ILE A 297 -41.89 5.67 12.87
C ILE A 297 -41.53 5.32 14.32
N ALA A 298 -42.53 5.30 15.21
CA ALA A 298 -42.29 5.00 16.63
C ALA A 298 -41.62 3.65 16.83
N ARG A 299 -42.04 2.63 16.08
CA ARG A 299 -41.45 1.32 16.18
C ARG A 299 -39.95 1.33 15.79
N GLU A 300 -39.60 2.07 14.73
CA GLU A 300 -38.21 2.19 14.30
C GLU A 300 -37.40 2.99 15.35
N ALA A 301 -37.98 4.06 15.88
CA ALA A 301 -37.28 4.92 16.86
C ALA A 301 -37.07 4.24 18.19
N GLU A 302 -38.03 3.43 18.64
CA GLU A 302 -37.89 2.69 19.91
C GLU A 302 -36.74 1.72 19.87
N ALA A 303 -36.51 1.05 18.75
CA ALA A 303 -35.39 0.13 18.61
C ALA A 303 -34.05 0.89 18.60
N ALA A 304 -34.04 2.15 18.13
CA ALA A 304 -32.84 2.99 18.08
C ALA A 304 -32.48 3.67 19.42
N VAL A 305 -33.28 3.47 20.47
CA VAL A 305 -32.99 4.04 21.79
C VAL A 305 -31.71 3.36 22.34
N TYR A 306 -30.78 4.16 22.87
CA TYR A 306 -29.53 3.63 23.42
C TYR A 306 -29.78 3.21 24.86
N HIS A 307 -30.41 2.03 25.07
CA HIS A 307 -30.76 1.54 26.39
C HIS A 307 -29.61 1.43 27.36
N ARG A 308 -28.40 1.13 26.89
CA ARG A 308 -27.24 0.98 27.77
C ARG A 308 -27.01 2.26 28.61
N GLN A 309 -27.06 3.43 27.96
CA GLN A 309 -26.90 4.69 28.69
C GLN A 309 -28.20 5.09 29.39
N LEU A 310 -29.34 4.96 28.70
CA LEU A 310 -30.64 5.33 29.26
C LEU A 310 -30.94 4.59 30.57
N PHE A 311 -30.82 3.25 30.59
CA PHE A 311 -31.09 2.48 31.80
C PHE A 311 -30.14 2.86 32.89
N GLU A 312 -28.84 3.00 32.58
CA GLU A 312 -27.89 3.39 33.60
C GLU A 312 -28.21 4.72 34.25
N GLU A 313 -28.58 5.72 33.42
CA GLU A 313 -28.90 7.03 33.94
C GLU A 313 -30.21 7.06 34.71
N LEU A 314 -31.24 6.34 34.22
CA LEU A 314 -32.52 6.27 34.93
C LEU A 314 -32.35 5.54 36.26
N ARG A 315 -31.55 4.46 36.26
CA ARG A 315 -31.27 3.68 37.44
C ARG A 315 -30.50 4.52 38.48
N ARG A 316 -29.47 5.27 38.04
CA ARG A 316 -28.66 6.13 38.92
C ARG A 316 -29.50 7.26 39.51
N ALA A 317 -30.33 7.91 38.68
CA ALA A 317 -31.13 9.05 39.11
C ALA A 317 -32.39 8.70 39.92
N ALA A 318 -32.98 7.50 39.77
CA ALA A 318 -34.19 7.11 40.53
C ALA A 318 -33.79 6.94 41.99
N PRO A 319 -34.51 7.59 42.93
CA PRO A 319 -34.05 7.55 44.32
C PRO A 319 -34.09 6.20 44.95
N LEU A 320 -33.27 6.01 46.01
CA LEU A 320 -33.31 4.78 46.80
C LEU A 320 -34.70 4.71 47.47
N SER A 321 -35.23 3.50 47.64
CA SER A 321 -36.60 3.37 48.11
C SER A 321 -36.80 2.18 48.95
N ARG A 322 -37.71 2.29 49.90
CA ARG A 322 -38.10 1.16 50.73
CA ARG A 322 -38.10 1.16 50.73
C ARG A 322 -39.51 0.64 50.37
N ASP A 323 -40.09 1.12 49.26
CA ASP A 323 -41.39 0.69 48.76
C ASP A 323 -41.15 -0.62 48.00
N PRO A 324 -41.76 -1.73 48.43
CA PRO A 324 -41.50 -3.01 47.75
C PRO A 324 -41.86 -3.05 46.27
N THR A 325 -42.86 -2.28 45.82
CA THR A 325 -43.22 -2.26 44.41
C THR A 325 -42.07 -1.63 43.59
N GLU A 326 -41.52 -0.52 44.09
CA GLU A 326 -40.40 0.19 43.46
C GLU A 326 -39.13 -0.70 43.44
N VAL A 327 -38.86 -1.40 44.54
CA VAL A 327 -37.72 -2.30 44.65
C VAL A 327 -37.86 -3.48 43.70
N THR A 328 -39.07 -4.06 43.62
CA THR A 328 -39.31 -5.18 42.73
C THR A 328 -39.19 -4.73 41.28
N ALA A 329 -39.70 -3.54 40.96
CA ALA A 329 -39.65 -3.02 39.58
C ALA A 329 -38.23 -2.90 39.02
N ILE A 330 -37.28 -2.33 39.81
CA ILE A 330 -35.90 -2.20 39.33
C ILE A 330 -35.23 -3.57 39.19
N GLY A 331 -35.50 -4.47 40.14
CA GLY A 331 -34.98 -5.83 40.08
C GLY A 331 -35.48 -6.56 38.85
N ALA A 332 -36.77 -6.39 38.51
CA ALA A 332 -37.40 -7.03 37.35
C ALA A 332 -36.83 -6.50 36.04
N VAL A 333 -36.62 -5.17 35.95
CA VAL A 333 -36.08 -4.58 34.72
C VAL A 333 -34.62 -5.00 34.52
N GLU A 334 -33.84 -5.07 35.62
CA GLU A 334 -32.45 -5.53 35.55
C GLU A 334 -32.42 -6.99 35.08
N ALA A 335 -33.30 -7.84 35.64
CA ALA A 335 -33.39 -9.25 35.26
C ALA A 335 -33.78 -9.40 33.79
N ALA A 336 -34.74 -8.58 33.30
CA ALA A 336 -35.17 -8.63 31.90
C ALA A 336 -34.02 -8.31 30.95
N PHE A 337 -33.20 -7.29 31.26
CA PHE A 337 -32.06 -6.96 30.41
C PHE A 337 -30.99 -8.06 30.42
N LYS A 338 -30.78 -8.70 31.57
CA LYS A 338 -29.78 -9.77 31.71
C LYS A 338 -30.05 -10.95 30.78
N CYS A 339 -31.32 -11.32 30.58
CA CYS A 339 -31.66 -12.47 29.77
C CYS A 339 -32.29 -12.14 28.44
N CYS A 340 -32.37 -10.85 28.04
CA CYS A 340 -33.06 -10.43 26.79
C CYS A 340 -34.51 -10.93 26.84
N ALA A 341 -35.17 -10.77 28.01
CA ALA A 341 -36.53 -11.24 28.20
C ALA A 341 -37.47 -10.68 27.16
N ALA A 342 -38.35 -11.52 26.63
CA ALA A 342 -39.30 -11.06 25.61
C ALA A 342 -40.33 -10.12 26.25
N ALA A 343 -40.69 -10.36 27.53
CA ALA A 343 -41.69 -9.54 28.20
C ALA A 343 -41.55 -9.59 29.73
N ILE A 344 -42.16 -8.62 30.40
CA ILE A 344 -42.34 -8.58 31.84
C ILE A 344 -43.85 -8.62 32.02
N ILE A 345 -44.39 -9.71 32.58
CA ILE A 345 -45.82 -9.81 32.79
C ILE A 345 -46.11 -9.36 34.20
N VAL A 346 -46.98 -8.38 34.37
CA VAL A 346 -47.27 -7.84 35.69
C VAL A 346 -48.78 -7.84 35.97
N LEU A 347 -49.16 -8.21 37.20
CA LEU A 347 -50.56 -8.14 37.61
C LEU A 347 -50.75 -6.79 38.28
N THR A 348 -51.76 -6.04 37.86
CA THR A 348 -51.99 -4.70 38.42
C THR A 348 -53.46 -4.37 38.55
N THR A 349 -53.84 -3.71 39.63
CA THR A 349 -55.21 -3.31 39.88
C THR A 349 -55.43 -1.89 39.38
N THR A 350 -54.50 -0.98 39.73
CA THR A 350 -54.57 0.44 39.38
C THR A 350 -53.68 0.85 38.20
N GLY A 351 -52.74 0.00 37.82
CA GLY A 351 -51.75 0.30 36.81
C GLY A 351 -50.39 0.70 37.39
N ARG A 352 -50.34 1.02 38.70
CA ARG A 352 -49.13 1.48 39.36
C ARG A 352 -47.91 0.55 39.23
N SER A 353 -48.08 -0.77 39.42
CA SER A 353 -46.94 -1.68 39.29
C SER A 353 -46.37 -1.67 37.87
N ALA A 354 -47.23 -1.49 36.85
CA ALA A 354 -46.80 -1.41 35.46
C ALA A 354 -46.09 -0.07 35.21
N GLN A 355 -46.60 1.02 35.79
CA GLN A 355 -45.99 2.33 35.64
C GLN A 355 -44.56 2.36 36.23
N LEU A 356 -44.35 1.70 37.38
CA LEU A 356 -43.03 1.66 38.01
C LEU A 356 -42.03 0.81 37.21
N LEU A 357 -42.51 -0.16 36.42
CA LEU A 357 -41.64 -0.92 35.54
C LEU A 357 -41.29 -0.03 34.32
N SER A 358 -42.30 0.64 33.74
CA SER A 358 -42.20 1.52 32.58
C SER A 358 -41.18 2.67 32.79
N ARG A 359 -41.08 3.18 34.01
CA ARG A 359 -40.17 4.28 34.31
C ARG A 359 -38.70 3.94 34.06
N TYR A 360 -38.32 2.66 34.08
CA TYR A 360 -36.95 2.24 33.78
C TYR A 360 -36.68 1.97 32.31
N ARG A 361 -37.69 2.17 31.46
CA ARG A 361 -37.60 1.97 30.03
C ARG A 361 -37.01 0.62 29.61
N PRO A 362 -37.60 -0.50 30.09
CA PRO A 362 -37.10 -1.80 29.62
C PRO A 362 -37.30 -1.97 28.11
N ARG A 363 -36.46 -2.76 27.46
CA ARG A 363 -36.66 -3.11 26.05
C ARG A 363 -37.82 -4.15 25.99
N ALA A 364 -37.92 -5.01 27.03
CA ALA A 364 -38.96 -6.01 27.17
C ALA A 364 -40.32 -5.32 27.31
N ALA A 365 -41.33 -5.82 26.59
CA ALA A 365 -42.69 -5.28 26.68
C ALA A 365 -43.23 -5.52 28.08
N VAL A 366 -43.97 -4.57 28.65
CA VAL A 366 -44.58 -4.75 29.97
C VAL A 366 -46.04 -5.15 29.71
N ILE A 367 -46.36 -6.43 29.84
CA ILE A 367 -47.71 -6.92 29.61
C ILE A 367 -48.47 -6.82 30.94
N ALA A 368 -49.40 -5.88 31.03
CA ALA A 368 -50.11 -5.63 32.27
C ALA A 368 -51.49 -6.31 32.26
N VAL A 369 -51.65 -7.35 33.09
CA VAL A 369 -52.92 -8.09 33.20
C VAL A 369 -53.75 -7.47 34.34
N THR A 370 -54.92 -6.88 33.99
CA THR A 370 -55.78 -6.23 34.97
C THR A 370 -57.25 -6.60 34.76
N ARG A 371 -58.03 -6.57 35.83
CA ARG A 371 -59.49 -6.76 35.76
C ARG A 371 -60.18 -5.39 35.59
N SER A 372 -59.50 -4.28 35.95
CA SER A 372 -60.05 -2.95 35.83
C SER A 372 -60.03 -2.46 34.38
N ALA A 373 -61.22 -2.28 33.77
CA ALA A 373 -61.32 -1.77 32.40
C ALA A 373 -60.73 -0.35 32.32
N GLN A 374 -60.96 0.47 33.36
CA GLN A 374 -60.42 1.83 33.37
C GLN A 374 -58.89 1.83 33.47
N ALA A 375 -58.29 1.03 34.36
CA ALA A 375 -56.83 0.95 34.46
C ALA A 375 -56.23 0.46 33.15
N ALA A 376 -56.90 -0.49 32.47
CA ALA A 376 -56.42 -1.01 31.18
C ALA A 376 -56.36 0.10 30.14
N ARG A 377 -57.33 1.02 30.15
CA ARG A 377 -57.34 2.13 29.21
C ARG A 377 -56.27 3.16 29.60
N GLN A 378 -56.18 3.49 30.89
CA GLN A 378 -55.26 4.50 31.38
C GLN A 378 -53.77 4.15 31.27
N VAL A 379 -53.38 2.87 31.35
CA VAL A 379 -51.96 2.52 31.27
C VAL A 379 -51.36 2.73 29.88
N HIS A 380 -52.19 3.10 28.88
CA HIS A 380 -51.66 3.49 27.57
C HIS A 380 -50.81 4.79 27.71
N LEU A 381 -50.98 5.55 28.80
CA LEU A 381 -50.18 6.75 29.04
C LEU A 381 -48.70 6.41 29.31
N CYS A 382 -48.39 5.18 29.78
CA CYS A 382 -47.03 4.77 30.12
C CYS A 382 -46.37 4.00 29.01
N ARG A 383 -45.20 4.48 28.52
CA ARG A 383 -44.53 3.79 27.42
C ARG A 383 -44.22 2.33 27.71
N GLY A 384 -44.50 1.48 26.73
CA GLY A 384 -44.18 0.07 26.82
C GLY A 384 -45.09 -0.78 27.66
N VAL A 385 -46.25 -0.24 28.06
CA VAL A 385 -47.23 -1.02 28.81
C VAL A 385 -48.33 -1.43 27.85
N PHE A 386 -48.53 -2.75 27.73
CA PHE A 386 -49.51 -3.39 26.87
C PHE A 386 -50.62 -3.94 27.75
N PRO A 387 -51.74 -3.24 27.84
CA PRO A 387 -52.82 -3.68 28.74
C PRO A 387 -53.64 -4.86 28.22
N LEU A 388 -53.90 -5.82 29.10
CA LEU A 388 -54.72 -6.98 28.80
C LEU A 388 -55.86 -6.98 29.80
N LEU A 389 -57.10 -6.87 29.32
CA LEU A 389 -58.26 -6.87 30.21
C LEU A 389 -58.70 -8.32 30.46
N TYR A 390 -58.56 -8.78 31.72
CA TYR A 390 -58.85 -10.14 32.15
C TYR A 390 -60.35 -10.36 32.37
N ARG A 391 -60.95 -11.23 31.55
CA ARG A 391 -62.38 -11.55 31.64
C ARG A 391 -62.63 -13.07 31.70
N GLU A 392 -61.68 -13.82 32.28
CA GLU A 392 -61.84 -15.26 32.41
CA GLU A 392 -61.83 -15.27 32.42
C GLU A 392 -62.46 -15.60 33.77
N PRO A 393 -63.17 -16.74 33.89
CA PRO A 393 -63.81 -17.07 35.17
C PRO A 393 -62.81 -17.11 36.34
N PRO A 394 -63.25 -16.70 37.52
CA PRO A 394 -62.34 -16.69 38.67
C PRO A 394 -62.00 -18.09 39.19
N GLU A 395 -60.88 -18.19 39.90
CA GLU A 395 -60.47 -19.41 40.56
C GLU A 395 -60.81 -19.24 42.05
N ALA A 396 -61.07 -20.35 42.75
CA ALA A 396 -61.41 -20.31 44.18
C ALA A 396 -60.17 -20.03 45.02
N ILE A 397 -59.04 -20.62 44.65
CA ILE A 397 -57.79 -20.43 45.37
C ILE A 397 -57.05 -19.21 44.79
N TRP A 398 -56.83 -18.14 45.59
CA TRP A 398 -56.14 -16.92 45.14
C TRP A 398 -54.82 -17.20 44.39
N ALA A 399 -53.98 -18.11 44.88
CA ALA A 399 -52.75 -18.50 44.19
C ALA A 399 -53.01 -19.07 42.79
N ASP A 400 -54.08 -19.90 42.63
CA ASP A 400 -54.44 -20.44 41.32
C ASP A 400 -54.97 -19.35 40.38
N ASP A 401 -55.66 -18.35 40.95
CA ASP A 401 -56.21 -17.25 40.18
C ASP A 401 -55.08 -16.37 39.63
N VAL A 402 -54.02 -16.15 40.45
CA VAL A 402 -52.84 -15.39 40.08
C VAL A 402 -52.15 -16.12 38.93
N ASP A 403 -51.90 -17.44 39.09
CA ASP A 403 -51.26 -18.29 38.08
CA ASP A 403 -51.25 -18.26 38.07
C ASP A 403 -52.01 -18.26 36.76
N ARG A 404 -53.35 -18.22 36.83
CA ARG A 404 -54.18 -18.21 35.63
C ARG A 404 -54.06 -16.86 34.90
N ARG A 405 -53.96 -15.75 35.64
CA ARG A 405 -53.76 -14.45 35.02
C ARG A 405 -52.39 -14.37 34.32
N VAL A 406 -51.37 -15.02 34.89
CA VAL A 406 -50.03 -15.09 34.31
C VAL A 406 -50.09 -15.94 33.03
N GLN A 407 -50.83 -17.07 33.05
CA GLN A 407 -51.00 -17.88 31.84
C GLN A 407 -51.79 -17.14 30.77
N PHE A 408 -52.73 -16.29 31.18
CA PHE A 408 -53.49 -15.47 30.23
C PHE A 408 -52.55 -14.48 29.52
N GLY A 409 -51.63 -13.88 30.28
CA GLY A 409 -50.65 -12.95 29.74
C GLY A 409 -49.77 -13.63 28.72
N ILE A 410 -49.36 -14.88 29.04
CA ILE A 410 -48.55 -15.71 28.16
C ILE A 410 -49.30 -16.08 26.87
N GLU A 411 -50.56 -16.55 26.99
CA GLU A 411 -51.36 -16.92 25.82
C GLU A 411 -51.66 -15.72 24.93
N SER A 412 -51.97 -14.56 25.53
CA SER A 412 -52.21 -13.35 24.74
C SER A 412 -50.91 -12.92 24.05
N GLY A 413 -49.79 -13.02 24.76
CA GLY A 413 -48.48 -12.68 24.22
C GLY A 413 -48.11 -13.56 23.04
N LYS A 414 -48.38 -14.86 23.13
CA LYS A 414 -48.08 -15.79 22.06
C LYS A 414 -48.93 -15.47 20.84
N LEU A 415 -50.24 -15.21 21.04
CA LEU A 415 -51.15 -14.91 19.96
C LEU A 415 -50.77 -13.62 19.25
N ARG A 416 -50.35 -12.61 20.02
CA ARG A 416 -50.01 -11.32 19.44
C ARG A 416 -48.59 -11.20 18.89
N GLY A 417 -47.76 -12.21 19.08
CA GLY A 417 -46.38 -12.20 18.57
C GLY A 417 -45.33 -11.68 19.54
N PHE A 418 -45.72 -11.32 20.77
CA PHE A 418 -44.78 -10.86 21.78
C PHE A 418 -43.88 -11.99 22.27
N LEU A 419 -44.45 -13.20 22.39
CA LEU A 419 -43.76 -14.34 22.98
C LEU A 419 -43.80 -15.57 22.10
N ARG A 420 -42.79 -16.42 22.25
CA ARG A 420 -42.67 -17.70 21.58
C ARG A 420 -42.13 -18.74 22.57
N VAL A 421 -42.35 -20.02 22.28
CA VAL A 421 -41.83 -21.12 23.10
C VAL A 421 -40.31 -21.03 23.17
N GLY A 422 -39.75 -21.12 24.37
CA GLY A 422 -38.32 -20.99 24.54
C GLY A 422 -37.89 -19.62 25.06
N ASP A 423 -38.76 -18.59 24.93
CA ASP A 423 -38.45 -17.26 25.44
C ASP A 423 -38.41 -17.26 26.97
N LEU A 424 -37.70 -16.30 27.55
CA LEU A 424 -37.72 -16.10 28.99
C LEU A 424 -38.59 -14.87 29.26
N VAL A 425 -39.39 -14.93 30.32
CA VAL A 425 -40.22 -13.78 30.72
C VAL A 425 -39.99 -13.54 32.19
N ILE A 426 -40.20 -12.30 32.62
CA ILE A 426 -40.12 -11.94 34.02
C ILE A 426 -41.56 -11.75 34.48
N VAL A 427 -41.95 -12.35 35.59
CA VAL A 427 -43.32 -12.22 36.09
C VAL A 427 -43.33 -11.47 37.41
N VAL A 428 -44.11 -10.42 37.49
CA VAL A 428 -44.19 -9.57 38.67
C VAL A 428 -45.58 -9.67 39.32
N THR A 429 -45.62 -10.17 40.55
CA THR A 429 -46.86 -10.37 41.31
C THR A 429 -46.68 -9.83 42.78
N GLY A 430 -47.72 -9.98 43.61
CA GLY A 430 -47.74 -9.57 44.99
C GLY A 430 -47.97 -10.75 45.93
N TRP A 431 -47.85 -10.49 47.23
CA TRP A 431 -48.01 -11.56 48.23
C TRP A 431 -49.45 -11.73 48.75
N ARG A 432 -50.34 -10.76 48.49
CA ARG A 432 -51.72 -10.82 48.92
C ARG A 432 -52.62 -10.04 47.93
N PRO A 433 -53.96 -10.30 47.94
CA PRO A 433 -54.85 -9.53 47.03
C PRO A 433 -54.91 -8.04 47.36
N GLY A 434 -55.38 -7.23 46.42
CA GLY A 434 -55.48 -5.79 46.60
C GLY A 434 -54.25 -5.05 46.10
N SER A 435 -54.43 -3.76 45.75
CA SER A 435 -53.35 -2.91 45.25
C SER A 435 -52.35 -2.57 46.33
N GLY A 436 -51.09 -2.37 45.93
CA GLY A 436 -50.02 -1.94 46.83
C GLY A 436 -49.15 -3.01 47.43
N TYR A 437 -49.33 -4.28 47.03
CA TYR A 437 -48.54 -5.37 47.63
C TYR A 437 -47.62 -6.11 46.67
N THR A 438 -47.28 -5.51 45.51
CA THR A 438 -46.33 -6.15 44.58
C THR A 438 -44.97 -6.28 45.27
N ASN A 439 -44.41 -7.48 45.32
CA ASN A 439 -43.14 -7.74 45.97
C ASN A 439 -42.41 -8.98 45.42
N ILE A 440 -42.90 -9.57 44.32
CA ILE A 440 -42.30 -10.79 43.80
C ILE A 440 -41.92 -10.69 42.33
N MET A 441 -40.74 -11.21 42.00
CA MET A 441 -40.28 -11.29 40.62
CA MET A 441 -40.22 -11.26 40.63
C MET A 441 -39.83 -12.73 40.36
N ARG A 442 -40.30 -13.32 39.25
CA ARG A 442 -40.01 -14.70 38.91
C ARG A 442 -39.49 -14.79 37.47
N VAL A 443 -38.51 -15.67 37.22
CA VAL A 443 -37.99 -15.90 35.89
C VAL A 443 -38.66 -17.17 35.35
N LEU A 444 -39.43 -17.05 34.27
CA LEU A 444 -40.19 -18.18 33.71
C LEU A 444 -39.81 -18.47 32.26
N SER A 445 -39.67 -19.75 31.93
CA SER A 445 -39.38 -20.18 30.56
C SER A 445 -40.71 -20.50 29.88
N ILE A 446 -40.95 -19.92 28.71
CA ILE A 446 -42.20 -20.14 27.98
C ILE A 446 -42.29 -21.54 27.38
N SER A 447 -43.34 -22.25 27.80
CA SER A 447 -43.76 -23.60 27.42
C SER A 447 -42.71 -24.67 27.74
N ARG B 12 -27.94 14.66 45.87
CA ARG B 12 -28.73 14.54 47.08
C ARG B 12 -30.13 14.01 46.78
N ALA B 13 -30.73 14.41 45.65
CA ALA B 13 -32.09 13.98 45.29
C ALA B 13 -32.30 12.45 45.25
N ASP B 14 -31.27 11.70 44.84
CA ASP B 14 -31.34 10.23 44.77
C ASP B 14 -31.33 9.56 46.16
N VAL B 15 -30.92 10.26 47.21
CA VAL B 15 -30.89 9.68 48.55
C VAL B 15 -31.69 10.50 49.58
N ALA B 16 -32.37 11.59 49.18
CA ALA B 16 -33.06 12.50 50.09
C ALA B 16 -34.19 11.87 50.91
N GLN B 17 -35.09 11.11 50.26
CA GLN B 17 -36.20 10.49 50.98
C GLN B 17 -35.69 9.40 51.89
N LEU B 18 -34.73 8.57 51.44
CA LEU B 18 -34.17 7.55 52.31
C LEU B 18 -33.34 8.11 53.45
N THR B 19 -32.73 9.29 53.25
CA THR B 19 -31.97 9.95 54.31
C THR B 19 -32.96 10.42 55.37
N GLN B 20 -34.11 11.00 54.96
CA GLN B 20 -35.12 11.43 55.91
C GLN B 20 -35.68 10.23 56.70
N GLU B 21 -35.92 9.10 56.03
CA GLU B 21 -36.45 7.89 56.66
C GLU B 21 -35.47 7.13 57.53
N LEU B 22 -34.25 6.86 57.03
CA LEU B 22 -33.27 6.09 57.80
C LEU B 22 -32.38 6.95 58.73
N GLY B 23 -32.32 8.25 58.45
CA GLY B 23 -31.55 9.19 59.26
C GLY B 23 -30.18 9.51 58.71
N THR B 24 -29.65 10.70 59.05
CA THR B 24 -28.32 11.09 58.62
C THR B 24 -27.26 10.23 59.26
N ALA B 25 -27.48 9.70 60.49
CA ALA B 25 -26.49 8.82 61.12
C ALA B 25 -26.25 7.56 60.32
N PHE B 26 -27.33 6.96 59.77
CA PHE B 26 -27.22 5.76 58.95
C PHE B 26 -26.32 6.02 57.73
N PHE B 27 -26.52 7.15 57.05
CA PHE B 27 -25.77 7.50 55.85
C PHE B 27 -24.36 8.03 56.13
N GLN B 28 -23.93 8.12 57.39
CA GLN B 28 -22.57 8.52 57.74
C GLN B 28 -21.70 7.28 58.01
N GLN B 29 -22.31 6.14 58.39
CA GLN B 29 -21.65 4.88 58.69
C GLN B 29 -21.29 4.10 57.41
N GLN B 30 -20.52 3.01 57.57
CA GLN B 30 -20.08 2.06 56.55
C GLN B 30 -19.60 2.72 55.23
N GLN B 31 -18.88 3.86 55.35
CA GLN B 31 -18.37 4.63 54.22
C GLN B 31 -19.44 4.96 53.18
N LEU B 32 -20.69 5.17 53.64
CA LEU B 32 -21.77 5.49 52.71
C LEU B 32 -21.57 6.82 51.98
N PRO B 33 -20.97 7.91 52.56
CA PRO B 33 -20.71 9.10 51.76
C PRO B 33 -19.74 8.77 50.60
N ALA B 34 -18.71 7.95 50.85
CA ALA B 34 -17.77 7.56 49.80
C ALA B 34 -18.44 6.64 48.77
N ALA B 35 -19.40 5.83 49.20
CA ALA B 35 -20.15 4.93 48.32
C ALA B 35 -20.99 5.69 47.31
N MET B 36 -21.53 6.85 47.69
CA MET B 36 -22.38 7.64 46.79
C MET B 36 -21.60 8.56 45.84
N ALA B 37 -20.26 8.58 45.90
CA ALA B 37 -19.46 9.45 45.04
C ALA B 37 -19.63 9.14 43.56
N ASP B 38 -19.53 10.17 42.72
CA ASP B 38 -19.68 10.03 41.27
C ASP B 38 -18.42 9.57 40.55
N THR B 39 -17.24 9.71 41.19
CA THR B 39 -15.98 9.26 40.60
C THR B 39 -15.17 8.47 41.65
N PHE B 40 -14.23 7.64 41.19
CA PHE B 40 -13.36 6.89 42.11
C PHE B 40 -12.49 7.88 42.91
N LEU B 41 -12.01 8.96 42.28
CA LEU B 41 -11.21 9.98 42.96
C LEU B 41 -12.02 10.62 44.11
N GLU B 42 -13.29 11.00 43.84
CA GLU B 42 -14.15 11.57 44.88
C GLU B 42 -14.45 10.56 45.96
N HIS B 43 -14.60 9.26 45.59
CA HIS B 43 -14.79 8.16 46.54
C HIS B 43 -13.62 8.12 47.53
N LEU B 44 -12.38 8.19 47.01
CA LEU B 44 -11.19 8.20 47.89
C LEU B 44 -11.20 9.40 48.81
N CYS B 45 -11.48 10.61 48.27
CA CYS B 45 -11.54 11.85 49.03
C CYS B 45 -12.56 11.80 50.18
N LEU B 46 -13.61 10.99 50.03
CA LEU B 46 -14.67 10.89 51.03
C LEU B 46 -14.50 9.79 52.04
N LEU B 47 -13.44 8.96 51.94
CA LEU B 47 -13.19 7.90 52.93
C LEU B 47 -12.95 8.56 54.29
N ASP B 48 -13.61 8.06 55.33
CA ASP B 48 -13.62 8.71 56.63
C ASP B 48 -13.26 7.73 57.73
N ILE B 49 -12.20 8.02 58.49
CA ILE B 49 -11.80 7.16 59.61
C ILE B 49 -12.85 7.14 60.74
N ASP B 50 -13.76 8.13 60.80
CA ASP B 50 -14.83 8.17 61.79
C ASP B 50 -16.11 7.46 61.31
N SER B 51 -16.14 6.98 60.06
CA SER B 51 -17.29 6.24 59.54
C SER B 51 -17.11 4.78 59.92
N GLU B 52 -17.85 4.33 60.93
CA GLU B 52 -17.71 2.98 61.45
C GLU B 52 -18.35 1.88 60.62
N PRO B 53 -17.70 0.72 60.51
CA PRO B 53 -18.32 -0.39 59.78
C PRO B 53 -19.51 -0.95 60.57
N VAL B 54 -20.59 -1.31 59.88
CA VAL B 54 -21.77 -1.87 60.53
C VAL B 54 -22.02 -3.30 60.06
N ALA B 55 -21.82 -3.56 58.77
CA ALA B 55 -22.06 -4.88 58.20
C ALA B 55 -21.17 -5.95 58.79
N ALA B 56 -21.66 -7.21 58.78
CA ALA B 56 -20.90 -8.35 59.23
C ALA B 56 -19.71 -8.55 58.25
N ARG B 57 -18.58 -9.03 58.77
CA ARG B 57 -17.38 -9.22 57.97
C ARG B 57 -17.59 -10.31 56.94
N SER B 58 -17.41 -9.95 55.66
CA SER B 58 -17.70 -10.84 54.55
C SER B 58 -16.51 -11.64 53.96
N THR B 59 -15.26 -11.16 54.10
CA THR B 59 -14.11 -11.88 53.55
C THR B 59 -13.74 -12.96 54.56
N SER B 60 -13.73 -14.24 54.13
CA SER B 60 -13.39 -15.32 55.06
C SER B 60 -11.94 -15.34 55.46
N ILE B 61 -11.69 -15.78 56.68
CA ILE B 61 -10.34 -15.92 57.21
C ILE B 61 -9.97 -17.38 57.25
N ILE B 62 -8.85 -17.72 56.61
CA ILE B 62 -8.31 -19.07 56.62
C ILE B 62 -7.15 -19.05 57.61
N ALA B 63 -7.22 -19.88 58.67
CA ALA B 63 -6.14 -19.95 59.64
C ALA B 63 -5.44 -21.29 59.52
N THR B 64 -4.11 -21.29 59.45
CA THR B 64 -3.35 -22.52 59.35
C THR B 64 -3.22 -23.12 60.75
N ILE B 65 -3.52 -24.42 60.87
CA ILE B 65 -3.46 -25.11 62.15
C ILE B 65 -2.05 -25.62 62.39
N GLY B 66 -1.58 -25.44 63.62
CA GLY B 66 -0.28 -25.91 64.04
C GLY B 66 -0.16 -25.94 65.55
N PRO B 67 1.07 -26.07 66.07
CA PRO B 67 1.24 -26.11 67.54
C PRO B 67 0.62 -24.95 68.32
N ALA B 68 0.58 -23.75 67.74
CA ALA B 68 0.00 -22.60 68.43
C ALA B 68 -1.54 -22.53 68.36
N SER B 69 -2.17 -23.37 67.54
CA SER B 69 -3.61 -23.29 67.34
C SER B 69 -4.27 -24.68 67.23
N ARG B 70 -3.76 -25.67 67.95
CA ARG B 70 -4.25 -27.03 67.84
C ARG B 70 -5.19 -27.48 68.95
N SER B 71 -5.03 -26.94 70.16
CA SER B 71 -5.87 -27.33 71.28
C SER B 71 -7.33 -26.92 71.08
N VAL B 72 -8.27 -27.72 71.62
CA VAL B 72 -9.70 -27.46 71.50
C VAL B 72 -10.07 -26.10 72.10
N GLU B 73 -9.47 -25.76 73.25
CA GLU B 73 -9.75 -24.48 73.91
C GLU B 73 -9.25 -23.31 73.06
N ARG B 74 -8.06 -23.44 72.41
CA ARG B 74 -7.49 -22.39 71.55
C ARG B 74 -8.34 -22.24 70.30
N LEU B 75 -8.80 -23.36 69.73
CA LEU B 75 -9.66 -23.37 68.54
C LEU B 75 -11.01 -22.71 68.80
N LYS B 76 -11.56 -22.86 70.02
CA LYS B 76 -12.83 -22.20 70.36
C LYS B 76 -12.65 -20.68 70.35
N GLU B 77 -11.49 -20.18 70.84
CA GLU B 77 -11.21 -18.74 70.81
C GLU B 77 -11.01 -18.26 69.38
N MET B 78 -10.38 -19.06 68.52
CA MET B 78 -10.16 -18.68 67.13
CA MET B 78 -10.16 -18.68 67.13
C MET B 78 -11.47 -18.65 66.35
N ILE B 79 -12.43 -19.55 66.68
CA ILE B 79 -13.73 -19.54 66.02
C ILE B 79 -14.48 -18.26 66.44
N LYS B 80 -14.42 -17.91 67.73
CA LYS B 80 -15.06 -16.69 68.23
C LYS B 80 -14.41 -15.43 67.65
N ALA B 81 -13.09 -15.47 67.39
CA ALA B 81 -12.34 -14.35 66.80
C ALA B 81 -12.66 -14.16 65.30
N GLY B 82 -13.15 -15.21 64.63
CA GLY B 82 -13.55 -15.10 63.23
C GLY B 82 -13.00 -16.10 62.24
N MET B 83 -12.27 -17.13 62.69
CA MET B 83 -11.75 -18.14 61.76
C MET B 83 -12.92 -18.89 61.08
N ASN B 84 -12.92 -18.95 59.74
CA ASN B 84 -13.98 -19.62 58.99
C ASN B 84 -13.52 -20.92 58.36
N ILE B 85 -12.23 -21.01 58.02
CA ILE B 85 -11.63 -22.16 57.36
C ILE B 85 -10.34 -22.53 58.09
N ALA B 86 -10.19 -23.80 58.46
CA ALA B 86 -9.00 -24.30 59.12
C ALA B 86 -8.15 -24.99 58.05
N ARG B 87 -6.91 -24.55 57.85
CA ARG B 87 -6.02 -25.09 56.85
C ARG B 87 -5.04 -26.08 57.47
N LEU B 88 -4.94 -27.28 56.90
CA LEU B 88 -4.01 -28.31 57.34
C LEU B 88 -2.89 -28.33 56.30
N ASN B 89 -1.68 -27.93 56.71
CA ASN B 89 -0.55 -27.90 55.78
C ASN B 89 0.14 -29.25 55.76
N PHE B 90 -0.10 -30.03 54.69
CA PHE B 90 0.49 -31.37 54.57
C PHE B 90 1.98 -31.37 54.20
N SER B 91 2.63 -30.20 54.16
CA SER B 91 4.08 -30.13 53.99
C SER B 91 4.77 -30.56 55.31
N HIS B 92 4.07 -30.49 56.47
CA HIS B 92 4.60 -30.86 57.78
C HIS B 92 3.61 -31.77 58.50
N GLY B 93 4.11 -32.63 59.39
CA GLY B 93 3.27 -33.51 60.19
C GLY B 93 2.83 -34.79 59.50
N SER B 94 2.55 -35.82 60.31
CA SER B 94 2.11 -37.11 59.82
C SER B 94 0.58 -37.15 59.64
N HIS B 95 0.03 -38.24 59.06
CA HIS B 95 -1.41 -38.41 58.93
C HIS B 95 -2.07 -38.46 60.32
N GLU B 96 -1.39 -39.05 61.32
CA GLU B 96 -1.90 -39.11 62.68
C GLU B 96 -2.02 -37.71 63.29
N TYR B 97 -1.03 -36.85 63.02
CA TYR B 97 -1.02 -35.46 63.51
C TYR B 97 -2.21 -34.70 62.91
N HIS B 98 -2.40 -34.81 61.59
CA HIS B 98 -3.50 -34.12 60.92
C HIS B 98 -4.88 -34.63 61.31
N ALA B 99 -5.01 -35.95 61.57
CA ALA B 99 -6.29 -36.52 62.02
C ALA B 99 -6.68 -35.94 63.39
N GLU B 100 -5.68 -35.73 64.25
CA GLU B 100 -5.95 -35.16 65.58
C GLU B 100 -6.34 -33.69 65.46
N SER B 101 -5.73 -32.96 64.52
CA SER B 101 -6.06 -31.55 64.26
C SER B 101 -7.53 -31.45 63.80
N ILE B 102 -7.93 -32.34 62.87
CA ILE B 102 -9.31 -32.40 62.38
C ILE B 102 -10.29 -32.68 63.52
N ALA B 103 -9.97 -33.67 64.39
CA ALA B 103 -10.82 -34.01 65.52
C ALA B 103 -10.97 -32.83 66.49
N ASN B 104 -9.88 -32.12 66.76
CA ASN B 104 -9.93 -30.96 67.65
C ASN B 104 -10.74 -29.81 67.06
N VAL B 105 -10.62 -29.59 65.74
CA VAL B 105 -11.40 -28.55 65.06
C VAL B 105 -12.88 -28.90 65.17
N ARG B 106 -13.24 -30.14 64.82
CA ARG B 106 -14.63 -30.59 64.89
C ARG B 106 -15.19 -30.52 66.31
N GLU B 107 -14.39 -30.86 67.34
CA GLU B 107 -14.86 -30.78 68.71
C GLU B 107 -15.16 -29.33 69.11
N ALA B 108 -14.25 -28.40 68.73
CA ALA B 108 -14.44 -26.99 69.02
C ALA B 108 -15.66 -26.41 68.28
N VAL B 109 -15.84 -26.79 67.01
CA VAL B 109 -16.97 -26.32 66.20
C VAL B 109 -18.29 -26.82 66.77
N GLU B 110 -18.35 -28.12 67.09
CA GLU B 110 -19.58 -28.71 67.60
C GLU B 110 -19.93 -28.30 69.03
N SER B 111 -18.99 -27.68 69.77
CA SER B 111 -19.29 -27.17 71.11
C SER B 111 -20.34 -26.02 71.07
N PHE B 112 -20.56 -25.39 69.89
CA PHE B 112 -21.53 -24.32 69.71
C PHE B 112 -22.86 -24.79 69.03
N ALA B 113 -22.97 -26.09 68.66
CA ALA B 113 -24.14 -26.66 67.96
C ALA B 113 -25.43 -26.68 68.75
N GLY B 114 -25.32 -26.54 70.07
CA GLY B 114 -26.47 -26.55 70.96
C GLY B 114 -27.45 -25.42 70.72
N SER B 115 -26.98 -24.34 70.07
CA SER B 115 -27.82 -23.22 69.73
C SER B 115 -27.83 -23.09 68.21
N PRO B 116 -28.80 -23.74 67.55
CA PRO B 116 -28.86 -23.70 66.08
C PRO B 116 -28.99 -22.33 65.42
N LEU B 117 -29.63 -21.37 66.09
CA LEU B 117 -29.79 -20.03 65.54
C LEU B 117 -28.47 -19.22 65.52
N SER B 118 -27.43 -19.67 66.26
CA SER B 118 -26.15 -18.97 66.29
C SER B 118 -24.94 -19.82 65.87
N TYR B 119 -25.15 -21.13 65.59
CA TYR B 119 -24.07 -22.05 65.19
C TYR B 119 -23.29 -21.55 63.97
N ARG B 120 -21.95 -21.58 64.06
CA ARG B 120 -21.08 -21.18 62.96
C ARG B 120 -20.30 -22.36 62.37
N PRO B 121 -20.62 -22.75 61.13
CA PRO B 121 -19.83 -23.82 60.48
C PRO B 121 -18.39 -23.38 60.20
N VAL B 122 -17.44 -24.33 60.21
CA VAL B 122 -16.03 -24.07 59.92
C VAL B 122 -15.54 -25.11 58.92
N ALA B 123 -15.01 -24.68 57.77
CA ALA B 123 -14.52 -25.62 56.75
C ALA B 123 -13.14 -26.15 57.09
N ILE B 124 -12.80 -27.33 56.56
CA ILE B 124 -11.48 -27.91 56.76
C ILE B 124 -10.85 -28.07 55.38
N ALA B 125 -9.69 -27.46 55.19
CA ALA B 125 -8.98 -27.47 53.92
C ALA B 125 -7.66 -28.20 54.03
N LEU B 126 -7.35 -29.03 53.05
CA LEU B 126 -6.11 -29.79 53.02
C LEU B 126 -5.20 -29.13 52.01
N ASP B 127 -4.03 -28.65 52.44
CA ASP B 127 -3.08 -28.01 51.53
C ASP B 127 -1.97 -29.02 51.23
N THR B 128 -1.85 -29.44 49.97
CA THR B 128 -0.88 -30.46 49.58
C THR B 128 0.59 -30.04 49.65
N LYS B 129 1.47 -31.04 49.83
CA LYS B 129 2.92 -30.84 49.89
C LYS B 129 3.44 -30.34 48.54
N GLY B 130 2.93 -30.91 47.45
CA GLY B 130 3.32 -30.48 46.11
C GLY B 130 4.09 -31.50 45.30
N PRO B 131 4.39 -31.14 44.04
CA PRO B 131 5.10 -32.09 43.15
C PRO B 131 6.60 -32.18 43.37
N GLY B 132 7.20 -31.15 43.94
CA GLY B 132 8.64 -31.10 44.15
C GLY B 132 9.35 -31.00 42.81
N SER B 133 10.34 -31.86 42.58
CA SER B 133 11.04 -31.87 41.29
C SER B 133 10.29 -32.64 40.18
N GLY B 134 9.23 -33.38 40.54
CA GLY B 134 8.43 -34.16 39.61
C GLY B 134 7.60 -33.35 38.65
N PRO B 135 7.14 -33.98 37.55
CA PRO B 135 6.35 -33.24 36.56
C PRO B 135 4.86 -33.08 36.87
N GLY B 136 4.33 -33.91 37.75
CA GLY B 136 2.91 -33.87 38.10
C GLY B 136 2.64 -34.34 39.50
N LEU B 137 1.48 -34.98 39.71
CA LEU B 137 1.05 -35.47 41.03
C LEU B 137 2.01 -36.48 41.68
N SER B 138 2.58 -36.10 42.83
CA SER B 138 3.50 -36.97 43.56
C SER B 138 2.78 -38.11 44.28
N GLU B 139 3.52 -39.17 44.63
CA GLU B 139 2.94 -40.31 45.33
C GLU B 139 2.47 -39.92 46.72
N GLN B 140 3.17 -39.01 47.40
CA GLN B 140 2.76 -38.54 48.72
C GLN B 140 1.44 -37.78 48.62
N ASP B 141 1.28 -36.96 47.57
CA ASP B 141 0.03 -36.22 47.35
C ASP B 141 -1.13 -37.16 47.12
N VAL B 142 -0.93 -38.28 46.39
CA VAL B 142 -2.02 -39.26 46.18
C VAL B 142 -2.48 -39.85 47.52
N ARG B 143 -1.53 -40.17 48.41
CA ARG B 143 -1.87 -40.70 49.73
C ARG B 143 -2.54 -39.66 50.63
N ASP B 144 -2.06 -38.40 50.57
CA ASP B 144 -2.64 -37.33 51.36
C ASP B 144 -4.05 -36.97 50.89
N LEU B 145 -4.27 -36.99 49.58
CA LEU B 145 -5.59 -36.71 49.02
C LEU B 145 -6.57 -37.80 49.41
N ARG B 146 -6.13 -39.07 49.42
CA ARG B 146 -6.98 -40.17 49.85
C ARG B 146 -7.32 -40.03 51.34
N PHE B 147 -6.35 -39.56 52.16
CA PHE B 147 -6.56 -39.29 53.59
C PHE B 147 -7.66 -38.21 53.74
N GLY B 148 -7.58 -37.16 52.92
CA GLY B 148 -8.56 -36.08 52.92
C GLY B 148 -9.97 -36.56 52.66
N VAL B 149 -10.15 -37.41 51.66
CA VAL B 149 -11.46 -37.98 51.34
C VAL B 149 -11.96 -38.83 52.50
N GLU B 150 -11.09 -39.69 53.06
CA GLU B 150 -11.46 -40.55 54.18
C GLU B 150 -11.84 -39.78 55.43
N HIS B 151 -11.21 -38.61 55.65
CA HIS B 151 -11.52 -37.79 56.81
C HIS B 151 -12.56 -36.67 56.55
N GLY B 152 -13.17 -36.66 55.36
CA GLY B 152 -14.22 -35.72 55.01
C GLY B 152 -13.84 -34.26 54.93
N VAL B 153 -12.66 -33.95 54.37
CA VAL B 153 -12.25 -32.54 54.21
C VAL B 153 -13.16 -31.87 53.18
N ASP B 154 -13.34 -30.56 53.29
CA ASP B 154 -14.22 -29.82 52.41
C ASP B 154 -13.53 -29.27 51.18
N ILE B 155 -12.26 -28.90 51.32
CA ILE B 155 -11.49 -28.22 50.28
C ILE B 155 -10.08 -28.78 50.15
N VAL B 156 -9.52 -28.73 48.95
CA VAL B 156 -8.14 -29.07 48.72
C VAL B 156 -7.47 -27.82 48.11
N PHE B 157 -6.36 -27.36 48.71
CA PHE B 157 -5.55 -26.29 48.15
C PHE B 157 -4.43 -27.06 47.44
N ALA B 158 -4.52 -27.19 46.11
CA ALA B 158 -3.55 -27.97 45.33
C ALA B 158 -2.30 -27.17 45.00
N SER B 159 -1.16 -27.58 45.55
CA SER B 159 0.11 -26.88 45.34
C SER B 159 0.66 -26.98 43.92
N PHE B 160 1.36 -25.93 43.49
CA PHE B 160 2.04 -25.78 42.20
C PHE B 160 1.24 -26.26 40.98
N VAL B 161 0.02 -25.73 40.80
CA VAL B 161 -0.77 -26.08 39.62
C VAL B 161 -0.22 -25.29 38.43
N ARG B 162 0.21 -25.99 37.37
CA ARG B 162 0.81 -25.38 36.19
C ARG B 162 -0.03 -25.46 34.93
N LYS B 163 -1.00 -26.35 34.89
CA LYS B 163 -1.85 -26.57 33.72
C LYS B 163 -3.13 -27.30 34.11
N ALA B 164 -4.10 -27.36 33.20
CA ALA B 164 -5.39 -28.03 33.44
C ALA B 164 -5.25 -29.50 33.84
N SER B 165 -4.29 -30.23 33.23
CA SER B 165 -4.09 -31.65 33.55
C SER B 165 -3.65 -31.89 34.99
N ASP B 166 -3.03 -30.90 35.64
CA ASP B 166 -2.64 -31.02 37.04
C ASP B 166 -3.88 -31.08 37.92
N VAL B 167 -4.91 -30.29 37.59
CA VAL B 167 -6.12 -30.28 38.41
C VAL B 167 -6.91 -31.60 38.13
N ALA B 168 -6.91 -32.10 36.87
CA ALA B 168 -7.55 -33.37 36.54
C ALA B 168 -6.91 -34.52 37.35
N ALA B 169 -5.59 -34.47 37.55
CA ALA B 169 -4.88 -35.49 38.34
C ALA B 169 -5.34 -35.45 39.79
N VAL B 170 -5.51 -34.23 40.36
CA VAL B 170 -5.99 -34.07 41.74
C VAL B 170 -7.42 -34.62 41.86
N ARG B 171 -8.27 -34.30 40.89
CA ARG B 171 -9.64 -34.76 40.85
CA ARG B 171 -9.65 -34.76 40.87
C ARG B 171 -9.70 -36.28 40.80
N ALA B 172 -8.86 -36.91 39.98
CA ALA B 172 -8.79 -38.37 39.86
C ALA B 172 -8.30 -39.00 41.17
N ALA B 173 -7.30 -38.41 41.82
CA ALA B 173 -6.79 -38.94 43.10
C ALA B 173 -7.81 -38.87 44.22
N LEU B 174 -8.78 -37.94 44.15
CA LEU B 174 -9.85 -37.86 45.15
C LEU B 174 -10.89 -39.00 44.98
N GLY B 175 -10.93 -39.63 43.81
CA GLY B 175 -11.81 -40.75 43.52
C GLY B 175 -13.28 -40.42 43.43
N PRO B 176 -14.12 -41.45 43.31
CA PRO B 176 -15.56 -41.22 43.19
C PRO B 176 -16.21 -40.72 44.48
N GLU B 177 -15.60 -40.99 45.65
CA GLU B 177 -16.15 -40.52 46.92
C GLU B 177 -15.81 -39.05 47.24
N GLY B 178 -14.88 -38.45 46.51
CA GLY B 178 -14.47 -37.07 46.77
C GLY B 178 -14.93 -36.08 45.72
N HIS B 179 -16.01 -36.39 45.00
CA HIS B 179 -16.55 -35.52 43.95
C HIS B 179 -17.06 -34.17 44.47
N GLY B 180 -17.49 -34.13 45.72
CA GLY B 180 -18.02 -32.92 46.34
C GLY B 180 -16.98 -31.97 46.91
N ILE B 181 -15.71 -32.41 46.99
CA ILE B 181 -14.63 -31.59 47.53
C ILE B 181 -14.24 -30.48 46.55
N LYS B 182 -14.09 -29.25 47.05
CA LYS B 182 -13.70 -28.13 46.20
C LYS B 182 -12.19 -28.12 45.94
N ILE B 183 -11.77 -27.95 44.69
CA ILE B 183 -10.35 -27.87 44.37
C ILE B 183 -9.96 -26.40 44.09
N ILE B 184 -9.12 -25.84 44.96
CA ILE B 184 -8.61 -24.48 44.81
C ILE B 184 -7.17 -24.62 44.33
N SER B 185 -6.90 -24.25 43.08
CA SER B 185 -5.57 -24.37 42.51
C SER B 185 -4.64 -23.25 42.99
N LYS B 186 -3.47 -23.62 43.54
CA LYS B 186 -2.48 -22.63 43.97
C LYS B 186 -1.60 -22.26 42.78
N ILE B 187 -1.54 -20.95 42.43
CA ILE B 187 -0.69 -20.47 41.34
C ILE B 187 0.60 -19.98 41.99
N GLU B 188 1.70 -20.68 41.71
CA GLU B 188 2.96 -20.43 42.39
C GLU B 188 4.16 -20.19 41.49
N ASN B 189 3.99 -20.20 40.16
CA ASN B 189 5.11 -20.01 39.26
C ASN B 189 4.70 -19.32 37.95
N HIS B 190 5.68 -19.02 37.08
CA HIS B 190 5.43 -18.35 35.81
C HIS B 190 4.46 -19.13 34.93
N GLU B 191 4.63 -20.45 34.83
CA GLU B 191 3.75 -21.26 33.99
C GLU B 191 2.29 -21.22 34.44
N GLY B 192 2.06 -21.27 35.76
CA GLY B 192 0.71 -21.17 36.31
C GLY B 192 0.06 -19.84 35.96
N VAL B 193 0.83 -18.74 36.00
CA VAL B 193 0.31 -17.43 35.64
C VAL B 193 -0.02 -17.36 34.15
N LYS B 194 0.90 -17.85 33.31
CA LYS B 194 0.70 -17.84 31.86
C LYS B 194 -0.44 -18.75 31.38
N ARG B 195 -0.65 -19.88 32.04
CA ARG B 195 -1.75 -20.79 31.70
C ARG B 195 -2.94 -20.63 32.64
N PHE B 196 -3.07 -19.45 33.29
CA PHE B 196 -4.13 -19.17 34.25
C PHE B 196 -5.53 -19.49 33.74
N ASP B 197 -5.88 -19.02 32.54
CA ASP B 197 -7.24 -19.20 32.02
C ASP B 197 -7.66 -20.67 31.92
N GLU B 198 -6.76 -21.54 31.45
CA GLU B 198 -7.08 -22.97 31.36
C GLU B 198 -7.18 -23.62 32.74
N ILE B 199 -6.40 -23.13 33.72
CA ILE B 199 -6.43 -23.66 35.08
C ILE B 199 -7.73 -23.25 35.77
N LEU B 200 -8.09 -21.96 35.67
CA LEU B 200 -9.32 -21.46 36.31
C LEU B 200 -10.56 -22.16 35.78
N GLU B 201 -10.59 -22.42 34.48
CA GLU B 201 -11.73 -23.07 33.83
C GLU B 201 -12.09 -24.42 34.46
N VAL B 202 -11.09 -25.20 34.87
CA VAL B 202 -11.32 -26.52 35.46
C VAL B 202 -11.23 -26.56 37.00
N SER B 203 -10.89 -25.43 37.64
CA SER B 203 -10.78 -25.40 39.10
C SER B 203 -12.04 -24.80 39.72
N ASP B 204 -12.27 -25.06 41.00
CA ASP B 204 -13.36 -24.39 41.71
C ASP B 204 -12.97 -22.95 42.13
N GLY B 205 -11.67 -22.70 42.24
CA GLY B 205 -11.14 -21.40 42.65
C GLY B 205 -9.63 -21.38 42.60
N ILE B 206 -9.04 -20.27 43.02
CA ILE B 206 -7.60 -20.06 42.93
C ILE B 206 -7.02 -19.53 44.22
N MET B 207 -5.77 -19.88 44.49
CA MET B 207 -5.04 -19.27 45.60
C MET B 207 -3.84 -18.58 44.98
N VAL B 208 -3.64 -17.30 45.33
CA VAL B 208 -2.47 -16.55 44.89
C VAL B 208 -1.42 -16.86 45.96
N ALA B 209 -0.58 -17.87 45.70
CA ALA B 209 0.43 -18.33 46.66
C ALA B 209 1.67 -17.46 46.47
N ARG B 210 1.68 -16.31 47.13
CA ARG B 210 2.72 -15.30 46.93
C ARG B 210 4.12 -15.67 47.38
N GLY B 211 4.24 -16.59 48.33
CA GLY B 211 5.55 -17.05 48.80
C GLY B 211 6.40 -17.63 47.69
N ASP B 212 5.93 -18.72 47.07
CA ASP B 212 6.66 -19.33 45.96
C ASP B 212 6.63 -18.46 44.73
N LEU B 213 5.50 -17.78 44.46
CA LEU B 213 5.40 -16.89 43.30
C LEU B 213 6.49 -15.80 43.33
N GLY B 214 6.76 -15.26 44.51
CA GLY B 214 7.78 -14.23 44.73
C GLY B 214 9.22 -14.69 44.59
N ILE B 215 9.44 -16.00 44.50
CA ILE B 215 10.75 -16.62 44.26
C ILE B 215 10.85 -17.06 42.79
N GLU B 216 9.73 -17.52 42.20
CA GLU B 216 9.69 -17.97 40.81
C GLU B 216 9.70 -16.82 39.81
N ILE B 217 9.06 -15.70 40.15
CA ILE B 217 9.07 -14.51 39.28
C ILE B 217 9.68 -13.33 40.08
N PRO B 218 10.12 -12.22 39.43
CA PRO B 218 10.67 -11.09 40.21
C PRO B 218 9.69 -10.61 41.28
N ALA B 219 10.16 -10.40 42.50
CA ALA B 219 9.33 -10.01 43.63
C ALA B 219 8.49 -8.76 43.33
N GLU B 220 9.05 -7.82 42.57
CA GLU B 220 8.35 -6.58 42.22
C GLU B 220 7.20 -6.79 41.22
N LYS B 221 7.00 -8.01 40.69
CA LYS B 221 5.91 -8.29 39.77
C LYS B 221 4.76 -9.05 40.41
N VAL B 222 4.92 -9.56 41.66
CA VAL B 222 3.87 -10.34 42.33
C VAL B 222 2.54 -9.59 42.43
N PHE B 223 2.57 -8.28 42.72
CA PHE B 223 1.32 -7.52 42.82
C PHE B 223 0.54 -7.53 41.51
N LEU B 224 1.23 -7.59 40.35
CA LEU B 224 0.56 -7.61 39.05
C LEU B 224 -0.15 -8.94 38.88
N ALA B 225 0.51 -10.04 39.24
CA ALA B 225 -0.08 -11.37 39.15
C ALA B 225 -1.26 -11.46 40.11
N GLN B 226 -1.13 -10.94 41.32
CA GLN B 226 -2.22 -10.97 42.30
C GLN B 226 -3.44 -10.20 41.78
N LYS B 227 -3.25 -8.95 41.34
CA LYS B 227 -4.37 -8.14 40.85
C LYS B 227 -5.04 -8.73 39.62
N MET B 228 -4.25 -9.27 38.69
CA MET B 228 -4.77 -9.92 37.48
C MET B 228 -5.61 -11.16 37.84
N MET B 229 -5.09 -12.02 38.71
CA MET B 229 -5.79 -13.26 39.08
C MET B 229 -7.04 -12.99 39.85
N ILE B 230 -7.02 -12.01 40.75
CA ILE B 230 -8.22 -11.64 41.50
C ILE B 230 -9.29 -11.08 40.53
N GLY B 231 -8.88 -10.19 39.62
CA GLY B 231 -9.80 -9.63 38.63
C GLY B 231 -10.43 -10.70 37.76
N ARG B 232 -9.61 -11.66 37.27
CA ARG B 232 -10.14 -12.73 36.43
C ARG B 232 -11.08 -13.67 37.19
N CYS B 233 -10.77 -13.95 38.46
CA CYS B 233 -11.64 -14.79 39.30
C CYS B 233 -12.95 -14.06 39.57
N ASN B 234 -12.90 -12.75 39.83
CA ASN B 234 -14.12 -11.95 40.05
C ASN B 234 -14.98 -11.96 38.78
N LEU B 235 -14.35 -11.86 37.62
CA LEU B 235 -15.06 -11.87 36.34
C LEU B 235 -15.72 -13.25 36.12
N ALA B 236 -15.01 -14.33 36.47
CA ALA B 236 -15.52 -15.70 36.35
C ALA B 236 -16.51 -16.10 37.45
N GLY B 237 -16.59 -15.33 38.52
CA GLY B 237 -17.46 -15.65 39.65
C GLY B 237 -16.97 -16.83 40.45
N LYS B 238 -15.65 -17.03 40.52
CA LYS B 238 -15.05 -18.13 41.27
C LYS B 238 -14.18 -17.62 42.42
N PRO B 239 -14.19 -18.31 43.58
CA PRO B 239 -13.40 -17.83 44.72
C PRO B 239 -11.90 -17.67 44.49
N VAL B 240 -11.32 -16.63 45.09
CA VAL B 240 -9.89 -16.39 45.01
C VAL B 240 -9.37 -16.08 46.43
N VAL B 241 -8.26 -16.70 46.80
CA VAL B 241 -7.65 -16.54 48.11
C VAL B 241 -6.35 -15.78 47.98
N CYS B 242 -6.10 -14.81 48.87
CA CYS B 242 -4.81 -14.15 48.90
C CYS B 242 -4.05 -14.76 50.06
N ALA B 243 -2.80 -15.17 49.81
CA ALA B 243 -2.03 -15.86 50.84
C ALA B 243 -0.59 -15.38 50.97
N THR B 244 0.01 -15.65 52.18
CA THR B 244 1.43 -15.57 52.57
C THR B 244 1.94 -14.19 52.98
N GLN B 245 2.46 -14.14 54.22
CA GLN B 245 3.10 -12.99 54.87
C GLN B 245 2.21 -11.78 55.01
N MET B 246 0.88 -11.98 55.06
CA MET B 246 -0.04 -10.86 55.20
C MET B 246 0.13 -10.11 56.51
N LEU B 247 0.36 -10.84 57.61
CA LEU B 247 0.59 -10.22 58.91
C LEU B 247 1.84 -10.87 59.56
N GLU B 248 2.86 -11.19 58.75
CA GLU B 248 4.07 -11.91 59.13
C GLU B 248 4.71 -11.49 60.47
N SER B 249 4.90 -10.19 60.71
CA SER B 249 5.50 -9.72 61.96
C SER B 249 4.71 -10.12 63.22
N MET B 250 3.41 -10.44 63.06
CA MET B 250 2.59 -10.87 64.18
C MET B 250 2.93 -12.28 64.69
N ILE B 251 3.89 -12.98 64.06
CA ILE B 251 4.39 -14.25 64.54
C ILE B 251 5.10 -14.02 65.91
N THR B 252 5.81 -12.88 66.05
CA THR B 252 6.49 -12.55 67.30
C THR B 252 5.98 -11.26 67.97
N LYS B 253 5.30 -10.38 67.22
CA LYS B 253 4.83 -9.11 67.79
C LYS B 253 3.31 -9.05 67.96
N PRO B 254 2.82 -8.33 68.98
CA PRO B 254 1.35 -8.25 69.19
C PRO B 254 0.61 -7.35 68.20
N ARG B 255 1.33 -6.46 67.49
CA ARG B 255 0.75 -5.55 66.51
C ARG B 255 1.50 -5.68 65.18
N PRO B 256 0.79 -5.59 64.05
CA PRO B 256 1.46 -5.73 62.75
C PRO B 256 2.10 -4.41 62.26
N THR B 257 2.89 -4.49 61.19
CA THR B 257 3.49 -3.28 60.62
C THR B 257 2.45 -2.52 59.78
N ARG B 258 2.76 -1.27 59.39
CA ARG B 258 1.89 -0.47 58.54
C ARG B 258 1.74 -1.09 57.15
N ALA B 259 2.78 -1.79 56.65
CA ALA B 259 2.70 -2.44 55.35
C ALA B 259 1.77 -3.66 55.39
N GLU B 260 1.78 -4.38 56.50
CA GLU B 260 0.93 -5.56 56.69
C GLU B 260 -0.54 -5.23 56.76
N THR B 261 -0.93 -4.18 57.50
CA THR B 261 -2.34 -3.79 57.55
C THR B 261 -2.79 -3.32 56.16
N SER B 262 -1.93 -2.56 55.48
CA SER B 262 -2.17 -2.10 54.12
C SER B 262 -2.38 -3.29 53.17
N ASP B 263 -1.53 -4.32 53.27
CA ASP B 263 -1.60 -5.51 52.42
C ASP B 263 -2.94 -6.24 52.57
N VAL B 264 -3.41 -6.42 53.81
CA VAL B 264 -4.69 -7.06 54.07
C VAL B 264 -5.82 -6.22 53.48
N ALA B 265 -5.81 -4.90 53.75
CA ALA B 265 -6.85 -4.03 53.24
C ALA B 265 -6.90 -4.04 51.71
N ASN B 266 -5.72 -3.99 51.06
CA ASN B 266 -5.64 -3.97 49.61
C ASN B 266 -6.02 -5.29 48.99
N ALA B 267 -5.80 -6.43 49.66
CA ALA B 267 -6.24 -7.73 49.12
C ALA B 267 -7.78 -7.76 49.06
N VAL B 268 -8.43 -7.25 50.11
CA VAL B 268 -9.89 -7.18 50.17
C VAL B 268 -10.39 -6.20 49.09
N LEU B 269 -9.78 -5.00 49.01
CA LEU B 269 -10.18 -4.03 47.99
C LEU B 269 -9.97 -4.57 46.58
N ASP B 270 -8.90 -5.33 46.34
CA ASP B 270 -8.61 -5.95 45.04
C ASP B 270 -9.77 -6.89 44.62
N GLY B 271 -10.40 -7.55 45.59
CA GLY B 271 -11.52 -8.43 45.36
C GLY B 271 -11.36 -9.84 45.88
N ALA B 272 -10.39 -10.08 46.79
CA ALA B 272 -10.18 -11.44 47.31
C ALA B 272 -11.38 -11.94 48.10
N ASP B 273 -11.79 -13.20 47.86
CA ASP B 273 -12.90 -13.79 48.63
C ASP B 273 -12.42 -14.21 50.02
N CYS B 274 -11.18 -14.70 50.12
CA CYS B 274 -10.57 -15.14 51.36
C CYS B 274 -9.19 -14.54 51.55
N ILE B 275 -8.81 -14.38 52.80
CA ILE B 275 -7.45 -13.97 53.19
C ILE B 275 -6.93 -15.05 54.14
N MET B 276 -5.61 -15.25 54.14
CA MET B 276 -5.02 -16.36 54.87
C MET B 276 -3.95 -15.95 55.87
N LEU B 277 -3.80 -16.78 56.91
CA LEU B 277 -2.78 -16.68 57.94
C LEU B 277 -2.05 -18.01 57.94
N SER B 278 -0.71 -17.98 57.90
CA SER B 278 0.11 -19.19 57.87
C SER B 278 0.85 -19.32 59.22
N GLY B 279 2.12 -18.91 59.31
CA GLY B 279 2.88 -18.95 60.55
C GLY B 279 2.23 -18.13 61.65
N GLU B 280 1.49 -17.06 61.28
CA GLU B 280 0.81 -16.20 62.24
C GLU B 280 -0.12 -16.99 63.17
N THR B 281 -0.76 -18.05 62.65
CA THR B 281 -1.65 -18.86 63.48
C THR B 281 -1.06 -20.23 63.80
N ALA B 282 -0.27 -20.78 62.89
CA ALA B 282 0.30 -22.11 63.06
C ALA B 282 1.35 -22.19 64.17
N LYS B 283 2.29 -21.23 64.23
CA LYS B 283 3.38 -21.28 65.20
C LYS B 283 3.62 -20.01 65.98
N GLY B 284 2.95 -18.93 65.63
CA GLY B 284 3.17 -17.64 66.26
C GLY B 284 2.70 -17.52 67.69
N ASN B 285 3.11 -16.45 68.35
CA ASN B 285 2.73 -16.20 69.74
C ASN B 285 1.39 -15.52 69.91
N PHE B 286 0.79 -15.00 68.82
CA PHE B 286 -0.48 -14.30 68.92
C PHE B 286 -1.50 -14.81 67.87
N PRO B 287 -1.84 -16.13 67.85
CA PRO B 287 -2.76 -16.63 66.80
C PRO B 287 -4.15 -16.02 66.83
N VAL B 288 -4.73 -15.85 68.03
CA VAL B 288 -6.06 -15.28 68.16
C VAL B 288 -6.05 -13.81 67.77
N GLU B 289 -5.00 -13.08 68.19
CA GLU B 289 -4.87 -11.65 67.86
C GLU B 289 -4.67 -11.43 66.35
N ALA B 290 -4.02 -12.37 65.66
CA ALA B 290 -3.81 -12.29 64.21
C ALA B 290 -5.15 -12.44 63.49
N VAL B 291 -6.02 -13.36 63.97
CA VAL B 291 -7.36 -13.55 63.41
C VAL B 291 -8.19 -12.29 63.67
N LYS B 292 -8.12 -11.74 64.89
CA LYS B 292 -8.84 -10.54 65.25
C LYS B 292 -8.42 -9.35 64.37
N MET B 293 -7.12 -9.25 64.06
CA MET B 293 -6.59 -8.16 63.24
C MET B 293 -7.08 -8.29 61.80
N GLN B 294 -7.04 -9.50 61.21
CA GLN B 294 -7.58 -9.70 59.85
C GLN B 294 -9.07 -9.38 59.82
N HIS B 295 -9.82 -9.76 60.87
CA HIS B 295 -11.26 -9.48 60.95
C HIS B 295 -11.50 -7.97 60.95
N ALA B 296 -10.77 -7.23 61.80
CA ALA B 296 -10.93 -5.79 61.92
C ALA B 296 -10.58 -5.06 60.63
N ILE B 297 -9.48 -5.44 59.97
CA ILE B 297 -9.08 -4.79 58.72
C ILE B 297 -10.08 -5.11 57.59
N ALA B 298 -10.46 -6.39 57.43
CA ALA B 298 -11.42 -6.78 56.39
C ALA B 298 -12.72 -6.05 56.50
N ARG B 299 -13.28 -5.82 57.71
CA ARG B 299 -14.52 -5.07 57.88
C ARG B 299 -14.39 -3.63 57.43
N GLU B 300 -13.23 -3.00 57.73
CA GLU B 300 -13.01 -1.64 57.30
C GLU B 300 -12.87 -1.59 55.78
N ALA B 301 -12.13 -2.52 55.20
CA ALA B 301 -11.89 -2.54 53.76
C ALA B 301 -13.13 -2.87 52.94
N GLU B 302 -13.98 -3.76 53.43
CA GLU B 302 -15.22 -4.11 52.74
C GLU B 302 -16.14 -2.92 52.60
N ALA B 303 -16.22 -2.08 53.64
CA ALA B 303 -17.03 -0.89 53.58
C ALA B 303 -16.46 0.15 52.60
N ALA B 304 -15.11 0.15 52.41
CA ALA B 304 -14.43 1.08 51.50
C ALA B 304 -14.46 0.66 50.03
N VAL B 305 -15.07 -0.49 49.70
CA VAL B 305 -15.21 -0.93 48.31
C VAL B 305 -16.11 0.07 47.56
N TYR B 306 -15.73 0.49 46.35
CA TYR B 306 -16.53 1.44 45.57
C TYR B 306 -17.56 0.62 44.77
N HIS B 307 -18.63 0.19 45.44
CA HIS B 307 -19.68 -0.65 44.84
C HIS B 307 -20.31 -0.07 43.59
N ARG B 308 -20.45 1.26 43.51
CA ARG B 308 -21.07 1.90 42.34
C ARG B 308 -20.35 1.51 41.06
N GLN B 309 -19.01 1.59 41.03
CA GLN B 309 -18.26 1.21 39.85
C GLN B 309 -18.12 -0.30 39.73
N LEU B 310 -17.87 -0.99 40.84
CA LEU B 310 -17.72 -2.44 40.83
C LEU B 310 -18.99 -3.15 40.26
N PHE B 311 -20.18 -2.81 40.77
CA PHE B 311 -21.42 -3.41 40.28
C PHE B 311 -21.66 -3.11 38.80
N GLU B 312 -21.43 -1.86 38.37
CA GLU B 312 -21.59 -1.45 36.97
C GLU B 312 -20.64 -2.23 36.05
N GLU B 313 -19.38 -2.42 36.49
CA GLU B 313 -18.41 -3.16 35.69
C GLU B 313 -18.66 -4.65 35.67
N LEU B 314 -19.12 -5.24 36.79
CA LEU B 314 -19.45 -6.67 36.83
C LEU B 314 -20.63 -6.93 35.88
N ARG B 315 -21.60 -6.01 35.78
CA ARG B 315 -22.74 -6.14 34.86
C ARG B 315 -22.32 -5.99 33.42
N ARG B 316 -21.49 -4.99 33.11
CA ARG B 316 -21.01 -4.73 31.75
C ARG B 316 -20.15 -5.90 31.25
N ALA B 317 -19.31 -6.47 32.11
CA ALA B 317 -18.41 -7.55 31.70
C ALA B 317 -19.06 -8.92 31.67
N ALA B 318 -20.09 -9.16 32.50
CA ALA B 318 -20.73 -10.46 32.54
C ALA B 318 -21.60 -10.61 31.30
N PRO B 319 -21.48 -11.77 30.63
CA PRO B 319 -22.30 -11.97 29.43
C PRO B 319 -23.77 -12.13 29.77
N LEU B 320 -24.65 -11.93 28.78
CA LEU B 320 -26.09 -12.14 28.94
C LEU B 320 -26.32 -13.62 29.31
N SER B 321 -27.32 -13.88 30.15
CA SER B 321 -27.53 -15.24 30.60
C SER B 321 -28.95 -15.67 30.50
N ARG B 322 -29.16 -16.92 30.13
CA ARG B 322 -30.50 -17.49 30.09
C ARG B 322 -30.70 -18.46 31.28
N ASP B 323 -29.75 -18.53 32.24
CA ASP B 323 -29.85 -19.37 33.41
C ASP B 323 -30.69 -18.62 34.43
N PRO B 324 -31.85 -19.17 34.83
CA PRO B 324 -32.70 -18.46 35.79
C PRO B 324 -32.05 -18.14 37.15
N THR B 325 -31.10 -18.97 37.63
CA THR B 325 -30.41 -18.69 38.90
C THR B 325 -29.58 -17.42 38.76
N GLU B 326 -28.86 -17.29 37.65
CA GLU B 326 -28.02 -16.13 37.35
C GLU B 326 -28.89 -14.87 37.16
N VAL B 327 -30.02 -15.00 36.44
CA VAL B 327 -30.92 -13.88 36.21
C VAL B 327 -31.55 -13.41 37.53
N THR B 328 -31.95 -14.37 38.38
CA THR B 328 -32.54 -14.04 39.67
C THR B 328 -31.49 -13.36 40.56
N ALA B 329 -30.25 -13.86 40.55
CA ALA B 329 -29.18 -13.31 41.37
C ALA B 329 -28.91 -11.83 41.08
N ILE B 330 -28.83 -11.43 39.80
CA ILE B 330 -28.57 -10.02 39.48
C ILE B 330 -29.76 -9.15 39.85
N GLY B 331 -30.97 -9.66 39.66
CA GLY B 331 -32.16 -8.93 40.05
C GLY B 331 -32.23 -8.74 41.55
N ALA B 332 -31.86 -9.76 42.31
CA ALA B 332 -31.85 -9.70 43.78
C ALA B 332 -30.79 -8.70 44.30
N VAL B 333 -29.61 -8.69 43.70
CA VAL B 333 -28.54 -7.78 44.12
C VAL B 333 -28.92 -6.34 43.77
N GLU B 334 -29.54 -6.13 42.60
CA GLU B 334 -30.03 -4.81 42.18
C GLU B 334 -31.09 -4.31 43.18
N ALA B 335 -32.03 -5.20 43.56
CA ALA B 335 -33.09 -4.86 44.51
C ALA B 335 -32.49 -4.54 45.89
N ALA B 336 -31.51 -5.31 46.35
CA ALA B 336 -30.86 -5.07 47.64
C ALA B 336 -30.19 -3.68 47.68
N PHE B 337 -29.51 -3.27 46.59
CA PHE B 337 -28.88 -1.94 46.54
C PHE B 337 -29.92 -0.83 46.55
N LYS B 338 -31.06 -1.02 45.86
CA LYS B 338 -32.13 -0.03 45.77
C LYS B 338 -32.72 0.36 47.13
N CYS B 339 -32.84 -0.61 48.03
CA CYS B 339 -33.45 -0.36 49.34
C CYS B 339 -32.51 -0.39 50.51
N CYS B 340 -31.17 -0.54 50.27
CA CYS B 340 -30.18 -0.69 51.34
C CYS B 340 -30.55 -1.89 52.20
N ALA B 341 -30.96 -3.02 51.56
CA ALA B 341 -31.39 -4.22 52.26
C ALA B 341 -30.35 -4.69 53.24
N ALA B 342 -30.81 -5.10 54.42
CA ALA B 342 -29.92 -5.59 55.45
C ALA B 342 -29.31 -6.94 55.03
N ALA B 343 -30.08 -7.77 54.30
CA ALA B 343 -29.60 -9.09 53.90
C ALA B 343 -30.37 -9.63 52.69
N ILE B 344 -29.79 -10.63 52.02
CA ILE B 344 -30.40 -11.40 50.97
C ILE B 344 -30.43 -12.82 51.55
N ILE B 345 -31.62 -13.37 51.81
CA ILE B 345 -31.73 -14.73 52.35
C ILE B 345 -31.94 -15.67 51.18
N VAL B 346 -31.11 -16.68 51.03
CA VAL B 346 -31.20 -17.60 49.91
C VAL B 346 -31.24 -19.06 50.37
N LEU B 347 -32.10 -19.87 49.74
CA LEU B 347 -32.15 -21.30 50.03
C LEU B 347 -31.21 -21.96 49.01
N THR B 348 -30.33 -22.85 49.49
CA THR B 348 -29.38 -23.50 48.59
C THR B 348 -29.03 -24.90 49.05
N THR B 349 -28.88 -25.81 48.09
CA THR B 349 -28.55 -27.20 48.37
C THR B 349 -27.04 -27.38 48.25
N THR B 350 -26.46 -26.87 47.16
CA THR B 350 -25.03 -27.01 46.88
C THR B 350 -24.20 -25.76 47.20
N GLY B 351 -24.85 -24.63 47.40
CA GLY B 351 -24.19 -23.35 47.61
C GLY B 351 -24.20 -22.48 46.37
N ARG B 352 -24.52 -23.06 45.19
CA ARG B 352 -24.48 -22.37 43.91
C ARG B 352 -25.32 -21.08 43.83
N SER B 353 -26.56 -21.08 44.36
CA SER B 353 -27.39 -19.88 44.31
C SER B 353 -26.75 -18.75 45.15
N ALA B 354 -26.08 -19.10 46.26
CA ALA B 354 -25.40 -18.12 47.10
C ALA B 354 -24.14 -17.60 46.39
N GLN B 355 -23.40 -18.49 45.69
CA GLN B 355 -22.23 -18.11 44.94
C GLN B 355 -22.56 -17.13 43.82
N LEU B 356 -23.70 -17.32 43.14
CA LEU B 356 -24.10 -16.42 42.07
C LEU B 356 -24.54 -15.05 42.58
N LEU B 357 -25.02 -14.96 43.83
CA LEU B 357 -25.35 -13.68 44.44
C LEU B 357 -24.02 -12.99 44.82
N SER B 358 -23.11 -13.75 45.44
CA SER B 358 -21.79 -13.29 45.88
C SER B 358 -20.94 -12.69 44.74
N ARG B 359 -21.03 -13.24 43.51
CA ARG B 359 -20.27 -12.76 42.36
C ARG B 359 -20.59 -11.30 41.97
N TYR B 360 -21.78 -10.80 42.33
CA TYR B 360 -22.17 -9.41 42.05
C TYR B 360 -21.78 -8.45 43.17
N ARG B 361 -21.09 -8.96 44.22
CA ARG B 361 -20.58 -8.21 45.34
C ARG B 361 -21.62 -7.30 46.01
N PRO B 362 -22.75 -7.83 46.48
CA PRO B 362 -23.71 -6.97 47.19
C PRO B 362 -23.12 -6.48 48.49
N ARG B 363 -23.56 -5.31 48.93
CA ARG B 363 -23.20 -4.80 50.24
C ARG B 363 -24.00 -5.61 51.33
N ALA B 364 -25.25 -6.02 51.00
CA ALA B 364 -26.12 -6.82 51.85
C ALA B 364 -25.50 -8.20 52.08
N ALA B 365 -25.57 -8.68 53.32
CA ALA B 365 -25.07 -10.01 53.68
C ALA B 365 -25.91 -11.07 52.95
N VAL B 366 -25.28 -12.14 52.46
CA VAL B 366 -26.02 -13.22 51.81
C VAL B 366 -26.16 -14.32 52.85
N ILE B 367 -27.35 -14.45 53.45
CA ILE B 367 -27.61 -15.47 54.46
C ILE B 367 -28.08 -16.74 53.73
N ALA B 368 -27.23 -17.76 53.68
CA ALA B 368 -27.54 -18.98 52.93
C ALA B 368 -28.05 -20.08 53.84
N VAL B 369 -29.33 -20.48 53.66
CA VAL B 369 -29.96 -21.54 54.46
C VAL B 369 -29.85 -22.85 53.71
N THR B 370 -29.16 -23.82 54.32
CA THR B 370 -28.95 -25.11 53.69
C THR B 370 -29.07 -26.26 54.69
N ARG B 371 -29.49 -27.44 54.20
CA ARG B 371 -29.51 -28.67 55.00
C ARG B 371 -28.15 -29.41 54.87
N SER B 372 -27.34 -29.09 53.84
CA SER B 372 -26.07 -29.73 53.63
C SER B 372 -25.00 -29.13 54.55
N ALA B 373 -24.49 -29.93 55.50
CA ALA B 373 -23.42 -29.48 56.40
C ALA B 373 -22.15 -29.16 55.60
N GLN B 374 -21.87 -29.94 54.55
CA GLN B 374 -20.71 -29.70 53.70
C GLN B 374 -20.84 -28.39 52.90
N ALA B 375 -22.01 -28.13 52.29
CA ALA B 375 -22.21 -26.88 51.55
C ALA B 375 -22.10 -25.69 52.50
N ALA B 376 -22.59 -25.82 53.74
CA ALA B 376 -22.52 -24.76 54.73
C ALA B 376 -21.05 -24.41 55.05
N ARG B 377 -20.16 -25.41 55.09
CA ARG B 377 -18.74 -25.16 55.33
C ARG B 377 -18.09 -24.58 54.07
N GLN B 378 -18.39 -25.14 52.89
CA GLN B 378 -17.77 -24.73 51.64
C GLN B 378 -18.14 -23.31 51.18
N VAL B 379 -19.35 -22.80 51.50
CA VAL B 379 -19.72 -21.47 51.04
C VAL B 379 -18.89 -20.37 51.69
N HIS B 380 -18.07 -20.68 52.72
CA HIS B 380 -17.14 -19.70 53.28
C HIS B 380 -16.10 -19.25 52.21
N LEU B 381 -15.92 -20.02 51.12
CA LEU B 381 -15.04 -19.62 50.03
C LEU B 381 -15.58 -18.40 49.27
N CYS B 382 -16.88 -18.10 49.34
CA CYS B 382 -17.52 -17.00 48.61
C CYS B 382 -17.73 -15.81 49.48
N ARG B 383 -17.18 -14.65 49.07
CA ARG B 383 -17.32 -13.45 49.88
C ARG B 383 -18.76 -13.07 50.21
N GLY B 384 -19.02 -12.80 51.49
CA GLY B 384 -20.30 -12.30 51.94
C GLY B 384 -21.40 -13.34 52.11
N VAL B 385 -21.02 -14.61 52.12
CA VAL B 385 -22.00 -15.68 52.33
C VAL B 385 -21.90 -16.17 53.78
N PHE B 386 -23.01 -16.04 54.53
CA PHE B 386 -23.13 -16.43 55.93
C PHE B 386 -23.98 -17.70 56.00
N PRO B 387 -23.33 -18.85 56.15
CA PRO B 387 -24.07 -20.12 56.15
C PRO B 387 -24.87 -20.42 57.42
N LEU B 388 -26.10 -20.89 57.25
CA LEU B 388 -26.97 -21.31 58.33
C LEU B 388 -27.34 -22.75 58.07
N LEU B 389 -26.95 -23.65 58.97
CA LEU B 389 -27.26 -25.05 58.80
C LEU B 389 -28.64 -25.34 59.42
N TYR B 390 -29.60 -25.75 58.58
CA TYR B 390 -30.97 -26.06 58.99
C TYR B 390 -31.02 -27.55 59.31
N ARG B 391 -31.37 -27.89 60.57
CA ARG B 391 -31.35 -29.28 61.00
C ARG B 391 -32.75 -29.94 61.11
N GLU B 392 -33.84 -29.18 60.89
CA GLU B 392 -35.20 -29.72 60.99
C GLU B 392 -35.59 -30.67 59.86
N PRO B 393 -36.40 -31.70 60.18
CA PRO B 393 -36.84 -32.63 59.13
C PRO B 393 -37.87 -31.98 58.19
N PRO B 394 -37.93 -32.44 56.93
CA PRO B 394 -38.86 -31.84 55.97
C PRO B 394 -40.35 -31.89 56.32
N GLU B 395 -41.05 -30.79 56.05
CA GLU B 395 -42.50 -30.68 56.20
C GLU B 395 -43.17 -31.49 55.10
N ALA B 396 -44.41 -31.95 55.32
CA ALA B 396 -45.13 -32.73 54.32
C ALA B 396 -45.40 -31.90 53.06
N ILE B 397 -45.77 -30.62 53.25
CA ILE B 397 -46.03 -29.73 52.13
C ILE B 397 -44.73 -28.96 51.84
N TRP B 398 -44.17 -29.15 50.65
CA TRP B 398 -42.91 -28.50 50.24
C TRP B 398 -42.93 -26.97 50.40
N ALA B 399 -44.01 -26.29 50.00
CA ALA B 399 -44.11 -24.82 50.16
C ALA B 399 -44.00 -24.39 51.62
N ASP B 400 -44.52 -25.19 52.56
CA ASP B 400 -44.41 -24.90 53.98
C ASP B 400 -42.97 -25.10 54.46
N ASP B 401 -42.28 -26.12 53.92
CA ASP B 401 -40.90 -26.41 54.27
C ASP B 401 -39.99 -25.25 53.83
N VAL B 402 -40.26 -24.68 52.64
CA VAL B 402 -39.53 -23.54 52.10
C VAL B 402 -39.75 -22.33 53.01
N ASP B 403 -41.02 -22.05 53.36
CA ASP B 403 -41.36 -20.94 54.25
C ASP B 403 -40.69 -21.05 55.62
N ARG B 404 -40.61 -22.27 56.16
CA ARG B 404 -39.96 -22.48 57.46
C ARG B 404 -38.47 -22.16 57.41
N ARG B 405 -37.83 -22.50 56.29
CA ARG B 405 -36.40 -22.22 56.12
C ARG B 405 -36.15 -20.73 55.98
N VAL B 406 -37.05 -20.00 55.30
CA VAL B 406 -36.93 -18.55 55.16
C VAL B 406 -37.08 -17.89 56.52
N GLN B 407 -38.06 -18.37 57.33
CA GLN B 407 -38.26 -17.86 58.68
C GLN B 407 -37.09 -18.16 59.58
N PHE B 408 -36.45 -19.33 59.41
CA PHE B 408 -35.25 -19.69 60.17
C PHE B 408 -34.12 -18.69 59.87
N GLY B 409 -33.99 -18.29 58.60
CA GLY B 409 -33.00 -17.31 58.19
C GLY B 409 -33.27 -15.95 58.82
N ILE B 410 -34.55 -15.54 58.88
CA ILE B 410 -34.97 -14.28 59.49
C ILE B 410 -34.72 -14.28 60.99
N GLU B 411 -35.11 -15.37 61.68
CA GLU B 411 -34.90 -15.50 63.12
C GLU B 411 -33.43 -15.56 63.48
N SER B 412 -32.61 -16.29 62.70
CA SER B 412 -31.15 -16.32 62.95
C SER B 412 -30.56 -14.93 62.71
N GLY B 413 -31.05 -14.24 61.68
CA GLY B 413 -30.62 -12.90 61.30
C GLY B 413 -30.93 -11.87 62.35
N LYS B 414 -32.07 -12.00 63.02
CA LYS B 414 -32.47 -11.09 64.09
C LYS B 414 -31.63 -11.36 65.32
N LEU B 415 -31.44 -12.65 65.66
CA LEU B 415 -30.67 -13.07 66.81
C LEU B 415 -29.25 -12.64 66.69
N ARG B 416 -28.64 -12.73 65.50
CA ARG B 416 -27.23 -12.36 65.30
C ARG B 416 -26.95 -10.87 65.07
N GLY B 417 -28.00 -10.07 64.92
CA GLY B 417 -27.83 -8.64 64.70
C GLY B 417 -27.78 -8.21 63.25
N PHE B 418 -27.93 -9.15 62.30
CA PHE B 418 -27.96 -8.82 60.87
C PHE B 418 -29.24 -8.08 60.52
N LEU B 419 -30.36 -8.45 61.15
CA LEU B 419 -31.66 -7.90 60.84
C LEU B 419 -32.37 -7.31 62.04
N ARG B 420 -33.08 -6.22 61.80
CA ARG B 420 -33.86 -5.52 62.81
C ARG B 420 -35.27 -5.29 62.27
N VAL B 421 -36.26 -5.08 63.17
CA VAL B 421 -37.63 -4.80 62.76
C VAL B 421 -37.65 -3.49 61.94
N GLY B 422 -38.30 -3.53 60.78
CA GLY B 422 -38.33 -2.39 59.89
C GLY B 422 -37.40 -2.53 58.70
N ASP B 423 -36.41 -3.44 58.79
CA ASP B 423 -35.46 -3.68 57.70
C ASP B 423 -36.18 -4.34 56.51
N LEU B 424 -35.61 -4.16 55.33
CA LEU B 424 -36.08 -4.87 54.16
C LEU B 424 -35.04 -5.96 53.88
N VAL B 425 -35.52 -7.13 53.50
CA VAL B 425 -34.65 -8.23 53.12
C VAL B 425 -35.13 -8.74 51.76
N ILE B 426 -34.20 -9.29 50.99
CA ILE B 426 -34.51 -9.88 49.70
C ILE B 426 -34.47 -11.37 49.92
N VAL B 427 -35.49 -12.12 49.47
CA VAL B 427 -35.52 -13.57 49.67
C VAL B 427 -35.46 -14.29 48.32
N VAL B 428 -34.51 -15.18 48.17
CA VAL B 428 -34.27 -15.90 46.92
C VAL B 428 -34.57 -17.40 47.08
N THR B 429 -35.54 -17.89 46.30
CA THR B 429 -36.03 -19.28 46.33
C THR B 429 -36.21 -19.84 44.88
N GLY B 430 -36.65 -21.09 44.77
CA GLY B 430 -36.91 -21.76 43.50
C GLY B 430 -38.33 -22.29 43.40
N TRP B 431 -38.70 -22.77 42.21
CA TRP B 431 -40.08 -23.20 41.96
C TRP B 431 -40.35 -24.69 42.24
N ARG B 432 -39.31 -25.50 42.44
CA ARG B 432 -39.45 -26.93 42.73
C ARG B 432 -38.27 -27.43 43.58
N PRO B 433 -38.40 -28.58 44.27
CA PRO B 433 -37.27 -29.09 45.06
C PRO B 433 -36.07 -29.49 44.20
N GLY B 434 -34.92 -29.62 44.82
CA GLY B 434 -33.71 -30.00 44.13
C GLY B 434 -32.89 -28.80 43.69
N SER B 435 -31.58 -29.00 43.51
CA SER B 435 -30.64 -27.98 43.08
C SER B 435 -30.88 -27.57 41.61
N GLY B 436 -30.62 -26.30 41.30
CA GLY B 436 -30.70 -25.79 39.94
C GLY B 436 -31.98 -25.10 39.52
N TYR B 437 -32.93 -24.90 40.44
CA TYR B 437 -34.22 -24.30 40.07
C TYR B 437 -34.54 -22.97 40.73
N THR B 438 -33.52 -22.24 41.23
CA THR B 438 -33.76 -20.92 41.80
C THR B 438 -34.25 -19.99 40.71
N ASN B 439 -35.37 -19.31 40.94
CA ASN B 439 -35.96 -18.42 39.95
C ASN B 439 -36.86 -17.35 40.57
N ILE B 440 -36.88 -17.23 41.91
CA ILE B 440 -37.77 -16.30 42.57
C ILE B 440 -37.06 -15.31 43.50
N MET B 441 -37.43 -14.04 43.42
CA MET B 441 -36.91 -13.03 44.33
CA MET B 441 -36.91 -12.97 44.28
C MET B 441 -38.11 -12.29 44.94
N ARG B 442 -38.11 -12.15 46.26
CA ARG B 442 -39.19 -11.50 47.00
C ARG B 442 -38.65 -10.39 47.91
N VAL B 443 -39.37 -9.28 48.03
CA VAL B 443 -38.97 -8.20 48.92
C VAL B 443 -39.85 -8.32 50.17
N LEU B 444 -39.24 -8.56 51.34
CA LEU B 444 -40.00 -8.71 52.57
CA LEU B 444 -39.99 -8.73 52.58
C LEU B 444 -39.60 -7.70 53.64
N SER B 445 -40.60 -7.16 54.35
CA SER B 445 -40.38 -6.19 55.43
C SER B 445 -40.32 -6.96 56.75
N ILE B 446 -39.26 -6.77 57.54
CA ILE B 446 -39.09 -7.48 58.80
C ILE B 446 -40.04 -6.95 59.88
N SER B 447 -40.87 -7.83 60.42
CA SER B 447 -41.81 -7.43 61.49
C SER B 447 -41.41 -8.06 62.83
N GLU C 21 -14.58 37.14 38.67
CA GLU C 21 -13.77 37.26 37.46
C GLU C 21 -14.62 37.25 36.19
N LEU C 22 -15.61 36.33 36.11
CA LEU C 22 -16.52 36.25 34.96
C LEU C 22 -17.94 36.65 35.37
N GLY C 23 -18.34 36.31 36.60
CA GLY C 23 -19.67 36.65 37.12
C GLY C 23 -20.68 35.52 37.03
N THR C 24 -21.71 35.59 37.89
CA THR C 24 -22.79 34.61 37.91
C THR C 24 -23.63 34.68 36.63
N ALA C 25 -23.77 35.88 36.03
CA ALA C 25 -24.53 36.07 34.80
C ALA C 25 -23.93 35.27 33.66
N PHE C 26 -22.59 35.22 33.58
CA PHE C 26 -21.88 34.47 32.54
C PHE C 26 -22.26 32.98 32.61
N PHE C 27 -22.28 32.41 33.81
CA PHE C 27 -22.58 30.99 34.00
C PHE C 27 -24.07 30.63 33.89
N GLN C 28 -24.95 31.60 33.68
CA GLN C 28 -26.38 31.33 33.48
C GLN C 28 -26.75 31.31 31.97
N GLN C 29 -25.94 31.97 31.12
CA GLN C 29 -26.11 32.05 29.67
C GLN C 29 -25.60 30.78 28.96
N GLN C 30 -25.86 30.70 27.62
CA GLN C 30 -25.44 29.64 26.71
C GLN C 30 -25.59 28.21 27.27
N GLN C 31 -26.68 27.96 28.01
CA GLN C 31 -27.00 26.67 28.63
C GLN C 31 -25.83 26.13 29.46
N LEU C 32 -25.05 27.02 30.11
CA LEU C 32 -23.92 26.58 30.92
C LEU C 32 -24.34 25.70 32.11
N PRO C 33 -25.48 25.93 32.81
CA PRO C 33 -25.90 24.96 33.85
C PRO C 33 -26.11 23.55 33.27
N ALA C 34 -26.74 23.43 32.08
CA ALA C 34 -26.94 22.13 31.42
C ALA C 34 -25.60 21.52 30.94
N ALA C 35 -24.64 22.39 30.56
CA ALA C 35 -23.32 21.95 30.12
C ALA C 35 -22.52 21.29 31.23
N MET C 36 -22.72 21.72 32.47
CA MET C 36 -21.98 21.17 33.61
C MET C 36 -22.61 19.89 34.19
N ALA C 37 -23.74 19.41 33.65
CA ALA C 37 -24.40 18.23 34.19
C ALA C 37 -23.56 16.97 34.09
N ASP C 38 -23.71 16.06 35.05
CA ASP C 38 -22.96 14.81 35.11
C ASP C 38 -23.53 13.70 34.25
N THR C 39 -24.81 13.80 33.84
CA THR C 39 -25.41 12.81 32.95
C THR C 39 -26.17 13.53 31.83
N PHE C 40 -26.44 12.82 30.71
CA PHE C 40 -27.22 13.40 29.62
C PHE C 40 -28.65 13.69 30.10
N LEU C 41 -29.23 12.80 30.92
CA LEU C 41 -30.58 13.02 31.46
C LEU C 41 -30.63 14.32 32.29
N GLU C 42 -29.64 14.54 33.18
CA GLU C 42 -29.59 15.76 33.98
C GLU C 42 -29.36 16.98 33.08
N HIS C 43 -28.56 16.82 32.01
CA HIS C 43 -28.32 17.88 31.01
C HIS C 43 -29.67 18.32 30.40
N LEU C 44 -30.51 17.34 29.98
CA LEU C 44 -31.83 17.67 29.44
C LEU C 44 -32.69 18.42 30.46
N CYS C 45 -32.72 17.93 31.71
CA CYS C 45 -33.51 18.52 32.78
C CYS C 45 -33.10 19.97 33.09
N LEU C 46 -31.84 20.33 32.81
CA LEU C 46 -31.34 21.67 33.07
C LEU C 46 -31.43 22.65 31.91
N LEU C 47 -31.92 22.21 30.73
CA LEU C 47 -32.08 23.12 29.58
C LEU C 47 -33.08 24.21 29.96
N ASP C 48 -32.77 25.45 29.64
CA ASP C 48 -33.53 26.59 30.09
C ASP C 48 -33.85 27.52 28.94
N ILE C 49 -35.15 27.78 28.70
CA ILE C 49 -35.59 28.70 27.66
C ILE C 49 -35.14 30.14 27.93
N ASP C 50 -34.83 30.49 29.18
CA ASP C 50 -34.35 31.84 29.54
C ASP C 50 -32.82 31.97 29.46
N SER C 51 -32.09 30.88 29.20
CA SER C 51 -30.64 30.93 29.07
C SER C 51 -30.32 31.33 27.63
N GLU C 52 -29.92 32.58 27.42
CA GLU C 52 -29.72 33.10 26.08
C GLU C 52 -28.41 32.68 25.42
N PRO C 53 -28.46 32.40 24.10
CA PRO C 53 -27.21 32.05 23.39
C PRO C 53 -26.31 33.28 23.28
N VAL C 54 -24.99 33.09 23.44
CA VAL C 54 -24.05 34.20 23.33
C VAL C 54 -23.09 33.98 22.18
N ALA C 55 -22.64 32.75 21.99
CA ALA C 55 -21.71 32.42 20.92
C ALA C 55 -22.30 32.68 19.55
N ALA C 56 -21.41 32.97 18.58
CA ALA C 56 -21.85 33.17 17.20
C ALA C 56 -22.38 31.83 16.66
N ARG C 57 -23.34 31.90 15.74
CA ARG C 57 -23.93 30.69 15.14
C ARG C 57 -22.88 29.91 14.32
N SER C 58 -22.64 28.66 14.69
CA SER C 58 -21.58 27.85 14.11
C SER C 58 -22.00 26.89 12.96
N THR C 59 -23.26 26.50 12.87
CA THR C 59 -23.70 25.59 11.80
C THR C 59 -23.97 26.44 10.56
N SER C 60 -23.26 26.18 9.44
CA SER C 60 -23.49 26.97 8.23
C SER C 60 -24.83 26.74 7.58
N ILE C 61 -25.35 27.79 6.95
CA ILE C 61 -26.61 27.71 6.24
C ILE C 61 -26.35 27.71 4.73
N ILE C 62 -26.89 26.71 4.04
CA ILE C 62 -26.78 26.61 2.59
C ILE C 62 -28.15 27.03 2.04
N ALA C 63 -28.19 28.06 1.18
CA ALA C 63 -29.45 28.48 0.60
C ALA C 63 -29.43 28.19 -0.90
N THR C 64 -30.50 27.60 -1.43
CA THR C 64 -30.57 27.30 -2.86
C THR C 64 -31.00 28.55 -3.61
N ILE C 65 -30.26 28.90 -4.65
CA ILE C 65 -30.56 30.07 -5.46
C ILE C 65 -31.61 29.73 -6.54
N GLY C 66 -32.56 30.62 -6.71
CA GLY C 66 -33.61 30.48 -7.71
C GLY C 66 -34.31 31.80 -7.96
N PRO C 67 -35.46 31.78 -8.64
CA PRO C 67 -36.19 33.03 -8.90
C PRO C 67 -36.48 33.89 -7.66
N ALA C 68 -36.72 33.27 -6.50
CA ALA C 68 -37.01 34.05 -5.27
C ALA C 68 -35.77 34.60 -4.58
N SER C 69 -34.56 34.22 -5.02
CA SER C 69 -33.34 34.64 -4.34
C SER C 69 -32.19 34.92 -5.29
N ARG C 70 -32.48 35.43 -6.47
CA ARG C 70 -31.45 35.66 -7.50
C ARG C 70 -30.98 37.08 -7.63
N SER C 71 -31.85 38.05 -7.34
CA SER C 71 -31.47 39.46 -7.47
C SER C 71 -30.40 39.85 -6.46
N VAL C 72 -29.52 40.77 -6.86
CA VAL C 72 -28.44 41.27 -6.02
C VAL C 72 -28.97 41.83 -4.70
N GLU C 73 -30.09 42.58 -4.75
CA GLU C 73 -30.67 43.15 -3.53
C GLU C 73 -31.22 42.08 -2.59
N ARG C 74 -31.82 41.02 -3.14
CA ARG C 74 -32.35 39.92 -2.34
C ARG C 74 -31.19 39.13 -1.72
N LEU C 75 -30.12 38.91 -2.50
CA LEU C 75 -28.92 38.20 -2.03
C LEU C 75 -28.21 38.95 -0.89
N LYS C 76 -28.22 40.30 -0.92
CA LYS C 76 -27.63 41.09 0.15
C LYS C 76 -28.39 40.87 1.46
N GLU C 77 -29.72 40.77 1.39
CA GLU C 77 -30.53 40.51 2.57
C GLU C 77 -30.29 39.09 3.09
N MET C 78 -30.10 38.12 2.18
CA MET C 78 -29.83 36.75 2.58
CA MET C 78 -29.83 36.75 2.58
C MET C 78 -28.46 36.59 3.23
N ILE C 79 -27.47 37.37 2.78
CA ILE C 79 -26.14 37.35 3.37
C ILE C 79 -26.24 37.93 4.79
N LYS C 80 -26.98 39.04 4.96
CA LYS C 80 -27.18 39.66 6.28
C LYS C 80 -27.96 38.74 7.22
N ALA C 81 -28.89 37.96 6.68
CA ALA C 81 -29.67 37.01 7.45
C ALA C 81 -28.83 35.78 7.91
N GLY C 82 -27.72 35.49 7.22
CA GLY C 82 -26.86 34.39 7.62
C GLY C 82 -26.48 33.34 6.58
N MET C 83 -26.86 33.52 5.31
CA MET C 83 -26.47 32.57 4.27
C MET C 83 -24.93 32.50 4.13
N ASN C 84 -24.36 31.29 4.24
CA ASN C 84 -22.89 31.12 4.12
C ASN C 84 -22.47 30.46 2.80
N ILE C 85 -23.36 29.64 2.24
CA ILE C 85 -23.13 28.88 1.02
C ILE C 85 -24.32 29.03 0.10
N ALA C 86 -24.06 29.41 -1.15
CA ALA C 86 -25.10 29.56 -2.17
C ALA C 86 -25.08 28.29 -3.02
N ARG C 87 -26.20 27.59 -3.09
CA ARG C 87 -26.30 26.35 -3.86
C ARG C 87 -26.94 26.59 -5.21
N LEU C 88 -26.27 26.17 -6.29
CA LEU C 88 -26.80 26.27 -7.66
C LEU C 88 -27.30 24.89 -8.04
N ASN C 89 -28.61 24.72 -8.21
CA ASN C 89 -29.17 23.43 -8.55
C ASN C 89 -29.14 23.24 -10.07
N PHE C 90 -28.18 22.43 -10.56
CA PHE C 90 -28.05 22.22 -12.00
C PHE C 90 -29.11 21.27 -12.58
N SER C 91 -30.10 20.86 -11.78
CA SER C 91 -31.24 20.10 -12.31
C SER C 91 -32.15 21.04 -13.14
N HIS C 92 -32.07 22.36 -12.93
CA HIS C 92 -32.88 23.34 -13.65
C HIS C 92 -31.97 24.48 -14.14
N GLY C 93 -32.36 25.13 -15.23
CA GLY C 93 -31.65 26.30 -15.74
C GLY C 93 -30.46 25.98 -16.63
N SER C 94 -30.13 26.93 -17.51
CA SER C 94 -29.02 26.78 -18.42
C SER C 94 -27.69 27.25 -17.80
N HIS C 95 -26.56 27.06 -18.49
CA HIS C 95 -25.27 27.55 -18.02
C HIS C 95 -25.30 29.08 -17.92
N GLU C 96 -25.98 29.76 -18.86
CA GLU C 96 -26.11 31.21 -18.86
C GLU C 96 -26.86 31.67 -17.60
N TYR C 97 -27.94 30.97 -17.22
CA TYR C 97 -28.74 31.28 -16.03
C TYR C 97 -27.86 31.15 -14.77
N HIS C 98 -27.12 30.04 -14.65
CA HIS C 98 -26.24 29.82 -13.48
C HIS C 98 -25.07 30.77 -13.41
N ALA C 99 -24.50 31.18 -14.57
CA ALA C 99 -23.40 32.14 -14.58
C ALA C 99 -23.89 33.49 -14.04
N GLU C 100 -25.14 33.86 -14.36
CA GLU C 100 -25.72 35.11 -13.87
C GLU C 100 -25.97 35.02 -12.36
N SER C 101 -26.41 33.86 -11.87
CA SER C 101 -26.61 33.63 -10.43
C SER C 101 -25.27 33.80 -9.69
N ILE C 102 -24.17 33.22 -10.24
CA ILE C 102 -22.83 33.34 -9.65
C ILE C 102 -22.39 34.80 -9.62
N ALA C 103 -22.58 35.54 -10.73
CA ALA C 103 -22.23 36.95 -10.81
C ALA C 103 -23.01 37.78 -9.77
N ASN C 104 -24.31 37.50 -9.61
CA ASN C 104 -25.14 38.21 -8.64
C ASN C 104 -24.72 37.90 -7.20
N VAL C 105 -24.36 36.63 -6.91
CA VAL C 105 -23.86 36.27 -5.58
C VAL C 105 -22.56 37.02 -5.30
N ARG C 106 -21.60 36.98 -6.24
CA ARG C 106 -20.33 37.67 -6.07
C ARG C 106 -20.50 39.19 -5.94
N GLU C 107 -21.45 39.79 -6.68
CA GLU C 107 -21.69 41.23 -6.56
C GLU C 107 -22.25 41.56 -5.18
N ALA C 108 -23.20 40.74 -4.67
CA ALA C 108 -23.78 40.97 -3.36
C ALA C 108 -22.73 40.79 -2.27
N VAL C 109 -21.86 39.78 -2.38
CA VAL C 109 -20.81 39.51 -1.38
C VAL C 109 -19.81 40.67 -1.36
N GLU C 110 -19.36 41.11 -2.55
CA GLU C 110 -18.37 42.17 -2.63
C GLU C 110 -18.91 43.56 -2.28
N SER C 111 -20.24 43.73 -2.22
CA SER C 111 -20.82 45.01 -1.80
C SER C 111 -20.49 45.36 -0.32
N PHE C 112 -20.07 44.36 0.47
CA PHE C 112 -19.71 44.52 1.88
C PHE C 112 -18.20 44.61 2.11
N ALA C 113 -17.37 44.68 1.05
CA ALA C 113 -15.93 44.78 1.22
C ALA C 113 -15.45 46.12 1.84
N GLY C 114 -16.31 47.13 1.88
CA GLY C 114 -16.00 48.42 2.48
C GLY C 114 -16.16 48.48 3.99
N SER C 115 -16.75 47.44 4.59
CA SER C 115 -16.95 47.36 6.03
C SER C 115 -16.52 45.99 6.59
N PRO C 116 -15.46 45.97 7.41
CA PRO C 116 -15.01 44.69 7.99
C PRO C 116 -16.03 44.02 8.90
N LEU C 117 -16.92 44.81 9.51
CA LEU C 117 -17.98 44.34 10.40
C LEU C 117 -19.04 43.53 9.65
N SER C 118 -19.27 43.86 8.36
CA SER C 118 -20.27 43.21 7.53
C SER C 118 -19.73 42.26 6.46
N TYR C 119 -18.47 42.42 6.01
CA TYR C 119 -17.92 41.53 4.98
C TYR C 119 -17.84 40.07 5.45
N ARG C 120 -18.34 39.16 4.62
CA ARG C 120 -18.28 37.73 4.93
C ARG C 120 -18.09 36.94 3.65
N PRO C 121 -17.11 36.03 3.60
CA PRO C 121 -17.01 35.16 2.41
C PRO C 121 -18.27 34.29 2.28
N VAL C 122 -18.65 33.98 1.05
CA VAL C 122 -19.80 33.13 0.78
C VAL C 122 -19.36 32.09 -0.25
N ALA C 123 -19.46 30.79 0.07
CA ALA C 123 -19.06 29.75 -0.86
C ALA C 123 -20.11 29.55 -1.94
N ILE C 124 -19.69 29.04 -3.10
CA ILE C 124 -20.61 28.72 -4.18
C ILE C 124 -20.51 27.22 -4.43
N ALA C 125 -21.64 26.54 -4.33
CA ALA C 125 -21.70 25.10 -4.50
C ALA C 125 -22.54 24.72 -5.71
N LEU C 126 -22.03 23.78 -6.52
CA LEU C 126 -22.72 23.33 -7.72
C LEU C 126 -23.35 21.97 -7.39
N ASP C 127 -24.67 21.85 -7.47
CA ASP C 127 -25.35 20.60 -7.19
C ASP C 127 -25.71 19.95 -8.53
N THR C 128 -25.12 18.79 -8.84
CA THR C 128 -25.30 18.15 -10.13
C THR C 128 -26.70 17.57 -10.37
N LYS C 129 -27.07 17.48 -11.67
CA LYS C 129 -28.35 16.91 -12.09
C LYS C 129 -28.43 15.43 -11.74
N GLY C 130 -27.33 14.70 -11.92
CA GLY C 130 -27.29 13.30 -11.56
C GLY C 130 -27.16 12.34 -12.73
N PRO C 131 -27.04 11.04 -12.41
CA PRO C 131 -26.86 10.04 -13.48
C PRO C 131 -28.12 9.66 -14.22
N GLY C 134 -28.70 6.16 -16.08
CA GLY C 134 -27.36 5.73 -16.45
C GLY C 134 -26.59 5.10 -15.31
N PRO C 135 -25.51 4.37 -15.65
CA PRO C 135 -24.74 3.67 -14.60
C PRO C 135 -23.73 4.54 -13.84
N GLY C 136 -23.29 5.63 -14.45
CA GLY C 136 -22.30 6.50 -13.83
C GLY C 136 -22.44 7.95 -14.27
N LEU C 137 -21.30 8.65 -14.44
CA LEU C 137 -21.29 10.07 -14.77
C LEU C 137 -21.94 10.41 -16.12
N SER C 138 -23.03 11.17 -16.09
CA SER C 138 -23.73 11.57 -17.30
C SER C 138 -22.98 12.63 -18.10
N GLU C 139 -23.30 12.76 -19.40
CA GLU C 139 -22.67 13.76 -20.27
C GLU C 139 -22.95 15.18 -19.77
N GLN C 140 -24.18 15.41 -19.29
CA GLN C 140 -24.55 16.72 -18.80
C GLN C 140 -23.73 17.05 -17.55
N ASP C 141 -23.51 16.08 -16.65
CA ASP C 141 -22.71 16.29 -15.45
C ASP C 141 -21.26 16.63 -15.77
N VAL C 142 -20.67 16.00 -16.81
CA VAL C 142 -19.30 16.32 -17.25
C VAL C 142 -19.23 17.79 -17.68
N ARG C 143 -20.23 18.25 -18.45
CA ARG C 143 -20.24 19.64 -18.91
C ARG C 143 -20.50 20.61 -17.78
N ASP C 144 -21.40 20.27 -16.84
CA ASP C 144 -21.70 21.12 -15.70
C ASP C 144 -20.51 21.21 -14.74
N LEU C 145 -19.81 20.10 -14.52
CA LEU C 145 -18.60 20.09 -13.67
C LEU C 145 -17.52 20.96 -14.31
N ARG C 146 -17.38 20.91 -15.65
CA ARG C 146 -16.41 21.74 -16.37
C ARG C 146 -16.79 23.22 -16.22
N PHE C 147 -18.10 23.53 -16.28
CA PHE C 147 -18.59 24.89 -16.09
C PHE C 147 -18.20 25.37 -14.66
N GLY C 148 -18.35 24.50 -13.67
CA GLY C 148 -17.99 24.79 -12.29
C GLY C 148 -16.53 25.17 -12.12
N VAL C 149 -15.63 24.40 -12.75
CA VAL C 149 -14.20 24.68 -12.71
C VAL C 149 -13.90 26.02 -13.38
N GLU C 150 -14.51 26.26 -14.56
CA GLU C 150 -14.29 27.49 -15.29
C GLU C 150 -14.80 28.72 -14.55
N HIS C 151 -15.88 28.56 -13.78
CA HIS C 151 -16.43 29.68 -13.02
C HIS C 151 -15.93 29.77 -11.56
N GLY C 152 -14.98 28.92 -11.18
CA GLY C 152 -14.36 28.93 -9.87
C GLY C 152 -15.26 28.59 -8.71
N VAL C 153 -16.14 27.58 -8.86
CA VAL C 153 -16.99 27.15 -7.75
C VAL C 153 -16.10 26.49 -6.67
N ASP C 154 -16.58 26.51 -5.43
CA ASP C 154 -15.80 26.00 -4.31
C ASP C 154 -16.11 24.56 -3.97
N ILE C 155 -17.37 24.14 -4.19
CA ILE C 155 -17.88 22.85 -3.77
C ILE C 155 -18.76 22.23 -4.83
N VAL C 156 -18.79 20.90 -4.88
CA VAL C 156 -19.68 20.16 -5.75
C VAL C 156 -20.51 19.26 -4.84
N PHE C 157 -21.83 19.31 -4.95
CA PHE C 157 -22.71 18.39 -4.24
C PHE C 157 -23.04 17.34 -5.33
N ALA C 158 -22.37 16.20 -5.29
CA ALA C 158 -22.51 15.16 -6.31
C ALA C 158 -23.75 14.28 -6.08
N SER C 159 -24.73 14.37 -6.98
CA SER C 159 -25.97 13.62 -6.85
C SER C 159 -25.83 12.12 -7.03
N PHE C 160 -26.67 11.38 -6.31
CA PHE C 160 -26.80 9.92 -6.36
C PHE C 160 -25.47 9.16 -6.33
N VAL C 161 -24.61 9.43 -5.32
CA VAL C 161 -23.37 8.72 -5.20
C VAL C 161 -23.68 7.35 -4.61
N ARG C 162 -23.31 6.27 -5.31
CA ARG C 162 -23.65 4.91 -4.88
C ARG C 162 -22.45 4.08 -4.48
N LYS C 163 -21.25 4.47 -4.89
CA LYS C 163 -20.02 3.74 -4.64
C LYS C 163 -18.81 4.66 -4.81
N ALA C 164 -17.62 4.20 -4.37
CA ALA C 164 -16.39 4.98 -4.47
C ALA C 164 -16.05 5.38 -5.90
N SER C 165 -16.33 4.52 -6.90
CA SER C 165 -16.01 4.86 -8.30
C SER C 165 -16.83 6.05 -8.83
N ASP C 166 -18.01 6.30 -8.25
CA ASP C 166 -18.81 7.45 -8.64
C ASP C 166 -18.07 8.74 -8.23
N VAL C 167 -17.43 8.73 -7.05
CA VAL C 167 -16.66 9.87 -6.56
C VAL C 167 -15.43 10.07 -7.42
N ALA C 168 -14.74 8.97 -7.77
CA ALA C 168 -13.55 9.03 -8.63
C ALA C 168 -13.89 9.64 -9.99
N ALA C 169 -15.08 9.34 -10.53
CA ALA C 169 -15.49 9.90 -11.81
C ALA C 169 -15.69 11.42 -11.70
N VAL C 170 -16.30 11.88 -10.61
CA VAL C 170 -16.51 13.31 -10.40
C VAL C 170 -15.15 14.01 -10.22
N ARG C 171 -14.26 13.39 -9.45
CA ARG C 171 -12.91 13.90 -9.20
C ARG C 171 -12.14 14.03 -10.52
N ALA C 172 -12.22 13.00 -11.39
CA ALA C 172 -11.56 13.03 -12.70
C ALA C 172 -12.14 14.14 -13.59
N ALA C 173 -13.47 14.38 -13.51
CA ALA C 173 -14.14 15.42 -14.30
C ALA C 173 -13.83 16.86 -13.84
N LEU C 174 -13.18 17.02 -12.68
CA LEU C 174 -12.80 18.35 -12.23
C LEU C 174 -11.50 18.86 -12.94
N GLY C 175 -11.22 18.30 -14.13
CA GLY C 175 -10.16 18.68 -15.07
C GLY C 175 -8.84 18.89 -14.40
N PRO C 176 -7.86 19.48 -15.09
CA PRO C 176 -6.58 19.72 -14.44
C PRO C 176 -6.59 20.92 -13.46
N GLU C 177 -7.59 21.81 -13.55
CA GLU C 177 -7.63 23.02 -12.73
C GLU C 177 -8.49 22.98 -11.45
N GLY C 178 -9.27 21.91 -11.24
CA GLY C 178 -10.22 21.89 -10.13
C GLY C 178 -10.00 20.89 -9.02
N HIS C 179 -8.76 20.43 -8.83
CA HIS C 179 -8.46 19.47 -7.77
C HIS C 179 -8.71 19.99 -6.34
N GLY C 180 -8.74 21.31 -6.18
CA GLY C 180 -9.00 21.93 -4.89
C GLY C 180 -10.47 22.08 -4.54
N ILE C 181 -11.39 21.77 -5.48
CA ILE C 181 -12.82 21.83 -5.23
C ILE C 181 -13.26 20.69 -4.31
N LYS C 182 -14.07 20.99 -3.30
CA LYS C 182 -14.52 19.98 -2.36
C LYS C 182 -15.67 19.16 -2.95
N ILE C 183 -15.61 17.84 -2.81
CA ILE C 183 -16.68 16.98 -3.30
C ILE C 183 -17.46 16.46 -2.12
N ILE C 184 -18.72 16.87 -2.03
CA ILE C 184 -19.64 16.43 -1.01
C ILE C 184 -20.56 15.42 -1.69
N SER C 185 -20.46 14.14 -1.32
CA SER C 185 -21.29 13.10 -1.94
C SER C 185 -22.68 13.08 -1.38
N LYS C 186 -23.70 13.13 -2.24
CA LYS C 186 -25.08 13.07 -1.79
C LYS C 186 -25.51 11.61 -1.70
N ILE C 187 -25.95 11.17 -0.51
CA ILE C 187 -26.41 9.80 -0.31
C ILE C 187 -27.92 9.86 -0.46
N GLU C 188 -28.42 9.21 -1.53
CA GLU C 188 -29.83 9.33 -1.89
C GLU C 188 -30.57 8.01 -2.07
N ASN C 189 -29.90 6.87 -1.88
CA ASN C 189 -30.58 5.58 -2.08
C ASN C 189 -30.01 4.49 -1.17
N HIS C 190 -30.60 3.27 -1.22
CA HIS C 190 -30.16 2.17 -0.38
C HIS C 190 -28.72 1.80 -0.62
N GLU C 191 -28.26 1.75 -1.88
CA GLU C 191 -26.88 1.38 -2.18
C GLU C 191 -25.87 2.38 -1.59
N GLY C 192 -26.18 3.68 -1.67
CA GLY C 192 -25.31 4.69 -1.08
C GLY C 192 -25.18 4.54 0.43
N VAL C 193 -26.28 4.19 1.11
CA VAL C 193 -26.25 3.97 2.55
C VAL C 193 -25.42 2.72 2.88
N LYS C 194 -25.65 1.62 2.13
CA LYS C 194 -24.91 0.37 2.36
C LYS C 194 -23.43 0.47 2.05
N ARG C 195 -23.05 1.25 1.04
CA ARG C 195 -21.64 1.44 0.71
C ARG C 195 -21.08 2.77 1.27
N PHE C 196 -21.72 3.31 2.32
CA PHE C 196 -21.33 4.57 2.93
C PHE C 196 -19.85 4.68 3.28
N ASP C 197 -19.28 3.67 3.96
CA ASP C 197 -17.89 3.75 4.39
C ASP C 197 -16.91 3.95 3.25
N GLU C 198 -17.10 3.23 2.13
CA GLU C 198 -16.21 3.39 0.99
C GLU C 198 -16.41 4.74 0.30
N ILE C 199 -17.62 5.30 0.34
CA ILE C 199 -17.93 6.59 -0.26
C ILE C 199 -17.29 7.71 0.58
N LEU C 200 -17.47 7.67 1.90
CA LEU C 200 -16.92 8.68 2.80
C LEU C 200 -15.38 8.71 2.72
N GLU C 201 -14.75 7.55 2.61
CA GLU C 201 -13.29 7.46 2.53
C GLU C 201 -12.69 8.30 1.41
N VAL C 202 -13.36 8.36 0.24
CA VAL C 202 -12.85 9.11 -0.90
C VAL C 202 -13.51 10.49 -1.10
N SER C 203 -14.52 10.83 -0.28
CA SER C 203 -15.21 12.11 -0.42
C SER C 203 -14.67 13.12 0.58
N ASP C 204 -14.88 14.41 0.32
CA ASP C 204 -14.54 15.45 1.29
C ASP C 204 -15.62 15.56 2.39
N GLY C 205 -16.83 15.13 2.08
CA GLY C 205 -17.94 15.19 3.00
C GLY C 205 -19.19 14.55 2.42
N ILE C 206 -20.29 14.65 3.15
CA ILE C 206 -21.53 13.97 2.75
C ILE C 206 -22.73 14.87 2.88
N MET C 207 -23.73 14.67 2.00
CA MET C 207 -25.00 15.34 2.14
C MET C 207 -26.05 14.23 2.35
N VAL C 208 -26.85 14.34 3.42
CA VAL C 208 -27.95 13.43 3.66
C VAL C 208 -29.10 14.00 2.85
N ALA C 209 -29.28 13.51 1.62
CA ALA C 209 -30.29 14.02 0.69
C ALA C 209 -31.59 13.31 0.98
N ARG C 210 -32.33 13.81 1.98
CA ARG C 210 -33.52 13.15 2.49
C ARG C 210 -34.69 13.04 1.50
N GLY C 211 -34.75 13.93 0.52
CA GLY C 211 -35.82 13.90 -0.49
C GLY C 211 -35.85 12.58 -1.24
N ASP C 212 -34.80 12.29 -1.99
CA ASP C 212 -34.70 11.05 -2.74
C ASP C 212 -34.56 9.86 -1.82
N LEU C 213 -33.81 10.01 -0.70
CA LEU C 213 -33.65 8.90 0.25
C LEU C 213 -35.00 8.42 0.79
N GLY C 214 -35.92 9.34 1.06
CA GLY C 214 -37.26 9.06 1.55
C GLY C 214 -38.20 8.40 0.56
N ILE C 215 -37.80 8.35 -0.72
CA ILE C 215 -38.54 7.68 -1.79
C ILE C 215 -37.87 6.32 -2.08
N GLU C 216 -36.52 6.25 -1.99
CA GLU C 216 -35.75 5.04 -2.25
C GLU C 216 -35.85 4.02 -1.12
N ILE C 217 -35.91 4.49 0.14
CA ILE C 217 -36.06 3.61 1.30
C ILE C 217 -37.36 4.01 2.04
N PRO C 218 -37.92 3.16 2.93
CA PRO C 218 -39.14 3.58 3.66
C PRO C 218 -38.94 4.91 4.40
N ALA C 219 -39.90 5.82 4.27
CA ALA C 219 -39.84 7.15 4.89
C ALA C 219 -39.55 7.10 6.39
N GLU C 220 -40.08 6.09 7.09
CA GLU C 220 -39.86 5.94 8.52
C GLU C 220 -38.43 5.51 8.90
N LYS C 221 -37.57 5.20 7.92
CA LYS C 221 -36.19 4.80 8.19
C LYS C 221 -35.18 5.92 7.91
N VAL C 222 -35.60 7.03 7.28
CA VAL C 222 -34.69 8.11 6.92
C VAL C 222 -33.92 8.67 8.12
N PHE C 223 -34.59 8.83 9.28
CA PHE C 223 -33.91 9.35 10.48
C PHE C 223 -32.74 8.45 10.92
N LEU C 224 -32.84 7.12 10.68
CA LEU C 224 -31.77 6.20 11.04
C LEU C 224 -30.58 6.43 10.15
N ALA C 225 -30.83 6.59 8.82
CA ALA C 225 -29.76 6.83 7.87
C ALA C 225 -29.09 8.19 8.20
N GLN C 226 -29.91 9.21 8.51
CA GLN C 226 -29.39 10.54 8.85
C GLN C 226 -28.49 10.48 10.09
N LYS C 227 -28.98 9.90 11.18
CA LYS C 227 -28.20 9.82 12.42
C LYS C 227 -26.93 9.01 12.26
N MET C 228 -27.00 7.90 11.50
CA MET C 228 -25.82 7.06 11.26
C MET C 228 -24.76 7.81 10.45
N MET C 229 -25.18 8.49 9.38
CA MET C 229 -24.23 9.20 8.52
C MET C 229 -23.61 10.38 9.22
N ILE C 230 -24.40 11.11 10.01
CA ILE C 230 -23.86 12.23 10.79
C ILE C 230 -22.84 11.72 11.82
N GLY C 231 -23.16 10.63 12.52
CA GLY C 231 -22.24 10.04 13.49
C GLY C 231 -20.94 9.60 12.85
N ARG C 232 -21.02 8.92 11.69
CA ARG C 232 -19.82 8.45 11.00
C ARG C 232 -18.99 9.60 10.46
N CYS C 233 -19.63 10.66 9.95
CA CYS C 233 -18.88 11.83 9.48
C CYS C 233 -18.21 12.55 10.65
N ASN C 234 -18.89 12.64 11.79
CA ASN C 234 -18.31 13.28 12.99
C ASN C 234 -17.10 12.48 13.45
N LEU C 235 -17.19 11.13 13.40
CA LEU C 235 -16.08 10.27 13.78
C LEU C 235 -14.90 10.45 12.82
N ALA C 236 -15.18 10.56 11.53
CA ALA C 236 -14.14 10.76 10.50
C ALA C 236 -13.59 12.19 10.42
N GLY C 237 -14.27 13.15 11.05
CA GLY C 237 -13.86 14.55 11.01
C GLY C 237 -14.12 15.19 9.65
N LYS C 238 -15.18 14.75 8.96
CA LYS C 238 -15.52 15.27 7.65
C LYS C 238 -16.90 15.93 7.67
N PRO C 239 -17.08 17.05 6.94
CA PRO C 239 -18.38 17.74 6.97
C PRO C 239 -19.59 16.93 6.52
N VAL C 240 -20.71 17.15 7.19
CA VAL C 240 -21.96 16.48 6.83
C VAL C 240 -23.07 17.52 6.78
N VAL C 241 -23.89 17.46 5.72
CA VAL C 241 -24.97 18.42 5.49
C VAL C 241 -26.29 17.72 5.66
N CYS C 242 -27.24 18.35 6.39
CA CYS C 242 -28.59 17.81 6.46
C CYS C 242 -29.42 18.61 5.47
N ALA C 243 -30.19 17.92 4.61
CA ALA C 243 -30.93 18.61 3.57
C ALA C 243 -32.36 18.12 3.41
N THR C 244 -33.21 19.00 2.80
CA THR C 244 -34.55 18.80 2.25
C THR C 244 -35.70 18.84 3.26
N GLN C 245 -36.66 19.73 2.97
CA GLN C 245 -37.91 19.94 3.69
C GLN C 245 -37.75 20.35 5.15
N MET C 246 -36.61 20.94 5.53
CA MET C 246 -36.36 21.34 6.91
C MET C 246 -37.34 22.41 7.39
N LEU C 247 -37.70 23.36 6.53
CA LEU C 247 -38.67 24.40 6.83
C LEU C 247 -39.67 24.53 5.67
N GLU C 248 -40.06 23.39 5.06
CA GLU C 248 -40.91 23.30 3.88
C GLU C 248 -42.14 24.20 3.87
N SER C 249 -42.91 24.24 4.95
CA SER C 249 -44.12 25.07 5.02
C SER C 249 -43.83 26.56 4.80
N MET C 250 -42.57 27.01 5.04
CA MET C 250 -42.21 28.41 4.83
C MET C 250 -42.12 28.80 3.33
N ILE C 251 -42.34 27.86 2.41
CA ILE C 251 -42.43 28.20 0.99
C ILE C 251 -43.68 29.11 0.78
N THR C 252 -44.79 28.85 1.51
CA THR C 252 -46.00 29.66 1.42
C THR C 252 -46.39 30.37 2.72
N LYS C 253 -45.88 29.91 3.88
CA LYS C 253 -46.25 30.52 5.17
C LYS C 253 -45.12 31.31 5.82
N PRO C 254 -45.43 32.40 6.55
CA PRO C 254 -44.36 33.21 7.16
C PRO C 254 -43.67 32.59 8.37
N ARG C 255 -44.28 31.56 8.97
CA ARG C 255 -43.73 30.88 10.14
C ARG C 255 -43.76 29.37 9.89
N PRO C 256 -42.75 28.64 10.40
CA PRO C 256 -42.73 27.19 10.18
C PRO C 256 -43.59 26.41 11.19
N THR C 257 -43.79 25.11 10.93
CA THR C 257 -44.53 24.26 11.86
C THR C 257 -43.62 23.87 13.05
N ARG C 258 -44.22 23.29 14.09
CA ARG C 258 -43.48 22.82 15.26
C ARG C 258 -42.56 21.66 14.89
N ALA C 259 -42.93 20.83 13.91
CA ALA C 259 -42.09 19.72 13.48
C ALA C 259 -40.85 20.22 12.72
N GLU C 260 -41.00 21.30 11.97
CA GLU C 260 -39.92 21.89 11.19
C GLU C 260 -38.85 22.53 12.08
N THR C 261 -39.26 23.29 13.11
CA THR C 261 -38.26 23.88 14.02
C THR C 261 -37.54 22.77 14.78
N SER C 262 -38.27 21.72 15.17
CA SER C 262 -37.72 20.56 15.85
C SER C 262 -36.68 19.87 14.94
N ASP C 263 -37.00 19.70 13.65
CA ASP C 263 -36.11 19.05 12.69
C ASP C 263 -34.77 19.79 12.56
N VAL C 264 -34.82 21.13 12.46
CA VAL C 264 -33.61 21.93 12.36
C VAL C 264 -32.77 21.79 13.64
N ALA C 265 -33.41 21.90 14.81
CA ALA C 265 -32.70 21.79 16.09
C ALA C 265 -32.07 20.43 16.25
N ASN C 266 -32.81 19.36 15.89
CA ASN C 266 -32.29 18.01 16.00
C ASN C 266 -31.19 17.70 15.02
N ALA C 267 -31.19 18.30 13.82
CA ALA C 267 -30.09 18.07 12.86
C ALA C 267 -28.78 18.64 13.47
N VAL C 268 -28.87 19.82 14.09
CA VAL C 268 -27.72 20.45 14.75
C VAL C 268 -27.27 19.59 15.94
N LEU C 269 -28.22 19.18 16.81
CA LEU C 269 -27.89 18.33 17.95
C LEU C 269 -27.29 16.97 17.51
N ASP C 270 -27.77 16.40 16.39
CA ASP C 270 -27.24 15.15 15.82
C ASP C 270 -25.75 15.29 15.49
N GLY C 271 -25.35 16.48 15.03
CA GLY C 271 -23.96 16.78 14.70
C GLY C 271 -23.73 17.31 13.29
N ALA C 272 -24.79 17.78 12.62
CA ALA C 272 -24.62 18.29 11.24
C ALA C 272 -23.74 19.53 11.21
N ASP C 273 -22.82 19.59 10.26
CA ASP C 273 -21.97 20.76 10.08
C ASP C 273 -22.74 21.87 9.37
N CYS C 274 -23.62 21.49 8.42
CA CYS C 274 -24.42 22.45 7.65
C CYS C 274 -25.86 22.01 7.61
N ILE C 275 -26.75 22.97 7.47
CA ILE C 275 -28.18 22.75 7.26
C ILE C 275 -28.54 23.49 5.96
N MET C 276 -29.55 22.97 5.24
CA MET C 276 -29.87 23.49 3.93
C MET C 276 -31.32 23.91 3.76
N LEU C 277 -31.54 24.84 2.82
CA LEU C 277 -32.85 25.31 2.39
C LEU C 277 -32.90 25.10 0.86
N SER C 278 -33.99 24.53 0.36
CA SER C 278 -34.15 24.27 -1.07
C SER C 278 -35.26 25.16 -1.65
N GLY C 279 -36.50 24.66 -1.78
CA GLY C 279 -37.63 25.45 -2.26
C GLY C 279 -37.89 26.66 -1.40
N GLU C 280 -37.56 26.58 -0.07
CA GLU C 280 -37.74 27.69 0.87
C GLU C 280 -37.05 28.95 0.41
N THR C 281 -35.89 28.84 -0.24
CA THR C 281 -35.15 30.01 -0.72
C THR C 281 -35.15 30.13 -2.24
N ALA C 282 -35.27 29.01 -2.96
CA ALA C 282 -35.24 29.03 -4.42
C ALA C 282 -36.52 29.59 -5.03
N LYS C 283 -37.70 29.20 -4.53
CA LYS C 283 -38.96 29.63 -5.12
C LYS C 283 -40.02 30.14 -4.15
N GLY C 284 -39.78 30.04 -2.86
CA GLY C 284 -40.77 30.42 -1.87
C GLY C 284 -40.99 31.92 -1.72
N ASN C 285 -42.05 32.26 -0.97
CA ASN C 285 -42.40 33.66 -0.73
C ASN C 285 -41.66 34.31 0.44
N PHE C 286 -40.93 33.50 1.24
CA PHE C 286 -40.23 34.03 2.41
C PHE C 286 -38.77 33.53 2.49
N PRO C 287 -37.94 33.76 1.45
CA PRO C 287 -36.56 33.23 1.49
C PRO C 287 -35.68 33.79 2.60
N VAL C 288 -35.76 35.09 2.85
CA VAL C 288 -34.96 35.73 3.90
C VAL C 288 -35.42 35.25 5.28
N GLU C 289 -36.73 35.13 5.47
CA GLU C 289 -37.27 34.68 6.76
C GLU C 289 -36.89 33.22 7.06
N ALA C 290 -36.77 32.39 6.01
CA ALA C 290 -36.37 30.99 6.18
C ALA C 290 -34.91 30.94 6.65
N VAL C 291 -34.04 31.79 6.09
CA VAL C 291 -32.64 31.85 6.51
C VAL C 291 -32.57 32.34 7.98
N LYS C 292 -33.34 33.38 8.31
CA LYS C 292 -33.38 33.92 9.68
C LYS C 292 -33.83 32.88 10.68
N MET C 293 -34.81 32.05 10.29
CA MET C 293 -35.33 31.01 11.17
C MET C 293 -34.28 29.93 11.41
N GLN C 294 -33.56 29.49 10.36
CA GLN C 294 -32.50 28.49 10.53
C GLN C 294 -31.39 29.05 11.41
N HIS C 295 -31.04 30.32 11.23
CA HIS C 295 -30.02 30.97 12.06
C HIS C 295 -30.42 30.97 13.54
N ALA C 296 -31.67 31.38 13.82
CA ALA C 296 -32.17 31.47 15.20
C ALA C 296 -32.22 30.10 15.88
N ILE C 297 -32.70 29.07 15.17
CA ILE C 297 -32.76 27.73 15.75
C ILE C 297 -31.38 27.14 15.99
N ALA C 298 -30.47 27.22 14.97
CA ALA C 298 -29.13 26.67 15.08
C ALA C 298 -28.37 27.25 16.28
N ARG C 299 -28.51 28.56 16.50
CA ARG C 299 -27.83 29.21 17.63
C ARG C 299 -28.33 28.64 18.98
N GLU C 300 -29.64 28.42 19.11
CA GLU C 300 -30.20 27.84 20.33
C GLU C 300 -29.75 26.38 20.51
N ALA C 301 -29.75 25.61 19.41
CA ALA C 301 -29.38 24.20 19.46
C ALA C 301 -27.90 23.99 19.74
N GLU C 302 -27.03 24.84 19.21
CA GLU C 302 -25.59 24.72 19.45
C GLU C 302 -25.24 24.88 20.93
N ALA C 303 -25.93 25.80 21.62
CA ALA C 303 -25.71 25.99 23.05
C ALA C 303 -26.18 24.79 23.86
N ALA C 304 -27.21 24.05 23.35
CA ALA C 304 -27.77 22.87 24.01
C ALA C 304 -26.98 21.58 23.77
N VAL C 305 -25.89 21.62 23.00
CA VAL C 305 -25.06 20.45 22.77
C VAL C 305 -24.39 20.04 24.10
N TYR C 306 -24.40 18.74 24.42
CA TYR C 306 -23.79 18.24 25.64
C TYR C 306 -22.30 17.97 25.38
N HIS C 307 -21.50 19.04 25.35
CA HIS C 307 -20.07 18.96 25.07
C HIS C 307 -19.30 18.01 25.96
N ARG C 308 -19.68 17.89 27.22
CA ARG C 308 -18.96 17.00 28.15
C ARG C 308 -18.88 15.57 27.65
N GLN C 309 -20.02 15.03 27.16
CA GLN C 309 -20.02 13.66 26.63
C GLN C 309 -19.46 13.64 25.21
N LEU C 310 -19.84 14.61 24.38
CA LEU C 310 -19.39 14.68 22.99
C LEU C 310 -17.86 14.70 22.88
N PHE C 311 -17.20 15.61 23.61
CA PHE C 311 -15.76 15.71 23.58
C PHE C 311 -15.09 14.43 24.07
N GLU C 312 -15.60 13.84 25.17
CA GLU C 312 -15.05 12.59 25.74
C GLU C 312 -15.16 11.44 24.73
N GLU C 313 -16.29 11.34 24.03
CA GLU C 313 -16.49 10.27 23.06
C GLU C 313 -15.68 10.48 21.79
N LEU C 314 -15.57 11.73 21.31
CA LEU C 314 -14.77 12.02 20.12
C LEU C 314 -13.30 11.70 20.41
N ARG C 315 -12.83 12.05 21.62
CA ARG C 315 -11.49 11.78 22.11
C ARG C 315 -11.22 10.27 22.14
N ARG C 316 -12.11 9.50 22.79
CA ARG C 316 -12.00 8.05 22.95
C ARG C 316 -12.03 7.30 21.61
N ALA C 317 -12.90 7.74 20.69
CA ALA C 317 -13.04 7.06 19.42
C ALA C 317 -11.99 7.43 18.38
N ALA C 318 -11.39 8.63 18.49
CA ALA C 318 -10.38 9.05 17.54
C ALA C 318 -9.10 8.29 17.84
N PRO C 319 -8.46 7.73 16.82
CA PRO C 319 -7.22 6.97 17.07
C PRO C 319 -6.08 7.88 17.50
N LEU C 320 -5.06 7.29 18.13
CA LEU C 320 -3.85 8.01 18.50
C LEU C 320 -3.18 8.50 17.21
N SER C 321 -2.54 9.67 17.28
CA SER C 321 -1.97 10.25 16.08
C SER C 321 -0.60 10.80 16.30
N ARG C 322 0.25 10.65 15.31
CA ARG C 322 1.58 11.24 15.33
C ARG C 322 1.66 12.48 14.41
N ASP C 323 0.52 12.94 13.87
CA ASP C 323 0.44 14.12 13.02
C ASP C 323 0.39 15.33 13.96
N PRO C 324 1.40 16.21 13.89
CA PRO C 324 1.41 17.36 14.80
C PRO C 324 0.17 18.27 14.72
N THR C 325 -0.49 18.39 13.53
CA THR C 325 -1.69 19.22 13.40
C THR C 325 -2.83 18.64 14.23
N GLU C 326 -2.99 17.31 14.19
CA GLU C 326 -4.03 16.62 14.96
CA GLU C 326 -4.02 16.62 14.95
C GLU C 326 -3.74 16.68 16.45
N VAL C 327 -2.47 16.52 16.84
CA VAL C 327 -2.07 16.56 18.24
C VAL C 327 -2.28 17.97 18.80
N THR C 328 -1.90 19.00 18.03
CA THR C 328 -2.07 20.39 18.43
C THR C 328 -3.54 20.71 18.55
N ALA C 329 -4.37 20.24 17.59
CA ALA C 329 -5.80 20.53 17.61
C ALA C 329 -6.50 20.03 18.88
N ILE C 330 -6.22 18.79 19.33
CA ILE C 330 -6.88 18.27 20.53
C ILE C 330 -6.38 18.99 21.78
N GLY C 331 -5.11 19.33 21.83
CA GLY C 331 -4.54 20.11 22.93
C GLY C 331 -5.18 21.49 23.00
N ALA C 332 -5.39 22.14 21.84
CA ALA C 332 -5.99 23.48 21.77
C ALA C 332 -7.45 23.44 22.21
N VAL C 333 -8.21 22.43 21.78
CA VAL C 333 -9.63 22.32 22.15
C VAL C 333 -9.75 22.03 23.66
N GLU C 334 -8.87 21.19 24.20
CA GLU C 334 -8.85 20.89 25.64
CA GLU C 334 -8.84 20.89 25.64
C GLU C 334 -8.55 22.18 26.42
N ALA C 335 -7.55 22.96 25.95
CA ALA C 335 -7.21 24.24 26.58
C ALA C 335 -8.36 25.24 26.51
N ALA C 336 -9.07 25.32 25.36
CA ALA C 336 -10.20 26.23 25.23
C ALA C 336 -11.33 25.88 26.22
N PHE C 337 -11.62 24.58 26.43
CA PHE C 337 -12.64 24.18 27.40
C PHE C 337 -12.23 24.53 28.84
N LYS C 338 -10.95 24.37 29.16
CA LYS C 338 -10.41 24.66 30.49
C LYS C 338 -10.61 26.10 30.93
N CYS C 339 -10.46 27.06 30.00
CA CYS C 339 -10.57 28.47 30.34
C CYS C 339 -11.81 29.16 29.81
N CYS C 340 -12.75 28.42 29.20
CA CYS C 340 -13.95 29.01 28.56
C CYS C 340 -13.50 30.07 27.53
N ALA C 341 -12.47 29.73 26.73
CA ALA C 341 -11.87 30.66 25.76
C ALA C 341 -12.92 31.22 24.83
N ALA C 342 -12.82 32.51 24.58
CA ALA C 342 -13.77 33.17 23.69
C ALA C 342 -13.59 32.69 22.24
N ALA C 343 -12.38 32.28 21.85
CA ALA C 343 -12.11 31.82 20.49
C ALA C 343 -10.79 31.04 20.43
N ILE C 344 -10.62 30.27 19.34
CA ILE C 344 -9.39 29.63 18.97
C ILE C 344 -9.04 30.28 17.65
N ILE C 345 -7.94 31.03 17.59
CA ILE C 345 -7.53 31.67 16.36
C ILE C 345 -6.51 30.77 15.69
N VAL C 346 -6.74 30.38 14.45
CA VAL C 346 -5.84 29.48 13.75
C VAL C 346 -5.41 30.04 12.41
N LEU C 347 -4.13 29.89 12.08
CA LEU C 347 -3.62 30.32 10.76
C LEU C 347 -3.68 29.10 9.88
N THR C 348 -4.28 29.23 8.69
CA THR C 348 -4.42 28.08 7.80
C THR C 348 -4.37 28.50 6.34
N THR C 349 -3.71 27.74 5.51
CA THR C 349 -3.64 28.03 4.09
C THR C 349 -4.69 27.22 3.32
N THR C 350 -4.84 25.95 3.68
CA THR C 350 -5.81 25.08 3.02
C THR C 350 -7.13 24.93 3.77
N GLY C 351 -7.15 25.28 5.06
CA GLY C 351 -8.32 25.10 5.91
C GLY C 351 -8.18 23.89 6.82
N ARG C 352 -7.20 23.01 6.55
CA ARG C 352 -7.02 21.75 7.27
C ARG C 352 -6.82 21.91 8.78
N SER C 353 -6.00 22.88 9.22
CA SER C 353 -5.80 23.08 10.67
C SER C 353 -7.12 23.49 11.36
N ALA C 354 -7.98 24.27 10.65
CA ALA C 354 -9.28 24.67 11.20
C ALA C 354 -10.24 23.48 11.24
N GLN C 355 -10.21 22.65 10.19
CA GLN C 355 -11.05 21.45 10.13
C GLN C 355 -10.72 20.48 11.26
N LEU C 356 -9.41 20.31 11.59
CA LEU C 356 -9.01 19.41 12.67
C LEU C 356 -9.40 19.94 14.05
N LEU C 357 -9.55 21.26 14.22
CA LEU C 357 -10.03 21.83 15.47
C LEU C 357 -11.55 21.59 15.54
N SER C 358 -12.26 21.86 14.42
CA SER C 358 -13.71 21.71 14.28
C SER C 358 -14.18 20.27 14.61
N ARG C 359 -13.38 19.26 14.25
CA ARG C 359 -13.76 17.86 14.47
C ARG C 359 -13.94 17.50 15.95
N TYR C 360 -13.27 18.26 16.87
CA TYR C 360 -13.43 18.03 18.30
C TYR C 360 -14.55 18.84 18.93
N ARG C 361 -15.34 19.56 18.10
CA ARG C 361 -16.50 20.32 18.50
C ARG C 361 -16.28 21.25 19.71
N PRO C 362 -15.32 22.18 19.63
CA PRO C 362 -15.15 23.14 20.73
C PRO C 362 -16.36 24.06 20.83
N ARG C 363 -16.63 24.55 22.03
CA ARG C 363 -17.67 25.56 22.23
C ARG C 363 -17.10 26.93 21.72
N ALA C 364 -15.77 27.15 21.87
CA ALA C 364 -15.10 28.36 21.41
C ALA C 364 -15.17 28.43 19.88
N ALA C 365 -15.41 29.62 19.34
CA ALA C 365 -15.43 29.86 17.90
C ALA C 365 -14.04 29.61 17.33
N VAL C 366 -13.95 29.00 16.15
CA VAL C 366 -12.65 28.78 15.51
C VAL C 366 -12.49 29.89 14.46
N ILE C 367 -11.68 30.89 14.75
CA ILE C 367 -11.47 32.02 13.83
C ILE C 367 -10.29 31.63 12.93
N ALA C 368 -10.55 31.39 11.66
CA ALA C 368 -9.51 30.91 10.74
C ALA C 368 -9.02 32.02 9.86
N VAL C 369 -7.75 32.41 10.02
CA VAL C 369 -7.15 33.48 9.25
C VAL C 369 -6.39 32.85 8.09
N THR C 370 -6.76 33.23 6.88
CA THR C 370 -6.16 32.67 5.68
C THR C 370 -5.97 33.71 4.58
N ARG C 371 -4.95 33.52 3.74
CA ARG C 371 -4.73 34.35 2.56
C ARG C 371 -5.44 33.73 1.33
N SER C 372 -5.92 32.47 1.42
CA SER C 372 -6.63 31.81 0.32
C SER C 372 -8.10 32.15 0.34
N ALA C 373 -8.58 32.88 -0.68
CA ALA C 373 -10.00 33.23 -0.77
C ALA C 373 -10.86 31.95 -0.90
N GLN C 374 -10.33 30.93 -1.60
CA GLN C 374 -11.02 29.66 -1.77
C GLN C 374 -11.15 28.91 -0.44
N ALA C 375 -10.04 28.80 0.32
CA ALA C 375 -10.10 28.14 1.63
C ALA C 375 -11.07 28.87 2.55
N ALA C 376 -11.10 30.21 2.50
CA ALA C 376 -12.01 31.00 3.32
C ALA C 376 -13.47 30.67 3.03
N ARG C 377 -13.82 30.47 1.75
CA ARG C 377 -15.20 30.11 1.41
C ARG C 377 -15.47 28.64 1.80
N GLN C 378 -14.51 27.74 1.53
CA GLN C 378 -14.70 26.30 1.79
C GLN C 378 -14.80 25.92 3.24
N VAL C 379 -14.14 26.68 4.17
CA VAL C 379 -14.21 26.29 5.59
C VAL C 379 -15.59 26.49 6.19
N HIS C 380 -16.54 27.13 5.47
CA HIS C 380 -17.93 27.19 5.91
C HIS C 380 -18.54 25.77 6.01
N LEU C 381 -17.95 24.77 5.35
CA LEU C 381 -18.41 23.38 5.46
C LEU C 381 -18.17 22.80 6.88
N CYS C 382 -17.21 23.37 7.65
CA CYS C 382 -16.87 22.85 8.97
C CYS C 382 -17.54 23.63 10.08
N ARG C 383 -18.29 22.93 10.95
CA ARG C 383 -18.98 23.62 12.04
C ARG C 383 -18.05 24.46 12.93
N GLY C 384 -18.47 25.68 13.18
CA GLY C 384 -17.79 26.58 14.09
C GLY C 384 -16.55 27.26 13.56
N VAL C 385 -16.33 27.21 12.23
CA VAL C 385 -15.19 27.86 11.64
C VAL C 385 -15.65 29.18 11.02
N PHE C 386 -15.06 30.29 11.47
CA PHE C 386 -15.39 31.65 11.04
C PHE C 386 -14.21 32.15 10.22
N PRO C 387 -14.34 32.14 8.89
CA PRO C 387 -13.20 32.53 8.03
C PRO C 387 -12.95 34.03 7.95
N LEU C 388 -11.67 34.40 8.02
CA LEU C 388 -11.23 35.78 7.85
C LEU C 388 -10.21 35.79 6.71
N LEU C 389 -10.54 36.47 5.63
CA LEU C 389 -9.63 36.56 4.49
C LEU C 389 -8.61 37.69 4.70
N TYR C 390 -7.32 37.35 4.71
CA TYR C 390 -6.21 38.27 4.96
C TYR C 390 -5.55 38.66 3.63
N ARG C 391 -5.46 39.96 3.35
CA ARG C 391 -4.92 40.42 2.07
C ARG C 391 -3.70 41.34 2.19
N GLU C 392 -3.12 41.49 3.39
CA GLU C 392 -1.94 42.35 3.55
C GLU C 392 -0.75 41.73 2.84
N PRO C 393 0.14 42.55 2.26
CA PRO C 393 1.33 41.97 1.62
C PRO C 393 2.22 41.28 2.65
N PRO C 394 2.89 40.18 2.24
CA PRO C 394 3.72 39.43 3.21
C PRO C 394 4.90 40.21 3.76
N GLU C 395 5.15 40.07 5.07
CA GLU C 395 6.28 40.71 5.73
C GLU C 395 7.55 39.93 5.38
N ALA C 396 8.69 40.62 5.33
CA ALA C 396 10.00 40.00 5.05
C ALA C 396 10.39 39.06 6.19
N ILE C 397 10.07 39.42 7.45
CA ILE C 397 10.36 38.55 8.58
C ILE C 397 9.11 37.69 8.84
N TRP C 398 9.22 36.38 8.65
CA TRP C 398 8.09 35.49 8.78
C TRP C 398 7.39 35.57 10.14
N ALA C 399 8.13 35.60 11.25
CA ALA C 399 7.52 35.71 12.57
C ALA C 399 6.65 36.97 12.69
N ASP C 400 7.05 38.10 12.06
CA ASP C 400 6.25 39.33 12.04
C ASP C 400 4.96 39.14 11.23
N ASP C 401 5.02 38.41 10.13
CA ASP C 401 3.84 38.13 9.30
C ASP C 401 2.84 37.26 10.08
N VAL C 402 3.34 36.31 10.90
CA VAL C 402 2.50 35.47 11.73
C VAL C 402 1.82 36.32 12.80
N ASP C 403 2.60 37.17 13.49
CA ASP C 403 2.05 38.05 14.51
C ASP C 403 1.03 39.00 13.96
N ARG C 404 1.25 39.54 12.75
CA ARG C 404 0.26 40.43 12.12
C ARG C 404 -1.07 39.72 11.85
N ARG C 405 -1.00 38.44 11.45
CA ARG C 405 -2.22 37.68 11.18
C ARG C 405 -2.96 37.33 12.45
N VAL C 406 -2.24 37.00 13.53
CA VAL C 406 -2.85 36.72 14.82
C VAL C 406 -3.56 37.98 15.34
N GLN C 407 -2.89 39.14 15.28
CA GLN C 407 -3.54 40.39 15.68
C GLN C 407 -4.71 40.75 14.78
N PHE C 408 -4.64 40.40 13.50
CA PHE C 408 -5.77 40.62 12.58
C PHE C 408 -6.98 39.79 13.05
N GLY C 409 -6.76 38.56 13.49
CA GLY C 409 -7.83 37.71 14.01
C GLY C 409 -8.37 38.26 15.33
N ILE C 410 -7.51 38.80 16.19
CA ILE C 410 -7.96 39.37 17.47
C ILE C 410 -8.77 40.66 17.21
N GLU C 411 -8.26 41.57 16.38
CA GLU C 411 -8.98 42.83 16.10
C GLU C 411 -10.26 42.60 15.35
N SER C 412 -10.31 41.58 14.45
CA SER C 412 -11.59 41.26 13.78
C SER C 412 -12.59 40.71 14.81
N GLY C 413 -12.10 39.86 15.72
CA GLY C 413 -12.90 39.29 16.79
C GLY C 413 -13.46 40.33 17.73
N LYS C 414 -12.67 41.40 18.02
CA LYS C 414 -13.13 42.49 18.89
C LYS C 414 -14.24 43.28 18.17
N LEU C 415 -14.04 43.57 16.89
CA LEU C 415 -14.99 44.32 16.08
C LEU C 415 -16.33 43.56 15.92
N ARG C 416 -16.26 42.24 15.75
CA ARG C 416 -17.44 41.42 15.54
C ARG C 416 -18.17 40.97 16.81
N GLY C 417 -17.61 41.24 17.98
CA GLY C 417 -18.24 40.85 19.23
C GLY C 417 -17.81 39.53 19.82
N PHE C 418 -16.91 38.80 19.15
CA PHE C 418 -16.40 37.53 19.65
C PHE C 418 -15.51 37.77 20.90
N LEU C 419 -14.72 38.87 20.91
CA LEU C 419 -13.69 39.15 21.91
C LEU C 419 -13.70 40.52 22.56
N ARG C 420 -13.19 40.58 23.78
CA ARG C 420 -13.04 41.80 24.55
C ARG C 420 -11.69 41.75 25.26
N VAL C 421 -11.16 42.91 25.63
CA VAL C 421 -9.93 43.02 26.41
C VAL C 421 -10.11 42.26 27.75
N GLY C 422 -9.15 41.42 28.09
CA GLY C 422 -9.26 40.57 29.27
C GLY C 422 -9.65 39.13 28.96
N ASP C 423 -10.21 38.87 27.78
CA ASP C 423 -10.58 37.49 27.38
C ASP C 423 -9.34 36.64 27.14
N LEU C 424 -9.50 35.31 27.23
CA LEU C 424 -8.44 34.39 26.88
C LEU C 424 -8.80 33.78 25.53
N VAL C 425 -7.80 33.67 24.67
CA VAL C 425 -7.94 33.02 23.37
C VAL C 425 -6.83 31.99 23.22
N ILE C 426 -7.10 30.95 22.44
CA ILE C 426 -6.10 29.96 22.14
C ILE C 426 -5.63 30.27 20.72
N VAL C 427 -4.34 30.24 20.48
CA VAL C 427 -3.81 30.56 19.15
C VAL C 427 -3.04 29.40 18.65
N VAL C 428 -3.39 28.96 17.46
CA VAL C 428 -2.79 27.81 16.82
C VAL C 428 -2.02 28.23 15.56
N THR C 429 -0.74 27.91 15.54
CA THR C 429 0.17 28.24 14.45
C THR C 429 1.15 27.06 14.22
N GLY C 430 2.06 27.19 13.26
CA GLY C 430 3.11 26.20 13.02
C GLY C 430 4.48 26.79 13.18
N TRP C 431 5.51 25.96 13.11
CA TRP C 431 6.91 26.38 13.33
C TRP C 431 7.63 26.94 12.11
N ARG C 432 7.06 26.75 10.92
CA ARG C 432 7.66 27.25 9.67
C ARG C 432 6.54 27.55 8.63
N PRO C 433 6.82 28.35 7.58
CA PRO C 433 5.78 28.64 6.58
C PRO C 433 5.43 27.43 5.75
N GLY C 434 4.27 27.50 5.11
CA GLY C 434 3.79 26.43 4.28
C GLY C 434 2.76 25.61 5.01
N SER C 435 1.82 25.07 4.28
CA SER C 435 0.79 24.23 4.81
C SER C 435 1.41 22.91 5.35
N GLY C 436 0.79 22.32 6.38
CA GLY C 436 1.22 21.03 6.91
C GLY C 436 2.15 21.02 8.11
N TYR C 437 2.50 22.19 8.64
CA TYR C 437 3.44 22.25 9.77
C TYR C 437 2.84 22.74 11.09
N THR C 438 1.49 22.78 11.23
CA THR C 438 0.88 23.24 12.48
C THR C 438 1.36 22.39 13.67
N ASN C 439 1.95 23.05 14.68
CA ASN C 439 2.45 22.29 15.83
C ASN C 439 2.50 23.14 17.12
N ILE C 440 1.92 24.36 17.12
CA ILE C 440 2.01 25.23 18.28
C ILE C 440 0.65 25.68 18.77
N MET C 441 0.49 25.66 20.09
CA MET C 441 -0.72 26.18 20.72
C MET C 441 -0.26 27.14 21.82
N ARG C 442 -0.83 28.34 21.83
CA ARG C 442 -0.48 29.36 22.83
C ARG C 442 -1.74 29.90 23.47
N VAL C 443 -1.64 30.31 24.72
CA VAL C 443 -2.74 30.88 25.45
C VAL C 443 -2.45 32.38 25.55
N LEU C 444 -3.30 33.18 24.95
CA LEU C 444 -3.10 34.63 24.98
C LEU C 444 -4.18 35.35 25.72
N SER C 445 -3.78 36.41 26.43
CA SER C 445 -4.73 37.28 27.11
CA SER C 445 -4.73 37.27 27.10
C SER C 445 -4.92 38.48 26.19
N ILE C 446 -6.15 38.78 25.81
CA ILE C 446 -6.47 39.87 24.91
C ILE C 446 -6.17 41.25 25.51
N SER C 447 -5.32 42.03 24.84
CA SER C 447 -4.99 43.39 25.27
C SER C 447 -5.52 44.42 24.27
N GLY D 23 5.21 0.13 16.02
CA GLY D 23 5.43 -1.30 16.07
C GLY D 23 4.58 -2.05 17.08
N THR D 24 4.35 -3.33 16.85
CA THR D 24 3.55 -4.17 17.76
C THR D 24 4.25 -4.34 19.12
N ALA D 25 5.59 -4.39 19.13
CA ALA D 25 6.37 -4.54 20.35
C ALA D 25 6.11 -3.39 21.30
N PHE D 26 6.02 -2.15 20.76
CA PHE D 26 5.76 -0.95 21.55
C PHE D 26 4.44 -1.08 22.33
N PHE D 27 3.39 -1.55 21.65
CA PHE D 27 2.07 -1.67 22.26
C PHE D 27 1.90 -2.89 23.20
N GLN D 28 2.94 -3.72 23.35
CA GLN D 28 2.89 -4.85 24.29
C GLN D 28 3.58 -4.48 25.64
N GLN D 29 4.49 -3.49 25.61
CA GLN D 29 5.24 -3.00 26.78
C GLN D 29 4.40 -2.02 27.62
N GLN D 30 4.95 -1.63 28.81
CA GLN D 30 4.40 -0.68 29.77
C GLN D 30 2.89 -0.83 30.02
N GLN D 31 2.42 -2.09 30.10
CA GLN D 31 1.02 -2.44 30.34
C GLN D 31 0.07 -1.71 29.39
N LEU D 32 0.50 -1.47 28.14
CA LEU D 32 -0.35 -0.77 27.16
C LEU D 32 -1.65 -1.56 26.84
N PRO D 33 -1.68 -2.91 26.75
CA PRO D 33 -2.98 -3.61 26.59
C PRO D 33 -3.93 -3.29 27.75
N ALA D 34 -3.44 -3.27 29.01
CA ALA D 34 -4.27 -2.95 30.17
C ALA D 34 -4.70 -1.47 30.17
N ALA D 35 -3.85 -0.59 29.62
CA ALA D 35 -4.12 0.84 29.52
C ALA D 35 -5.29 1.13 28.59
N MET D 36 -5.47 0.33 27.55
CA MET D 36 -6.54 0.54 26.58
C MET D 36 -7.89 -0.06 26.99
N ALA D 37 -7.97 -0.74 28.14
CA ALA D 37 -9.21 -1.37 28.58
C ALA D 37 -10.34 -0.37 28.81
N ASP D 38 -11.58 -0.82 28.56
CA ASP D 38 -12.77 0.00 28.69
C ASP D 38 -13.31 0.10 30.12
N THR D 39 -12.92 -0.82 31.01
CA THR D 39 -13.32 -0.79 32.41
C THR D 39 -12.10 -1.05 33.29
N PHE D 40 -12.16 -0.65 34.57
CA PHE D 40 -11.09 -0.93 35.53
C PHE D 40 -10.96 -2.45 35.73
N LEU D 41 -12.08 -3.19 35.77
CA LEU D 41 -12.04 -4.65 35.93
C LEU D 41 -11.28 -5.29 34.76
N GLU D 42 -11.58 -4.88 33.52
CA GLU D 42 -10.87 -5.41 32.34
C GLU D 42 -9.40 -4.99 32.35
N HIS D 43 -9.10 -3.77 32.86
CA HIS D 43 -7.74 -3.28 33.02
C HIS D 43 -6.95 -4.25 33.94
N LEU D 44 -7.54 -4.64 35.08
CA LEU D 44 -6.89 -5.58 36.00
C LEU D 44 -6.64 -6.94 35.31
N CYS D 45 -7.66 -7.46 34.60
CA CYS D 45 -7.58 -8.73 33.88
C CYS D 45 -6.46 -8.74 32.82
N LEU D 46 -6.11 -7.57 32.28
CA LEU D 46 -5.10 -7.48 31.23
C LEU D 46 -3.69 -7.18 31.73
N LEU D 47 -3.48 -7.03 33.05
CA LEU D 47 -2.15 -6.77 33.59
C LEU D 47 -1.27 -7.99 33.31
N ASP D 48 -0.06 -7.75 32.82
CA ASP D 48 0.81 -8.79 32.34
C ASP D 48 2.20 -8.71 32.99
N ILE D 49 2.61 -9.79 33.69
CA ILE D 49 3.94 -9.83 34.29
C ILE D 49 5.06 -9.81 33.25
N ASP D 50 4.79 -10.16 31.99
CA ASP D 50 5.77 -10.11 30.91
C ASP D 50 5.82 -8.77 30.19
N SER D 51 4.91 -7.82 30.51
CA SER D 51 4.90 -6.51 29.89
C SER D 51 5.90 -5.65 30.66
N GLU D 52 7.07 -5.40 30.08
CA GLU D 52 8.13 -4.69 30.77
C GLU D 52 7.96 -3.18 30.81
N PRO D 53 8.30 -2.57 31.97
CA PRO D 53 8.21 -1.11 32.05
C PRO D 53 9.28 -0.45 31.16
N VAL D 54 8.93 0.64 30.49
CA VAL D 54 9.88 1.35 29.62
C VAL D 54 10.14 2.75 30.13
N ALA D 55 9.09 3.43 30.60
CA ALA D 55 9.19 4.78 31.13
C ALA D 55 10.12 4.84 32.34
N ALA D 56 10.71 6.01 32.54
CA ALA D 56 11.55 6.23 33.70
C ALA D 56 10.65 6.24 34.95
N ARG D 57 11.19 5.79 36.07
CA ARG D 57 10.48 5.73 37.35
C ARG D 57 10.12 7.15 37.82
N SER D 58 8.84 7.40 38.00
CA SER D 58 8.32 8.74 38.30
C SER D 58 8.05 9.04 39.77
N THR D 59 7.83 8.04 40.63
CA THR D 59 7.58 8.29 42.06
C THR D 59 8.93 8.48 42.74
N SER D 60 9.15 9.63 43.37
CA SER D 60 10.40 9.91 44.04
CA SER D 60 10.41 9.92 44.05
C SER D 60 10.65 9.06 45.28
N ILE D 61 11.92 8.77 45.55
CA ILE D 61 12.31 8.01 46.71
C ILE D 61 12.98 8.93 47.72
N ILE D 62 12.46 8.97 48.95
CA ILE D 62 13.05 9.71 50.05
C ILE D 62 13.82 8.68 50.93
N ALA D 63 15.12 8.88 51.15
CA ALA D 63 15.89 7.97 52.00
C ALA D 63 16.33 8.72 53.22
N THR D 64 16.06 8.18 54.40
CA THR D 64 16.51 8.81 55.64
C THR D 64 18.00 8.53 55.85
N ILE D 65 18.76 9.58 56.16
CA ILE D 65 20.20 9.49 56.38
C ILE D 65 20.45 9.07 57.83
N GLY D 66 21.43 8.21 58.00
CA GLY D 66 21.85 7.75 59.31
C GLY D 66 23.19 7.08 59.23
N PRO D 67 23.60 6.38 60.30
CA PRO D 67 24.89 5.66 60.25
C PRO D 67 25.09 4.71 59.06
N ALA D 68 24.02 4.10 58.54
CA ALA D 68 24.12 3.21 57.39
C ALA D 68 24.25 3.91 56.04
N SER D 69 24.03 5.23 56.00
CA SER D 69 23.99 5.94 54.72
C SER D 69 24.67 7.30 54.77
N ARG D 70 25.64 7.48 55.66
CA ARG D 70 26.30 8.77 55.82
C ARG D 70 27.63 8.86 55.07
N SER D 71 28.27 7.73 54.82
CA SER D 71 29.54 7.68 54.08
C SER D 71 29.38 8.34 52.71
N VAL D 72 30.32 9.20 52.29
CA VAL D 72 30.24 9.85 50.96
C VAL D 72 30.18 8.80 49.82
N GLU D 73 30.93 7.71 49.99
CA GLU D 73 30.95 6.63 49.00
C GLU D 73 29.65 5.86 48.96
N ARG D 74 29.03 5.66 50.13
CA ARG D 74 27.75 4.97 50.21
C ARG D 74 26.65 5.91 49.61
N LEU D 75 26.71 7.20 49.92
CA LEU D 75 25.74 8.17 49.35
C LEU D 75 25.77 8.19 47.81
N LYS D 76 26.97 8.05 47.20
CA LYS D 76 27.09 7.98 45.75
C LYS D 76 26.36 6.78 45.19
N GLU D 77 26.43 5.63 45.89
CA GLU D 77 25.74 4.44 45.45
C GLU D 77 24.22 4.61 45.57
N MET D 78 23.75 5.29 46.63
CA MET D 78 22.32 5.49 46.80
CA MET D 78 22.34 5.56 46.88
C MET D 78 21.77 6.46 45.75
N ILE D 79 22.56 7.45 45.34
CA ILE D 79 22.14 8.38 44.28
C ILE D 79 21.99 7.59 42.97
N LYS D 80 22.96 6.72 42.67
CA LYS D 80 22.91 5.87 41.48
C LYS D 80 21.75 4.87 41.54
N ALA D 81 21.39 4.40 42.74
CA ALA D 81 20.27 3.46 42.94
C ALA D 81 18.88 4.15 42.77
N GLY D 82 18.84 5.48 42.90
CA GLY D 82 17.60 6.21 42.69
C GLY D 82 17.11 7.14 43.81
N MET D 83 17.91 7.35 44.88
CA MET D 83 17.50 8.26 45.95
C MET D 83 17.37 9.70 45.39
N ASN D 84 16.23 10.34 45.61
CA ASN D 84 15.99 11.70 45.10
C ASN D 84 16.01 12.75 46.18
N ILE D 85 15.60 12.37 47.39
CA ILE D 85 15.52 13.27 48.54
C ILE D 85 16.18 12.58 49.74
N ALA D 86 17.07 13.30 50.39
CA ALA D 86 17.76 12.83 51.59
C ALA D 86 17.04 13.47 52.80
N ARG D 87 16.49 12.64 53.68
CA ARG D 87 15.77 13.12 54.84
C ARG D 87 16.66 13.11 56.08
N LEU D 88 16.76 14.26 56.76
CA LEU D 88 17.51 14.40 58.01
C LEU D 88 16.51 14.35 59.14
N ASN D 89 16.54 13.29 59.95
CA ASN D 89 15.59 13.15 61.04
C ASN D 89 16.12 13.86 62.27
N PHE D 90 15.60 15.06 62.56
CA PHE D 90 16.07 15.84 63.72
C PHE D 90 15.61 15.27 65.09
N SER D 91 14.89 14.11 65.10
CA SER D 91 14.60 13.44 66.36
C SER D 91 15.87 12.80 66.95
N HIS D 92 16.92 12.57 66.12
CA HIS D 92 18.19 11.97 66.53
C HIS D 92 19.37 12.83 66.10
N GLY D 93 20.41 12.90 66.93
CA GLY D 93 21.63 13.62 66.62
C GLY D 93 21.60 15.11 66.87
N SER D 94 22.76 15.70 67.05
CA SER D 94 22.91 17.14 67.29
C SER D 94 22.95 17.94 65.97
N HIS D 95 23.07 19.29 66.05
CA HIS D 95 23.21 20.12 64.86
C HIS D 95 24.52 19.79 64.13
N GLU D 96 25.59 19.49 64.89
CA GLU D 96 26.89 19.12 64.32
C GLU D 96 26.77 17.84 63.49
N TYR D 97 26.00 16.87 63.96
CA TYR D 97 25.78 15.62 63.22
C TYR D 97 25.04 15.95 61.90
N HIS D 98 23.98 16.75 61.97
CA HIS D 98 23.21 17.09 60.77
C HIS D 98 23.97 17.94 59.77
N ALA D 99 24.87 18.83 60.24
CA ALA D 99 25.69 19.63 59.35
C ALA D 99 26.64 18.73 58.57
N GLU D 100 27.21 17.71 59.24
CA GLU D 100 28.09 16.74 58.57
C GLU D 100 27.30 15.90 57.58
N SER D 101 26.05 15.53 57.91
CA SER D 101 25.19 14.77 56.97
C SER D 101 24.97 15.58 55.69
N ILE D 102 24.65 16.87 55.87
CA ILE D 102 24.41 17.77 54.74
C ILE D 102 25.65 17.88 53.87
N ALA D 103 26.83 18.08 54.51
CA ALA D 103 28.09 18.18 53.77
C ALA D 103 28.38 16.92 52.98
N ASN D 104 28.15 15.75 53.58
CA ASN D 104 28.38 14.47 52.89
C ASN D 104 27.44 14.26 51.73
N VAL D 105 26.17 14.61 51.91
CA VAL D 105 25.18 14.51 50.82
C VAL D 105 25.61 15.41 49.66
N ARG D 106 25.93 16.67 49.97
CA ARG D 106 26.35 17.61 48.93
C ARG D 106 27.62 17.17 48.23
N GLU D 107 28.60 16.62 48.97
CA GLU D 107 29.83 16.14 48.35
C GLU D 107 29.53 15.00 47.37
N ALA D 108 28.67 14.04 47.78
CA ALA D 108 28.31 12.92 46.91
C ALA D 108 27.53 13.40 45.67
N VAL D 109 26.60 14.33 45.87
CA VAL D 109 25.79 14.85 44.75
C VAL D 109 26.68 15.60 43.76
N GLU D 110 27.55 16.49 44.27
CA GLU D 110 28.41 17.29 43.41
C GLU D 110 29.54 16.52 42.75
N SER D 111 29.82 15.26 43.20
CA SER D 111 30.81 14.44 42.53
C SER D 111 30.41 14.07 41.09
N PHE D 112 29.12 14.18 40.76
CA PHE D 112 28.60 13.90 39.42
C PHE D 112 28.39 15.17 38.58
N ALA D 113 28.69 16.36 39.12
CA ALA D 113 28.45 17.61 38.40
C ALA D 113 29.33 17.82 37.16
N GLY D 114 30.44 17.09 37.06
CA GLY D 114 31.34 17.14 35.92
C GLY D 114 30.75 16.64 34.62
N SER D 115 29.64 15.90 34.68
CA SER D 115 28.89 15.46 33.51
C SER D 115 27.49 16.06 33.62
N PRO D 116 27.30 17.29 33.10
CA PRO D 116 26.01 17.96 33.23
C PRO D 116 24.82 17.25 32.62
N LEU D 117 25.02 16.44 31.58
CA LEU D 117 23.92 15.73 30.93
C LEU D 117 23.36 14.56 31.76
N SER D 118 24.09 14.10 32.78
CA SER D 118 23.61 13.00 33.61
C SER D 118 23.50 13.40 35.12
N TYR D 119 23.88 14.63 35.50
CA TYR D 119 23.82 15.09 36.88
C TYR D 119 22.40 14.99 37.45
N ARG D 120 22.27 14.37 38.63
CA ARG D 120 20.98 14.24 39.27
C ARG D 120 20.93 15.07 40.52
N PRO D 121 20.09 16.12 40.55
CA PRO D 121 19.91 16.89 41.78
C PRO D 121 19.30 16.02 42.88
N VAL D 122 19.64 16.31 44.13
CA VAL D 122 19.11 15.58 45.27
C VAL D 122 18.67 16.60 46.30
N ALA D 123 17.40 16.56 46.73
CA ALA D 123 16.90 17.50 47.72
C ALA D 123 17.33 17.10 49.13
N ILE D 124 17.36 18.07 50.04
CA ILE D 124 17.65 17.82 51.43
C ILE D 124 16.43 18.28 52.23
N ALA D 125 15.84 17.35 52.97
CA ALA D 125 14.65 17.64 53.75
C ALA D 125 14.95 17.52 55.24
N LEU D 126 14.44 18.47 56.02
CA LEU D 126 14.65 18.47 57.46
C LEU D 126 13.35 18.01 58.08
N ASP D 127 13.38 16.90 58.84
CA ASP D 127 12.20 16.38 59.47
C ASP D 127 12.27 16.74 60.95
N THR D 128 11.35 17.59 61.42
CA THR D 128 11.42 18.10 62.80
C THR D 128 11.13 17.07 63.89
N LYS D 129 11.66 17.32 65.09
CA LYS D 129 11.46 16.48 66.26
C LYS D 129 9.98 16.48 66.68
N GLY D 130 9.35 17.64 66.62
CA GLY D 130 7.93 17.75 66.94
C GLY D 130 7.61 18.51 68.21
N PRO D 131 6.30 18.65 68.49
CA PRO D 131 5.89 19.43 69.66
C PRO D 131 5.96 18.71 71.00
N GLY D 132 5.96 17.39 70.98
CA GLY D 132 5.96 16.59 72.21
C GLY D 132 4.66 16.79 72.97
N SER D 133 4.77 17.11 74.27
CA SER D 133 3.58 17.39 75.10
C SER D 133 3.04 18.82 74.92
N GLY D 134 3.77 19.68 74.22
CA GLY D 134 3.40 21.07 74.02
C GLY D 134 2.25 21.26 73.05
N PRO D 135 1.62 22.45 73.08
CA PRO D 135 0.47 22.71 72.20
C PRO D 135 0.80 23.12 70.77
N GLY D 136 2.03 23.60 70.56
CA GLY D 136 2.45 24.06 69.23
C GLY D 136 3.93 23.93 69.01
N LEU D 137 4.53 24.89 68.27
CA LEU D 137 5.95 24.86 67.95
C LEU D 137 6.88 24.91 69.16
N SER D 138 7.65 23.84 69.37
CA SER D 138 8.58 23.73 70.47
C SER D 138 9.82 24.62 70.28
N GLU D 139 10.53 24.91 71.38
CA GLU D 139 11.73 25.74 71.30
C GLU D 139 12.85 25.05 70.53
N GLN D 140 12.95 23.71 70.63
CA GLN D 140 13.95 22.96 69.88
C GLN D 140 13.65 23.04 68.39
N ASP D 141 12.36 22.97 68.00
CA ASP D 141 11.97 23.09 66.59
C ASP D 141 12.31 24.46 66.04
N VAL D 142 12.16 25.53 66.83
CA VAL D 142 12.54 26.88 66.38
C VAL D 142 14.05 26.93 66.06
N ARG D 143 14.89 26.33 66.93
CA ARG D 143 16.32 26.30 66.69
C ARG D 143 16.70 25.42 65.50
N ASP D 144 16.04 24.27 65.36
CA ASP D 144 16.29 23.35 64.23
C ASP D 144 15.87 23.96 62.91
N LEU D 145 14.74 24.66 62.88
CA LEU D 145 14.27 25.32 61.68
C LEU D 145 15.23 26.43 61.26
N ARG D 146 15.77 27.17 62.24
CA ARG D 146 16.76 28.21 61.95
CA ARG D 146 16.75 28.22 61.94
C ARG D 146 18.03 27.59 61.38
N PHE D 147 18.44 26.42 61.92
CA PHE D 147 19.60 25.68 61.42
C PHE D 147 19.35 25.29 59.93
N GLY D 148 18.14 24.85 59.63
CA GLY D 148 17.77 24.47 58.26
C GLY D 148 17.91 25.61 57.27
N VAL D 149 17.43 26.79 57.64
CA VAL D 149 17.56 27.98 56.79
C VAL D 149 19.04 28.33 56.60
N GLU D 150 19.83 28.32 57.69
CA GLU D 150 21.24 28.65 57.62
C GLU D 150 22.03 27.66 56.77
N HIS D 151 21.61 26.38 56.75
CA HIS D 151 22.30 25.37 55.94
C HIS D 151 21.65 25.12 54.57
N GLY D 152 20.67 25.92 54.19
CA GLY D 152 20.05 25.85 52.87
C GLY D 152 19.24 24.59 52.56
N VAL D 153 18.50 24.04 53.54
CA VAL D 153 17.67 22.85 53.25
C VAL D 153 16.54 23.26 52.29
N ASP D 154 16.03 22.29 51.53
CA ASP D 154 15.01 22.57 50.53
C ASP D 154 13.59 22.38 51.01
N ILE D 155 13.40 21.46 51.93
CA ILE D 155 12.08 21.06 52.40
C ILE D 155 12.09 20.86 53.90
N VAL D 156 10.94 21.15 54.54
CA VAL D 156 10.74 20.84 55.94
C VAL D 156 9.57 19.83 56.01
N PHE D 157 9.76 18.70 56.69
CA PHE D 157 8.69 17.76 56.97
C PHE D 157 8.32 18.13 58.40
N ALA D 158 7.23 18.89 58.58
CA ALA D 158 6.80 19.38 59.90
C ALA D 158 6.02 18.33 60.65
N SER D 159 6.57 17.87 61.78
CA SER D 159 5.95 16.83 62.58
C SER D 159 4.68 17.28 63.31
N PHE D 160 3.74 16.34 63.48
CA PHE D 160 2.48 16.50 64.20
C PHE D 160 1.71 17.78 63.89
N VAL D 161 1.45 18.04 62.60
CA VAL D 161 0.66 19.23 62.22
C VAL D 161 -0.81 18.91 62.52
N ARG D 162 -1.44 19.72 63.37
CA ARG D 162 -2.83 19.51 63.79
C ARG D 162 -3.82 20.55 63.25
N LYS D 163 -3.32 21.70 62.80
CA LYS D 163 -4.16 22.79 62.32
C LYS D 163 -3.35 23.76 61.47
N ALA D 164 -4.03 24.66 60.75
CA ALA D 164 -3.37 25.65 59.90
C ALA D 164 -2.38 26.54 60.67
N SER D 165 -2.67 26.90 61.93
CA SER D 165 -1.77 27.76 62.71
C SER D 165 -0.42 27.08 63.02
N ASP D 166 -0.38 25.74 63.03
CA ASP D 166 0.88 25.01 63.20
C ASP D 166 1.78 25.26 61.99
N VAL D 167 1.21 25.30 60.78
CA VAL D 167 1.95 25.56 59.55
C VAL D 167 2.47 27.01 59.55
N ALA D 168 1.61 27.95 59.97
CA ALA D 168 2.00 29.36 60.05
C ALA D 168 3.18 29.55 61.02
N ALA D 169 3.18 28.81 62.14
CA ALA D 169 4.27 28.90 63.12
C ALA D 169 5.59 28.40 62.51
N VAL D 170 5.53 27.32 61.70
CA VAL D 170 6.73 26.79 61.04
C VAL D 170 7.24 27.81 60.03
N ARG D 171 6.34 28.40 59.26
CA ARG D 171 6.66 29.40 58.27
C ARG D 171 7.33 30.63 58.94
N ALA D 172 6.79 31.07 60.08
CA ALA D 172 7.36 32.21 60.82
C ALA D 172 8.74 31.87 61.37
N ALA D 173 8.95 30.65 61.88
CA ALA D 173 10.27 30.24 62.41
C ALA D 173 11.34 30.16 61.32
N LEU D 174 10.93 29.93 60.06
CA LEU D 174 11.87 29.92 58.95
C LEU D 174 12.36 31.35 58.59
N GLY D 175 11.61 32.37 59.00
CA GLY D 175 11.96 33.77 58.79
C GLY D 175 11.90 34.24 57.36
N PRO D 176 12.34 35.48 57.12
CA PRO D 176 12.31 36.03 55.76
C PRO D 176 13.29 35.38 54.80
N GLU D 177 14.38 34.78 55.31
CA GLU D 177 15.35 34.11 54.45
C GLU D 177 14.91 32.68 54.01
N GLY D 178 13.89 32.12 54.66
CA GLY D 178 13.43 30.78 54.32
C GLY D 178 12.10 30.70 53.59
N HIS D 179 11.71 31.80 52.88
CA HIS D 179 10.44 31.85 52.14
CA HIS D 179 10.43 31.83 52.15
C HIS D 179 10.33 30.80 51.03
N GLY D 180 11.46 30.42 50.44
CA GLY D 180 11.47 29.47 49.34
C GLY D 180 11.45 28.00 49.76
N ILE D 181 11.59 27.71 51.06
CA ILE D 181 11.58 26.33 51.57
C ILE D 181 10.17 25.74 51.52
N LYS D 182 10.02 24.52 51.01
CA LYS D 182 8.69 23.87 50.95
C LYS D 182 8.31 23.28 52.29
N ILE D 183 7.08 23.50 52.73
CA ILE D 183 6.61 22.92 53.99
C ILE D 183 5.66 21.76 53.70
N ILE D 184 6.07 20.56 54.07
CA ILE D 184 5.25 19.35 53.91
C ILE D 184 4.75 19.02 55.30
N SER D 185 3.44 19.14 55.52
CA SER D 185 2.87 18.87 56.83
C SER D 185 2.69 17.37 57.06
N LYS D 186 3.22 16.86 58.17
CA LYS D 186 3.06 15.45 58.52
C LYS D 186 1.74 15.29 59.29
N ILE D 187 0.84 14.42 58.80
CA ILE D 187 -0.42 14.14 59.47
C ILE D 187 -0.19 12.88 60.27
N GLU D 188 -0.22 13.01 61.60
CA GLU D 188 0.14 11.91 62.50
C GLU D 188 -0.89 11.58 63.56
N ASN D 189 -2.02 12.27 63.61
CA ASN D 189 -3.03 12.00 64.64
C ASN D 189 -4.45 12.28 64.15
N HIS D 190 -5.46 11.99 64.98
CA HIS D 190 -6.85 12.19 64.63
C HIS D 190 -7.18 13.63 64.28
N GLU D 191 -6.67 14.60 65.05
CA GLU D 191 -6.94 16.01 64.77
C GLU D 191 -6.41 16.45 63.41
N GLY D 192 -5.20 16.00 63.05
CA GLY D 192 -4.64 16.32 61.75
C GLY D 192 -5.49 15.78 60.61
N VAL D 193 -6.02 14.56 60.77
CA VAL D 193 -6.90 13.97 59.75
C VAL D 193 -8.21 14.76 59.65
N LYS D 194 -8.81 15.09 60.80
CA LYS D 194 -10.07 15.85 60.82
C LYS D 194 -9.95 17.27 60.29
N ARG D 195 -8.82 17.93 60.55
CA ARG D 195 -8.59 19.28 60.03
C ARG D 195 -7.71 19.27 58.77
N PHE D 196 -7.67 18.13 58.04
CA PHE D 196 -6.87 17.99 56.84
C PHE D 196 -7.03 19.10 55.82
N ASP D 197 -8.28 19.45 55.47
CA ASP D 197 -8.51 20.47 54.44
C ASP D 197 -7.87 21.82 54.75
N GLU D 198 -7.98 22.28 55.99
CA GLU D 198 -7.38 23.55 56.37
C GLU D 198 -5.84 23.47 56.39
N ILE D 199 -5.29 22.30 56.73
CA ILE D 199 -3.84 22.09 56.75
C ILE D 199 -3.29 22.08 55.32
N LEU D 200 -3.92 21.31 54.43
CA LEU D 200 -3.48 21.22 53.03
C LEU D 200 -3.50 22.58 52.34
N GLU D 201 -4.55 23.38 52.60
CA GLU D 201 -4.69 24.71 51.99
C GLU D 201 -3.47 25.60 52.21
N VAL D 202 -2.86 25.56 53.39
CA VAL D 202 -1.70 26.41 53.70
C VAL D 202 -0.33 25.69 53.57
N SER D 203 -0.32 24.39 53.30
CA SER D 203 0.92 23.63 53.18
C SER D 203 1.30 23.47 51.71
N ASP D 204 2.57 23.18 51.45
CA ASP D 204 3.01 22.87 50.09
C ASP D 204 2.66 21.41 49.73
N GLY D 205 2.49 20.56 50.72
CA GLY D 205 2.20 19.15 50.55
C GLY D 205 2.00 18.44 51.87
N ILE D 206 1.82 17.12 51.81
CA ILE D 206 1.50 16.35 53.00
C ILE D 206 2.34 15.09 53.08
N MET D 207 2.62 14.64 54.30
CA MET D 207 3.21 13.34 54.51
C MET D 207 2.23 12.52 55.34
N VAL D 208 1.88 11.32 54.87
CA VAL D 208 1.06 10.39 55.62
C VAL D 208 2.04 9.64 56.52
N ALA D 209 2.19 10.11 57.77
CA ALA D 209 3.15 9.57 58.72
C ALA D 209 2.50 8.42 59.43
N ARG D 210 2.53 7.24 58.82
CA ARG D 210 1.79 6.07 59.28
C ARG D 210 2.22 5.51 60.63
N GLY D 211 3.48 5.74 61.02
CA GLY D 211 4.00 5.26 62.31
C GLY D 211 3.18 5.80 63.47
N ASP D 212 3.19 7.12 63.66
CA ASP D 212 2.42 7.74 64.73
C ASP D 212 0.93 7.64 64.48
N LEU D 213 0.49 7.78 63.21
CA LEU D 213 -0.93 7.67 62.88
C LEU D 213 -1.51 6.32 63.33
N GLY D 214 -0.75 5.25 63.16
CA GLY D 214 -1.14 3.89 63.55
C GLY D 214 -1.19 3.63 65.05
N ILE D 215 -0.69 4.56 65.86
CA ILE D 215 -0.73 4.53 67.32
C ILE D 215 -1.83 5.48 67.82
N GLU D 216 -2.04 6.62 67.12
CA GLU D 216 -3.03 7.62 67.48
C GLU D 216 -4.45 7.21 67.11
N ILE D 217 -4.62 6.48 66.00
CA ILE D 217 -5.92 5.97 65.57
C ILE D 217 -5.81 4.44 65.45
N PRO D 218 -6.94 3.67 65.43
CA PRO D 218 -6.82 2.21 65.27
C PRO D 218 -6.01 1.83 64.03
N ALA D 219 -5.09 0.88 64.18
CA ALA D 219 -4.19 0.44 63.11
C ALA D 219 -4.95 0.03 61.85
N GLU D 220 -6.12 -0.60 62.01
CA GLU D 220 -6.94 -1.04 60.89
C GLU D 220 -7.60 0.10 60.11
N LYS D 221 -7.50 1.34 60.57
CA LYS D 221 -8.08 2.48 59.87
C LYS D 221 -7.03 3.31 59.10
N VAL D 222 -5.72 3.06 59.31
CA VAL D 222 -4.67 3.85 58.66
C VAL D 222 -4.79 3.86 57.13
N PHE D 223 -5.13 2.71 56.51
CA PHE D 223 -5.27 2.69 55.06
C PHE D 223 -6.35 3.65 54.55
N LEU D 224 -7.41 3.88 55.34
CA LEU D 224 -8.49 4.81 54.95
C LEU D 224 -7.95 6.24 54.98
N ALA D 225 -7.19 6.58 56.02
CA ALA D 225 -6.61 7.93 56.14
C ALA D 225 -5.58 8.12 54.99
N GLN D 226 -4.76 7.12 54.71
CA GLN D 226 -3.78 7.20 53.62
C GLN D 226 -4.47 7.41 52.26
N LYS D 227 -5.47 6.58 51.92
CA LYS D 227 -6.17 6.71 50.64
C LYS D 227 -6.90 8.03 50.50
N MET D 228 -7.53 8.52 51.60
CA MET D 228 -8.24 9.79 51.58
C MET D 228 -7.26 10.95 51.35
N MET D 229 -6.15 10.97 52.08
CA MET D 229 -5.19 12.08 51.97
C MET D 229 -4.52 12.09 50.62
N ILE D 230 -4.18 10.93 50.07
CA ILE D 230 -3.59 10.85 48.74
C ILE D 230 -4.59 11.38 47.69
N GLY D 231 -5.85 10.94 47.77
CA GLY D 231 -6.89 11.41 46.85
C GLY D 231 -7.09 12.92 46.92
N ARG D 232 -7.15 13.47 48.13
CA ARG D 232 -7.33 14.93 48.29
C ARG D 232 -6.13 15.72 47.81
N CYS D 233 -4.90 15.20 48.03
CA CYS D 233 -3.70 15.88 47.52
C CYS D 233 -3.65 15.81 46.01
N ASN D 234 -4.06 14.69 45.41
CA ASN D 234 -4.08 14.56 43.95
C ASN D 234 -5.10 15.56 43.38
N LEU D 235 -6.25 15.71 44.03
CA LEU D 235 -7.27 16.66 43.59
C LEU D 235 -6.74 18.11 43.69
N ALA D 236 -6.03 18.43 44.78
CA ALA D 236 -5.47 19.75 44.98
C ALA D 236 -4.20 20.03 44.14
N GLY D 237 -3.61 18.99 43.54
CA GLY D 237 -2.38 19.14 42.76
C GLY D 237 -1.17 19.44 43.64
N LYS D 238 -1.18 18.92 44.87
CA LYS D 238 -0.08 19.13 45.80
C LYS D 238 0.58 17.80 46.17
N PRO D 239 1.92 17.79 46.35
CA PRO D 239 2.62 16.53 46.67
C PRO D 239 2.18 15.82 47.92
N VAL D 240 2.16 14.47 47.86
CA VAL D 240 1.83 13.65 49.00
C VAL D 240 2.86 12.53 49.12
N VAL D 241 3.35 12.32 50.34
CA VAL D 241 4.38 11.32 50.62
C VAL D 241 3.80 10.19 51.44
N CYS D 242 4.06 8.94 51.06
CA CYS D 242 3.65 7.80 51.88
C CYS D 242 4.90 7.39 52.68
N ALA D 243 4.74 7.23 54.00
CA ALA D 243 5.89 6.92 54.84
C ALA D 243 5.65 5.82 55.85
N THR D 244 6.77 5.17 56.31
CA THR D 244 6.95 4.28 57.46
C THR D 244 6.61 2.82 57.23
N GLN D 245 7.64 1.98 57.50
CA GLN D 245 7.60 0.51 57.46
C GLN D 245 7.26 -0.06 56.09
N MET D 246 7.51 0.69 55.00
CA MET D 246 7.18 0.21 53.66
C MET D 246 7.97 -1.04 53.29
N LEU D 247 9.26 -1.09 53.67
CA LEU D 247 10.11 -2.26 53.42
C LEU D 247 10.86 -2.62 54.73
N GLU D 248 10.19 -2.52 55.88
CA GLU D 248 10.74 -2.70 57.21
C GLU D 248 11.66 -3.91 57.40
N SER D 249 11.25 -5.08 56.90
CA SER D 249 12.06 -6.29 57.05
C SER D 249 13.43 -6.18 56.37
N MET D 250 13.59 -5.24 55.37
CA MET D 250 14.90 -5.04 54.74
C MET D 250 15.92 -4.31 55.62
N ILE D 251 15.55 -3.94 56.85
CA ILE D 251 16.51 -3.42 57.82
C ILE D 251 17.55 -4.54 58.14
N THR D 252 17.07 -5.80 58.21
CA THR D 252 17.94 -6.94 58.51
C THR D 252 17.99 -7.99 57.41
N LYS D 253 17.00 -8.04 56.51
CA LYS D 253 16.93 -9.07 55.46
C LYS D 253 17.17 -8.53 54.04
N PRO D 254 17.79 -9.35 53.17
CA PRO D 254 18.13 -8.85 51.83
C PRO D 254 16.94 -8.69 50.88
N ARG D 255 15.81 -9.33 51.19
CA ARG D 255 14.60 -9.29 50.38
C ARG D 255 13.40 -8.95 51.28
N PRO D 256 12.45 -8.17 50.77
CA PRO D 256 11.29 -7.80 51.60
C PRO D 256 10.18 -8.87 51.60
N THR D 257 9.20 -8.72 52.48
CA THR D 257 8.08 -9.65 52.53
C THR D 257 7.09 -9.35 51.37
N ARG D 258 6.14 -10.27 51.13
CA ARG D 258 5.11 -10.07 50.10
C ARG D 258 4.21 -8.90 50.46
N ALA D 259 3.97 -8.64 51.75
CA ALA D 259 3.13 -7.52 52.18
C ALA D 259 3.82 -6.19 51.92
N GLU D 260 5.15 -6.14 52.09
CA GLU D 260 5.95 -4.94 51.88
C GLU D 260 6.00 -4.53 50.41
N THR D 261 6.22 -5.48 49.49
CA THR D 261 6.23 -5.13 48.07
C THR D 261 4.84 -4.65 47.64
N SER D 262 3.80 -5.31 48.16
CA SER D 262 2.41 -4.95 47.90
C SER D 262 2.13 -3.52 48.41
N ASP D 263 2.60 -3.18 49.62
CA ASP D 263 2.40 -1.85 50.20
C ASP D 263 3.02 -0.74 49.34
N VAL D 264 4.25 -0.96 48.85
CA VAL D 264 4.91 0.02 47.98
C VAL D 264 4.12 0.17 46.67
N ALA D 265 3.75 -0.95 46.04
CA ALA D 265 2.99 -0.91 44.78
C ALA D 265 1.66 -0.21 44.95
N ASN D 266 0.96 -0.49 46.06
CA ASN D 266 -0.33 0.12 46.31
C ASN D 266 -0.25 1.59 46.66
N ALA D 267 0.84 2.05 47.30
CA ALA D 267 1.01 3.49 47.59
C ALA D 267 1.15 4.25 46.27
N VAL D 268 1.92 3.69 45.31
CA VAL D 268 2.07 4.28 43.98
C VAL D 268 0.73 4.26 43.23
N LEU D 269 0.04 3.11 43.23
CA LEU D 269 -1.26 3.01 42.58
C LEU D 269 -2.29 3.96 43.21
N ASP D 270 -2.24 4.18 44.54
CA ASP D 270 -3.14 5.10 45.24
C ASP D 270 -2.96 6.54 44.70
N GLY D 271 -1.73 6.90 44.34
CA GLY D 271 -1.40 8.21 43.79
C GLY D 271 -0.32 8.96 44.52
N ALA D 272 0.48 8.26 45.37
CA ALA D 272 1.54 8.97 46.11
C ALA D 272 2.58 9.56 45.18
N ASP D 273 3.00 10.81 45.44
CA ASP D 273 4.06 11.43 44.65
C ASP D 273 5.42 10.87 45.08
N CYS D 274 5.59 10.61 46.38
CA CYS D 274 6.85 10.11 46.95
C CYS D 274 6.58 8.91 47.86
N ILE D 275 7.59 8.06 47.96
CA ILE D 275 7.61 6.95 48.90
C ILE D 275 8.89 7.11 49.73
N MET D 276 8.85 6.63 50.99
CA MET D 276 9.95 6.89 51.90
C MET D 276 10.52 5.63 52.53
N LEU D 277 11.80 5.73 52.91
CA LEU D 277 12.55 4.71 53.63
C LEU D 277 13.09 5.41 54.89
N SER D 278 12.92 4.78 56.04
CA SER D 278 13.35 5.33 57.33
C SER D 278 14.49 4.46 57.87
N GLY D 279 14.22 3.49 58.75
CA GLY D 279 15.25 2.60 59.25
C GLY D 279 15.94 1.82 58.16
N GLU D 280 15.21 1.52 57.06
CA GLU D 280 15.75 0.78 55.92
C GLU D 280 16.99 1.43 55.36
N THR D 281 17.07 2.78 55.37
CA THR D 281 18.29 3.44 54.89
C THR D 281 19.07 4.09 56.02
N ALA D 282 18.44 4.45 57.14
CA ALA D 282 19.14 5.16 58.22
C ALA D 282 20.05 4.24 59.02
N LYS D 283 19.58 3.02 59.33
CA LYS D 283 20.34 2.13 60.19
C LYS D 283 20.46 0.70 59.75
N GLY D 284 19.78 0.33 58.68
CA GLY D 284 19.78 -1.07 58.26
C GLY D 284 21.02 -1.53 57.53
N ASN D 285 21.06 -2.81 57.24
CA ASN D 285 22.19 -3.41 56.55
C ASN D 285 22.06 -3.43 55.03
N PHE D 286 20.90 -3.01 54.49
CA PHE D 286 20.66 -3.00 53.04
C PHE D 286 20.13 -1.63 52.51
N PRO D 287 20.79 -0.51 52.84
CA PRO D 287 20.27 0.79 52.38
C PRO D 287 20.19 0.94 50.88
N VAL D 288 21.24 0.53 50.16
CA VAL D 288 21.23 0.65 48.71
C VAL D 288 20.20 -0.28 48.10
N GLU D 289 20.12 -1.53 48.63
CA GLU D 289 19.16 -2.51 48.11
C GLU D 289 17.71 -2.08 48.37
N ALA D 290 17.46 -1.38 49.48
CA ALA D 290 16.12 -0.92 49.81
C ALA D 290 15.69 0.15 48.80
N VAL D 291 16.61 1.05 48.41
CA VAL D 291 16.37 2.07 47.41
C VAL D 291 16.10 1.39 46.05
N LYS D 292 16.94 0.40 45.69
CA LYS D 292 16.78 -0.35 44.44
C LYS D 292 15.42 -1.07 44.39
N MET D 293 14.98 -1.64 45.52
CA MET D 293 13.70 -2.35 45.58
C MET D 293 12.53 -1.38 45.39
N GLN D 294 12.54 -0.21 46.06
CA GLN D 294 11.48 0.80 45.86
C GLN D 294 11.46 1.26 44.43
N HIS D 295 12.64 1.47 43.81
CA HIS D 295 12.74 1.85 42.40
C HIS D 295 12.06 0.81 41.50
N ALA D 296 12.42 -0.48 41.67
CA ALA D 296 11.89 -1.56 40.85
C ALA D 296 10.37 -1.70 40.97
N ILE D 297 9.85 -1.62 42.20
CA ILE D 297 8.41 -1.75 42.42
C ILE D 297 7.65 -0.56 41.84
N ALA D 298 8.10 0.67 42.13
CA ALA D 298 7.45 1.89 41.65
C ALA D 298 7.34 1.90 40.12
N ARG D 299 8.40 1.49 39.43
CA ARG D 299 8.37 1.44 37.97
C ARG D 299 7.29 0.48 37.45
N GLU D 300 7.15 -0.69 38.07
CA GLU D 300 6.11 -1.65 37.67
C GLU D 300 4.71 -1.08 37.95
N ALA D 301 4.55 -0.47 39.14
CA ALA D 301 3.25 0.05 39.56
C ALA D 301 2.80 1.26 38.73
N GLU D 302 3.73 2.11 38.33
CA GLU D 302 3.40 3.28 37.51
C GLU D 302 2.84 2.88 36.15
N ALA D 303 3.38 1.82 35.56
CA ALA D 303 2.86 1.32 34.27
C ALA D 303 1.46 0.75 34.43
N ALA D 304 1.13 0.19 35.62
CA ALA D 304 -0.17 -0.41 35.93
C ALA D 304 -1.26 0.61 36.30
N VAL D 305 -0.94 1.90 36.33
CA VAL D 305 -1.93 2.95 36.63
C VAL D 305 -2.95 3.00 35.47
N TYR D 306 -4.24 3.04 35.77
CA TYR D 306 -5.27 3.10 34.74
C TYR D 306 -5.48 4.57 34.35
N HIS D 307 -4.57 5.11 33.51
CA HIS D 307 -4.58 6.53 33.11
C HIS D 307 -5.87 6.96 32.44
N ARG D 308 -6.57 6.05 31.73
CA ARG D 308 -7.82 6.40 31.05
C ARG D 308 -8.85 6.96 32.05
N GLN D 309 -9.01 6.29 33.20
CA GLN D 309 -9.94 6.79 34.21
C GLN D 309 -9.32 7.92 35.03
N LEU D 310 -8.06 7.78 35.43
CA LEU D 310 -7.38 8.80 36.22
C LEU D 310 -7.39 10.18 35.56
N PHE D 311 -6.98 10.27 34.28
CA PHE D 311 -6.96 11.54 33.56
C PHE D 311 -8.34 12.13 33.44
N GLU D 312 -9.35 11.29 33.10
CA GLU D 312 -10.75 11.74 32.97
C GLU D 312 -11.25 12.33 34.28
N GLU D 313 -10.96 11.66 35.41
CA GLU D 313 -11.42 12.14 36.71
C GLU D 313 -10.68 13.38 37.19
N LEU D 314 -9.37 13.48 36.93
CA LEU D 314 -8.60 14.66 37.33
C LEU D 314 -9.10 15.88 36.55
N ARG D 315 -9.37 15.71 35.26
CA ARG D 315 -9.90 16.79 34.41
C ARG D 315 -11.28 17.23 34.87
N ARG D 316 -12.19 16.26 35.10
CA ARG D 316 -13.56 16.54 35.52
C ARG D 316 -13.61 17.26 36.86
N ALA D 317 -12.74 16.85 37.80
CA ALA D 317 -12.75 17.43 39.14
C ALA D 317 -12.02 18.75 39.25
N ALA D 318 -11.06 19.02 38.36
CA ALA D 318 -10.31 20.26 38.41
C ALA D 318 -11.19 21.40 37.91
N PRO D 319 -11.22 22.51 38.66
CA PRO D 319 -12.06 23.63 38.25
C PRO D 319 -11.54 24.33 36.99
N LEU D 320 -12.41 25.14 36.36
CA LEU D 320 -12.04 25.95 35.20
C LEU D 320 -10.96 26.93 35.65
N SER D 321 -10.06 27.29 34.74
CA SER D 321 -8.98 28.19 35.11
C SER D 321 -8.71 29.24 34.07
N ARG D 322 -8.41 30.44 34.52
CA ARG D 322 -7.99 31.52 33.64
C ARG D 322 -6.45 31.77 33.73
N ASP D 323 -5.71 30.90 34.43
CA ASP D 323 -4.27 31.00 34.56
C ASP D 323 -3.66 30.35 33.33
N PRO D 324 -2.89 31.11 32.52
CA PRO D 324 -2.30 30.52 31.31
C PRO D 324 -1.40 29.31 31.54
N THR D 325 -0.66 29.25 32.67
CA THR D 325 0.20 28.10 32.95
C THR D 325 -0.65 26.84 33.11
N GLU D 326 -1.75 26.94 33.85
CA GLU D 326 -2.66 25.83 34.09
C GLU D 326 -3.35 25.40 32.78
N VAL D 327 -3.76 26.37 31.96
CA VAL D 327 -4.43 26.08 30.69
C VAL D 327 -3.44 25.39 29.72
N THR D 328 -2.20 25.89 29.67
CA THR D 328 -1.18 25.29 28.81
C THR D 328 -0.86 23.87 29.30
N ALA D 329 -0.77 23.68 30.62
CA ALA D 329 -0.47 22.34 31.20
C ALA D 329 -1.48 21.27 30.79
N ILE D 330 -2.80 21.55 30.88
CA ILE D 330 -3.81 20.55 30.51
C ILE D 330 -3.78 20.28 29.00
N GLY D 331 -3.55 21.32 28.20
CA GLY D 331 -3.42 21.15 26.76
C GLY D 331 -2.22 20.30 26.41
N ALA D 332 -1.08 20.52 27.10
CA ALA D 332 0.14 19.76 26.87
C ALA D 332 -0.04 18.30 27.26
N VAL D 333 -0.72 18.02 28.38
CA VAL D 333 -0.91 16.64 28.86
C VAL D 333 -1.85 15.90 27.89
N GLU D 334 -2.90 16.58 27.41
CA GLU D 334 -3.83 16.00 26.45
CA GLU D 334 -3.83 16.02 26.44
C GLU D 334 -3.08 15.68 25.15
N ALA D 335 -2.23 16.62 24.66
CA ALA D 335 -1.42 16.41 23.45
C ALA D 335 -0.45 15.23 23.64
N ALA D 336 0.19 15.12 24.82
CA ALA D 336 1.14 14.03 25.08
C ALA D 336 0.44 12.68 25.00
N PHE D 337 -0.76 12.56 25.56
CA PHE D 337 -1.52 11.29 25.51
C PHE D 337 -1.94 10.95 24.05
N LYS D 338 -2.29 11.97 23.26
CA LYS D 338 -2.73 11.78 21.88
C LYS D 338 -1.68 11.15 21.00
N CYS D 339 -0.41 11.51 21.19
CA CYS D 339 0.68 11.00 20.36
C CYS D 339 1.59 10.01 21.05
N CYS D 340 1.29 9.60 22.29
CA CYS D 340 2.18 8.72 23.08
C CYS D 340 3.56 9.36 23.20
N ALA D 341 3.58 10.68 23.50
CA ALA D 341 4.83 11.43 23.61
C ALA D 341 5.80 10.77 24.61
N ALA D 342 7.08 10.70 24.27
CA ALA D 342 8.07 10.12 25.19
C ALA D 342 8.29 11.05 26.38
N ALA D 343 8.15 12.38 26.17
CA ALA D 343 8.38 13.33 27.25
C ALA D 343 7.68 14.67 26.98
N ILE D 344 7.47 15.45 28.05
CA ILE D 344 7.03 16.83 28.01
C ILE D 344 8.25 17.59 28.57
N ILE D 345 8.92 18.41 27.74
CA ILE D 345 10.07 19.18 28.22
C ILE D 345 9.56 20.55 28.61
N VAL D 346 9.77 20.96 29.86
CA VAL D 346 9.27 22.25 30.34
C VAL D 346 10.39 23.11 30.93
N LEU D 347 10.37 24.40 30.62
CA LEU D 347 11.32 25.32 31.23
C LEU D 347 10.63 25.89 32.47
N THR D 348 11.33 25.92 33.60
CA THR D 348 10.74 26.41 34.84
C THR D 348 11.75 27.10 35.74
N THR D 349 11.35 28.20 36.38
CA THR D 349 12.23 28.95 37.28
C THR D 349 11.98 28.49 38.71
N THR D 350 10.71 28.34 39.11
CA THR D 350 10.33 27.96 40.47
C THR D 350 9.90 26.49 40.61
N GLY D 351 9.67 25.80 39.50
CA GLY D 351 9.11 24.45 39.45
C GLY D 351 7.61 24.42 39.19
N ARG D 352 6.92 25.56 39.33
CA ARG D 352 5.47 25.63 39.19
C ARG D 352 4.90 25.09 37.87
N SER D 353 5.54 25.42 36.72
CA SER D 353 5.02 24.93 35.44
C SER D 353 5.11 23.38 35.38
N ALA D 354 6.16 22.80 35.99
CA ALA D 354 6.32 21.34 36.03
C ALA D 354 5.29 20.72 36.98
N GLN D 355 5.03 21.37 38.12
CA GLN D 355 4.03 20.90 39.07
C GLN D 355 2.63 20.84 38.43
N LEU D 356 2.27 21.86 37.63
CA LEU D 356 0.96 21.90 37.00
C LEU D 356 0.81 20.85 35.90
N LEU D 357 1.91 20.42 35.28
CA LEU D 357 1.86 19.33 34.31
C LEU D 357 1.69 18.00 35.09
N SER D 358 2.48 17.82 36.15
CA SER D 358 2.48 16.64 37.02
C SER D 358 1.07 16.34 37.64
N ARG D 359 0.31 17.38 37.98
CA ARG D 359 -0.99 17.21 38.60
C ARG D 359 -2.01 16.46 37.71
N TYR D 360 -1.80 16.49 36.38
CA TYR D 360 -2.67 15.77 35.45
C TYR D 360 -2.19 14.34 35.17
N ARG D 361 -1.15 13.88 35.88
CA ARG D 361 -0.58 12.55 35.82
C ARG D 361 -0.35 12.04 34.39
N PRO D 362 0.45 12.75 33.58
CA PRO D 362 0.78 12.22 32.25
C PRO D 362 1.60 10.93 32.37
N ARG D 363 1.50 10.08 31.36
CA ARG D 363 2.35 8.90 31.26
C ARG D 363 3.76 9.38 30.79
N ALA D 364 3.79 10.45 29.93
CA ALA D 364 5.04 11.03 29.44
C ALA D 364 5.82 11.62 30.60
N ALA D 365 7.13 11.41 30.63
CA ALA D 365 8.01 11.97 31.65
C ALA D 365 7.99 13.51 31.52
N VAL D 366 7.97 14.23 32.63
CA VAL D 366 8.05 15.69 32.58
C VAL D 366 9.51 16.07 32.85
N ILE D 367 10.27 16.41 31.80
CA ILE D 367 11.65 16.78 31.94
C ILE D 367 11.70 18.30 32.21
N ALA D 368 12.07 18.69 33.43
CA ALA D 368 12.03 20.10 33.82
C ALA D 368 13.43 20.70 33.79
N VAL D 369 13.65 21.67 32.91
CA VAL D 369 14.94 22.33 32.79
C VAL D 369 14.90 23.64 33.56
N THR D 370 15.82 23.80 34.50
CA THR D 370 15.87 25.01 35.32
C THR D 370 17.30 25.45 35.62
N ARG D 371 17.50 26.75 35.88
CA ARG D 371 18.77 27.28 36.36
C ARG D 371 18.79 27.32 37.89
N SER D 372 17.62 27.23 38.55
CA SER D 372 17.56 27.28 39.99
C SER D 372 17.93 25.92 40.56
N ALA D 373 19.06 25.86 41.27
CA ALA D 373 19.48 24.61 41.90
C ALA D 373 18.46 24.15 42.93
N GLN D 374 17.87 25.11 43.66
CA GLN D 374 16.85 24.82 44.65
C GLN D 374 15.56 24.27 44.04
N ALA D 375 15.06 24.90 42.96
CA ALA D 375 13.85 24.40 42.30
C ALA D 375 14.09 23.00 41.74
N ALA D 376 15.29 22.75 41.19
CA ALA D 376 15.64 21.43 40.65
C ALA D 376 15.56 20.35 41.74
N ARG D 377 15.99 20.67 42.95
CA ARG D 377 15.90 19.74 44.06
C ARG D 377 14.43 19.58 44.52
N GLN D 378 13.72 20.70 44.67
CA GLN D 378 12.34 20.66 45.17
C GLN D 378 11.33 19.98 44.25
N VAL D 379 11.50 20.03 42.91
CA VAL D 379 10.51 19.41 42.03
C VAL D 379 10.46 17.88 42.14
N HIS D 380 11.43 17.27 42.86
CA HIS D 380 11.36 15.82 43.12
C HIS D 380 10.09 15.48 43.93
N LEU D 381 9.48 16.48 44.62
CA LEU D 381 8.24 16.23 45.35
C LEU D 381 7.06 15.91 44.41
N CYS D 382 7.14 16.29 43.12
CA CYS D 382 6.04 16.08 42.18
C CYS D 382 6.24 14.87 41.31
N ARG D 383 5.29 13.93 41.31
CA ARG D 383 5.44 12.71 40.52
C ARG D 383 5.70 12.95 39.05
N GLY D 384 6.69 12.24 38.52
CA GLY D 384 6.97 12.28 37.09
C GLY D 384 7.73 13.49 36.62
N VAL D 385 8.33 14.25 37.53
CA VAL D 385 9.16 15.40 37.17
C VAL D 385 10.61 15.02 37.34
N PHE D 386 11.37 15.07 36.24
CA PHE D 386 12.77 14.74 36.16
C PHE D 386 13.55 16.06 36.01
N PRO D 387 14.13 16.57 37.09
CA PRO D 387 14.83 17.87 37.02
C PRO D 387 16.21 17.81 36.39
N LEU D 388 16.48 18.81 35.54
CA LEU D 388 17.77 18.97 34.90
C LEU D 388 18.27 20.36 35.26
N LEU D 389 19.44 20.45 35.90
CA LEU D 389 20.01 21.72 36.27
C LEU D 389 20.89 22.25 35.14
N TYR D 390 20.50 23.38 34.58
CA TYR D 390 21.21 24.03 33.49
C TYR D 390 22.20 25.05 34.08
N ARG D 391 23.49 24.88 33.81
CA ARG D 391 24.52 25.74 34.42
C ARG D 391 25.06 26.85 33.55
N GLU D 392 24.74 26.85 32.25
CA GLU D 392 25.26 27.87 31.33
C GLU D 392 24.72 29.26 31.57
N PRO D 393 25.55 30.30 31.40
CA PRO D 393 25.03 31.67 31.55
C PRO D 393 24.09 32.02 30.39
N PRO D 394 23.16 32.96 30.62
CA PRO D 394 22.21 33.33 29.56
C PRO D 394 22.80 33.84 28.26
N GLU D 395 22.22 33.40 27.13
CA GLU D 395 22.56 33.87 25.79
C GLU D 395 22.04 35.31 25.66
N ALA D 396 22.66 36.11 24.79
CA ALA D 396 22.21 37.50 24.59
C ALA D 396 20.80 37.54 23.99
N ILE D 397 20.49 36.61 23.08
CA ILE D 397 19.17 36.55 22.47
C ILE D 397 18.35 35.55 23.28
N TRP D 398 17.27 36.03 23.93
CA TRP D 398 16.43 35.21 24.79
C TRP D 398 15.86 33.98 24.09
N ALA D 399 15.39 34.11 22.84
CA ALA D 399 14.89 32.94 22.08
C ALA D 399 15.96 31.87 21.89
N ASP D 400 17.23 32.27 21.71
CA ASP D 400 18.32 31.30 21.59
C ASP D 400 18.58 30.63 22.94
N ASP D 401 18.48 31.38 24.03
CA ASP D 401 18.69 30.84 25.37
C ASP D 401 17.62 29.77 25.69
N VAL D 402 16.37 30.03 25.29
CA VAL D 402 15.25 29.10 25.45
C VAL D 402 15.54 27.84 24.63
N ASP D 403 15.91 28.01 23.34
CA ASP D 403 16.25 26.88 22.48
C ASP D 403 17.40 26.04 23.01
N ARG D 404 18.45 26.67 23.56
CA ARG D 404 19.57 25.94 24.12
C ARG D 404 19.15 25.09 25.31
N ARG D 405 18.22 25.60 26.13
CA ARG D 405 17.72 24.84 27.28
C ARG D 405 16.86 23.66 26.84
N VAL D 406 16.06 23.84 25.78
CA VAL D 406 15.24 22.75 25.24
C VAL D 406 16.17 21.67 24.66
N GLN D 407 17.24 22.08 23.96
CA GLN D 407 18.21 21.12 23.42
C GLN D 407 18.95 20.38 24.52
N PHE D 408 19.25 21.07 25.63
CA PHE D 408 19.86 20.44 26.79
C PHE D 408 18.94 19.34 27.36
N GLY D 409 17.63 19.61 27.41
CA GLY D 409 16.64 18.65 27.86
C GLY D 409 16.62 17.43 26.95
N ILE D 410 16.64 17.65 25.63
CA ILE D 410 16.67 16.58 24.62
C ILE D 410 17.96 15.74 24.73
N GLU D 411 19.13 16.38 24.78
CA GLU D 411 20.40 15.69 24.89
C GLU D 411 20.52 14.89 26.19
N SER D 412 20.02 15.45 27.30
CA SER D 412 20.03 14.72 28.57
C SER D 412 19.10 13.53 28.49
N GLY D 413 17.91 13.73 27.91
CA GLY D 413 16.93 12.68 27.75
C GLY D 413 17.43 11.54 26.86
N LYS D 414 18.19 11.85 25.80
CA LYS D 414 18.75 10.83 24.92
C LYS D 414 19.82 10.03 25.68
N LEU D 415 20.71 10.73 26.40
CA LEU D 415 21.77 10.09 27.17
C LEU D 415 21.21 9.17 28.26
N ARG D 416 20.13 9.60 28.91
CA ARG D 416 19.53 8.83 30.00
C ARG D 416 18.55 7.73 29.55
N GLY D 417 18.21 7.69 28.27
CA GLY D 417 17.29 6.67 27.76
C GLY D 417 15.83 7.06 27.71
N PHE D 418 15.51 8.30 28.06
CA PHE D 418 14.12 8.80 28.00
C PHE D 418 13.65 8.99 26.55
N LEU D 419 14.57 9.41 25.68
CA LEU D 419 14.24 9.79 24.31
C LEU D 419 15.13 9.12 23.31
N ARG D 420 14.58 8.92 22.11
CA ARG D 420 15.28 8.38 20.94
C ARG D 420 14.86 9.18 19.71
N VAL D 421 15.68 9.13 18.65
CA VAL D 421 15.37 9.76 17.36
C VAL D 421 14.06 9.19 16.82
N GLY D 422 13.14 10.06 16.43
CA GLY D 422 11.84 9.62 15.95
C GLY D 422 10.73 9.80 16.96
N ASP D 423 11.07 9.94 18.26
CA ASP D 423 10.07 10.17 19.30
C ASP D 423 9.43 11.55 19.13
N LEU D 424 8.21 11.70 19.63
CA LEU D 424 7.55 12.99 19.68
C LEU D 424 7.66 13.47 21.11
N VAL D 425 7.85 14.75 21.28
CA VAL D 425 7.97 15.37 22.56
C VAL D 425 7.07 16.65 22.56
N ILE D 426 6.52 17.00 23.71
CA ILE D 426 5.72 18.22 23.86
C ILE D 426 6.67 19.21 24.59
N VAL D 427 6.83 20.43 24.08
CA VAL D 427 7.75 21.41 24.66
C VAL D 427 6.91 22.57 25.21
N VAL D 428 7.05 22.87 26.51
CA VAL D 428 6.29 23.88 27.22
C VAL D 428 7.20 25.02 27.65
N THR D 429 6.94 26.22 27.12
CA THR D 429 7.73 27.42 27.41
C THR D 429 6.77 28.62 27.65
N GLY D 430 7.33 29.82 27.86
CA GLY D 430 6.57 31.04 28.05
C GLY D 430 6.94 32.15 27.07
N TRP D 431 6.19 33.24 27.12
CA TRP D 431 6.34 34.32 26.13
C TRP D 431 7.36 35.39 26.52
N ARG D 432 7.81 35.39 27.78
CA ARG D 432 8.81 36.36 28.23
C ARG D 432 9.66 35.75 29.36
N PRO D 433 10.84 36.32 29.66
CA PRO D 433 11.64 35.79 30.78
C PRO D 433 10.96 36.00 32.14
N GLY D 434 11.38 35.24 33.13
CA GLY D 434 10.82 35.34 34.46
C GLY D 434 9.72 34.33 34.70
N SER D 435 9.49 34.00 35.97
CA SER D 435 8.49 33.04 36.40
CA SER D 435 8.48 33.02 36.34
C SER D 435 7.07 33.57 36.19
N GLY D 436 6.13 32.67 35.90
CA GLY D 436 4.72 33.01 35.79
C GLY D 436 4.16 33.25 34.41
N TYR D 437 4.97 33.09 33.37
CA TYR D 437 4.52 33.40 32.01
C TYR D 437 4.48 32.24 31.03
N THR D 438 4.43 30.99 31.56
CA THR D 438 4.25 29.85 30.66
C THR D 438 2.91 29.96 29.94
N ASN D 439 2.94 29.78 28.61
CA ASN D 439 1.72 29.88 27.83
C ASN D 439 1.79 29.19 26.46
N ILE D 440 2.87 28.46 26.16
CA ILE D 440 3.08 27.83 24.86
C ILE D 440 3.40 26.34 24.98
N MET D 441 2.78 25.56 24.10
CA MET D 441 2.94 24.14 23.98
C MET D 441 3.29 23.86 22.46
N ARG D 442 4.35 23.09 22.20
CA ARG D 442 4.80 22.82 20.84
C ARG D 442 5.08 21.32 20.64
N VAL D 443 4.66 20.75 19.51
CA VAL D 443 4.88 19.31 19.22
C VAL D 443 6.15 19.19 18.40
N LEU D 444 7.17 18.52 18.96
CA LEU D 444 8.48 18.42 18.35
C LEU D 444 8.90 16.99 18.06
N SER D 445 9.46 16.75 16.88
CA SER D 445 9.97 15.44 16.53
C SER D 445 11.46 15.40 16.86
N ILE D 446 11.90 14.38 17.61
CA ILE D 446 13.31 14.24 17.98
C ILE D 446 14.19 13.85 16.78
N SER D 447 15.19 14.66 16.47
CA SER D 447 16.12 14.37 15.38
C SER D 447 17.52 14.03 15.92
N ALA E 25 35.08 -1.92 -6.53
CA ALA E 25 35.10 -3.14 -7.33
C ALA E 25 35.45 -2.88 -8.78
N PHE E 26 36.08 -3.88 -9.42
CA PHE E 26 36.48 -3.82 -10.82
C PHE E 26 35.24 -3.56 -11.72
N PHE E 27 34.15 -4.29 -11.46
CA PHE E 27 32.94 -4.19 -12.26
C PHE E 27 32.09 -2.95 -11.97
N GLN E 28 32.50 -2.10 -11.01
CA GLN E 28 31.78 -0.84 -10.74
C GLN E 28 32.46 0.35 -11.45
N GLN E 29 33.76 0.24 -11.77
CA GLN E 29 34.57 1.27 -12.44
C GLN E 29 34.34 1.25 -13.97
N GLN E 30 34.91 2.26 -14.67
CA GLN E 30 34.90 2.47 -16.12
C GLN E 30 33.53 2.21 -16.78
N GLN E 31 32.43 2.62 -16.10
CA GLN E 31 31.05 2.47 -16.55
C GLN E 31 30.73 1.03 -16.96
N LEU E 32 31.34 0.04 -16.27
CA LEU E 32 31.09 -1.36 -16.60
C LEU E 32 29.62 -1.77 -16.40
N PRO E 33 28.86 -1.29 -15.38
CA PRO E 33 27.42 -1.63 -15.33
C PRO E 33 26.68 -1.13 -16.58
N ALA E 34 26.99 0.08 -17.08
CA ALA E 34 26.36 0.61 -18.30
C ALA E 34 26.82 -0.18 -19.54
N ALA E 35 28.07 -0.67 -19.54
CA ALA E 35 28.63 -1.47 -20.63
C ALA E 35 27.89 -2.79 -20.81
N MET E 36 27.42 -3.39 -19.71
CA MET E 36 26.74 -4.68 -19.78
C MET E 36 25.24 -4.59 -20.11
N ALA E 37 24.70 -3.38 -20.29
CA ALA E 37 23.27 -3.21 -20.57
C ALA E 37 22.84 -3.87 -21.88
N ASP E 38 21.59 -4.34 -21.93
CA ASP E 38 21.03 -5.02 -23.09
C ASP E 38 20.50 -4.08 -24.17
N THR E 39 20.21 -2.82 -23.82
CA THR E 39 19.76 -1.83 -24.79
C THR E 39 20.53 -0.51 -24.59
N PHE E 40 20.55 0.35 -25.62
CA PHE E 40 21.20 1.66 -25.51
C PHE E 40 20.48 2.51 -24.45
N LEU E 41 19.15 2.44 -24.40
CA LEU E 41 18.38 3.19 -23.39
C LEU E 41 18.79 2.76 -21.96
N GLU E 42 18.88 1.44 -21.70
CA GLU E 42 19.31 0.93 -20.40
CA GLU E 42 19.30 0.95 -20.39
C GLU E 42 20.75 1.36 -20.10
N HIS E 43 21.62 1.38 -21.15
CA HIS E 43 23.01 1.81 -21.04
C HIS E 43 23.06 3.26 -20.52
N LEU E 44 22.24 4.16 -21.11
CA LEU E 44 22.17 5.55 -20.66
C LEU E 44 21.72 5.64 -19.21
N CYS E 45 20.65 4.89 -18.84
CA CYS E 45 20.10 4.86 -17.49
C CYS E 45 21.13 4.40 -16.45
N LEU E 46 22.12 3.60 -16.85
CA LEU E 46 23.12 3.07 -15.92
C LEU E 46 24.40 3.87 -15.85
N LEU E 47 24.53 4.98 -16.62
CA LEU E 47 25.74 5.82 -16.54
C LEU E 47 25.83 6.40 -15.14
N ASP E 48 27.02 6.35 -14.56
CA ASP E 48 27.22 6.71 -13.16
C ASP E 48 28.36 7.70 -12.99
N ILE E 49 28.06 8.88 -12.43
CA ILE E 49 29.09 9.90 -12.16
C ILE E 49 30.14 9.43 -11.13
N ASP E 50 29.81 8.41 -10.32
CA ASP E 50 30.75 7.88 -9.33
C ASP E 50 31.60 6.72 -9.89
N SER E 51 31.35 6.27 -11.13
CA SER E 51 32.11 5.20 -11.74
C SER E 51 33.35 5.84 -12.38
N GLU E 52 34.50 5.67 -11.73
CA GLU E 52 35.73 6.32 -12.20
C GLU E 52 36.40 5.67 -13.40
N PRO E 53 36.92 6.49 -14.33
CA PRO E 53 37.63 5.91 -15.48
C PRO E 53 38.96 5.30 -15.03
N VAL E 54 39.33 4.15 -15.60
CA VAL E 54 40.57 3.49 -15.24
C VAL E 54 41.50 3.39 -16.45
N ALA E 55 40.94 3.13 -17.63
CA ALA E 55 41.73 3.03 -18.85
C ALA E 55 42.44 4.33 -19.19
N ALA E 56 43.55 4.21 -19.91
CA ALA E 56 44.29 5.38 -20.37
C ALA E 56 43.46 6.11 -21.42
N ARG E 57 43.60 7.44 -21.51
CA ARG E 57 42.85 8.25 -22.45
C ARG E 57 43.26 7.90 -23.90
N SER E 58 42.29 7.46 -24.70
CA SER E 58 42.53 6.96 -26.04
C SER E 58 42.34 7.95 -27.20
N THR E 59 41.54 9.01 -27.03
CA THR E 59 41.32 9.99 -28.10
C THR E 59 42.49 10.99 -28.06
N SER E 60 43.26 11.11 -29.15
CA SER E 60 44.40 12.04 -29.15
C SER E 60 44.00 13.50 -29.15
N ILE E 61 44.85 14.33 -28.54
CA ILE E 61 44.63 15.77 -28.48
C ILE E 61 45.60 16.47 -29.41
N ILE E 62 45.07 17.30 -30.30
CA ILE E 62 45.88 18.10 -31.22
C ILE E 62 45.86 19.52 -30.67
N ALA E 63 47.03 20.09 -30.38
CA ALA E 63 47.11 21.46 -29.88
C ALA E 63 47.77 22.35 -30.92
N THR E 64 47.17 23.50 -31.21
CA THR E 64 47.74 24.42 -32.18
C THR E 64 48.82 25.25 -31.52
N ILE E 65 50.00 25.32 -32.14
CA ILE E 65 51.13 26.08 -31.61
C ILE E 65 51.03 27.55 -32.03
N GLY E 66 51.29 28.42 -31.08
CA GLY E 66 51.29 29.86 -31.32
C GLY E 66 52.00 30.61 -30.20
N PRO E 67 51.83 31.94 -30.12
CA PRO E 67 52.50 32.71 -29.05
C PRO E 67 52.27 32.21 -27.63
N ALA E 68 51.08 31.66 -27.34
CA ALA E 68 50.78 31.15 -25.99
C ALA E 68 51.35 29.77 -25.70
N SER E 69 51.86 29.07 -26.70
CA SER E 69 52.34 27.70 -26.52
C SER E 69 53.60 27.39 -27.31
N ARG E 70 54.49 28.37 -27.45
CA ARG E 70 55.70 28.20 -28.26
C ARG E 70 56.96 27.92 -27.50
N SER E 71 57.08 28.41 -26.27
CA SER E 71 58.29 28.21 -25.48
C SER E 71 58.49 26.74 -25.11
N VAL E 72 59.75 26.31 -25.00
CA VAL E 72 60.10 24.93 -24.65
C VAL E 72 59.52 24.54 -23.29
N GLU E 73 59.57 25.44 -22.31
CA GLU E 73 59.03 25.17 -20.97
C GLU E 73 57.50 24.99 -21.01
N ARG E 74 56.79 25.81 -21.82
CA ARG E 74 55.34 25.73 -21.96
C ARG E 74 54.97 24.43 -22.68
N LEU E 75 55.73 24.06 -23.71
CA LEU E 75 55.52 22.83 -24.46
C LEU E 75 55.73 21.58 -23.61
N LYS E 76 56.67 21.61 -22.65
CA LYS E 76 56.87 20.47 -21.75
C LYS E 76 55.64 20.26 -20.88
N GLU E 77 55.01 21.36 -20.41
CA GLU E 77 53.80 21.26 -19.60
C GLU E 77 52.63 20.75 -20.45
N MET E 78 52.55 21.15 -21.72
CA MET E 78 51.50 20.69 -22.61
CA MET E 78 51.50 20.69 -22.61
C MET E 78 51.64 19.21 -22.93
N ILE E 79 52.89 18.71 -23.04
CA ILE E 79 53.13 17.29 -23.30
C ILE E 79 52.69 16.49 -22.07
N LYS E 80 53.02 16.96 -20.87
CA LYS E 80 52.62 16.31 -19.62
C LYS E 80 51.09 16.36 -19.43
N ALA E 81 50.45 17.44 -19.89
CA ALA E 81 49.00 17.60 -19.80
C ALA E 81 48.25 16.65 -20.78
N GLY E 82 48.90 16.20 -21.84
CA GLY E 82 48.31 15.25 -22.76
C GLY E 82 48.36 15.54 -24.24
N MET E 83 49.04 16.63 -24.66
CA MET E 83 49.14 16.93 -26.09
C MET E 83 49.87 15.80 -26.84
N ASN E 84 49.26 15.26 -27.90
CA ASN E 84 49.85 14.17 -28.68
C ASN E 84 50.33 14.62 -30.06
N ILE E 85 49.69 15.66 -30.61
CA ILE E 85 49.99 16.19 -31.93
C ILE E 85 50.07 17.71 -31.84
N ALA E 86 51.17 18.29 -32.34
CA ALA E 86 51.36 19.73 -32.37
C ALA E 86 51.01 20.21 -33.78
N ARG E 87 50.04 21.12 -33.88
CA ARG E 87 49.60 21.64 -35.17
C ARG E 87 50.23 23.00 -35.48
N LEU E 88 50.82 23.13 -36.65
CA LEU E 88 51.43 24.39 -37.12
C LEU E 88 50.47 24.99 -38.13
N ASN E 89 49.85 26.11 -37.80
CA ASN E 89 48.89 26.75 -38.70
C ASN E 89 49.62 27.66 -39.69
N PHE E 90 49.79 27.21 -40.93
CA PHE E 90 50.49 27.99 -41.94
C PHE E 90 49.68 29.15 -42.51
N SER E 91 48.49 29.43 -41.96
CA SER E 91 47.74 30.62 -42.33
C SER E 91 48.42 31.88 -41.73
N HIS E 92 49.22 31.72 -40.66
CA HIS E 92 49.92 32.82 -40.00
C HIS E 92 51.40 32.45 -39.82
N GLY E 93 52.27 33.46 -39.79
CA GLY E 93 53.68 33.24 -39.55
C GLY E 93 54.51 32.85 -40.76
N SER E 94 55.80 33.19 -40.70
CA SER E 94 56.74 32.89 -41.78
C SER E 94 57.34 31.47 -41.64
N HIS E 95 58.10 31.01 -42.63
CA HIS E 95 58.78 29.72 -42.55
C HIS E 95 59.78 29.72 -41.38
N GLU E 96 60.44 30.87 -41.11
CA GLU E 96 61.36 30.98 -40.01
C GLU E 96 60.65 30.80 -38.66
N TYR E 97 59.45 31.38 -38.53
CA TYR E 97 58.63 31.27 -37.33
C TYR E 97 58.26 29.80 -37.08
N HIS E 98 57.78 29.10 -38.12
CA HIS E 98 57.39 27.70 -38.00
C HIS E 98 58.56 26.76 -37.76
N ALA E 99 59.74 27.05 -38.34
CA ALA E 99 60.93 26.23 -38.09
C ALA E 99 61.34 26.31 -36.61
N GLU E 100 61.18 27.49 -36.00
CA GLU E 100 61.50 27.67 -34.59
C GLU E 100 60.49 26.93 -33.72
N SER E 101 59.20 26.93 -34.11
CA SER E 101 58.15 26.20 -33.41
C SER E 101 58.47 24.70 -33.43
N ILE E 102 58.87 24.16 -34.60
CA ILE E 102 59.25 22.76 -34.75
C ILE E 102 60.43 22.42 -33.85
N ALA E 103 61.46 23.28 -33.83
CA ALA E 103 62.65 23.05 -33.01
C ALA E 103 62.28 23.03 -31.53
N ASN E 104 61.41 23.95 -31.09
CA ASN E 104 60.98 24.02 -29.69
C ASN E 104 60.15 22.79 -29.30
N VAL E 105 59.28 22.31 -30.22
CA VAL E 105 58.48 21.11 -29.97
C VAL E 105 59.42 19.92 -29.81
N ARG E 106 60.34 19.74 -30.77
CA ARG E 106 61.31 18.66 -30.70
C ARG E 106 62.20 18.70 -29.47
N GLU E 107 62.61 19.90 -29.03
CA GLU E 107 63.44 20.01 -27.83
C GLU E 107 62.64 19.58 -26.60
N ALA E 108 61.38 20.02 -26.50
CA ALA E 108 60.51 19.62 -25.38
C ALA E 108 60.23 18.12 -25.38
N VAL E 109 59.97 17.54 -26.57
CA VAL E 109 59.69 16.11 -26.69
C VAL E 109 60.90 15.28 -26.31
N GLU E 110 62.08 15.65 -26.86
CA GLU E 110 63.30 14.91 -26.59
C GLU E 110 63.85 15.09 -25.19
N SER E 111 63.35 16.06 -24.41
CA SER E 111 63.76 16.21 -23.02
C SER E 111 63.32 15.00 -22.15
N PHE E 112 62.34 14.21 -22.63
CA PHE E 112 61.85 13.02 -21.93
C PHE E 112 62.43 11.69 -22.51
N ALA E 113 63.28 11.75 -23.56
CA ALA E 113 63.87 10.56 -24.21
C ALA E 113 64.83 9.75 -23.35
N GLY E 114 65.33 10.36 -22.28
CA GLY E 114 66.25 9.71 -21.34
C GLY E 114 65.65 8.52 -20.62
N SER E 115 64.32 8.44 -20.57
CA SER E 115 63.61 7.33 -19.96
C SER E 115 62.78 6.67 -21.07
N PRO E 116 63.35 5.68 -21.78
CA PRO E 116 62.64 5.05 -22.90
C PRO E 116 61.31 4.35 -22.56
N LEU E 117 61.17 3.85 -21.32
CA LEU E 117 59.94 3.18 -20.91
C LEU E 117 58.75 4.15 -20.72
N SER E 118 59.01 5.46 -20.60
CA SER E 118 57.94 6.44 -20.43
C SER E 118 57.90 7.52 -21.51
N TYR E 119 58.84 7.49 -22.49
CA TYR E 119 58.91 8.48 -23.57
C TYR E 119 57.62 8.53 -24.37
N ARG E 120 57.09 9.74 -24.58
CA ARG E 120 55.87 9.92 -25.35
C ARG E 120 56.17 10.62 -26.66
N PRO E 121 56.02 9.90 -27.78
CA PRO E 121 56.18 10.56 -29.07
C PRO E 121 55.12 11.64 -29.29
N VAL E 122 55.46 12.70 -30.01
CA VAL E 122 54.52 13.78 -30.32
C VAL E 122 54.63 14.05 -31.81
N ALA E 123 53.51 13.94 -32.54
CA ALA E 123 53.51 14.19 -33.98
C ALA E 123 53.52 15.69 -34.29
N ILE E 124 54.02 16.04 -35.47
CA ILE E 124 54.00 17.43 -35.92
C ILE E 124 53.17 17.48 -37.19
N ALA E 125 52.11 18.29 -37.18
CA ALA E 125 51.22 18.40 -38.30
C ALA E 125 51.26 19.80 -38.91
N LEU E 126 51.30 19.88 -40.23
CA LEU E 126 51.33 21.15 -40.95
C LEU E 126 49.93 21.39 -41.50
N ASP E 127 49.29 22.49 -41.10
CA ASP E 127 47.96 22.82 -41.57
C ASP E 127 48.11 23.91 -42.63
N THR E 128 47.76 23.62 -43.88
CA THR E 128 47.94 24.56 -44.98
C THR E 128 47.04 25.78 -44.95
N LYS E 129 47.50 26.88 -45.59
CA LYS E 129 46.77 28.13 -45.69
C LYS E 129 45.50 27.94 -46.53
N GLY E 130 45.61 27.17 -47.61
CA GLY E 130 44.47 26.89 -48.46
C GLY E 130 44.50 27.51 -49.83
N PRO E 131 43.48 27.22 -50.64
CA PRO E 131 43.45 27.73 -52.01
C PRO E 131 43.05 29.20 -52.16
N GLY E 136 42.44 25.33 -57.12
CA GLY E 136 43.20 24.20 -56.60
C GLY E 136 44.38 24.61 -55.74
N LEU E 137 45.47 23.82 -55.78
CA LEU E 137 46.67 24.06 -54.98
C LEU E 137 47.35 25.40 -55.27
N SER E 138 47.40 26.27 -54.27
CA SER E 138 48.02 27.58 -54.40
C SER E 138 49.56 27.50 -54.41
N GLU E 139 50.23 28.54 -54.91
CA GLU E 139 51.69 28.60 -54.96
C GLU E 139 52.28 28.62 -53.56
N GLN E 140 51.63 29.30 -52.61
CA GLN E 140 52.10 29.35 -51.24
C GLN E 140 52.03 27.95 -50.61
N ASP E 141 50.95 27.20 -50.89
CA ASP E 141 50.80 25.84 -50.39
C ASP E 141 51.90 24.93 -50.91
N VAL E 142 52.31 25.07 -52.18
CA VAL E 142 53.39 24.26 -52.74
C VAL E 142 54.70 24.52 -51.96
N ARG E 143 54.99 25.79 -51.66
CA ARG E 143 56.18 26.14 -50.90
C ARG E 143 56.12 25.65 -49.45
N ASP E 144 54.94 25.77 -48.83
CA ASP E 144 54.75 25.33 -47.45
C ASP E 144 54.83 23.82 -47.33
N LEU E 145 54.28 23.09 -48.30
CA LEU E 145 54.35 21.63 -48.31
C LEU E 145 55.79 21.17 -48.49
N ARG E 146 56.56 21.87 -49.33
CA ARG E 146 57.98 21.57 -49.51
C ARG E 146 58.74 21.80 -48.21
N PHE E 147 58.40 22.89 -47.48
CA PHE E 147 58.99 23.20 -46.19
C PHE E 147 58.72 22.04 -45.20
N GLY E 148 57.48 21.52 -45.23
CA GLY E 148 57.08 20.41 -44.37
C GLY E 148 57.92 19.17 -44.60
N VAL E 149 58.14 18.81 -45.87
CA VAL E 149 58.98 17.66 -46.21
C VAL E 149 60.41 17.87 -45.73
N GLU E 150 60.96 19.07 -45.98
CA GLU E 150 62.33 19.40 -45.58
C GLU E 150 62.51 19.37 -44.06
N HIS E 151 61.46 19.75 -43.31
CA HIS E 151 61.55 19.74 -41.85
C HIS E 151 61.00 18.45 -41.18
N GLY E 152 60.68 17.44 -41.98
CA GLY E 152 60.23 16.15 -41.48
C GLY E 152 58.92 16.10 -40.73
N VAL E 153 57.90 16.87 -41.19
CA VAL E 153 56.58 16.82 -40.54
C VAL E 153 55.94 15.45 -40.78
N ASP E 154 55.07 15.04 -39.85
CA ASP E 154 54.45 13.72 -39.93
C ASP E 154 53.12 13.71 -40.66
N ILE E 155 52.38 14.81 -40.57
CA ILE E 155 51.03 14.90 -41.09
C ILE E 155 50.80 16.24 -41.78
N VAL E 156 49.93 16.24 -42.79
CA VAL E 156 49.49 17.46 -43.44
C VAL E 156 47.97 17.52 -43.26
N PHE E 157 47.45 18.63 -42.74
CA PHE E 157 46.02 18.87 -42.66
C PHE E 157 45.77 19.77 -43.87
N ALA E 158 45.27 19.18 -44.97
CA ALA E 158 45.05 19.92 -46.21
C ALA E 158 43.75 20.72 -46.21
N SER E 159 43.86 22.05 -46.24
CA SER E 159 42.70 22.93 -46.20
C SER E 159 41.83 22.90 -47.45
N PHE E 160 40.53 23.10 -47.24
CA PHE E 160 39.49 23.18 -48.27
C PHE E 160 39.56 22.10 -49.35
N VAL E 161 39.61 20.82 -48.95
CA VAL E 161 39.62 19.73 -49.93
C VAL E 161 38.20 19.58 -50.46
N ARG E 162 38.03 19.71 -51.79
CA ARG E 162 36.72 19.64 -52.44
C ARG E 162 36.51 18.40 -53.30
N LYS E 163 37.58 17.73 -53.70
CA LYS E 163 37.52 16.57 -54.58
C LYS E 163 38.81 15.75 -54.49
N ALA E 164 38.81 14.53 -55.04
CA ALA E 164 39.96 13.65 -55.02
C ALA E 164 41.22 14.26 -55.66
N SER E 165 41.06 15.07 -56.74
CA SER E 165 42.21 15.69 -57.40
C SER E 165 42.94 16.70 -56.51
N ASP E 166 42.24 17.29 -55.52
CA ASP E 166 42.88 18.21 -54.57
C ASP E 166 43.87 17.42 -53.71
N VAL E 167 43.52 16.18 -53.32
CA VAL E 167 44.39 15.32 -52.52
C VAL E 167 45.61 14.90 -53.35
N ALA E 168 45.39 14.54 -54.62
CA ALA E 168 46.46 14.15 -55.53
C ALA E 168 47.46 15.30 -55.71
N ALA E 169 46.98 16.55 -55.78
CA ALA E 169 47.85 17.72 -55.91
C ALA E 169 48.72 17.89 -54.68
N VAL E 170 48.16 17.68 -53.47
CA VAL E 170 48.93 17.78 -52.23
C VAL E 170 49.99 16.68 -52.20
N ARG E 171 49.62 15.46 -52.58
CA ARG E 171 50.53 14.33 -52.63
C ARG E 171 51.70 14.61 -53.60
N ALA E 172 51.40 15.18 -54.77
CA ALA E 172 52.42 15.52 -55.76
C ALA E 172 53.36 16.61 -55.24
N ALA E 173 52.82 17.65 -54.56
CA ALA E 173 53.64 18.72 -54.01
C ALA E 173 54.58 18.24 -52.89
N LEU E 174 54.23 17.14 -52.21
CA LEU E 174 55.11 16.56 -51.19
C LEU E 174 56.33 15.85 -51.82
N GLY E 175 56.24 15.49 -53.10
CA GLY E 175 57.34 14.87 -53.85
C GLY E 175 57.67 13.45 -53.45
N PRO E 176 58.76 12.91 -54.01
CA PRO E 176 59.15 11.53 -53.69
C PRO E 176 59.69 11.35 -52.28
N GLU E 177 60.20 12.42 -51.66
CA GLU E 177 60.72 12.35 -50.29
C GLU E 177 59.61 12.41 -49.21
N GLY E 178 58.40 12.81 -49.58
CA GLY E 178 57.30 12.94 -48.62
C GLY E 178 56.21 11.90 -48.73
N HIS E 179 56.54 10.74 -49.30
CA HIS E 179 55.59 9.64 -49.50
C HIS E 179 55.02 9.07 -48.19
N GLY E 180 55.78 9.17 -47.10
CA GLY E 180 55.38 8.65 -45.81
C GLY E 180 54.52 9.57 -44.98
N ILE E 181 54.36 10.83 -45.40
CA ILE E 181 53.55 11.81 -44.68
C ILE E 181 52.05 11.50 -44.83
N LYS E 182 51.30 11.55 -43.72
CA LYS E 182 49.86 11.29 -43.77
C LYS E 182 49.09 12.53 -44.23
N ILE E 183 48.16 12.37 -45.15
CA ILE E 183 47.34 13.47 -45.61
C ILE E 183 45.94 13.37 -45.01
N ILE E 184 45.59 14.32 -44.16
CA ILE E 184 44.27 14.40 -43.54
C ILE E 184 43.55 15.52 -44.27
N SER E 185 42.50 15.18 -45.03
CA SER E 185 41.76 16.18 -45.78
C SER E 185 40.77 16.93 -44.90
N LYS E 186 40.83 18.27 -44.92
CA LYS E 186 39.89 19.09 -44.18
C LYS E 186 38.65 19.33 -45.01
N ILE E 187 37.47 18.94 -44.49
CA ILE E 187 36.20 19.16 -45.17
C ILE E 187 35.63 20.44 -44.62
N GLU E 188 35.57 21.49 -45.46
CA GLU E 188 35.19 22.82 -45.01
C GLU E 188 34.05 23.47 -45.76
N ASN E 189 33.48 22.81 -46.77
CA ASN E 189 32.39 23.41 -47.55
C ASN E 189 31.39 22.37 -48.07
N HIS E 190 30.31 22.83 -48.73
CA HIS E 190 29.28 21.94 -49.25
C HIS E 190 29.83 20.92 -50.24
N GLU E 191 30.72 21.36 -51.16
CA GLU E 191 31.28 20.43 -52.15
C GLU E 191 32.09 19.30 -51.51
N GLY E 192 32.88 19.62 -50.49
CA GLY E 192 33.65 18.62 -49.76
C GLY E 192 32.75 17.58 -49.10
N VAL E 193 31.63 18.03 -48.54
CA VAL E 193 30.67 17.12 -47.91
C VAL E 193 30.02 16.21 -48.97
N LYS E 194 29.58 16.82 -50.08
CA LYS E 194 28.94 16.06 -51.16
C LYS E 194 29.88 15.06 -51.87
N ARG E 195 31.15 15.42 -52.01
CA ARG E 195 32.13 14.52 -52.61
C ARG E 195 32.98 13.80 -51.56
N PHE E 196 32.45 13.66 -50.33
CA PHE E 196 33.16 13.02 -49.22
C PHE E 196 33.73 11.64 -49.54
N ASP E 197 32.92 10.74 -50.12
CA ASP E 197 33.37 9.38 -50.39
C ASP E 197 34.60 9.32 -51.28
N GLU E 198 34.66 10.13 -52.34
CA GLU E 198 35.82 10.13 -53.23
C GLU E 198 37.05 10.74 -52.54
N ILE E 199 36.84 11.70 -51.63
CA ILE E 199 37.93 12.34 -50.89
C ILE E 199 38.50 11.35 -49.87
N LEU E 200 37.64 10.69 -49.11
CA LEU E 200 38.08 9.73 -48.08
C LEU E 200 38.86 8.57 -48.71
N GLU E 201 38.42 8.10 -49.88
CA GLU E 201 39.08 6.99 -50.57
C GLU E 201 40.58 7.23 -50.82
N VAL E 202 40.95 8.45 -51.18
CA VAL E 202 42.34 8.78 -51.47
C VAL E 202 43.10 9.46 -50.31
N SER E 203 42.41 9.77 -49.20
CA SER E 203 43.04 10.42 -48.07
C SER E 203 43.40 9.41 -46.98
N ASP E 204 44.34 9.78 -46.11
CA ASP E 204 44.66 8.94 -44.96
C ASP E 204 43.62 9.12 -43.83
N GLY E 205 42.93 10.24 -43.82
CA GLY E 205 41.93 10.58 -42.83
C GLY E 205 41.25 11.90 -43.14
N ILE E 206 40.38 12.33 -42.24
CA ILE E 206 39.57 13.53 -42.45
C ILE E 206 39.57 14.43 -41.22
N MET E 207 39.45 15.73 -41.44
CA MET E 207 39.24 16.68 -40.37
C MET E 207 37.89 17.35 -40.63
N VAL E 208 37.00 17.35 -39.65
CA VAL E 208 35.72 18.04 -39.74
C VAL E 208 36.05 19.46 -39.29
N ALA E 209 36.33 20.34 -40.26
CA ALA E 209 36.74 21.72 -39.98
C ALA E 209 35.49 22.56 -39.81
N ARG E 210 34.92 22.53 -38.61
CA ARG E 210 33.62 23.15 -38.32
C ARG E 210 33.56 24.66 -38.46
N GLY E 211 34.68 25.36 -38.30
CA GLY E 211 34.74 26.81 -38.44
C GLY E 211 34.27 27.27 -39.80
N ASP E 212 34.99 26.88 -40.86
CA ASP E 212 34.60 27.23 -42.21
C ASP E 212 33.33 26.53 -42.65
N LEU E 213 33.13 25.26 -42.24
CA LEU E 213 31.93 24.51 -42.58
C LEU E 213 30.66 25.23 -42.09
N GLY E 214 30.73 25.81 -40.89
CA GLY E 214 29.64 26.56 -40.27
C GLY E 214 29.31 27.89 -40.91
N ILE E 215 30.18 28.36 -41.82
CA ILE E 215 29.98 29.58 -42.59
C ILE E 215 29.53 29.21 -44.02
N GLU E 216 30.05 28.10 -44.57
CA GLU E 216 29.73 27.62 -45.91
C GLU E 216 28.35 26.98 -46.00
N ILE E 217 27.92 26.27 -44.93
CA ILE E 217 26.59 25.67 -44.87
C ILE E 217 25.85 26.24 -43.64
N PRO E 218 24.50 26.12 -43.54
CA PRO E 218 23.81 26.65 -42.35
C PRO E 218 24.39 26.09 -41.06
N ALA E 219 24.64 26.95 -40.07
CA ALA E 219 25.25 26.55 -38.79
C ALA E 219 24.51 25.39 -38.12
N GLU E 220 23.19 25.36 -38.24
CA GLU E 220 22.36 24.32 -37.66
C GLU E 220 22.50 22.96 -38.33
N LYS E 221 23.24 22.87 -39.46
CA LYS E 221 23.44 21.60 -40.15
C LYS E 221 24.83 20.99 -39.91
N VAL E 222 25.75 21.73 -39.29
CA VAL E 222 27.12 21.24 -39.06
C VAL E 222 27.16 19.92 -38.30
N PHE E 223 26.32 19.76 -37.26
CA PHE E 223 26.31 18.51 -36.49
C PHE E 223 25.97 17.29 -37.36
N LEU E 224 25.15 17.48 -38.42
CA LEU E 224 24.79 16.37 -39.32
C LEU E 224 26.01 15.99 -40.14
N ALA E 225 26.75 16.98 -40.65
CA ALA E 225 27.97 16.73 -41.43
C ALA E 225 29.01 16.06 -40.54
N GLN E 226 29.17 16.53 -39.29
CA GLN E 226 30.10 15.94 -38.34
C GLN E 226 29.78 14.48 -38.07
N LYS E 227 28.53 14.18 -37.69
CA LYS E 227 28.13 12.81 -37.37
C LYS E 227 28.25 11.86 -38.57
N MET E 228 27.88 12.35 -39.76
CA MET E 228 28.00 11.56 -40.99
C MET E 228 29.47 11.23 -41.30
N MET E 229 30.35 12.24 -41.26
CA MET E 229 31.75 12.04 -41.59
C MET E 229 32.45 11.16 -40.59
N ILE E 230 32.13 11.31 -39.29
CA ILE E 230 32.71 10.45 -38.27
C ILE E 230 32.27 8.99 -38.50
N GLY E 231 30.99 8.79 -38.76
CA GLY E 231 30.46 7.45 -39.02
C GLY E 231 31.10 6.80 -40.23
N ARG E 232 31.24 7.55 -41.34
CA ARG E 232 31.87 7.02 -42.55
C ARG E 232 33.35 6.72 -42.36
N CYS E 233 34.07 7.54 -41.58
CA CYS E 233 35.49 7.28 -41.29
C CYS E 233 35.62 6.06 -40.39
N ASN E 234 34.71 5.90 -39.41
CA ASN E 234 34.73 4.72 -38.53
C ASN E 234 34.46 3.46 -39.37
N LEU E 235 33.55 3.54 -40.32
CA LEU E 235 33.23 2.41 -41.20
C LEU E 235 34.45 2.05 -42.07
N ALA E 236 35.14 3.06 -42.60
CA ALA E 236 36.35 2.88 -43.42
C ALA E 236 37.61 2.50 -42.62
N GLY E 237 37.58 2.67 -41.30
CA GLY E 237 38.74 2.39 -40.46
C GLY E 237 39.84 3.42 -40.65
N LYS E 238 39.47 4.68 -40.95
CA LYS E 238 40.42 5.77 -41.17
C LYS E 238 40.23 6.88 -40.13
N PRO E 239 41.32 7.49 -39.66
CA PRO E 239 41.19 8.54 -38.64
C PRO E 239 40.33 9.75 -38.99
N VAL E 240 39.59 10.25 -38.00
CA VAL E 240 38.77 11.44 -38.17
C VAL E 240 39.01 12.38 -36.99
N VAL E 241 39.20 13.67 -37.30
CA VAL E 241 39.47 14.69 -36.29
C VAL E 241 38.29 15.62 -36.17
N CYS E 242 37.87 15.94 -34.94
CA CYS E 242 36.83 16.95 -34.74
C CYS E 242 37.56 18.24 -34.37
N ALA E 243 37.23 19.35 -35.03
CA ALA E 243 37.94 20.59 -34.81
C ALA E 243 37.05 21.82 -34.68
N THR E 244 37.59 22.88 -34.02
CA THR E 244 37.15 24.27 -33.92
C THR E 244 36.08 24.56 -32.88
N GLN E 245 36.43 25.52 -32.00
CA GLN E 245 35.60 26.08 -30.94
C GLN E 245 35.12 25.06 -29.91
N MET E 246 35.83 23.95 -29.75
CA MET E 246 35.45 22.92 -28.77
C MET E 246 35.46 23.43 -27.34
N LEU E 247 36.46 24.25 -26.98
CA LEU E 247 36.55 24.86 -25.64
C LEU E 247 36.84 26.37 -25.80
N GLU E 248 36.21 27.01 -26.79
CA GLU E 248 36.44 28.40 -27.18
C GLU E 248 36.52 29.40 -26.02
N SER E 249 35.56 29.38 -25.08
CA SER E 249 35.54 30.31 -23.96
C SER E 249 36.82 30.24 -23.10
N MET E 250 37.55 29.11 -23.13
CA MET E 250 38.78 28.99 -22.37
C MET E 250 39.94 29.85 -22.91
N ILE E 251 39.75 30.54 -24.05
CA ILE E 251 40.74 31.50 -24.57
C ILE E 251 40.91 32.64 -23.50
N THR E 252 39.80 33.04 -22.82
CA THR E 252 39.86 34.07 -21.80
C THR E 252 39.42 33.59 -20.40
N LYS E 253 38.70 32.46 -20.30
CA LYS E 253 38.21 31.98 -19.00
C LYS E 253 38.90 30.70 -18.53
N PRO E 254 39.09 30.53 -17.20
CA PRO E 254 39.79 29.33 -16.72
C PRO E 254 38.99 28.03 -16.78
N ARG E 255 37.65 28.14 -16.90
CA ARG E 255 36.76 26.98 -16.99
C ARG E 255 35.87 27.11 -18.22
N PRO E 256 35.54 26.00 -18.89
CA PRO E 256 34.69 26.10 -20.09
C PRO E 256 33.20 26.14 -19.75
N THR E 257 32.37 26.43 -20.77
CA THR E 257 30.92 26.44 -20.57
C THR E 257 30.39 24.98 -20.56
N ARG E 258 29.13 24.80 -20.13
CA ARG E 258 28.49 23.49 -20.13
C ARG E 258 28.33 22.97 -21.58
N ALA E 259 28.13 23.86 -22.56
CA ALA E 259 28.02 23.42 -23.97
C ALA E 259 29.34 22.92 -24.53
N GLU E 260 30.45 23.54 -24.10
CA GLU E 260 31.78 23.15 -24.53
C GLU E 260 32.20 21.79 -24.02
N THR E 261 31.96 21.49 -22.73
CA THR E 261 32.29 20.16 -22.20
C THR E 261 31.43 19.09 -22.89
N SER E 262 30.16 19.42 -23.13
CA SER E 262 29.22 18.54 -23.82
C SER E 262 29.74 18.25 -25.24
N ASP E 263 30.19 19.28 -25.95
CA ASP E 263 30.72 19.17 -27.33
C ASP E 263 31.89 18.20 -27.40
N VAL E 264 32.85 18.33 -26.47
CA VAL E 264 34.01 17.44 -26.44
C VAL E 264 33.57 16.00 -26.16
N ALA E 265 32.69 15.80 -25.17
CA ALA E 265 32.22 14.47 -24.81
C ALA E 265 31.48 13.83 -25.99
N ASN E 266 30.63 14.61 -26.67
CA ASN E 266 29.86 14.09 -27.79
C ASN E 266 30.71 13.80 -29.01
N ALA E 267 31.83 14.52 -29.23
CA ALA E 267 32.72 14.22 -30.36
C ALA E 267 33.35 12.86 -30.14
N VAL E 268 33.75 12.56 -28.88
CA VAL E 268 34.33 11.27 -28.52
C VAL E 268 33.26 10.18 -28.68
N LEU E 269 32.07 10.40 -28.12
CA LEU E 269 30.97 9.42 -28.24
C LEU E 269 30.59 9.17 -29.69
N ASP E 270 30.59 10.20 -30.55
CA ASP E 270 30.32 10.09 -31.99
C ASP E 270 31.30 9.13 -32.67
N GLY E 271 32.54 9.12 -32.21
CA GLY E 271 33.57 8.23 -32.75
C GLY E 271 34.83 8.92 -33.24
N ALA E 272 35.05 10.19 -32.86
CA ALA E 272 36.25 10.91 -33.30
C ALA E 272 37.53 10.26 -32.79
N ASP E 273 38.52 10.10 -33.67
CA ASP E 273 39.82 9.57 -33.24
C ASP E 273 40.62 10.64 -32.51
N CYS E 274 40.51 11.90 -32.97
CA CYS E 274 41.23 13.04 -32.39
C CYS E 274 40.29 14.20 -32.15
N ILE E 275 40.63 15.02 -31.15
CA ILE E 275 39.95 16.26 -30.85
C ILE E 275 41.02 17.37 -30.90
N MET E 276 40.62 18.57 -31.27
CA MET E 276 41.57 19.66 -31.49
C MET E 276 41.31 20.92 -30.69
N LEU E 277 42.37 21.69 -30.45
CA LEU E 277 42.36 23.00 -29.82
C LEU E 277 43.05 23.96 -30.79
N SER E 278 42.44 25.11 -31.04
CA SER E 278 43.00 26.10 -31.97
C SER E 278 43.43 27.35 -31.19
N GLY E 279 42.59 28.39 -31.12
CA GLY E 279 42.90 29.60 -30.36
C GLY E 279 43.13 29.31 -28.90
N GLU E 280 42.47 28.25 -28.36
CA GLU E 280 42.60 27.84 -26.95
C GLU E 280 44.07 27.60 -26.58
N THR E 281 44.88 27.07 -27.49
CA THR E 281 46.29 26.83 -27.20
C THR E 281 47.23 27.78 -27.95
N ALA E 282 46.83 28.25 -29.12
CA ALA E 282 47.68 29.12 -29.93
C ALA E 282 47.82 30.52 -29.34
N LYS E 283 46.73 31.13 -28.89
CA LYS E 283 46.79 32.50 -28.37
C LYS E 283 46.09 32.72 -27.03
N GLY E 284 45.45 31.69 -26.50
CA GLY E 284 44.68 31.82 -25.27
C GLY E 284 45.48 32.01 -24.01
N ASN E 285 44.77 32.36 -22.94
CA ASN E 285 45.35 32.60 -21.63
C ASN E 285 45.51 31.35 -20.80
N PHE E 286 44.87 30.23 -21.20
CA PHE E 286 44.95 28.99 -20.43
C PHE E 286 45.24 27.77 -21.36
N PRO E 287 46.36 27.76 -22.13
CA PRO E 287 46.61 26.64 -23.05
C PRO E 287 46.77 25.28 -22.39
N VAL E 288 47.49 25.22 -21.26
CA VAL E 288 47.70 23.95 -20.55
C VAL E 288 46.39 23.46 -19.95
N GLU E 289 45.60 24.37 -19.38
CA GLU E 289 44.30 24.02 -18.78
C GLU E 289 43.31 23.51 -19.84
N ALA E 290 43.39 24.03 -21.06
CA ALA E 290 42.52 23.59 -22.17
C ALA E 290 42.86 22.14 -22.55
N VAL E 291 44.16 21.80 -22.57
CA VAL E 291 44.61 20.44 -22.87
C VAL E 291 44.16 19.51 -21.75
N LYS E 292 44.32 19.94 -20.49
CA LYS E 292 43.90 19.16 -19.32
C LYS E 292 42.40 18.88 -19.33
N MET E 293 41.61 19.87 -19.73
CA MET E 293 40.16 19.72 -19.80
C MET E 293 39.76 18.73 -20.88
N GLN E 294 40.37 18.80 -22.09
CA GLN E 294 40.06 17.82 -23.13
C GLN E 294 40.46 16.41 -22.69
N HIS E 295 41.60 16.27 -21.99
CA HIS E 295 42.03 14.97 -21.47
C HIS E 295 41.00 14.40 -20.48
N ALA E 296 40.57 15.23 -19.52
CA ALA E 296 39.61 14.80 -18.49
C ALA E 296 38.27 14.39 -19.09
N ILE E 297 37.75 15.18 -20.04
CA ILE E 297 36.47 14.86 -20.67
C ILE E 297 36.56 13.59 -21.52
N ALA E 298 37.60 13.49 -22.38
CA ALA E 298 37.77 12.34 -23.25
C ALA E 298 37.83 11.03 -22.48
N ARG E 299 38.55 11.01 -21.36
CA ARG E 299 38.65 9.82 -20.53
C ARG E 299 37.27 9.39 -19.98
N GLU E 300 36.44 10.36 -19.56
CA GLU E 300 35.10 10.06 -19.07
C GLU E 300 34.21 9.54 -20.21
N ALA E 301 34.29 10.19 -21.39
CA ALA E 301 33.45 9.84 -22.54
C ALA E 301 33.80 8.48 -23.12
N GLU E 302 35.09 8.13 -23.14
CA GLU E 302 35.52 6.83 -23.66
C GLU E 302 34.96 5.67 -22.86
N ALA E 303 34.90 5.82 -21.53
CA ALA E 303 34.30 4.79 -20.69
C ALA E 303 32.78 4.67 -20.92
N ALA E 304 32.11 5.77 -21.32
CA ALA E 304 30.67 5.81 -21.58
C ALA E 304 30.26 5.29 -22.97
N VAL E 305 31.23 4.89 -23.82
CA VAL E 305 30.93 4.34 -25.13
C VAL E 305 30.21 2.99 -24.93
N TYR E 306 29.12 2.76 -25.66
CA TYR E 306 28.36 1.51 -25.57
C TYR E 306 29.01 0.47 -26.49
N HIS E 307 30.12 -0.13 -26.03
CA HIS E 307 30.88 -1.09 -26.83
C HIS E 307 30.10 -2.29 -27.34
N ARG E 308 29.11 -2.75 -26.58
CA ARG E 308 28.30 -3.90 -27.00
C ARG E 308 27.65 -3.67 -28.37
N GLN E 309 27.05 -2.50 -28.57
CA GLN E 309 26.44 -2.18 -29.86
C GLN E 309 27.49 -1.77 -30.88
N LEU E 310 28.45 -0.93 -30.46
CA LEU E 310 29.50 -0.44 -31.34
C LEU E 310 30.30 -1.58 -31.98
N PHE E 311 30.81 -2.53 -31.18
CA PHE E 311 31.57 -3.66 -31.71
C PHE E 311 30.74 -4.50 -32.61
N GLU E 312 29.51 -4.81 -32.21
CA GLU E 312 28.62 -5.60 -33.07
C GLU E 312 28.37 -4.94 -34.43
N GLU E 313 28.15 -3.61 -34.46
CA GLU E 313 27.92 -2.91 -35.72
C GLU E 313 29.17 -2.76 -36.58
N LEU E 314 30.32 -2.54 -35.94
CA LEU E 314 31.59 -2.43 -36.68
C LEU E 314 31.96 -3.77 -37.27
N ARG E 315 31.82 -4.83 -36.50
CA ARG E 315 32.06 -6.21 -36.90
C ARG E 315 31.17 -6.57 -38.12
N ARG E 316 29.88 -6.23 -38.06
CA ARG E 316 28.92 -6.53 -39.13
C ARG E 316 29.17 -5.74 -40.40
N ALA E 317 29.56 -4.47 -40.26
CA ALA E 317 29.80 -3.62 -41.43
C ALA E 317 31.20 -3.77 -42.06
N ALA E 318 32.22 -4.25 -41.30
CA ALA E 318 33.56 -4.41 -41.87
C ALA E 318 33.51 -5.61 -42.79
N PRO E 319 34.06 -5.49 -44.01
CA PRO E 319 33.92 -6.57 -44.98
C PRO E 319 34.68 -7.82 -44.63
N LEU E 320 34.23 -8.95 -45.18
CA LEU E 320 34.96 -10.22 -45.06
C LEU E 320 36.32 -10.03 -45.76
N SER E 321 37.35 -10.68 -45.25
CA SER E 321 38.70 -10.46 -45.75
C SER E 321 39.52 -11.71 -45.68
N ARG E 322 40.40 -11.88 -46.64
CA ARG E 322 41.39 -12.95 -46.64
C ARG E 322 42.80 -12.41 -46.28
N ASP E 323 42.92 -11.15 -45.84
CA ASP E 323 44.17 -10.55 -45.40
C ASP E 323 44.42 -11.03 -43.97
N PRO E 324 45.53 -11.74 -43.71
CA PRO E 324 45.75 -12.25 -42.35
C PRO E 324 45.85 -11.19 -41.26
N THR E 325 46.29 -9.95 -41.57
CA THR E 325 46.34 -8.89 -40.56
C THR E 325 44.94 -8.50 -40.14
N GLU E 326 44.01 -8.36 -41.12
CA GLU E 326 42.60 -8.03 -40.86
C GLU E 326 41.94 -9.15 -40.03
N VAL E 327 42.20 -10.40 -40.40
CA VAL E 327 41.63 -11.56 -39.71
C VAL E 327 42.14 -11.67 -38.28
N THR E 328 43.45 -11.46 -38.08
CA THR E 328 44.05 -11.51 -36.75
C THR E 328 43.52 -10.38 -35.89
N ALA E 329 43.36 -9.16 -36.46
CA ALA E 329 42.87 -8.03 -35.70
C ALA E 329 41.48 -8.25 -35.09
N ILE E 330 40.51 -8.78 -35.88
CA ILE E 330 39.18 -8.99 -35.33
C ILE E 330 39.18 -10.11 -34.29
N GLY E 331 39.98 -11.15 -34.51
CA GLY E 331 40.15 -12.23 -33.55
C GLY E 331 40.74 -11.73 -32.24
N ALA E 332 41.74 -10.83 -32.30
CA ALA E 332 42.38 -10.25 -31.13
C ALA E 332 41.43 -9.35 -30.36
N VAL E 333 40.63 -8.53 -31.05
CA VAL E 333 39.69 -7.63 -30.38
C VAL E 333 38.57 -8.45 -29.70
N GLU E 334 38.10 -9.52 -30.37
CA GLU E 334 37.09 -10.41 -29.80
C GLU E 334 37.66 -11.08 -28.53
N ALA E 335 38.91 -11.58 -28.60
CA ALA E 335 39.56 -12.20 -27.46
C ALA E 335 39.73 -11.19 -26.30
N ALA E 336 40.12 -9.94 -26.60
CA ALA E 336 40.31 -8.92 -25.57
C ALA E 336 39.00 -8.63 -24.83
N PHE E 337 37.87 -8.54 -25.56
CA PHE E 337 36.57 -8.32 -24.92
C PHE E 337 36.16 -9.50 -24.03
N LYS E 338 36.45 -10.72 -24.46
CA LYS E 338 36.10 -11.95 -23.74
C LYS E 338 36.73 -12.04 -22.35
N CYS E 339 37.98 -11.56 -22.22
CA CYS E 339 38.69 -11.65 -20.95
C CYS E 339 38.89 -10.31 -20.26
N CYS E 340 38.31 -9.21 -20.77
CA CYS E 340 38.52 -7.86 -20.21
C CYS E 340 40.02 -7.55 -20.19
N ALA E 341 40.73 -7.90 -21.28
CA ALA E 341 42.18 -7.71 -21.37
C ALA E 341 42.59 -6.28 -21.06
N ALA E 342 43.67 -6.11 -20.29
CA ALA E 342 44.15 -4.76 -19.96
C ALA E 342 44.71 -4.08 -21.22
N ALA E 343 45.31 -4.86 -22.14
CA ALA E 343 45.90 -4.29 -23.34
C ALA E 343 46.04 -5.33 -24.46
N ILE E 344 46.22 -4.84 -25.70
CA ILE E 344 46.57 -5.63 -26.87
C ILE E 344 47.94 -5.08 -27.25
N ILE E 345 49.00 -5.88 -27.13
CA ILE E 345 50.33 -5.43 -27.50
C ILE E 345 50.60 -5.87 -28.92
N VAL E 346 50.90 -4.94 -29.81
CA VAL E 346 51.11 -5.26 -31.21
C VAL E 346 52.47 -4.74 -31.72
N LEU E 347 53.16 -5.54 -32.51
CA LEU E 347 54.41 -5.12 -33.14
C LEU E 347 54.03 -4.58 -34.51
N THR E 348 54.51 -3.39 -34.87
CA THR E 348 54.17 -2.77 -36.13
C THR E 348 55.31 -1.94 -36.71
N THR E 349 55.47 -2.01 -38.03
CA THR E 349 56.53 -1.26 -38.73
C THR E 349 55.96 0.07 -39.23
N THR E 350 54.78 0.02 -39.87
CA THR E 350 54.15 1.19 -40.44
C THR E 350 53.00 1.77 -39.60
N GLY E 351 52.54 1.02 -38.62
CA GLY E 351 51.37 1.36 -37.81
C GLY E 351 50.10 0.64 -38.27
N ARG E 352 50.12 0.01 -39.46
CA ARG E 352 48.94 -0.65 -40.05
C ARG E 352 48.30 -1.73 -39.15
N SER E 353 49.10 -2.62 -38.51
CA SER E 353 48.52 -3.65 -37.65
C SER E 353 47.79 -3.01 -36.45
N ALA E 354 48.30 -1.88 -35.94
CA ALA E 354 47.67 -1.17 -34.83
C ALA E 354 46.39 -0.48 -35.31
N GLN E 355 46.41 0.10 -36.51
CA GLN E 355 45.25 0.76 -37.10
C GLN E 355 44.11 -0.24 -37.31
N LEU E 356 44.41 -1.46 -37.76
CA LEU E 356 43.39 -2.49 -37.97
C LEU E 356 42.77 -2.99 -36.66
N LEU E 357 43.52 -2.93 -35.55
CA LEU E 357 42.98 -3.28 -34.24
C LEU E 357 42.07 -2.12 -33.77
N SER E 358 42.57 -0.89 -33.90
CA SER E 358 41.88 0.35 -33.50
CA SER E 358 41.84 0.31 -33.47
C SER E 358 40.50 0.51 -34.17
N ARG E 359 40.37 0.08 -35.44
CA ARG E 359 39.12 0.22 -36.19
C ARG E 359 37.95 -0.54 -35.54
N TYR E 360 38.24 -1.59 -34.76
CA TYR E 360 37.20 -2.36 -34.05
C TYR E 360 36.85 -1.79 -32.67
N ARG E 361 37.46 -0.64 -32.30
CA ARG E 361 37.24 0.09 -31.06
C ARG E 361 37.30 -0.79 -29.81
N PRO E 362 38.40 -1.52 -29.57
CA PRO E 362 38.49 -2.30 -28.34
C PRO E 362 38.52 -1.37 -27.12
N ARG E 363 38.03 -1.87 -25.99
CA ARG E 363 38.16 -1.15 -24.72
C ARG E 363 39.64 -1.28 -24.25
N ALA E 364 40.29 -2.42 -24.55
CA ALA E 364 41.69 -2.64 -24.22
C ALA E 364 42.58 -1.66 -24.98
N ALA E 365 43.58 -1.09 -24.30
CA ALA E 365 44.53 -0.17 -24.92
C ALA E 365 45.34 -0.94 -25.97
N VAL E 366 45.62 -0.33 -27.12
CA VAL E 366 46.45 -0.98 -28.13
C VAL E 366 47.88 -0.41 -27.96
N ILE E 367 48.76 -1.17 -27.35
CA ILE E 367 50.15 -0.75 -27.14
C ILE E 367 50.96 -1.15 -28.36
N ALA E 368 51.34 -0.17 -29.19
CA ALA E 368 52.04 -0.45 -30.44
C ALA E 368 53.55 -0.24 -30.32
N VAL E 369 54.32 -1.31 -30.44
CA VAL E 369 55.76 -1.28 -30.33
C VAL E 369 56.36 -1.19 -31.73
N THR E 370 57.10 -0.12 -31.99
CA THR E 370 57.70 0.09 -33.29
C THR E 370 59.12 0.68 -33.19
N ARG E 371 59.97 0.37 -34.18
CA ARG E 371 61.30 0.98 -34.31
C ARG E 371 61.21 2.27 -35.14
N SER E 372 60.12 2.47 -35.91
CA SER E 372 59.96 3.66 -36.73
C SER E 372 59.49 4.84 -35.89
N ALA E 373 60.36 5.86 -35.72
CA ALA E 373 60.01 7.07 -34.98
C ALA E 373 58.82 7.78 -35.62
N GLN E 374 58.78 7.80 -36.95
CA GLN E 374 57.69 8.44 -37.67
C GLN E 374 56.36 7.70 -37.47
N ALA E 375 56.36 6.34 -37.58
CA ALA E 375 55.12 5.57 -37.36
C ALA E 375 54.63 5.77 -35.93
N ALA E 376 55.56 5.86 -34.95
CA ALA E 376 55.20 6.08 -33.55
C ALA E 376 54.46 7.41 -33.37
N ARG E 377 54.89 8.46 -34.10
CA ARG E 377 54.22 9.76 -34.03
C ARG E 377 52.88 9.71 -34.76
N GLN E 378 52.86 9.09 -35.95
CA GLN E 378 51.64 9.05 -36.77
C GLN E 378 50.49 8.21 -36.20
N VAL E 379 50.78 7.14 -35.43
CA VAL E 379 49.70 6.29 -34.90
C VAL E 379 48.83 7.03 -33.86
N HIS E 380 49.23 8.24 -33.42
CA HIS E 380 48.39 9.06 -32.56
C HIS E 380 47.07 9.43 -33.28
N LEU E 381 47.03 9.35 -34.61
CA LEU E 381 45.82 9.60 -35.37
C LEU E 381 44.74 8.53 -35.10
N CYS E 382 45.11 7.32 -34.65
CA CYS E 382 44.19 6.20 -34.44
C CYS E 382 43.79 6.08 -33.00
N ARG E 383 42.47 6.12 -32.70
CA ARG E 383 42.02 6.04 -31.32
C ARG E 383 42.48 4.78 -30.59
N GLY E 384 42.97 4.98 -29.38
CA GLY E 384 43.37 3.88 -28.52
C GLY E 384 44.70 3.25 -28.81
N VAL E 385 45.52 3.89 -29.66
CA VAL E 385 46.85 3.36 -29.97
C VAL E 385 47.87 4.17 -29.18
N PHE E 386 48.62 3.49 -28.33
CA PHE E 386 49.65 4.04 -27.47
C PHE E 386 51.00 3.63 -28.02
N PRO E 387 51.68 4.56 -28.73
CA PRO E 387 52.95 4.20 -29.37
C PRO E 387 54.14 4.13 -28.43
N LEU E 388 54.96 3.09 -28.59
CA LEU E 388 56.19 2.92 -27.84
C LEU E 388 57.32 2.82 -28.84
N LEU E 389 58.27 3.76 -28.77
CA LEU E 389 59.40 3.74 -29.67
C LEU E 389 60.50 2.87 -29.11
N TYR E 390 60.82 1.78 -29.79
CA TYR E 390 61.86 0.83 -29.39
C TYR E 390 63.19 1.26 -30.01
N ARG E 391 64.20 1.55 -29.19
CA ARG E 391 65.47 2.07 -29.69
C ARG E 391 66.62 1.05 -29.73
N GLU E 392 66.41 -0.16 -29.20
CA GLU E 392 67.46 -1.19 -29.16
C GLU E 392 67.80 -1.78 -30.52
N PRO E 393 69.08 -2.12 -30.74
CA PRO E 393 69.45 -2.75 -32.02
C PRO E 393 68.95 -4.20 -32.10
N PRO E 394 68.71 -4.69 -33.33
CA PRO E 394 68.20 -6.06 -33.48
C PRO E 394 69.05 -7.18 -32.91
N GLU E 395 68.38 -8.18 -32.31
CA GLU E 395 69.00 -9.41 -31.81
C GLU E 395 69.38 -10.28 -33.01
N ALA E 396 70.37 -11.16 -32.85
CA ALA E 396 70.80 -12.04 -33.93
C ALA E 396 69.67 -13.01 -34.34
N ILE E 397 68.94 -13.53 -33.36
CA ILE E 397 67.82 -14.42 -33.62
C ILE E 397 66.54 -13.58 -33.66
N TRP E 398 65.86 -13.55 -34.82
CA TRP E 398 64.64 -12.76 -35.01
C TRP E 398 63.55 -13.05 -33.97
N ALA E 399 63.30 -14.32 -33.63
CA ALA E 399 62.30 -14.67 -32.60
C ALA E 399 62.63 -14.03 -31.24
N ASP E 400 63.91 -13.91 -30.90
CA ASP E 400 64.34 -13.28 -29.64
C ASP E 400 64.10 -11.77 -29.71
N ASP E 401 64.32 -11.16 -30.88
CA ASP E 401 64.10 -9.73 -31.07
C ASP E 401 62.60 -9.42 -30.89
N VAL E 402 61.73 -10.29 -31.46
CA VAL E 402 60.28 -10.15 -31.32
C VAL E 402 59.89 -10.23 -29.83
N ASP E 403 60.40 -11.25 -29.13
CA ASP E 403 60.15 -11.42 -27.70
C ASP E 403 60.60 -10.23 -26.88
N ARG E 404 61.77 -9.65 -27.20
CA ARG E 404 62.27 -8.49 -26.48
C ARG E 404 61.36 -7.28 -26.65
N ARG E 405 60.80 -7.12 -27.85
CA ARG E 405 59.89 -6.00 -28.11
C ARG E 405 58.55 -6.19 -27.38
N VAL E 406 58.07 -7.44 -27.27
CA VAL E 406 56.85 -7.73 -26.52
C VAL E 406 57.09 -7.43 -25.03
N GLN E 407 58.28 -7.82 -24.51
CA GLN E 407 58.63 -7.53 -23.12
C GLN E 407 58.77 -6.05 -22.86
N PHE E 408 59.28 -5.29 -23.84
CA PHE E 408 59.39 -3.84 -23.73
C PHE E 408 57.99 -3.21 -23.61
N GLY E 409 57.02 -3.74 -24.36
CA GLY E 409 55.65 -3.30 -24.28
C GLY E 409 55.05 -3.57 -22.92
N ILE E 410 55.31 -4.76 -22.36
CA ILE E 410 54.84 -5.15 -21.02
C ILE E 410 55.46 -4.27 -19.93
N GLU E 411 56.78 -4.08 -19.98
CA GLU E 411 57.49 -3.24 -19.00
C GLU E 411 57.06 -1.78 -19.07
N SER E 412 56.86 -1.24 -20.29
CA SER E 412 56.39 0.14 -20.42
C SER E 412 54.96 0.25 -19.88
N GLY E 413 54.12 -0.74 -20.18
CA GLY E 413 52.74 -0.77 -19.71
C GLY E 413 52.67 -0.80 -18.19
N LYS E 414 53.53 -1.62 -17.55
CA LYS E 414 53.57 -1.71 -16.09
C LYS E 414 54.00 -0.38 -15.48
N LEU E 415 55.04 0.24 -16.05
CA LEU E 415 55.54 1.52 -15.56
C LEU E 415 54.51 2.62 -15.70
N ARG E 416 53.77 2.62 -16.82
CA ARG E 416 52.77 3.67 -17.04
C ARG E 416 51.39 3.43 -16.39
N GLY E 417 51.19 2.26 -15.79
CA GLY E 417 49.93 1.95 -15.13
C GLY E 417 48.89 1.25 -15.98
N PHE E 418 49.22 0.90 -17.23
CA PHE E 418 48.31 0.17 -18.12
C PHE E 418 48.13 -1.27 -17.66
N LEU E 419 49.21 -1.88 -17.15
CA LEU E 419 49.23 -3.29 -16.79
C LEU E 419 49.72 -3.53 -15.39
N ARG E 420 49.27 -4.62 -14.80
CA ARG E 420 49.71 -5.07 -13.49
C ARG E 420 49.86 -6.60 -13.54
N VAL E 421 50.56 -7.18 -12.56
CA VAL E 421 50.73 -8.63 -12.48
C VAL E 421 49.35 -9.29 -12.29
N GLY E 422 49.08 -10.32 -13.06
CA GLY E 422 47.79 -10.99 -13.01
C GLY E 422 46.87 -10.62 -14.15
N ASP E 423 47.11 -9.47 -14.81
CA ASP E 423 46.29 -9.06 -15.96
C ASP E 423 46.49 -9.99 -17.15
N LEU E 424 45.49 -10.05 -18.02
CA LEU E 424 45.61 -10.79 -19.26
C LEU E 424 45.83 -9.78 -20.37
N VAL E 425 46.73 -10.09 -21.29
CA VAL E 425 46.98 -9.24 -22.46
C VAL E 425 46.89 -10.08 -23.71
N ILE E 426 46.55 -9.46 -24.82
CA ILE E 426 46.53 -10.13 -26.11
C ILE E 426 47.77 -9.64 -26.84
N VAL E 427 48.58 -10.54 -27.39
CA VAL E 427 49.81 -10.15 -28.10
C VAL E 427 49.66 -10.49 -29.57
N VAL E 428 49.85 -9.49 -30.43
CA VAL E 428 49.71 -9.62 -31.87
C VAL E 428 51.06 -9.45 -32.58
N THR E 429 51.52 -10.53 -33.23
CA THR E 429 52.80 -10.56 -33.96
C THR E 429 52.64 -11.23 -35.36
N GLY E 430 53.75 -11.31 -36.12
CA GLY E 430 53.78 -11.89 -37.46
C GLY E 430 54.70 -13.09 -37.56
N TRP E 431 54.69 -13.76 -38.73
CA TRP E 431 55.47 -14.98 -38.92
C TRP E 431 56.86 -14.74 -39.52
N ARG E 432 57.13 -13.55 -40.05
CA ARG E 432 58.42 -13.19 -40.64
C ARG E 432 58.68 -11.69 -40.52
N PRO E 433 59.95 -11.23 -40.64
CA PRO E 433 60.22 -9.77 -40.55
C PRO E 433 59.60 -8.99 -41.71
N GLY E 434 59.48 -7.68 -41.53
CA GLY E 434 58.90 -6.80 -42.54
C GLY E 434 57.42 -6.60 -42.34
N SER E 435 56.91 -5.49 -42.87
CA SER E 435 55.52 -5.10 -42.79
C SER E 435 54.61 -6.02 -43.63
N GLY E 436 53.40 -6.25 -43.16
CA GLY E 436 52.40 -7.02 -43.90
C GLY E 436 52.23 -8.48 -43.55
N TYR E 437 52.92 -8.97 -42.54
CA TYR E 437 52.86 -10.39 -42.20
C TYR E 437 52.31 -10.71 -40.81
N THR E 438 51.55 -9.79 -40.19
CA THR E 438 50.91 -10.07 -38.90
C THR E 438 49.88 -11.21 -39.10
N ASN E 439 49.94 -12.25 -38.25
CA ASN E 439 49.03 -13.38 -38.39
C ASN E 439 48.87 -14.20 -37.09
N ILE E 440 49.40 -13.70 -35.95
CA ILE E 440 49.40 -14.49 -34.72
C ILE E 440 48.81 -13.69 -33.56
N MET E 441 47.96 -14.32 -32.78
CA MET E 441 47.40 -13.73 -31.59
CA MET E 441 47.33 -13.75 -31.61
C MET E 441 47.61 -14.69 -30.43
N ARG E 442 48.13 -14.17 -29.31
CA ARG E 442 48.43 -14.98 -28.14
C ARG E 442 47.80 -14.39 -26.90
N VAL E 443 47.29 -15.25 -25.99
CA VAL E 443 46.73 -14.76 -24.73
C VAL E 443 47.77 -15.00 -23.65
N LEU E 444 48.28 -13.92 -23.06
CA LEU E 444 49.38 -13.98 -22.09
C LEU E 444 49.01 -13.42 -20.73
N SER E 445 49.42 -14.11 -19.66
CA SER E 445 49.17 -13.63 -18.30
CA SER E 445 49.17 -13.65 -18.30
C SER E 445 50.40 -12.86 -17.86
N ILE E 446 50.20 -11.64 -17.36
CA ILE E 446 51.29 -10.79 -16.92
C ILE E 446 51.91 -11.30 -15.62
N SER E 447 53.21 -11.59 -15.63
CA SER E 447 53.92 -12.06 -14.44
C SER E 447 54.90 -10.99 -13.92
N ALA F 13 28.49 -4.38 -49.85
CA ALA F 13 29.84 -3.86 -49.60
C ALA F 13 30.64 -4.76 -48.67
N ASP F 14 29.99 -5.44 -47.73
CA ASP F 14 30.64 -6.31 -46.76
C ASP F 14 31.18 -7.61 -47.36
N VAL F 15 30.70 -8.00 -48.55
CA VAL F 15 31.15 -9.22 -49.20
C VAL F 15 31.68 -8.97 -50.62
N ALA F 16 31.74 -7.70 -51.09
CA ALA F 16 32.13 -7.40 -52.48
C ALA F 16 33.56 -7.83 -52.87
N GLN F 17 34.56 -7.53 -52.04
CA GLN F 17 35.94 -7.90 -52.33
C GLN F 17 36.10 -9.43 -52.29
N LEU F 18 35.52 -10.09 -51.29
CA LEU F 18 35.62 -11.55 -51.23
C LEU F 18 34.83 -12.22 -52.35
N THR F 19 33.74 -11.58 -52.83
CA THR F 19 32.99 -12.13 -53.95
C THR F 19 33.85 -12.04 -55.21
N GLN F 20 34.58 -10.94 -55.41
CA GLN F 20 35.46 -10.80 -56.56
C GLN F 20 36.57 -11.85 -56.52
N GLU F 21 37.18 -12.07 -55.33
CA GLU F 21 38.26 -13.05 -55.14
C GLU F 21 37.84 -14.50 -55.21
N LEU F 22 36.77 -14.87 -54.47
CA LEU F 22 36.32 -16.27 -54.43
C LEU F 22 35.31 -16.64 -55.52
N GLY F 23 34.65 -15.64 -56.10
CA GLY F 23 33.70 -15.85 -57.18
C GLY F 23 32.25 -15.90 -56.75
N THR F 24 31.33 -15.61 -57.68
CA THR F 24 29.91 -15.66 -57.36
C THR F 24 29.47 -17.08 -57.11
N ALA F 25 30.08 -18.10 -57.75
CA ALA F 25 29.68 -19.50 -57.52
C ALA F 25 29.90 -19.90 -56.08
N PHE F 26 31.02 -19.47 -55.46
CA PHE F 26 31.30 -19.77 -54.06
C PHE F 26 30.18 -19.23 -53.14
N PHE F 27 29.76 -17.99 -53.37
CA PHE F 27 28.76 -17.32 -52.56
C PHE F 27 27.32 -17.77 -52.86
N GLN F 28 27.11 -18.65 -53.83
CA GLN F 28 25.79 -19.23 -54.10
C GLN F 28 25.62 -20.59 -53.41
N GLN F 29 26.73 -21.27 -53.04
CA GLN F 29 26.73 -22.57 -52.38
C GLN F 29 26.52 -22.43 -50.87
N GLN F 30 26.35 -23.58 -50.17
CA GLN F 30 26.21 -23.75 -48.72
C GLN F 30 25.28 -22.72 -48.07
N GLN F 31 24.18 -22.37 -48.77
CA GLN F 31 23.19 -21.39 -48.29
C GLN F 31 23.82 -20.07 -47.87
N LEU F 32 24.91 -19.66 -48.54
CA LEU F 32 25.57 -18.39 -48.21
C LEU F 32 24.66 -17.18 -48.44
N PRO F 33 23.77 -17.11 -49.48
CA PRO F 33 22.88 -15.94 -49.57
C PRO F 33 21.96 -15.87 -48.33
N ALA F 34 21.46 -17.01 -47.83
CA ALA F 34 20.62 -17.03 -46.63
C ALA F 34 21.44 -16.69 -45.37
N ALA F 35 22.73 -17.05 -45.36
CA ALA F 35 23.62 -16.74 -44.25
C ALA F 35 23.85 -15.26 -44.08
N MET F 36 23.86 -14.50 -45.18
CA MET F 36 24.10 -13.05 -45.13
C MET F 36 22.85 -12.22 -44.80
N ALA F 37 21.67 -12.85 -44.65
CA ALA F 37 20.45 -12.11 -44.38
C ALA F 37 20.48 -11.35 -43.07
N ASP F 38 19.78 -10.20 -43.04
CA ASP F 38 19.73 -9.33 -41.88
C ASP F 38 18.72 -9.74 -40.83
N THR F 39 17.72 -10.57 -41.20
CA THR F 39 16.73 -11.08 -40.25
C THR F 39 16.54 -12.58 -40.47
N PHE F 40 16.01 -13.29 -39.47
CA PHE F 40 15.73 -14.72 -39.59
C PHE F 40 14.67 -14.94 -40.68
N LEU F 41 13.66 -14.07 -40.76
CA LEU F 41 12.61 -14.19 -41.79
C LEU F 41 13.23 -14.11 -43.19
N GLU F 42 14.13 -13.12 -43.42
CA GLU F 42 14.80 -13.00 -44.72
C GLU F 42 15.71 -14.19 -44.98
N HIS F 43 16.35 -14.73 -43.93
CA HIS F 43 17.18 -15.94 -44.01
C HIS F 43 16.33 -17.11 -44.54
N LEU F 44 15.13 -17.30 -43.99
CA LEU F 44 14.22 -18.36 -44.48
C LEU F 44 13.86 -18.15 -45.94
N CYS F 45 13.50 -16.91 -46.32
CA CYS F 45 13.12 -16.55 -47.68
C CYS F 45 14.24 -16.82 -48.69
N LEU F 46 15.50 -16.78 -48.24
CA LEU F 46 16.64 -16.98 -49.13
C LEU F 46 17.15 -18.41 -49.20
N LEU F 47 16.58 -19.35 -48.43
CA LEU F 47 16.99 -20.76 -48.50
C LEU F 47 16.73 -21.28 -49.92
N ASP F 48 17.71 -21.97 -50.50
CA ASP F 48 17.66 -22.36 -51.90
C ASP F 48 17.95 -23.85 -52.07
N ILE F 49 17.01 -24.60 -52.68
CA ILE F 49 17.22 -26.03 -52.92
C ILE F 49 18.37 -26.31 -53.93
N ASP F 50 18.75 -25.30 -54.74
CA ASP F 50 19.86 -25.42 -55.70
C ASP F 50 21.20 -25.00 -55.09
N SER F 51 21.23 -24.53 -53.84
CA SER F 51 22.46 -24.16 -53.17
C SER F 51 23.01 -25.42 -52.51
N GLU F 52 24.06 -26.01 -53.11
CA GLU F 52 24.60 -27.27 -52.64
C GLU F 52 25.50 -27.17 -51.42
N PRO F 53 25.39 -28.14 -50.49
CA PRO F 53 26.29 -28.13 -49.33
C PRO F 53 27.72 -28.44 -49.75
N VAL F 54 28.71 -27.80 -49.12
CA VAL F 54 30.10 -28.03 -49.47
C VAL F 54 30.86 -28.58 -48.25
N ALA F 55 30.56 -28.05 -47.06
CA ALA F 55 31.27 -28.46 -45.85
C ALA F 55 31.07 -29.93 -45.51
N ALA F 56 32.06 -30.53 -44.80
CA ALA F 56 31.95 -31.90 -44.33
C ALA F 56 30.81 -31.95 -43.27
N ARG F 57 30.10 -33.07 -43.21
CA ARG F 57 28.98 -33.23 -42.29
C ARG F 57 29.45 -33.20 -40.85
N SER F 58 28.93 -32.26 -40.09
CA SER F 58 29.38 -32.01 -38.73
C SER F 58 28.57 -32.68 -37.59
N THR F 59 27.30 -33.02 -37.80
CA THR F 59 26.51 -33.67 -36.76
C THR F 59 26.81 -35.16 -36.79
N SER F 60 27.32 -35.73 -35.70
CA SER F 60 27.64 -37.17 -35.68
C SER F 60 26.42 -38.08 -35.73
N ILE F 61 26.60 -39.24 -36.34
CA ILE F 61 25.56 -40.25 -36.44
C ILE F 61 25.86 -41.41 -35.50
N ILE F 62 24.90 -41.72 -34.63
CA ILE F 62 25.01 -42.85 -33.72
C ILE F 62 24.15 -43.96 -34.32
N ALA F 63 24.74 -45.14 -34.57
CA ALA F 63 23.98 -46.25 -35.13
C ALA F 63 23.90 -47.36 -34.10
N THR F 64 22.71 -47.90 -33.89
CA THR F 64 22.54 -48.99 -32.93
C THR F 64 22.94 -50.29 -33.60
N ILE F 65 23.77 -51.07 -32.91
CA ILE F 65 24.22 -52.36 -33.45
C ILE F 65 23.22 -53.47 -33.09
N GLY F 66 22.95 -54.31 -34.06
CA GLY F 66 22.05 -55.45 -33.90
C GLY F 66 22.21 -56.45 -35.02
N PRO F 67 21.27 -57.40 -35.17
CA PRO F 67 21.41 -58.40 -36.23
C PRO F 67 21.61 -57.86 -37.64
N ALA F 68 21.03 -56.70 -37.97
CA ALA F 68 21.19 -56.12 -39.31
C ALA F 68 22.51 -55.38 -39.53
N SER F 69 23.28 -55.14 -38.46
CA SER F 69 24.49 -54.34 -38.56
C SER F 69 25.64 -54.89 -37.68
N ARG F 70 25.72 -56.21 -37.55
CA ARG F 70 26.73 -56.82 -36.67
C ARG F 70 27.93 -57.42 -37.38
N SER F 71 27.77 -57.88 -38.63
CA SER F 71 28.89 -58.46 -39.37
C SER F 71 29.96 -57.42 -39.68
N VAL F 72 31.23 -57.86 -39.74
CA VAL F 72 32.37 -56.99 -40.03
C VAL F 72 32.21 -56.31 -41.39
N GLU F 73 31.72 -57.05 -42.39
CA GLU F 73 31.53 -56.49 -43.72
C GLU F 73 30.43 -55.42 -43.74
N ARG F 74 29.35 -55.63 -42.98
CA ARG F 74 28.26 -54.66 -42.89
C ARG F 74 28.72 -53.42 -42.13
N LEU F 75 29.49 -53.60 -41.06
CA LEU F 75 30.04 -52.50 -40.28
C LEU F 75 31.02 -51.64 -41.08
N LYS F 76 31.79 -52.25 -42.03
CA LYS F 76 32.69 -51.48 -42.89
C LYS F 76 31.87 -50.55 -43.78
N GLU F 77 30.73 -51.04 -44.32
CA GLU F 77 29.84 -50.24 -45.16
CA GLU F 77 29.88 -50.21 -45.15
C GLU F 77 29.24 -49.08 -44.34
N MET F 78 28.88 -49.35 -43.09
CA MET F 78 28.29 -48.32 -42.23
CA MET F 78 28.28 -48.32 -42.24
C MET F 78 29.29 -47.24 -41.85
N ILE F 79 30.57 -47.63 -41.68
CA ILE F 79 31.62 -46.67 -41.38
C ILE F 79 31.81 -45.76 -42.61
N LYS F 80 31.84 -46.35 -43.81
CA LYS F 80 31.98 -45.59 -45.05
C LYS F 80 30.78 -44.68 -45.30
N ALA F 81 29.57 -45.12 -44.89
CA ALA F 81 28.33 -44.33 -45.02
C ALA F 81 28.29 -43.13 -44.06
N GLY F 82 29.05 -43.19 -42.96
CA GLY F 82 29.12 -42.08 -42.03
C GLY F 82 28.88 -42.35 -40.56
N MET F 83 28.72 -43.63 -40.15
CA MET F 83 28.54 -43.94 -38.72
C MET F 83 29.75 -43.49 -37.90
N ASN F 84 29.55 -42.70 -36.85
CA ASN F 84 30.66 -42.19 -36.04
C ASN F 84 30.72 -42.85 -34.66
N ILE F 85 29.54 -43.27 -34.14
CA ILE F 85 29.38 -43.88 -32.83
C ILE F 85 28.53 -45.13 -32.96
N ALA F 86 29.01 -46.25 -32.44
CA ALA F 86 28.28 -47.52 -32.45
C ALA F 86 27.62 -47.67 -31.07
N ARG F 87 26.31 -47.83 -31.03
CA ARG F 87 25.57 -47.96 -29.77
C ARG F 87 25.23 -49.41 -29.49
N LEU F 88 25.57 -49.87 -28.30
CA LEU F 88 25.25 -51.25 -27.85
C LEU F 88 24.09 -51.11 -26.88
N ASN F 89 22.92 -51.62 -27.25
CA ASN F 89 21.75 -51.52 -26.41
C ASN F 89 21.71 -52.70 -25.43
N PHE F 90 22.07 -52.45 -24.16
CA PHE F 90 22.10 -53.50 -23.15
C PHE F 90 20.71 -53.92 -22.64
N SER F 91 19.62 -53.41 -23.26
CA SER F 91 18.28 -53.89 -22.95
C SER F 91 18.07 -55.29 -23.57
N HIS F 92 18.87 -55.66 -24.60
CA HIS F 92 18.78 -56.96 -25.27
C HIS F 92 20.18 -57.57 -25.39
N GLY F 93 20.26 -58.89 -25.46
CA GLY F 93 21.53 -59.60 -25.64
C GLY F 93 22.35 -59.80 -24.39
N SER F 94 23.16 -60.86 -24.41
CA SER F 94 24.05 -61.20 -23.29
C SER F 94 25.38 -60.44 -23.37
N HIS F 95 26.23 -60.57 -22.33
CA HIS F 95 27.56 -59.97 -22.35
C HIS F 95 28.40 -60.58 -23.49
N GLU F 96 28.22 -61.87 -23.77
CA GLU F 96 28.93 -62.55 -24.85
C GLU F 96 28.55 -61.95 -26.21
N TYR F 97 27.25 -61.66 -26.39
CA TYR F 97 26.73 -61.06 -27.63
C TYR F 97 27.36 -59.67 -27.83
N HIS F 98 27.37 -58.84 -26.78
CA HIS F 98 27.91 -57.50 -26.86
C HIS F 98 29.42 -57.47 -27.04
N ALA F 99 30.16 -58.43 -26.44
CA ALA F 99 31.60 -58.51 -26.62
C ALA F 99 31.93 -58.82 -28.08
N GLU F 100 31.13 -59.66 -28.74
CA GLU F 100 31.34 -60.00 -30.13
C GLU F 100 31.03 -58.77 -31.02
N SER F 101 29.99 -57.98 -30.67
CA SER F 101 29.65 -56.76 -31.40
C SER F 101 30.83 -55.77 -31.31
N ILE F 102 31.41 -55.60 -30.11
CA ILE F 102 32.56 -54.73 -29.90
C ILE F 102 33.75 -55.18 -30.75
N ALA F 103 34.04 -56.49 -30.75
CA ALA F 103 35.15 -57.05 -31.53
C ALA F 103 34.93 -56.79 -33.02
N ASN F 104 33.70 -56.99 -33.52
CA ASN F 104 33.39 -56.76 -34.93
C ASN F 104 33.50 -55.29 -35.31
N VAL F 105 33.09 -54.38 -34.42
CA VAL F 105 33.21 -52.94 -34.68
C VAL F 105 34.69 -52.58 -34.75
N ARG F 106 35.49 -53.02 -33.77
CA ARG F 106 36.93 -52.75 -33.76
C ARG F 106 37.65 -53.35 -34.98
N GLU F 107 37.25 -54.55 -35.42
CA GLU F 107 37.87 -55.15 -36.60
C GLU F 107 37.57 -54.32 -37.86
N ALA F 108 36.31 -53.88 -38.00
CA ALA F 108 35.92 -53.06 -39.13
C ALA F 108 36.63 -51.71 -39.12
N VAL F 109 36.75 -51.09 -37.93
CA VAL F 109 37.41 -49.78 -37.79
C VAL F 109 38.89 -49.90 -38.14
N GLU F 110 39.56 -50.93 -37.59
CA GLU F 110 41.00 -51.11 -37.82
C GLU F 110 41.34 -51.57 -39.24
N SER F 111 40.37 -52.04 -40.02
CA SER F 111 40.62 -52.40 -41.41
C SER F 111 41.02 -51.17 -42.29
N PHE F 112 40.71 -49.95 -41.82
CA PHE F 112 41.06 -48.70 -42.50
C PHE F 112 42.30 -48.00 -41.91
N ALA F 113 42.93 -48.61 -40.88
CA ALA F 113 44.11 -48.03 -40.22
C ALA F 113 45.39 -48.04 -41.04
N GLY F 114 45.36 -48.57 -42.25
CA GLY F 114 46.53 -48.59 -43.11
C GLY F 114 46.98 -47.20 -43.49
N SER F 115 46.02 -46.30 -43.76
CA SER F 115 46.35 -44.94 -44.15
C SER F 115 46.04 -43.98 -43.02
N PRO F 116 47.08 -43.55 -42.31
CA PRO F 116 46.87 -42.60 -41.21
C PRO F 116 46.28 -41.25 -41.63
N LEU F 117 46.53 -40.80 -42.87
CA LEU F 117 45.98 -39.51 -43.32
C LEU F 117 44.46 -39.56 -43.56
N SER F 118 43.80 -40.78 -43.55
CA SER F 118 42.34 -40.89 -43.81
C SER F 118 41.46 -41.67 -42.72
N TYR F 119 41.97 -42.77 -42.09
CA TYR F 119 41.32 -43.63 -41.03
C TYR F 119 40.12 -42.99 -40.28
N ARG F 120 39.07 -43.78 -39.94
CA ARG F 120 37.92 -43.20 -39.21
C ARG F 120 37.72 -43.73 -37.79
N PRO F 121 38.06 -42.93 -36.78
CA PRO F 121 37.82 -43.36 -35.40
C PRO F 121 36.31 -43.48 -35.15
N VAL F 122 35.91 -44.57 -34.51
CA VAL F 122 34.51 -44.80 -34.24
C VAL F 122 34.36 -45.06 -32.74
N ALA F 123 33.52 -44.27 -32.05
CA ALA F 123 33.32 -44.47 -30.63
C ALA F 123 32.38 -45.64 -30.34
N ILE F 124 32.51 -46.23 -29.15
CA ILE F 124 31.62 -47.32 -28.75
C ILE F 124 30.89 -46.86 -27.52
N ALA F 125 29.56 -46.86 -27.58
CA ALA F 125 28.71 -46.40 -26.49
C ALA F 125 27.87 -47.51 -25.93
N LEU F 126 27.80 -47.60 -24.61
CA LEU F 126 27.01 -48.62 -23.94
C LEU F 126 25.73 -47.97 -23.43
N ASP F 127 24.58 -48.44 -23.88
CA ASP F 127 23.30 -47.87 -23.46
C ASP F 127 22.69 -48.82 -22.43
N THR F 128 22.56 -48.38 -21.19
CA THR F 128 22.08 -49.23 -20.11
C THR F 128 20.60 -49.64 -20.20
N LYS F 129 20.28 -50.79 -19.60
CA LYS F 129 18.91 -51.32 -19.54
C LYS F 129 18.01 -50.38 -18.73
N GLY F 130 18.53 -49.85 -17.63
CA GLY F 130 17.77 -48.92 -16.81
C GLY F 130 17.38 -49.43 -15.44
N PRO F 131 16.74 -48.56 -14.66
CA PRO F 131 16.35 -48.94 -13.29
C PRO F 131 15.09 -49.81 -13.22
N PRO F 135 14.24 -47.50 -7.89
CA PRO F 135 14.58 -46.18 -7.33
C PRO F 135 15.88 -45.60 -7.87
N GLY F 136 16.86 -46.45 -8.15
CA GLY F 136 18.16 -46.00 -8.65
C GLY F 136 18.86 -47.06 -9.47
N LEU F 137 20.20 -47.10 -9.39
CA LEU F 137 21.01 -48.05 -10.16
C LEU F 137 20.73 -49.51 -9.87
N SER F 138 20.24 -50.24 -10.88
CA SER F 138 19.92 -51.65 -10.77
C SER F 138 21.18 -52.53 -10.71
N GLU F 139 21.04 -53.77 -10.20
CA GLU F 139 22.16 -54.71 -10.12
C GLU F 139 22.66 -55.11 -11.50
N GLN F 140 21.75 -55.23 -12.49
CA GLN F 140 22.16 -55.56 -13.85
C GLN F 140 22.98 -54.41 -14.44
N ASP F 141 22.59 -53.16 -14.17
CA ASP F 141 23.34 -52.00 -14.65
C ASP F 141 24.74 -51.96 -14.07
N VAL F 142 24.92 -52.33 -12.78
CA VAL F 142 26.25 -52.36 -12.17
C VAL F 142 27.14 -53.37 -12.90
N ARG F 143 26.60 -54.55 -13.25
CA ARG F 143 27.35 -55.56 -13.97
C ARG F 143 27.66 -55.14 -15.41
N ASP F 144 26.69 -54.51 -16.08
CA ASP F 144 26.86 -54.03 -17.45
C ASP F 144 27.88 -52.90 -17.51
N LEU F 145 27.85 -51.98 -16.54
CA LEU F 145 28.81 -50.89 -16.49
C LEU F 145 30.22 -51.40 -16.26
N ARG F 146 30.36 -52.44 -15.41
CA ARG F 146 31.65 -53.08 -15.16
C ARG F 146 32.15 -53.73 -16.46
N PHE F 147 31.25 -54.37 -17.23
CA PHE F 147 31.58 -54.96 -18.52
C PHE F 147 32.12 -53.88 -19.47
N GLY F 148 31.46 -52.72 -19.48
CA GLY F 148 31.86 -51.59 -20.30
C GLY F 148 33.28 -51.12 -20.03
N VAL F 149 33.62 -50.97 -18.75
CA VAL F 149 34.97 -50.58 -18.34
C VAL F 149 35.99 -51.63 -18.77
N GLU F 150 35.67 -52.92 -18.54
CA GLU F 150 36.57 -54.01 -18.90
C GLU F 150 36.80 -54.10 -20.41
N HIS F 151 35.78 -53.76 -21.21
CA HIS F 151 35.90 -53.80 -22.66
C HIS F 151 36.30 -52.45 -23.30
N GLY F 152 36.63 -51.45 -22.49
CA GLY F 152 37.11 -50.16 -22.97
C GLY F 152 36.12 -49.31 -23.76
N VAL F 153 34.83 -49.29 -23.35
CA VAL F 153 33.85 -48.45 -24.05
C VAL F 153 34.19 -46.97 -23.81
N ASP F 154 33.80 -46.11 -24.74
CA ASP F 154 34.13 -44.68 -24.65
C ASP F 154 33.05 -43.88 -23.95
N ILE F 155 31.79 -44.29 -24.10
CA ILE F 155 30.64 -43.54 -23.63
C ILE F 155 29.61 -44.44 -22.98
N VAL F 156 28.89 -43.91 -22.01
CA VAL F 156 27.76 -44.59 -21.41
C VAL F 156 26.53 -43.69 -21.64
N PHE F 157 25.46 -44.26 -22.21
CA PHE F 157 24.18 -43.57 -22.33
C PHE F 157 23.39 -44.12 -21.14
N ALA F 158 23.32 -43.34 -20.04
CA ALA F 158 22.67 -43.79 -18.80
C ALA F 158 21.15 -43.63 -18.86
N SER F 159 20.41 -44.73 -18.85
CA SER F 159 18.96 -44.70 -18.94
C SER F 159 18.26 -44.14 -17.71
N PHE F 160 17.12 -43.46 -17.96
CA PHE F 160 16.23 -42.88 -16.94
C PHE F 160 16.92 -42.09 -15.84
N VAL F 161 17.76 -41.11 -16.22
CA VAL F 161 18.41 -40.26 -15.22
C VAL F 161 17.38 -39.27 -14.72
N ARG F 162 17.12 -39.25 -13.40
CA ARG F 162 16.10 -38.38 -12.79
C ARG F 162 16.68 -37.27 -11.90
N LYS F 163 17.93 -37.42 -11.47
CA LYS F 163 18.56 -36.46 -10.57
C LYS F 163 20.07 -36.63 -10.61
N ALA F 164 20.81 -35.66 -10.02
CA ALA F 164 22.27 -35.70 -9.99
C ALA F 164 22.83 -36.96 -9.32
N SER F 165 22.17 -37.49 -8.28
CA SER F 165 22.68 -38.69 -7.59
C SER F 165 22.64 -39.94 -8.47
N ASP F 166 21.76 -39.96 -9.50
CA ASP F 166 21.73 -41.07 -10.45
C ASP F 166 23.02 -41.07 -11.28
N VAL F 167 23.53 -39.89 -11.65
CA VAL F 167 24.78 -39.75 -12.41
C VAL F 167 25.95 -40.18 -11.52
N ALA F 168 25.95 -39.77 -10.25
CA ALA F 168 27.00 -40.14 -9.30
C ALA F 168 27.06 -41.67 -9.12
N ALA F 169 25.90 -42.34 -9.10
CA ALA F 169 25.84 -43.79 -8.98
C ALA F 169 26.48 -44.47 -10.18
N VAL F 170 26.22 -43.95 -11.40
CA VAL F 170 26.81 -44.50 -12.62
C VAL F 170 28.33 -44.30 -12.60
N ARG F 171 28.77 -43.11 -12.19
CA ARG F 171 30.18 -42.77 -12.08
CA ARG F 171 30.19 -42.79 -12.09
C ARG F 171 30.89 -43.73 -11.10
N ALA F 172 30.25 -44.00 -9.94
CA ALA F 172 30.80 -44.91 -8.94
C ALA F 172 30.88 -46.35 -9.47
N ALA F 173 29.84 -46.81 -10.19
CA ALA F 173 29.85 -48.17 -10.75
C ALA F 173 30.93 -48.36 -11.84
N LEU F 174 31.36 -47.28 -12.48
CA LEU F 174 32.45 -47.36 -13.47
C LEU F 174 33.85 -47.54 -12.77
N GLY F 175 33.95 -47.19 -11.49
CA GLY F 175 35.15 -47.34 -10.70
C GLY F 175 36.31 -46.43 -11.07
N PRO F 176 37.49 -46.66 -10.47
CA PRO F 176 38.65 -45.82 -10.77
C PRO F 176 39.22 -46.02 -12.16
N GLU F 177 38.99 -47.18 -12.79
CA GLU F 177 39.48 -47.41 -14.16
C GLU F 177 38.58 -46.81 -15.26
N GLY F 178 37.38 -46.36 -14.91
CA GLY F 178 36.46 -45.80 -15.89
C GLY F 178 36.26 -44.30 -15.77
N HIS F 179 37.23 -43.59 -15.20
CA HIS F 179 37.16 -42.14 -15.01
C HIS F 179 37.10 -41.35 -16.32
N GLY F 180 37.69 -41.90 -17.37
CA GLY F 180 37.74 -41.24 -18.68
C GLY F 180 36.52 -41.45 -19.56
N ILE F 181 35.61 -42.35 -19.15
CA ILE F 181 34.40 -42.64 -19.91
C ILE F 181 33.40 -41.47 -19.81
N LYS F 182 32.83 -41.05 -20.94
CA LYS F 182 31.85 -39.96 -20.94
C LYS F 182 30.46 -40.46 -20.52
N ILE F 183 29.81 -39.76 -19.60
CA ILE F 183 28.46 -40.14 -19.19
C ILE F 183 27.44 -39.18 -19.84
N ILE F 184 26.61 -39.72 -20.72
CA ILE F 184 25.56 -38.97 -21.38
C ILE F 184 24.27 -39.40 -20.70
N SER F 185 23.65 -38.49 -19.93
CA SER F 185 22.41 -38.82 -19.22
C SER F 185 21.19 -38.80 -20.14
N LYS F 186 20.43 -39.88 -20.16
CA LYS F 186 19.21 -39.96 -20.96
C LYS F 186 18.04 -39.36 -20.15
N ILE F 187 17.38 -38.32 -20.69
CA ILE F 187 16.22 -37.71 -20.03
C ILE F 187 15.00 -38.34 -20.64
N GLU F 188 14.28 -39.13 -19.82
CA GLU F 188 13.17 -39.94 -20.30
C GLU F 188 11.85 -39.75 -19.56
N ASN F 189 11.78 -38.87 -18.57
CA ASN F 189 10.52 -38.69 -17.83
C ASN F 189 10.37 -37.25 -17.30
N HIS F 190 9.24 -36.94 -16.66
CA HIS F 190 8.95 -35.61 -16.14
C HIS F 190 9.98 -35.13 -15.14
N GLU F 191 10.39 -36.00 -14.21
CA GLU F 191 11.38 -35.63 -13.21
C GLU F 191 12.73 -35.24 -13.82
N GLY F 192 13.18 -35.99 -14.82
CA GLY F 192 14.42 -35.68 -15.52
C GLY F 192 14.39 -34.32 -16.18
N VAL F 193 13.24 -33.97 -16.79
CA VAL F 193 13.06 -32.65 -17.42
C VAL F 193 13.07 -31.54 -16.35
N LYS F 194 12.32 -31.73 -15.27
CA LYS F 194 12.24 -30.74 -14.20
C LYS F 194 13.56 -30.53 -13.47
N ARG F 195 14.34 -31.59 -13.27
CA ARG F 195 15.64 -31.50 -12.60
C ARG F 195 16.81 -31.43 -13.61
N PHE F 196 16.52 -31.02 -14.87
CA PHE F 196 17.51 -30.97 -15.94
C PHE F 196 18.80 -30.23 -15.56
N ASP F 197 18.71 -29.02 -14.98
CA ASP F 197 19.89 -28.23 -14.68
C ASP F 197 20.87 -28.95 -13.76
N GLU F 198 20.36 -29.63 -12.72
CA GLU F 198 21.25 -30.36 -11.81
C GLU F 198 21.86 -31.60 -12.47
N ILE F 199 21.13 -32.23 -13.41
CA ILE F 199 21.61 -33.39 -14.14
C ILE F 199 22.71 -32.98 -15.13
N LEU F 200 22.46 -31.92 -15.91
CA LEU F 200 23.44 -31.43 -16.89
C LEU F 200 24.74 -31.01 -16.21
N GLU F 201 24.66 -30.36 -15.06
CA GLU F 201 25.83 -29.89 -14.33
C GLU F 201 26.84 -31.00 -14.04
N VAL F 202 26.36 -32.20 -13.71
CA VAL F 202 27.26 -33.32 -13.38
C VAL F 202 27.47 -34.32 -14.53
N SER F 203 26.77 -34.15 -15.66
CA SER F 203 26.90 -35.07 -16.78
C SER F 203 27.86 -34.50 -17.83
N ASP F 204 28.38 -35.38 -18.69
CA ASP F 204 29.20 -34.91 -19.82
C ASP F 204 28.31 -34.40 -20.98
N GLY F 205 27.07 -34.87 -21.03
CA GLY F 205 26.12 -34.50 -22.05
C GLY F 205 24.75 -35.12 -21.78
N ILE F 206 23.82 -34.92 -22.70
CA ILE F 206 22.45 -35.37 -22.53
C ILE F 206 21.94 -36.09 -23.78
N MET F 207 21.03 -37.04 -23.59
CA MET F 207 20.33 -37.64 -24.71
C MET F 207 18.84 -37.34 -24.48
N VAL F 208 18.17 -36.77 -25.49
CA VAL F 208 16.73 -36.54 -25.46
C VAL F 208 16.14 -37.87 -25.93
N ALA F 209 15.78 -38.74 -24.97
CA ALA F 209 15.26 -40.07 -25.27
C ALA F 209 13.75 -39.95 -25.48
N ARG F 210 13.37 -39.62 -26.71
CA ARG F 210 11.98 -39.29 -27.03
C ARG F 210 10.99 -40.42 -26.92
N GLY F 211 11.44 -41.67 -27.06
CA GLY F 211 10.58 -42.85 -26.96
C GLY F 211 9.87 -42.91 -25.61
N ASP F 212 10.66 -43.05 -24.53
CA ASP F 212 10.09 -43.09 -23.18
C ASP F 212 9.51 -41.74 -22.78
N LEU F 213 10.16 -40.63 -23.16
CA LEU F 213 9.66 -39.29 -22.83
C LEU F 213 8.22 -39.09 -23.37
N GLY F 214 7.96 -39.58 -24.58
CA GLY F 214 6.65 -39.49 -25.22
C GLY F 214 5.56 -40.35 -24.62
N ILE F 215 5.92 -41.25 -23.70
CA ILE F 215 4.99 -42.11 -22.96
C ILE F 215 4.83 -41.54 -21.53
N GLU F 216 5.90 -40.97 -20.95
CA GLU F 216 5.90 -40.40 -19.61
C GLU F 216 5.21 -39.04 -19.53
N ILE F 217 5.33 -38.24 -20.60
CA ILE F 217 4.68 -36.93 -20.66
C ILE F 217 3.78 -36.91 -21.92
N PRO F 218 2.82 -35.97 -22.05
CA PRO F 218 1.98 -35.96 -23.27
C PRO F 218 2.83 -35.88 -24.54
N ALA F 219 2.51 -36.71 -25.55
CA ALA F 219 3.29 -36.77 -26.79
C ALA F 219 3.44 -35.40 -27.47
N GLU F 220 2.40 -34.56 -27.38
CA GLU F 220 2.43 -33.22 -27.98
C GLU F 220 3.36 -32.24 -27.26
N LYS F 221 3.97 -32.62 -26.12
CA LYS F 221 4.88 -31.75 -25.39
C LYS F 221 6.35 -32.13 -25.60
N VAL F 222 6.65 -33.29 -26.22
CA VAL F 222 8.02 -33.74 -26.41
C VAL F 222 8.89 -32.73 -27.15
N PHE F 223 8.37 -32.08 -28.20
CA PHE F 223 9.15 -31.07 -28.92
C PHE F 223 9.61 -29.92 -28.02
N LEU F 224 8.81 -29.55 -27.00
CA LEU F 224 9.17 -28.48 -26.09
C LEU F 224 10.34 -28.91 -25.23
N ALA F 225 10.29 -30.16 -24.72
CA ALA F 225 11.38 -30.69 -23.90
C ALA F 225 12.65 -30.81 -24.77
N GLN F 226 12.52 -31.31 -26.01
CA GLN F 226 13.66 -31.43 -26.92
C GLN F 226 14.32 -30.08 -27.19
N LYS F 227 13.53 -29.07 -27.59
CA LYS F 227 14.08 -27.75 -27.90
C LYS F 227 14.72 -27.08 -26.69
N MET F 228 14.08 -27.20 -25.50
CA MET F 228 14.62 -26.63 -24.28
C MET F 228 15.97 -27.29 -23.91
N MET F 229 16.03 -28.62 -23.94
CA MET F 229 17.25 -29.35 -23.56
C MET F 229 18.38 -29.09 -24.53
N ILE F 230 18.08 -29.02 -25.83
CA ILE F 230 19.11 -28.70 -26.82
C ILE F 230 19.63 -27.27 -26.59
N GLY F 231 18.74 -26.32 -26.36
CA GLY F 231 19.15 -24.93 -26.09
C GLY F 231 20.02 -24.82 -24.85
N ARG F 232 19.63 -25.51 -23.75
CA ARG F 232 20.43 -25.46 -22.53
C ARG F 232 21.79 -26.15 -22.69
N CYS F 233 21.86 -27.24 -23.44
CA CYS F 233 23.13 -27.91 -23.70
C CYS F 233 24.03 -27.04 -24.56
N ASN F 234 23.45 -26.35 -25.56
CA ASN F 234 24.21 -25.45 -26.42
C ASN F 234 24.77 -24.29 -25.58
N LEU F 235 23.96 -23.76 -24.65
CA LEU F 235 24.38 -22.68 -23.78
C LEU F 235 25.53 -23.17 -22.84
N ALA F 236 25.43 -24.39 -22.33
CA ALA F 236 26.45 -24.98 -21.46
C ALA F 236 27.70 -25.48 -22.21
N GLY F 237 27.63 -25.60 -23.53
CA GLY F 237 28.74 -26.11 -24.33
C GLY F 237 28.96 -27.60 -24.14
N LYS F 238 27.87 -28.35 -23.86
CA LYS F 238 27.93 -29.80 -23.66
C LYS F 238 27.14 -30.54 -24.72
N PRO F 239 27.63 -31.71 -25.18
CA PRO F 239 26.92 -32.45 -26.24
C PRO F 239 25.50 -32.88 -25.92
N VAL F 240 24.64 -32.83 -26.93
CA VAL F 240 23.25 -33.24 -26.80
C VAL F 240 22.91 -34.14 -27.98
N VAL F 241 22.26 -35.26 -27.71
CA VAL F 241 21.88 -36.24 -28.72
C VAL F 241 20.35 -36.22 -28.89
N CYS F 242 19.88 -36.23 -30.14
CA CYS F 242 18.46 -36.40 -30.39
C CYS F 242 18.26 -37.85 -30.78
N ALA F 243 17.27 -38.52 -30.16
CA ALA F 243 17.07 -39.95 -30.41
C ALA F 243 15.62 -40.36 -30.60
N THR F 244 15.41 -41.53 -31.28
CA THR F 244 14.21 -42.37 -31.43
C THR F 244 13.25 -41.97 -32.54
N GLN F 245 12.98 -42.94 -33.45
CA GLN F 245 12.05 -42.89 -34.56
C GLN F 245 12.33 -41.78 -35.57
N MET F 246 13.59 -41.33 -35.67
CA MET F 246 13.95 -40.25 -36.61
C MET F 246 13.72 -40.64 -38.05
N LEU F 247 13.99 -41.91 -38.41
CA LEU F 247 13.76 -42.40 -39.78
C LEU F 247 13.08 -43.79 -39.69
N GLU F 248 12.17 -43.96 -38.73
CA GLU F 248 11.49 -45.21 -38.42
C GLU F 248 11.01 -46.04 -39.63
N SER F 249 10.33 -45.41 -40.60
CA SER F 249 9.82 -46.13 -41.77
C SER F 249 10.92 -46.80 -42.62
N MET F 250 12.19 -46.33 -42.52
CA MET F 250 13.31 -46.95 -43.23
C MET F 250 13.68 -48.35 -42.69
N ILE F 251 13.01 -48.82 -41.61
CA ILE F 251 13.18 -50.19 -41.14
C ILE F 251 12.72 -51.16 -42.27
N THR F 252 11.66 -50.80 -43.03
CA THR F 252 11.18 -51.64 -44.13
C THR F 252 11.16 -50.96 -45.49
N LYS F 253 11.24 -49.62 -45.54
CA LYS F 253 11.19 -48.89 -46.81
C LYS F 253 12.54 -48.27 -47.19
N PRO F 254 12.87 -48.21 -48.49
CA PRO F 254 14.17 -47.66 -48.88
C PRO F 254 14.28 -46.12 -48.76
N ARG F 255 13.12 -45.43 -48.68
CA ARG F 255 13.04 -43.98 -48.54
C ARG F 255 12.17 -43.62 -47.33
N PRO F 256 12.52 -42.57 -46.60
CA PRO F 256 11.73 -42.19 -45.41
C PRO F 256 10.50 -41.34 -45.74
N THR F 257 9.64 -41.09 -44.74
CA THR F 257 8.48 -40.23 -44.94
C THR F 257 8.93 -38.73 -44.92
N ARG F 258 8.05 -37.83 -45.36
CA ARG F 258 8.34 -36.39 -45.33
C ARG F 258 8.48 -35.87 -43.90
N ALA F 259 7.76 -36.48 -42.93
CA ALA F 259 7.89 -36.07 -41.54
C ALA F 259 9.24 -36.47 -40.94
N GLU F 260 9.75 -37.64 -41.35
CA GLU F 260 11.03 -38.15 -40.88
C GLU F 260 12.20 -37.31 -41.35
N THR F 261 12.22 -36.92 -42.64
CA THR F 261 13.31 -36.05 -43.13
C THR F 261 13.26 -34.70 -42.42
N SER F 262 12.04 -34.17 -42.24
CA SER F 262 11.83 -32.92 -41.52
C SER F 262 12.34 -33.03 -40.06
N ASP F 263 12.06 -34.13 -39.38
CA ASP F 263 12.49 -34.36 -38.00
C ASP F 263 14.01 -34.33 -37.85
N VAL F 264 14.74 -35.00 -38.75
CA VAL F 264 16.19 -35.03 -38.74
C VAL F 264 16.72 -33.62 -39.00
N ALA F 265 16.18 -32.93 -40.02
CA ALA F 265 16.63 -31.57 -40.34
C ALA F 265 16.40 -30.62 -39.18
N ASN F 266 15.22 -30.70 -38.52
CA ASN F 266 14.90 -29.84 -37.41
C ASN F 266 15.71 -30.13 -36.16
N ALA F 267 16.11 -31.41 -35.93
CA ALA F 267 16.97 -31.72 -34.78
C ALA F 267 18.34 -31.03 -34.95
N VAL F 268 18.87 -31.04 -36.18
CA VAL F 268 20.14 -30.37 -36.50
C VAL F 268 19.98 -28.86 -36.37
N LEU F 269 18.91 -28.30 -36.96
CA LEU F 269 18.66 -26.86 -36.85
C LEU F 269 18.44 -26.44 -35.39
N ASP F 270 17.79 -27.27 -34.56
CA ASP F 270 17.59 -26.98 -33.12
C ASP F 270 18.96 -26.81 -32.42
N GLY F 271 19.97 -27.58 -32.85
CA GLY F 271 21.31 -27.52 -32.28
C GLY F 271 21.86 -28.84 -31.78
N ALA F 272 21.27 -29.98 -32.19
CA ALA F 272 21.76 -31.28 -31.72
C ALA F 272 23.18 -31.56 -32.19
N ASP F 273 24.03 -32.04 -31.28
CA ASP F 273 25.41 -32.43 -31.65
C ASP F 273 25.40 -33.75 -32.37
N CYS F 274 24.53 -34.70 -31.95
CA CYS F 274 24.42 -36.01 -32.53
C CYS F 274 22.97 -36.36 -32.82
N ILE F 275 22.78 -37.20 -33.82
CA ILE F 275 21.47 -37.76 -34.17
C ILE F 275 21.63 -39.29 -34.13
N MET F 276 20.55 -40.01 -33.84
CA MET F 276 20.64 -41.45 -33.63
C MET F 276 19.69 -42.27 -34.47
N LEU F 277 20.08 -43.53 -34.74
CA LEU F 277 19.31 -44.53 -35.43
C LEU F 277 19.22 -45.74 -34.47
N SER F 278 18.03 -46.30 -34.30
CA SER F 278 17.81 -47.43 -33.39
C SER F 278 17.45 -48.67 -34.23
N GLY F 279 16.15 -49.00 -34.39
CA GLY F 279 15.71 -50.12 -35.20
C GLY F 279 16.14 -50.00 -36.66
N GLU F 280 16.28 -48.74 -37.15
CA GLU F 280 16.71 -48.49 -38.53
C GLU F 280 18.04 -49.18 -38.86
N THR F 281 18.97 -49.25 -37.89
CA THR F 281 20.24 -49.92 -38.13
C THR F 281 20.36 -51.27 -37.38
N ALA F 282 19.69 -51.40 -36.24
CA ALA F 282 19.76 -52.63 -35.46
C ALA F 282 19.06 -53.81 -36.10
N LYS F 283 17.87 -53.62 -36.68
CA LYS F 283 17.10 -54.74 -37.22
C LYS F 283 16.48 -54.53 -38.60
N GLY F 284 16.58 -53.31 -39.14
CA GLY F 284 15.94 -53.01 -40.41
C GLY F 284 16.58 -53.59 -41.66
N ASN F 285 15.88 -53.48 -42.78
CA ASN F 285 16.36 -53.98 -44.07
C ASN F 285 17.29 -53.01 -44.81
N PHE F 286 17.39 -51.75 -44.34
CA PHE F 286 18.23 -50.76 -45.03
C PHE F 286 19.16 -50.02 -44.03
N PRO F 287 19.99 -50.71 -43.22
CA PRO F 287 20.82 -50.00 -42.24
C PRO F 287 21.81 -49.01 -42.84
N VAL F 288 22.47 -49.38 -43.94
CA VAL F 288 23.44 -48.51 -44.60
C VAL F 288 22.73 -47.30 -45.22
N GLU F 289 21.58 -47.53 -45.85
CA GLU F 289 20.81 -46.46 -46.48
C GLU F 289 20.26 -45.48 -45.44
N ALA F 290 19.94 -45.95 -44.23
CA ALA F 290 19.46 -45.09 -43.14
C ALA F 290 20.57 -44.15 -42.69
N VAL F 291 21.81 -44.68 -42.60
CA VAL F 291 22.97 -43.86 -42.22
C VAL F 291 23.23 -42.83 -43.35
N LYS F 292 23.16 -43.26 -44.61
CA LYS F 292 23.37 -42.37 -45.75
C LYS F 292 22.32 -41.24 -45.78
N MET F 293 21.06 -41.55 -45.43
CA MET F 293 19.99 -40.57 -45.39
C MET F 293 20.22 -39.55 -44.28
N GLN F 294 20.62 -39.99 -43.07
CA GLN F 294 20.91 -39.03 -41.99
C GLN F 294 22.08 -38.15 -42.37
N HIS F 295 23.10 -38.74 -43.04
CA HIS F 295 24.27 -37.95 -43.48
C HIS F 295 23.82 -36.86 -44.47
N ALA F 296 23.01 -37.22 -45.47
CA ALA F 296 22.55 -36.29 -46.50
C ALA F 296 21.70 -35.16 -45.92
N ILE F 297 20.78 -35.49 -45.00
CA ILE F 297 19.91 -34.48 -44.38
C ILE F 297 20.71 -33.54 -43.49
N ALA F 298 21.58 -34.10 -42.62
CA ALA F 298 22.39 -33.29 -41.71
C ALA F 298 23.25 -32.28 -42.46
N ARG F 299 23.84 -32.66 -43.61
CA ARG F 299 24.68 -31.73 -44.39
C ARG F 299 23.84 -30.57 -44.92
N GLU F 300 22.63 -30.86 -45.40
CA GLU F 300 21.74 -29.80 -45.90
C GLU F 300 21.34 -28.89 -44.76
N ALA F 301 20.98 -29.46 -43.61
CA ALA F 301 20.51 -28.67 -42.46
C ALA F 301 21.61 -27.84 -41.81
N GLU F 302 22.83 -28.36 -41.75
CA GLU F 302 23.95 -27.60 -41.17
C GLU F 302 24.22 -26.31 -41.96
N ALA F 303 24.12 -26.39 -43.29
CA ALA F 303 24.31 -25.20 -44.13
C ALA F 303 23.18 -24.17 -43.93
N ALA F 304 21.97 -24.64 -43.57
CA ALA F 304 20.80 -23.78 -43.35
C ALA F 304 20.75 -23.12 -41.96
N VAL F 305 21.72 -23.40 -41.09
CA VAL F 305 21.79 -22.78 -39.77
C VAL F 305 22.05 -21.26 -39.95
N TYR F 306 21.31 -20.42 -39.22
CA TYR F 306 21.48 -18.98 -39.31
C TYR F 306 22.61 -18.55 -38.37
N HIS F 307 23.86 -18.77 -38.78
CA HIS F 307 25.05 -18.48 -37.94
C HIS F 307 25.14 -17.07 -37.46
N ARG F 308 24.66 -16.08 -38.23
CA ARG F 308 24.74 -14.68 -37.83
C ARG F 308 24.05 -14.45 -36.48
N GLN F 309 22.84 -15.00 -36.29
CA GLN F 309 22.15 -14.85 -35.02
C GLN F 309 22.68 -15.83 -33.98
N LEU F 310 22.93 -17.07 -34.37
CA LEU F 310 23.44 -18.10 -33.45
C LEU F 310 24.76 -17.67 -32.78
N PHE F 311 25.75 -17.22 -33.56
CA PHE F 311 27.04 -16.78 -33.01
C PHE F 311 26.86 -15.58 -32.09
N GLU F 312 26.06 -14.58 -32.50
CA GLU F 312 25.79 -13.41 -31.69
C GLU F 312 25.16 -13.79 -30.33
N GLU F 313 24.18 -14.72 -30.35
CA GLU F 313 23.51 -15.13 -29.12
C GLU F 313 24.40 -15.98 -28.23
N LEU F 314 25.20 -16.88 -28.81
CA LEU F 314 26.12 -17.71 -28.02
C LEU F 314 27.17 -16.81 -27.35
N ARG F 315 27.64 -15.78 -28.05
CA ARG F 315 28.59 -14.81 -27.50
C ARG F 315 27.97 -13.99 -26.37
N ARG F 316 26.77 -13.43 -26.59
CA ARG F 316 26.05 -12.64 -25.59
C ARG F 316 25.74 -13.44 -24.32
N ALA F 317 25.36 -14.72 -24.47
CA ALA F 317 24.99 -15.54 -23.34
C ALA F 317 26.17 -16.17 -22.59
N ALA F 318 27.31 -16.37 -23.28
CA ALA F 318 28.48 -16.96 -22.63
C ALA F 318 29.12 -15.92 -21.74
N PRO F 319 29.43 -16.29 -20.49
CA PRO F 319 30.02 -15.30 -19.58
C PRO F 319 31.45 -14.93 -19.97
N LEU F 320 31.94 -13.79 -19.45
CA LEU F 320 33.33 -13.38 -19.65
C LEU F 320 34.24 -14.45 -19.04
N SER F 321 35.40 -14.68 -19.65
CA SER F 321 36.27 -15.73 -19.18
C SER F 321 37.69 -15.31 -19.11
N ARG F 322 38.40 -15.78 -18.09
CA ARG F 322 39.84 -15.57 -17.99
C ARG F 322 40.62 -16.86 -18.30
N ASP F 323 39.94 -17.90 -18.83
CA ASP F 323 40.56 -19.15 -19.23
C ASP F 323 41.13 -18.93 -20.62
N PRO F 324 42.46 -19.05 -20.79
CA PRO F 324 43.05 -18.79 -22.12
C PRO F 324 42.53 -19.69 -23.25
N THR F 325 42.12 -20.93 -22.94
CA THR F 325 41.59 -21.83 -23.97
C THR F 325 40.26 -21.27 -24.49
N GLU F 326 39.41 -20.81 -23.58
CA GLU F 326 38.10 -20.24 -23.93
C GLU F 326 38.27 -18.92 -24.71
N VAL F 327 39.22 -18.08 -24.29
CA VAL F 327 39.50 -16.81 -24.94
C VAL F 327 40.04 -17.04 -26.36
N THR F 328 40.94 -18.02 -26.51
CA THR F 328 41.51 -18.35 -27.81
C THR F 328 40.41 -18.93 -28.71
N ALA F 329 39.54 -19.80 -28.17
CA ALA F 329 38.47 -20.41 -28.95
C ALA F 329 37.53 -19.39 -29.60
N ILE F 330 37.07 -18.38 -28.85
CA ILE F 330 36.17 -17.37 -29.42
C ILE F 330 36.90 -16.49 -30.44
N GLY F 331 38.16 -16.18 -30.19
CA GLY F 331 38.97 -15.43 -31.14
C GLY F 331 39.17 -16.20 -32.43
N ALA F 332 39.43 -17.52 -32.33
CA ALA F 332 39.61 -18.38 -33.50
C ALA F 332 38.32 -18.52 -34.32
N VAL F 333 37.16 -18.66 -33.66
CA VAL F 333 35.89 -18.79 -34.36
C VAL F 333 35.54 -17.46 -35.06
N GLU F 334 35.81 -16.34 -34.40
CA GLU F 334 35.57 -15.01 -34.98
CA GLU F 334 35.57 -15.01 -34.98
C GLU F 334 36.46 -14.83 -36.22
N ALA F 335 37.75 -15.22 -36.12
CA ALA F 335 38.69 -15.13 -37.24
C ALA F 335 38.24 -16.04 -38.41
N ALA F 336 37.79 -17.26 -38.11
CA ALA F 336 37.32 -18.19 -39.14
C ALA F 336 36.12 -17.59 -39.91
N PHE F 337 35.16 -16.96 -39.22
CA PHE F 337 34.02 -16.34 -39.90
C PHE F 337 34.45 -15.15 -40.78
N LYS F 338 35.44 -14.38 -40.33
CA LYS F 338 35.93 -13.19 -41.04
C LYS F 338 36.49 -13.52 -42.43
N CYS F 339 37.17 -14.67 -42.55
CA CYS F 339 37.80 -15.06 -43.80
C CYS F 339 37.14 -16.24 -44.51
N CYS F 340 35.99 -16.73 -44.02
CA CYS F 340 35.34 -17.94 -44.57
C CYS F 340 36.32 -19.12 -44.53
N ALA F 341 37.10 -19.25 -43.43
CA ALA F 341 38.12 -20.30 -43.29
C ALA F 341 37.55 -21.68 -43.59
N ALA F 342 38.31 -22.51 -44.29
CA ALA F 342 37.87 -23.87 -44.60
C ALA F 342 37.90 -24.74 -43.31
N ALA F 343 38.85 -24.46 -42.40
CA ALA F 343 39.00 -25.27 -41.19
C ALA F 343 39.73 -24.54 -40.07
N ILE F 344 39.55 -25.04 -38.83
CA ILE F 344 40.25 -24.60 -37.66
C ILE F 344 41.00 -25.87 -37.22
N ILE F 345 42.33 -25.86 -37.26
CA ILE F 345 43.11 -27.03 -36.86
C ILE F 345 43.53 -26.82 -35.44
N VAL F 346 43.20 -27.76 -34.55
CA VAL F 346 43.51 -27.62 -33.13
C VAL F 346 44.26 -28.84 -32.59
N LEU F 347 45.27 -28.60 -31.75
CA LEU F 347 45.97 -29.69 -31.09
C LEU F 347 45.27 -29.90 -29.77
N THR F 348 44.95 -31.16 -29.43
CA THR F 348 44.26 -31.44 -28.18
C THR F 348 44.64 -32.78 -27.59
N THR F 349 44.76 -32.84 -26.27
CA THR F 349 45.12 -34.07 -25.58
C THR F 349 43.83 -34.78 -25.12
N THR F 350 42.92 -34.03 -24.53
CA THR F 350 41.67 -34.57 -23.97
C THR F 350 40.43 -34.33 -24.85
N GLY F 351 40.55 -33.43 -25.82
CA GLY F 351 39.44 -33.02 -26.67
C GLY F 351 38.88 -31.67 -26.26
N ARG F 352 39.21 -31.18 -25.04
CA ARG F 352 38.66 -29.95 -24.48
C ARG F 352 38.83 -28.70 -25.38
N SER F 353 40.03 -28.47 -25.95
CA SER F 353 40.23 -27.30 -26.82
C SER F 353 39.30 -27.37 -28.06
N ALA F 354 39.05 -28.58 -28.57
CA ALA F 354 38.16 -28.76 -29.73
C ALA F 354 36.69 -28.54 -29.30
N GLN F 355 36.32 -29.02 -28.09
CA GLN F 355 34.97 -28.82 -27.55
C GLN F 355 34.66 -27.34 -27.37
N LEU F 356 35.63 -26.54 -26.89
CA LEU F 356 35.43 -25.10 -26.71
C LEU F 356 35.30 -24.34 -28.04
N LEU F 357 35.89 -24.86 -29.12
CA LEU F 357 35.73 -24.26 -30.43
C LEU F 357 34.32 -24.61 -30.95
N SER F 358 33.94 -25.90 -30.82
CA SER F 358 32.64 -26.46 -31.23
C SER F 358 31.44 -25.72 -30.59
N ARG F 359 31.57 -25.29 -29.32
CA ARG F 359 30.48 -24.62 -28.61
C ARG F 359 30.05 -23.28 -29.26
N TYR F 360 30.96 -22.65 -30.04
CA TYR F 360 30.64 -21.41 -30.74
C TYR F 360 30.04 -21.64 -32.13
N ARG F 361 29.82 -22.91 -32.50
CA ARG F 361 29.23 -23.35 -33.75
C ARG F 361 29.84 -22.70 -35.01
N PRO F 362 31.17 -22.84 -35.23
CA PRO F 362 31.75 -22.29 -36.46
C PRO F 362 31.23 -23.05 -37.67
N ARG F 363 31.20 -22.36 -38.80
CA ARG F 363 30.88 -23.00 -40.07
C ARG F 363 32.13 -23.84 -40.53
N ALA F 364 33.35 -23.35 -40.19
CA ALA F 364 34.61 -24.05 -40.50
C ALA F 364 34.70 -25.36 -39.71
N ALA F 365 35.17 -26.42 -40.36
CA ALA F 365 35.38 -27.72 -39.72
C ALA F 365 36.46 -27.60 -38.64
N VAL F 366 36.29 -28.28 -37.50
CA VAL F 366 37.31 -28.25 -36.45
C VAL F 366 38.09 -29.56 -36.58
N ILE F 367 39.30 -29.48 -37.13
CA ILE F 367 40.15 -30.65 -37.32
C ILE F 367 40.99 -30.80 -36.05
N ALA F 368 40.69 -31.83 -35.24
CA ALA F 368 41.35 -32.02 -33.96
C ALA F 368 42.45 -33.08 -34.04
N VAL F 369 43.71 -32.67 -33.86
CA VAL F 369 44.86 -33.57 -33.94
C VAL F 369 45.22 -34.02 -32.54
N THR F 370 45.13 -35.32 -32.29
CA THR F 370 45.39 -35.87 -30.96
C THR F 370 46.15 -37.18 -31.04
N ARG F 371 46.94 -37.48 -29.99
CA ARG F 371 47.61 -38.78 -29.84
C ARG F 371 46.71 -39.77 -29.06
N SER F 372 45.69 -39.26 -28.34
CA SER F 372 44.79 -40.09 -27.56
C SER F 372 43.75 -40.76 -28.45
N ALA F 373 43.81 -42.09 -28.59
CA ALA F 373 42.83 -42.84 -29.38
C ALA F 373 41.42 -42.69 -28.77
N GLN F 374 41.33 -42.67 -27.44
CA GLN F 374 40.05 -42.50 -26.76
C GLN F 374 39.47 -41.10 -26.98
N ALA F 375 40.29 -40.02 -26.85
CA ALA F 375 39.80 -38.66 -27.10
C ALA F 375 39.35 -38.52 -28.54
N ALA F 376 40.06 -39.16 -29.49
CA ALA F 376 39.69 -39.12 -30.90
C ALA F 376 38.29 -39.73 -31.12
N ARG F 377 37.95 -40.81 -30.41
CA ARG F 377 36.63 -41.43 -30.52
C ARG F 377 35.58 -40.56 -29.82
N GLN F 378 35.90 -40.04 -28.62
CA GLN F 378 34.95 -39.27 -27.84
C GLN F 378 34.59 -37.89 -28.41
N VAL F 379 35.50 -37.24 -29.17
CA VAL F 379 35.17 -35.92 -29.71
C VAL F 379 34.06 -35.96 -30.78
N HIS F 380 33.66 -37.16 -31.23
CA HIS F 380 32.51 -37.31 -32.13
C HIS F 380 31.21 -36.79 -31.44
N LEU F 381 31.21 -36.67 -30.10
CA LEU F 381 30.07 -36.14 -29.39
C LEU F 381 29.87 -34.64 -29.67
N CYS F 382 30.92 -33.91 -30.07
CA CYS F 382 30.88 -32.46 -30.30
C CYS F 382 30.70 -32.12 -31.75
N ARG F 383 29.64 -31.35 -32.08
CA ARG F 383 29.38 -31.01 -33.46
C ARG F 383 30.56 -30.33 -34.17
N GLY F 384 30.87 -30.82 -35.35
CA GLY F 384 31.87 -30.21 -36.21
C GLY F 384 33.32 -30.52 -35.86
N VAL F 385 33.55 -31.53 -35.01
CA VAL F 385 34.91 -31.93 -34.66
C VAL F 385 35.28 -33.20 -35.43
N PHE F 386 36.34 -33.11 -36.24
CA PHE F 386 36.84 -34.17 -37.09
C PHE F 386 38.16 -34.66 -36.50
N PRO F 387 38.11 -35.80 -35.82
CA PRO F 387 39.33 -36.29 -35.13
C PRO F 387 40.37 -36.92 -36.05
N LEU F 388 41.64 -36.55 -35.84
CA LEU F 388 42.77 -37.14 -36.57
C LEU F 388 43.68 -37.75 -35.54
N LEU F 389 43.87 -39.06 -35.59
CA LEU F 389 44.72 -39.74 -34.64
C LEU F 389 46.16 -39.71 -35.14
N TYR F 390 47.05 -39.02 -34.41
CA TYR F 390 48.47 -38.89 -34.74
C TYR F 390 49.22 -40.04 -34.06
N ARG F 391 49.89 -40.88 -34.84
CA ARG F 391 50.58 -42.05 -34.27
C ARG F 391 52.11 -41.92 -34.17
N GLU F 392 52.70 -40.83 -34.68
CA GLU F 392 54.16 -40.67 -34.65
C GLU F 392 54.73 -40.40 -33.26
N PRO F 393 55.92 -40.95 -32.96
CA PRO F 393 56.53 -40.69 -31.64
C PRO F 393 57.01 -39.24 -31.51
N PRO F 394 57.03 -38.71 -30.28
CA PRO F 394 57.43 -37.31 -30.10
C PRO F 394 58.82 -36.94 -30.57
N GLU F 395 58.94 -35.76 -31.20
CA GLU F 395 60.20 -35.18 -31.65
C GLU F 395 60.98 -34.72 -30.41
N ALA F 396 62.32 -34.65 -30.53
CA ALA F 396 63.16 -34.21 -29.42
C ALA F 396 62.85 -32.76 -29.04
N ILE F 397 62.64 -31.91 -30.05
CA ILE F 397 62.31 -30.52 -29.81
C ILE F 397 60.78 -30.38 -29.84
N TRP F 398 60.17 -29.99 -28.70
CA TRP F 398 58.71 -29.86 -28.60
C TRP F 398 58.09 -28.96 -29.66
N ALA F 399 58.70 -27.81 -29.97
CA ALA F 399 58.18 -26.90 -31.01
C ALA F 399 58.11 -27.57 -32.38
N ASP F 400 59.08 -28.46 -32.69
CA ASP F 400 59.07 -29.21 -33.94
C ASP F 400 57.95 -30.26 -33.94
N ASP F 401 57.70 -30.87 -32.77
CA ASP F 401 56.65 -31.87 -32.62
C ASP F 401 55.27 -31.23 -32.87
N VAL F 402 55.07 -30.00 -32.35
CA VAL F 402 53.85 -29.22 -32.54
C VAL F 402 53.68 -28.91 -34.02
N ASP F 403 54.74 -28.41 -34.67
CA ASP F 403 54.72 -28.11 -36.10
C ASP F 403 54.39 -29.31 -36.96
N ARG F 404 54.94 -30.48 -36.61
CA ARG F 404 54.66 -31.71 -37.36
C ARG F 404 53.20 -32.11 -37.26
N ARG F 405 52.58 -31.90 -36.08
CA ARG F 405 51.18 -32.24 -35.89
C ARG F 405 50.27 -31.28 -36.66
N VAL F 406 50.64 -29.99 -36.74
CA VAL F 406 49.88 -29.01 -37.51
C VAL F 406 49.95 -29.36 -38.99
N GLN F 407 51.16 -29.74 -39.47
CA GLN F 407 51.33 -30.16 -40.86
C GLN F 407 50.58 -31.44 -41.17
N PHE F 408 50.50 -32.38 -40.21
CA PHE F 408 49.73 -33.61 -40.36
C PHE F 408 48.24 -33.26 -40.56
N GLY F 409 47.74 -32.27 -39.81
CA GLY F 409 46.36 -31.81 -39.93
C GLY F 409 46.11 -31.21 -41.30
N ILE F 410 47.06 -30.40 -41.81
CA ILE F 410 46.97 -29.77 -43.13
C ILE F 410 46.99 -30.82 -44.24
N GLU F 411 47.94 -31.78 -44.18
CA GLU F 411 48.05 -32.86 -45.16
C GLU F 411 46.84 -33.76 -45.15
N SER F 412 46.31 -34.11 -43.96
CA SER F 412 45.08 -34.92 -43.89
C SER F 412 43.91 -34.16 -44.48
N GLY F 413 43.83 -32.86 -44.18
CA GLY F 413 42.76 -32.00 -44.66
C GLY F 413 42.77 -31.89 -46.17
N LYS F 414 43.96 -31.78 -46.76
CA LYS F 414 44.09 -31.69 -48.21
C LYS F 414 43.68 -32.99 -48.87
N LEU F 415 44.14 -34.11 -48.31
CA LEU F 415 43.84 -35.45 -48.82
C LEU F 415 42.37 -35.74 -48.76
N ARG F 416 41.69 -35.33 -47.68
CA ARG F 416 40.26 -35.60 -47.52
C ARG F 416 39.32 -34.62 -48.21
N GLY F 417 39.85 -33.52 -48.74
CA GLY F 417 39.01 -32.53 -49.42
C GLY F 417 38.52 -31.38 -48.54
N PHE F 418 38.95 -31.34 -47.26
CA PHE F 418 38.59 -30.24 -46.36
C PHE F 418 39.31 -28.97 -46.75
N LEU F 419 40.56 -29.09 -47.22
CA LEU F 419 41.41 -27.95 -47.52
C LEU F 419 41.92 -28.03 -48.95
N ARG F 420 41.93 -26.89 -49.60
CA ARG F 420 42.38 -26.70 -50.96
C ARG F 420 43.49 -25.62 -50.92
N VAL F 421 44.46 -25.67 -51.86
CA VAL F 421 45.51 -24.65 -51.90
C VAL F 421 44.86 -23.28 -52.13
N GLY F 422 45.26 -22.27 -51.36
CA GLY F 422 44.65 -20.96 -51.43
C GLY F 422 43.71 -20.69 -50.26
N ASP F 423 43.22 -21.74 -49.59
CA ASP F 423 42.34 -21.58 -48.44
C ASP F 423 43.06 -20.95 -47.26
N LEU F 424 42.29 -20.31 -46.37
CA LEU F 424 42.84 -19.82 -45.12
C LEU F 424 42.40 -20.81 -44.06
N VAL F 425 43.30 -21.09 -43.14
CA VAL F 425 43.06 -22.00 -42.04
C VAL F 425 43.43 -21.29 -40.73
N ILE F 426 42.68 -21.56 -39.66
CA ILE F 426 43.00 -21.00 -38.34
C ILE F 426 43.65 -22.14 -37.56
N VAL F 427 44.81 -21.91 -36.95
CA VAL F 427 45.52 -22.95 -36.21
C VAL F 427 45.56 -22.60 -34.72
N VAL F 428 45.10 -23.51 -33.88
CA VAL F 428 45.03 -23.32 -32.45
C VAL F 428 45.97 -24.27 -31.70
N THR F 429 46.93 -23.71 -30.97
CA THR F 429 47.96 -24.44 -30.22
C THR F 429 48.17 -23.80 -28.82
N GLY F 430 49.05 -24.38 -27.99
CA GLY F 430 49.37 -23.87 -26.67
C GLY F 430 50.86 -23.58 -26.50
N TRP F 431 51.22 -22.94 -25.38
CA TRP F 431 52.58 -22.47 -25.13
C TRP F 431 53.52 -23.50 -24.47
N ARG F 432 52.97 -24.59 -23.93
CA ARG F 432 53.77 -25.64 -23.30
C ARG F 432 53.07 -27.01 -23.42
N PRO F 433 53.79 -28.14 -23.25
CA PRO F 433 53.13 -29.46 -23.34
C PRO F 433 52.11 -29.70 -22.24
N GLY F 434 51.23 -30.67 -22.45
CA GLY F 434 50.20 -31.01 -21.48
C GLY F 434 48.89 -30.29 -21.73
N SER F 435 47.79 -30.86 -21.27
CA SER F 435 46.45 -30.28 -21.41
C SER F 435 46.28 -29.00 -20.60
N GLY F 436 45.46 -28.08 -21.09
CA GLY F 436 45.14 -26.87 -20.36
C GLY F 436 45.90 -25.62 -20.69
N TYR F 437 46.81 -25.68 -21.68
CA TYR F 437 47.63 -24.52 -22.00
C TYR F 437 47.42 -23.92 -23.39
N THR F 438 46.29 -24.23 -24.05
CA THR F 438 45.98 -23.62 -25.35
C THR F 438 45.86 -22.12 -25.20
N ASN F 439 46.60 -21.33 -25.99
CA ASN F 439 46.58 -19.88 -25.87
C ASN F 439 46.96 -19.14 -27.17
N ILE F 440 47.15 -19.86 -28.27
CA ILE F 440 47.62 -19.27 -29.52
C ILE F 440 46.70 -19.55 -30.70
N MET F 441 46.45 -18.52 -31.51
CA MET F 441 45.66 -18.66 -32.72
CA MET F 441 45.63 -18.60 -32.71
C MET F 441 46.48 -18.03 -33.85
N ARG F 442 46.65 -18.77 -34.94
CA ARG F 442 47.41 -18.33 -36.10
C ARG F 442 46.59 -18.40 -37.37
N VAL F 443 46.76 -17.45 -38.27
CA VAL F 443 46.07 -17.44 -39.57
C VAL F 443 47.10 -17.91 -40.60
N LEU F 444 46.84 -19.04 -41.25
CA LEU F 444 47.77 -19.60 -42.22
CA LEU F 444 47.76 -19.62 -42.21
C LEU F 444 47.13 -19.77 -43.59
N SER F 445 47.89 -19.47 -44.66
CA SER F 445 47.41 -19.64 -46.02
C SER F 445 47.92 -21.01 -46.50
N ILE F 446 47.02 -21.85 -47.04
CA ILE F 446 47.40 -23.19 -47.48
CA ILE F 446 47.38 -23.19 -47.47
C ILE F 446 48.15 -23.15 -48.81
N SER F 447 49.38 -23.66 -48.82
CA SER F 447 50.21 -23.66 -50.03
C SER F 447 50.37 -25.04 -50.65
N ALA G 25 10.97 12.18 -53.98
CA ALA G 25 11.27 13.42 -53.24
C ALA G 25 10.88 13.29 -51.76
N PHE G 26 9.73 12.67 -51.48
CA PHE G 26 9.24 12.45 -50.13
C PHE G 26 10.26 11.65 -49.31
N PHE G 27 10.78 10.56 -49.90
CA PHE G 27 11.72 9.69 -49.22
C PHE G 27 13.15 10.22 -49.11
N GLN G 28 13.42 11.39 -49.67
CA GLN G 28 14.73 12.01 -49.55
C GLN G 28 14.76 13.06 -48.41
N GLN G 29 13.58 13.61 -48.03
CA GLN G 29 13.42 14.60 -46.96
C GLN G 29 13.41 13.97 -45.56
N GLN G 30 13.42 14.83 -44.51
CA GLN G 30 13.40 14.50 -43.07
C GLN G 30 14.27 13.30 -42.67
N GLN G 31 15.48 13.20 -43.26
CA GLN G 31 16.43 12.14 -43.03
C GLN G 31 15.82 10.74 -43.17
N LEU G 32 14.86 10.58 -44.08
CA LEU G 32 14.22 9.27 -44.27
C LEU G 32 15.20 8.18 -44.73
N PRO G 33 16.21 8.44 -45.59
CA PRO G 33 17.20 7.36 -45.89
C PRO G 33 17.92 6.90 -44.62
N ALA G 34 18.32 7.83 -43.73
CA ALA G 34 18.98 7.48 -42.46
C ALA G 34 18.01 6.75 -41.50
N ALA G 35 16.72 7.09 -41.57
CA ALA G 35 15.69 6.47 -40.74
C ALA G 35 15.50 4.99 -41.07
N MET G 36 15.67 4.62 -42.34
CA MET G 36 15.49 3.23 -42.77
C MET G 36 16.72 2.34 -42.56
N ALA G 37 17.83 2.87 -42.05
CA ALA G 37 19.05 2.09 -41.85
C ALA G 37 18.87 0.94 -40.87
N ASP G 38 19.60 -0.14 -41.09
CA ASP G 38 19.53 -1.34 -40.27
C ASP G 38 20.38 -1.30 -39.00
N THR G 39 21.37 -0.39 -38.94
CA THR G 39 22.19 -0.21 -37.75
C THR G 39 22.33 1.29 -37.44
N PHE G 40 22.70 1.63 -36.20
CA PHE G 40 22.93 3.02 -35.82
C PHE G 40 24.12 3.58 -36.61
N LEU G 41 25.17 2.78 -36.81
CA LEU G 41 26.35 3.21 -37.59
C LEU G 41 25.93 3.58 -39.03
N GLU G 42 25.13 2.72 -39.68
CA GLU G 42 24.64 3.00 -41.03
CA GLU G 42 24.66 3.02 -41.03
C GLU G 42 23.75 4.24 -41.03
N HIS G 43 22.94 4.43 -39.96
CA HIS G 43 22.07 5.59 -39.81
C HIS G 43 22.93 6.88 -39.81
N LEU G 44 24.04 6.89 -39.06
CA LEU G 44 24.94 8.05 -39.04
C LEU G 44 25.52 8.31 -40.43
N CYS G 45 26.01 7.25 -41.11
CA CYS G 45 26.59 7.34 -42.45
C CYS G 45 25.62 7.92 -43.48
N LEU G 46 24.30 7.73 -43.27
CA LEU G 46 23.29 8.21 -44.20
C LEU G 46 22.72 9.59 -43.92
N LEU G 47 23.16 10.25 -42.82
CA LEU G 47 22.67 11.60 -42.51
C LEU G 47 23.11 12.56 -43.63
N ASP G 48 22.18 13.40 -44.07
CA ASP G 48 22.40 14.24 -45.23
C ASP G 48 22.05 15.69 -44.95
N ILE G 49 23.02 16.61 -45.12
CA ILE G 49 22.78 18.04 -44.94
C ILE G 49 21.78 18.61 -45.96
N ASP G 50 21.56 17.94 -47.09
CA ASP G 50 20.60 18.38 -48.10
C ASP G 50 19.19 17.81 -47.86
N SER G 51 19.01 16.91 -46.88
CA SER G 51 17.72 16.35 -46.55
C SER G 51 17.01 17.33 -45.63
N GLU G 52 16.06 18.08 -46.16
CA GLU G 52 15.40 19.13 -45.41
C GLU G 52 14.36 18.64 -44.42
N PRO G 53 14.31 19.26 -43.23
CA PRO G 53 13.28 18.88 -42.26
C PRO G 53 11.92 19.35 -42.74
N VAL G 54 10.90 18.53 -42.56
CA VAL G 54 9.55 18.89 -42.98
C VAL G 54 8.63 18.99 -41.78
N ALA G 55 8.77 18.07 -40.83
CA ALA G 55 7.97 18.06 -39.61
C ALA G 55 8.16 19.33 -38.79
N ALA G 56 7.13 19.71 -38.06
CA ALA G 56 7.20 20.86 -37.19
C ALA G 56 8.17 20.56 -36.04
N ARG G 57 8.80 21.62 -35.51
CA ARG G 57 9.78 21.48 -34.42
C ARG G 57 9.09 21.00 -33.14
N SER G 58 9.51 19.84 -32.62
CA SER G 58 8.86 19.18 -31.50
C SER G 58 9.44 19.43 -30.10
N THR G 59 10.71 19.82 -29.99
CA THR G 59 11.31 20.07 -28.69
C THR G 59 10.94 21.49 -28.27
N SER G 60 10.22 21.66 -27.14
CA SER G 60 9.82 23.01 -26.72
C SER G 60 10.99 23.87 -26.29
N ILE G 61 10.83 25.17 -26.49
CA ILE G 61 11.84 26.14 -26.11
C ILE G 61 11.35 26.93 -24.91
N ILE G 62 12.15 26.92 -23.84
CA ILE G 62 11.85 27.71 -22.65
C ILE G 62 12.74 28.95 -22.71
N ALA G 63 12.15 30.16 -22.69
CA ALA G 63 12.94 31.38 -22.70
C ALA G 63 12.79 32.08 -21.35
N THR G 64 13.90 32.50 -20.77
CA THR G 64 13.85 33.22 -19.50
C THR G 64 13.52 34.67 -19.74
N ILE G 65 12.54 35.21 -19.00
CA ILE G 65 12.12 36.60 -19.13
C ILE G 65 12.97 37.51 -18.26
N GLY G 66 13.36 38.64 -18.83
CA GLY G 66 14.16 39.63 -18.13
C GLY G 66 14.15 40.96 -18.86
N PRO G 67 15.07 41.86 -18.50
CA PRO G 67 15.11 43.18 -19.17
C PRO G 67 15.19 43.12 -20.70
N ALA G 68 15.87 42.12 -21.28
CA ALA G 68 15.98 42.02 -22.74
C ALA G 68 14.72 41.43 -23.42
N SER G 69 13.78 40.88 -22.66
CA SER G 69 12.63 40.20 -23.23
C SER G 69 11.32 40.43 -22.47
N ARG G 70 11.14 41.61 -21.93
CA ARG G 70 9.98 41.92 -21.09
C ARG G 70 8.88 42.72 -21.77
N SER G 71 9.21 43.54 -22.75
CA SER G 71 8.21 44.37 -23.43
C SER G 71 7.23 43.52 -24.25
N VAL G 72 5.98 43.98 -24.36
CA VAL G 72 4.94 43.29 -25.12
C VAL G 72 5.36 43.08 -26.58
N GLU G 73 5.97 44.11 -27.19
CA GLU G 73 6.40 43.99 -28.58
C GLU G 73 7.54 42.98 -28.77
N ARG G 74 8.48 42.92 -27.80
CA ARG G 74 9.58 41.97 -27.86
C ARG G 74 9.04 40.54 -27.65
N LEU G 75 8.10 40.37 -26.72
CA LEU G 75 7.47 39.08 -26.44
C LEU G 75 6.70 38.54 -27.64
N LYS G 76 6.06 39.42 -28.43
CA LYS G 76 5.34 39.00 -29.65
C LYS G 76 6.32 38.41 -30.66
N GLU G 77 7.51 39.02 -30.79
CA GLU G 77 8.54 38.50 -31.70
C GLU G 77 9.08 37.17 -31.19
N MET G 78 9.23 37.01 -29.86
CA MET G 78 9.72 35.75 -29.30
CA MET G 78 9.72 35.75 -29.30
C MET G 78 8.72 34.61 -29.47
N ILE G 79 7.41 34.92 -29.40
CA ILE G 79 6.37 33.93 -29.62
C ILE G 79 6.42 33.47 -31.08
N LYS G 80 6.57 34.43 -32.02
CA LYS G 80 6.69 34.13 -33.44
C LYS G 80 7.96 33.35 -33.76
N ALA G 81 9.04 33.60 -33.02
CA ALA G 81 10.30 32.90 -33.20
C ALA G 81 10.26 31.43 -32.68
N GLY G 82 9.33 31.14 -31.76
CA GLY G 82 9.17 29.78 -31.28
C GLY G 82 9.16 29.54 -29.79
N MET G 83 9.18 30.62 -28.96
CA MET G 83 9.12 30.45 -27.52
C MET G 83 7.81 29.78 -27.10
N ASN G 84 7.90 28.66 -26.35
CA ASN G 84 6.68 27.95 -25.93
C ASN G 84 6.39 28.14 -24.45
N ILE G 85 7.45 28.34 -23.64
CA ILE G 85 7.34 28.47 -22.18
C ILE G 85 8.16 29.68 -21.76
N ALA G 86 7.56 30.58 -21.00
CA ALA G 86 8.22 31.77 -20.46
C ALA G 86 8.63 31.45 -19.04
N ARG G 87 9.92 31.54 -18.74
CA ARG G 87 10.44 31.24 -17.40
C ARG G 87 10.66 32.52 -16.61
N LEU G 88 10.10 32.58 -15.40
CA LEU G 88 10.29 33.72 -14.50
C LEU G 88 11.30 33.26 -13.45
N ASN G 89 12.49 33.86 -13.43
CA ASN G 89 13.53 33.47 -12.48
C ASN G 89 13.35 34.26 -11.17
N PHE G 90 12.81 33.62 -10.14
CA PHE G 90 12.56 34.27 -8.86
C PHE G 90 13.83 34.49 -8.01
N SER G 91 15.02 34.19 -8.56
CA SER G 91 16.27 34.54 -7.89
C SER G 91 16.48 36.07 -7.97
N HIS G 92 15.84 36.77 -8.91
CA HIS G 92 15.97 38.22 -9.07
C HIS G 92 14.57 38.84 -9.22
N GLY G 93 14.43 40.09 -8.82
CA GLY G 93 13.19 40.84 -9.00
C GLY G 93 12.15 40.64 -7.94
N SER G 94 11.29 41.64 -7.74
CA SER G 94 10.23 41.61 -6.75
C SER G 94 8.95 40.93 -7.31
N HIS G 95 7.94 40.72 -6.45
CA HIS G 95 6.67 40.16 -6.89
C HIS G 95 6.00 41.12 -7.89
N GLU G 96 6.15 42.45 -7.68
CA GLU G 96 5.59 43.44 -8.58
C GLU G 96 6.23 43.32 -9.97
N TYR G 97 7.56 43.12 -10.02
CA TYR G 97 8.30 42.98 -11.27
C TYR G 97 7.80 41.71 -12.03
N HIS G 98 7.69 40.59 -11.34
CA HIS G 98 7.23 39.34 -11.96
C HIS G 98 5.76 39.40 -12.40
N ALA G 99 4.88 40.09 -11.63
CA ALA G 99 3.49 40.24 -12.03
C ALA G 99 3.39 41.02 -13.34
N GLU G 100 4.26 42.03 -13.53
CA GLU G 100 4.30 42.83 -14.75
CA GLU G 100 4.26 42.81 -14.76
C GLU G 100 4.75 41.97 -15.93
N SER G 101 5.75 41.12 -15.69
CA SER G 101 6.28 40.20 -16.72
C SER G 101 5.15 39.25 -17.16
N ILE G 102 4.39 38.69 -16.20
CA ILE G 102 3.26 37.80 -16.49
C ILE G 102 2.20 38.52 -17.31
N ALA G 103 1.84 39.76 -16.92
CA ALA G 103 0.85 40.56 -17.64
C ALA G 103 1.30 40.83 -19.07
N ASN G 104 2.58 41.16 -19.28
CA ASN G 104 3.11 41.41 -20.61
C ASN G 104 3.13 40.16 -21.46
N VAL G 105 3.48 38.99 -20.87
CA VAL G 105 3.46 37.71 -21.59
C VAL G 105 2.02 37.42 -22.03
N ARG G 106 1.06 37.52 -21.09
CA ARG G 106 -0.33 37.26 -21.43
C ARG G 106 -0.88 38.22 -22.47
N GLU G 107 -0.49 39.50 -22.41
CA GLU G 107 -0.96 40.47 -23.41
C GLU G 107 -0.41 40.10 -24.80
N ALA G 108 0.88 39.73 -24.88
CA ALA G 108 1.49 39.34 -26.15
C ALA G 108 0.86 38.04 -26.69
N VAL G 109 0.63 37.05 -25.81
CA VAL G 109 0.02 35.78 -26.22
C VAL G 109 -1.40 35.99 -26.74
N GLU G 110 -2.20 36.76 -25.99
CA GLU G 110 -3.59 36.99 -26.36
C GLU G 110 -3.77 37.92 -27.56
N SER G 111 -2.71 38.63 -27.99
CA SER G 111 -2.80 39.47 -29.19
C SER G 111 -3.02 38.62 -30.47
N PHE G 112 -2.74 37.30 -30.41
CA PHE G 112 -2.92 36.39 -31.53
C PHE G 112 -4.22 35.55 -31.42
N ALA G 113 -5.03 35.73 -30.35
CA ALA G 113 -6.23 34.95 -30.11
C ALA G 113 -7.36 35.19 -31.14
N GLY G 114 -7.29 36.30 -31.88
CA GLY G 114 -8.25 36.65 -32.92
C GLY G 114 -8.25 35.70 -34.11
N SER G 115 -7.19 34.89 -34.26
CA SER G 115 -7.11 33.88 -35.31
C SER G 115 -6.97 32.53 -34.58
N PRO G 116 -8.10 31.89 -34.24
CA PRO G 116 -8.01 30.64 -33.46
C PRO G 116 -7.28 29.48 -34.12
N LEU G 117 -7.26 29.42 -35.48
CA LEU G 117 -6.56 28.34 -36.16
C LEU G 117 -5.02 28.44 -36.09
N SER G 118 -4.49 29.61 -35.72
CA SER G 118 -3.04 29.77 -35.62
C SER G 118 -2.57 30.19 -34.20
N TYR G 119 -3.51 30.38 -33.24
CA TYR G 119 -3.17 30.79 -31.88
C TYR G 119 -2.22 29.80 -31.21
N ARG G 120 -1.12 30.30 -30.64
CA ARG G 120 -0.17 29.44 -29.94
C ARG G 120 -0.20 29.68 -28.44
N PRO G 121 -0.64 28.68 -27.67
CA PRO G 121 -0.59 28.84 -26.20
C PRO G 121 0.87 28.96 -25.73
N VAL G 122 1.12 29.69 -24.62
CA VAL G 122 2.47 29.85 -24.06
C VAL G 122 2.38 29.63 -22.56
N ALA G 123 3.14 28.66 -22.02
CA ALA G 123 3.11 28.37 -20.60
C ALA G 123 3.92 29.39 -19.79
N ILE G 124 3.59 29.54 -18.53
CA ILE G 124 4.36 30.41 -17.64
C ILE G 124 4.91 29.54 -16.53
N ALA G 125 6.23 29.52 -16.39
CA ALA G 125 6.92 28.70 -15.41
C ALA G 125 7.60 29.59 -14.36
N LEU G 126 7.47 29.22 -13.10
CA LEU G 126 8.10 29.95 -12.00
C LEU G 126 9.30 29.16 -11.54
N ASP G 127 10.50 29.74 -11.61
CA ASP G 127 11.72 29.06 -11.19
C ASP G 127 12.10 29.61 -9.82
N THR G 128 12.09 28.77 -8.80
CA THR G 128 12.34 29.22 -7.43
C THR G 128 13.79 29.64 -7.14
N LYS G 129 13.94 30.52 -6.13
CA LYS G 129 15.25 30.99 -5.70
C LYS G 129 16.08 29.85 -5.10
N GLY G 130 15.43 28.98 -4.34
CA GLY G 130 16.09 27.82 -3.76
C GLY G 130 16.25 27.86 -2.26
N PRO G 131 16.84 26.79 -1.70
CA PRO G 131 16.97 26.71 -0.24
C PRO G 131 18.15 27.51 0.31
N GLY G 134 20.39 26.44 3.45
CA GLY G 134 19.35 26.08 4.41
C GLY G 134 18.78 24.68 4.21
N PRO G 135 18.06 24.19 5.22
CA PRO G 135 17.48 22.85 5.14
C PRO G 135 16.03 22.85 4.66
N GLY G 136 15.82 22.42 3.43
CA GLY G 136 14.47 22.35 2.87
C GLY G 136 13.89 23.69 2.44
N LEU G 137 12.59 23.67 2.13
CA LEU G 137 11.84 24.81 1.60
C LEU G 137 12.03 26.12 2.39
N SER G 138 12.62 27.10 1.73
CA SER G 138 12.88 28.40 2.35
C SER G 138 11.59 29.23 2.48
N GLU G 139 11.61 30.22 3.35
CA GLU G 139 10.46 31.11 3.57
C GLU G 139 10.16 31.91 2.31
N GLN G 140 11.19 32.35 1.58
CA GLN G 140 10.98 33.11 0.35
C GLN G 140 10.31 32.22 -0.70
N ASP G 141 10.71 30.95 -0.79
CA ASP G 141 10.09 30.01 -1.73
C ASP G 141 8.61 29.79 -1.42
N VAL G 142 8.23 29.72 -0.13
CA VAL G 142 6.82 29.57 0.22
C VAL G 142 6.02 30.77 -0.28
N ARG G 143 6.55 31.98 -0.12
CA ARG G 143 5.87 33.20 -0.58
C ARG G 143 5.82 33.26 -2.11
N ASP G 144 6.89 32.87 -2.78
CA ASP G 144 6.94 32.88 -4.24
C ASP G 144 6.01 31.82 -4.84
N LEU G 145 5.93 30.64 -4.23
CA LEU G 145 5.03 29.59 -4.68
C LEU G 145 3.58 30.03 -4.52
N ARG G 146 3.26 30.76 -3.42
CA ARG G 146 1.92 31.31 -3.19
C ARG G 146 1.60 32.35 -4.26
N PHE G 147 2.59 33.18 -4.62
CA PHE G 147 2.43 34.17 -5.68
C PHE G 147 2.11 33.46 -7.02
N GLY G 148 2.80 32.37 -7.29
CA GLY G 148 2.58 31.57 -8.49
C GLY G 148 1.17 31.03 -8.59
N VAL G 149 0.64 30.49 -7.50
CA VAL G 149 -0.74 29.99 -7.47
C VAL G 149 -1.73 31.14 -7.69
N GLU G 150 -1.49 32.28 -7.01
CA GLU G 150 -2.38 33.44 -7.14
C GLU G 150 -2.38 34.01 -8.55
N HIS G 151 -1.24 33.95 -9.25
CA HIS G 151 -1.14 34.46 -10.61
C HIS G 151 -1.37 33.40 -11.71
N GLY G 152 -1.76 32.19 -11.33
CA GLY G 152 -2.09 31.11 -12.26
C GLY G 152 -0.96 30.60 -13.13
N VAL G 153 0.24 30.42 -12.54
CA VAL G 153 1.36 29.87 -13.28
C VAL G 153 1.07 28.38 -13.59
N ASP G 154 1.66 27.88 -14.66
CA ASP G 154 1.41 26.51 -15.10
C ASP G 154 2.40 25.50 -14.56
N ILE G 155 3.64 25.93 -14.33
CA ILE G 155 4.75 25.06 -13.98
C ILE G 155 5.62 25.69 -12.92
N VAL G 156 6.24 24.86 -12.09
CA VAL G 156 7.22 25.30 -11.10
C VAL G 156 8.50 24.53 -11.40
N PHE G 157 9.61 25.24 -11.59
CA PHE G 157 10.93 24.62 -11.69
C PHE G 157 11.50 24.75 -10.28
N ALA G 158 11.47 23.67 -9.50
CA ALA G 158 11.90 23.69 -8.08
C ALA G 158 13.42 23.54 -7.96
N SER G 159 14.08 24.59 -7.47
CA SER G 159 15.55 24.59 -7.35
C SER G 159 16.09 23.65 -6.29
N PHE G 160 17.29 23.11 -6.54
CA PHE G 160 18.06 22.25 -5.65
C PHE G 160 17.24 21.14 -4.97
N VAL G 161 16.51 20.34 -5.77
CA VAL G 161 15.79 19.22 -5.20
C VAL G 161 16.81 18.12 -4.91
N ARG G 162 16.87 17.67 -3.64
CA ARG G 162 17.84 16.66 -3.21
C ARG G 162 17.22 15.32 -2.82
N LYS G 163 15.92 15.29 -2.56
CA LYS G 163 15.23 14.09 -2.12
C LYS G 163 13.74 14.23 -2.33
N ALA G 164 12.98 13.14 -2.19
CA ALA G 164 11.54 13.13 -2.38
C ALA G 164 10.82 14.08 -1.45
N SER G 165 11.29 14.24 -0.19
CA SER G 165 10.61 15.15 0.76
C SER G 165 10.67 16.61 0.32
N ASP G 166 11.68 17.00 -0.47
CA ASP G 166 11.77 18.35 -1.01
C ASP G 166 10.61 18.59 -2.00
N VAL G 167 10.25 17.57 -2.79
CA VAL G 167 9.13 17.69 -3.74
C VAL G 167 7.81 17.75 -2.97
N ALA G 168 7.67 16.94 -1.92
CA ALA G 168 6.46 16.94 -1.08
C ALA G 168 6.25 18.32 -0.45
N ALA G 169 7.34 19.00 -0.05
CA ALA G 169 7.24 20.34 0.53
C ALA G 169 6.72 21.33 -0.49
N VAL G 170 7.22 21.25 -1.74
CA VAL G 170 6.76 22.13 -2.81
C VAL G 170 5.28 21.86 -3.11
N ARG G 171 4.88 20.57 -3.19
CA ARG G 171 3.49 20.12 -3.44
C ARG G 171 2.56 20.70 -2.38
N ALA G 172 2.94 20.55 -1.10
CA ALA G 172 2.14 21.06 0.02
C ALA G 172 1.99 22.55 -0.05
N ALA G 173 3.06 23.27 -0.45
CA ALA G 173 3.05 24.74 -0.55
C ALA G 173 2.20 25.30 -1.70
N LEU G 174 1.76 24.44 -2.64
CA LEU G 174 0.93 24.94 -3.72
C LEU G 174 -0.55 25.09 -3.28
N GLY G 175 -0.74 25.50 -2.00
CA GLY G 175 -2.01 25.82 -1.33
C GLY G 175 -3.15 24.93 -1.74
N PRO G 176 -4.40 25.33 -1.47
CA PRO G 176 -5.52 24.48 -1.91
C PRO G 176 -5.85 24.63 -3.40
N GLU G 177 -5.42 25.73 -4.07
CA GLU G 177 -5.82 25.92 -5.46
C GLU G 177 -4.73 25.66 -6.53
N GLY G 178 -3.58 25.10 -6.16
CA GLY G 178 -2.50 24.88 -7.12
C GLY G 178 -2.04 23.45 -7.34
N HIS G 179 -2.87 22.46 -7.02
CA HIS G 179 -2.50 21.06 -7.20
C HIS G 179 -2.32 20.64 -8.69
N GLY G 180 -2.91 21.41 -9.61
CA GLY G 180 -2.80 21.15 -11.05
C GLY G 180 -1.51 21.67 -11.68
N ILE G 181 -0.73 22.47 -10.94
CA ILE G 181 0.55 23.00 -11.39
C ILE G 181 1.59 21.88 -11.49
N LYS G 182 2.35 21.85 -12.60
CA LYS G 182 3.35 20.80 -12.79
C LYS G 182 4.62 21.12 -12.02
N ILE G 183 5.18 20.15 -11.30
CA ILE G 183 6.44 20.37 -10.58
C ILE G 183 7.58 19.68 -11.32
N ILE G 184 8.50 20.48 -11.84
CA ILE G 184 9.69 19.98 -12.51
C ILE G 184 10.84 20.17 -11.52
N SER G 185 11.40 19.08 -11.03
CA SER G 185 12.49 19.16 -10.05
C SER G 185 13.83 19.43 -10.73
N LYS G 186 14.54 20.45 -10.26
CA LYS G 186 15.85 20.76 -10.79
C LYS G 186 16.91 19.95 -10.05
N ILE G 187 17.71 19.16 -10.79
CA ILE G 187 18.78 18.37 -10.19
C ILE G 187 20.06 19.17 -10.36
N GLU G 188 20.62 19.64 -9.24
CA GLU G 188 21.73 20.58 -9.27
C GLU G 188 22.96 20.16 -8.46
N ASN G 189 22.94 19.00 -7.81
CA ASN G 189 24.07 18.58 -6.98
C ASN G 189 24.23 17.06 -6.94
N HIS G 190 25.30 16.58 -6.28
CA HIS G 190 25.56 15.15 -6.20
C HIS G 190 24.42 14.38 -5.53
N GLU G 191 23.85 14.90 -4.43
CA GLU G 191 22.75 14.21 -3.75
C GLU G 191 21.51 14.05 -4.66
N GLY G 192 21.16 15.08 -5.42
CA GLY G 192 20.04 15.02 -6.35
C GLY G 192 20.25 13.93 -7.40
N VAL G 193 21.48 13.80 -7.90
CA VAL G 193 21.80 12.76 -8.89
C VAL G 193 21.70 11.38 -8.26
N LYS G 194 22.28 11.20 -7.05
CA LYS G 194 22.25 9.92 -6.36
C LYS G 194 20.85 9.48 -5.92
N ARG G 195 20.00 10.42 -5.54
CA ARG G 195 18.62 10.10 -5.15
C ARG G 195 17.63 10.40 -6.30
N PHE G 196 18.12 10.38 -7.55
CA PHE G 196 17.30 10.69 -8.72
C PHE G 196 16.01 9.87 -8.82
N ASP G 197 16.10 8.55 -8.64
CA ASP G 197 14.92 7.70 -8.79
C ASP G 197 13.78 8.07 -7.87
N GLU G 198 14.09 8.36 -6.59
CA GLU G 198 13.04 8.73 -5.65
C GLU G 198 12.47 10.12 -5.96
N ILE G 199 13.28 11.02 -6.52
CA ILE G 199 12.83 12.36 -6.88
C ILE G 199 11.90 12.28 -8.11
N LEU G 200 12.33 11.55 -9.15
CA LEU G 200 11.53 11.41 -10.38
C LEU G 200 10.16 10.79 -10.10
N GLU G 201 10.13 9.79 -9.20
CA GLU G 201 8.89 9.10 -8.85
C GLU G 201 7.79 10.05 -8.36
N VAL G 202 8.14 11.08 -7.60
CA VAL G 202 7.15 12.02 -7.08
C VAL G 202 7.06 13.34 -7.86
N SER G 203 7.92 13.57 -8.86
CA SER G 203 7.89 14.80 -9.63
C SER G 203 7.12 14.61 -10.94
N ASP G 204 6.67 15.72 -11.56
CA ASP G 204 6.06 15.65 -12.88
C ASP G 204 7.13 15.53 -13.99
N GLY G 205 8.34 15.99 -13.69
CA GLY G 205 9.46 15.98 -14.62
C GLY G 205 10.73 16.50 -13.98
N ILE G 206 11.80 16.61 -14.77
CA ILE G 206 13.11 16.98 -14.26
C ILE G 206 13.77 18.04 -15.11
N MET G 207 14.59 18.89 -14.48
CA MET G 207 15.43 19.81 -15.22
C MET G 207 16.88 19.45 -14.87
N VAL G 208 17.71 19.24 -15.89
CA VAL G 208 19.14 19.02 -15.72
C VAL G 208 19.73 20.43 -15.63
N ALA G 209 19.91 20.93 -14.41
CA ALA G 209 20.39 22.30 -14.17
C ALA G 209 21.92 22.24 -14.20
N ARG G 210 22.50 22.31 -15.39
CA ARG G 210 23.93 22.11 -15.59
C ARG G 210 24.84 23.16 -14.97
N GLY G 211 24.35 24.37 -14.75
CA GLY G 211 25.13 25.44 -14.15
C GLY G 211 25.61 25.07 -12.76
N ASP G 212 24.69 24.85 -11.83
CA ASP G 212 25.04 24.44 -10.48
C ASP G 212 25.63 23.04 -10.45
N LEU G 213 25.10 22.12 -11.28
CA LEU G 213 25.61 20.76 -11.33
C LEU G 213 27.12 20.73 -11.71
N GLY G 214 27.53 21.59 -12.63
CA GLY G 214 28.92 21.72 -13.07
C GLY G 214 29.87 22.35 -12.07
N ILE G 215 29.33 22.89 -10.98
CA ILE G 215 30.11 23.45 -9.86
C ILE G 215 30.11 22.44 -8.69
N GLU G 216 28.99 21.72 -8.48
CA GLU G 216 28.82 20.73 -7.43
C GLU G 216 29.56 19.42 -7.71
N ILE G 217 29.65 19.03 -8.99
CA ILE G 217 30.38 17.82 -9.38
C ILE G 217 31.44 18.21 -10.43
N PRO G 218 32.47 17.39 -10.71
CA PRO G 218 33.47 17.77 -11.72
C PRO G 218 32.81 18.10 -13.07
N ALA G 219 33.21 19.21 -13.69
CA ALA G 219 32.64 19.68 -14.95
C ALA G 219 32.65 18.60 -16.04
N GLU G 220 33.70 17.76 -16.07
CA GLU G 220 33.81 16.69 -17.05
C GLU G 220 32.84 15.52 -16.84
N LYS G 221 32.08 15.53 -15.74
CA LYS G 221 31.10 14.47 -15.47
C LYS G 221 29.65 14.91 -15.76
N VAL G 222 29.40 16.21 -16.02
CA VAL G 222 28.05 16.69 -16.24
C VAL G 222 27.32 15.96 -17.38
N PHE G 223 28.02 15.68 -18.48
CA PHE G 223 27.39 14.99 -19.62
C PHE G 223 26.85 13.59 -19.22
N LEU G 224 27.50 12.92 -18.26
CA LEU G 224 27.07 11.60 -17.80
C LEU G 224 25.77 11.76 -17.03
N ALA G 225 25.69 12.78 -16.14
CA ALA G 225 24.47 13.01 -15.36
C ALA G 225 23.34 13.41 -16.31
N GLN G 226 23.64 14.27 -17.30
CA GLN G 226 22.62 14.69 -18.28
C GLN G 226 22.06 13.49 -19.06
N LYS G 227 22.95 12.68 -19.65
CA LYS G 227 22.50 11.53 -20.45
C LYS G 227 21.73 10.50 -19.61
N MET G 228 22.18 10.27 -18.37
CA MET G 228 21.49 9.34 -17.48
C MET G 228 20.09 9.82 -17.13
N MET G 229 19.96 11.09 -16.75
CA MET G 229 18.67 11.65 -16.35
C MET G 229 17.70 11.71 -17.51
N ILE G 230 18.19 12.07 -18.70
CA ILE G 230 17.33 12.08 -19.89
C ILE G 230 16.84 10.66 -20.20
N GLY G 231 17.74 9.68 -20.17
CA GLY G 231 17.38 8.28 -20.41
C GLY G 231 16.33 7.78 -19.43
N ARG G 232 16.53 8.07 -18.12
CA ARG G 232 15.59 7.63 -17.10
C ARG G 232 14.23 8.31 -17.24
N CYS G 233 14.22 9.61 -17.61
CA CYS G 233 12.95 10.31 -17.80
C CYS G 233 12.23 9.77 -19.03
N ASN G 234 12.96 9.45 -20.10
CA ASN G 234 12.36 8.89 -21.31
C ASN G 234 11.74 7.51 -20.96
N LEU G 235 12.43 6.71 -20.14
CA LEU G 235 11.93 5.40 -19.72
C LEU G 235 10.64 5.58 -18.88
N ALA G 236 10.61 6.58 -18.01
CA ALA G 236 9.46 6.85 -17.15
C ALA G 236 8.31 7.57 -17.87
N GLY G 237 8.55 8.11 -19.07
CA GLY G 237 7.54 8.87 -19.79
C GLY G 237 7.23 10.22 -19.16
N LYS G 238 8.25 10.82 -18.53
CA LYS G 238 8.11 12.12 -17.89
C LYS G 238 9.01 13.16 -18.53
N PRO G 239 8.53 14.40 -18.67
CA PRO G 239 9.36 15.44 -19.31
C PRO G 239 10.72 15.72 -18.67
N VAL G 240 11.73 15.97 -19.49
CA VAL G 240 13.06 16.34 -19.03
C VAL G 240 13.52 17.58 -19.80
N VAL G 241 14.08 18.56 -19.08
CA VAL G 241 14.54 19.81 -19.65
C VAL G 241 16.06 19.86 -19.58
N CYS G 242 16.72 20.25 -20.69
CA CYS G 242 18.17 20.48 -20.65
C CYS G 242 18.35 21.99 -20.50
N ALA G 243 19.19 22.41 -19.54
CA ALA G 243 19.32 23.83 -19.27
C ALA G 243 20.76 24.28 -19.08
N THR G 244 20.99 25.59 -19.30
CA THR G 244 22.17 26.40 -18.97
C THR G 244 23.32 26.35 -19.95
N GLN G 245 23.71 27.56 -20.42
CA GLN G 245 24.83 27.84 -21.32
C GLN G 245 24.74 27.14 -22.66
N MET G 246 23.52 26.79 -23.12
CA MET G 246 23.37 26.11 -24.41
C MET G 246 23.82 26.96 -25.58
N LEU G 247 23.51 28.26 -25.54
CA LEU G 247 23.92 29.22 -26.58
C LEU G 247 24.55 30.46 -25.90
N GLU G 248 25.32 30.25 -24.82
CA GLU G 248 25.90 31.30 -23.97
C GLU G 248 26.55 32.48 -24.71
N SER G 249 27.39 32.22 -25.71
CA SER G 249 28.05 33.29 -26.46
C SER G 249 27.06 34.25 -27.12
N MET G 250 25.81 33.81 -27.38
CA MET G 250 24.80 34.69 -27.98
C MET G 250 24.28 35.78 -27.04
N ILE G 251 24.75 35.81 -25.77
CA ILE G 251 24.41 36.91 -24.87
C ILE G 251 25.00 38.22 -25.46
N THR G 252 26.19 38.15 -26.09
CA THR G 252 26.81 39.32 -26.71
C THR G 252 27.02 39.18 -28.21
N LYS G 253 27.05 37.94 -28.75
CA LYS G 253 27.28 37.73 -30.19
C LYS G 253 26.04 37.31 -30.96
N PRO G 254 25.89 37.75 -32.23
CA PRO G 254 24.68 37.41 -32.99
C PRO G 254 24.60 35.97 -33.50
N ARG G 255 25.73 35.23 -33.47
CA ARG G 255 25.82 33.82 -33.89
C ARG G 255 26.49 33.00 -32.80
N PRO G 256 26.09 31.74 -32.62
CA PRO G 256 26.72 30.91 -31.58
C PRO G 256 28.00 30.21 -32.04
N THR G 257 28.72 29.59 -31.10
CA THR G 257 29.92 28.84 -31.44
C THR G 257 29.53 27.44 -31.98
N ARG G 258 30.50 26.72 -32.57
CA ARG G 258 30.27 25.37 -33.06
C ARG G 258 29.96 24.40 -31.92
N ALA G 259 30.51 24.63 -30.71
CA ALA G 259 30.23 23.78 -29.56
C ALA G 259 28.78 23.96 -29.07
N GLU G 260 28.28 25.20 -29.15
CA GLU G 260 26.94 25.53 -28.71
C GLU G 260 25.87 24.92 -29.62
N THR G 261 26.05 25.00 -30.95
CA THR G 261 25.08 24.37 -31.85
C THR G 261 25.08 22.85 -31.67
N SER G 262 26.27 22.27 -31.46
CA SER G 262 26.43 20.85 -31.20
C SER G 262 25.71 20.46 -29.90
N ASP G 263 25.85 21.28 -28.84
CA ASP G 263 25.21 21.02 -27.53
C ASP G 263 23.69 20.96 -27.66
N VAL G 264 23.08 21.92 -28.38
CA VAL G 264 21.63 21.94 -28.58
C VAL G 264 21.21 20.69 -29.36
N ALA G 265 21.93 20.36 -30.45
CA ALA G 265 21.58 19.19 -31.26
C ALA G 265 21.69 17.91 -30.45
N ASN G 266 22.75 17.79 -29.64
CA ASN G 266 22.94 16.59 -28.83
C ASN G 266 21.96 16.46 -27.68
N ALA G 267 21.47 17.57 -27.13
CA ALA G 267 20.45 17.49 -26.07
C ALA G 267 19.15 16.90 -26.68
N VAL G 268 18.79 17.32 -27.89
CA VAL G 268 17.63 16.80 -28.60
C VAL G 268 17.84 15.32 -28.94
N LEU G 269 19.01 14.97 -29.50
CA LEU G 269 19.32 13.58 -29.82
C LEU G 269 19.34 12.69 -28.58
N ASP G 270 19.80 13.21 -27.43
CA ASP G 270 19.80 12.49 -26.15
C ASP G 270 18.38 12.09 -25.74
N GLY G 271 17.41 12.96 -26.02
CA GLY G 271 16.01 12.73 -25.71
C GLY G 271 15.33 13.80 -24.89
N ALA G 272 15.94 15.02 -24.82
CA ALA G 272 15.33 16.09 -24.03
C ALA G 272 13.99 16.52 -24.58
N ASP G 273 12.99 16.70 -23.71
CA ASP G 273 11.69 17.19 -24.13
C ASP G 273 11.73 18.67 -24.39
N CYS G 274 12.49 19.42 -23.56
CA CYS G 274 12.59 20.87 -23.67
C CYS G 274 14.07 21.28 -23.61
N ILE G 275 14.35 22.40 -24.23
CA ILE G 275 15.67 23.04 -24.19
C ILE G 275 15.43 24.47 -23.68
N MET G 276 16.42 25.03 -22.98
CA MET G 276 16.22 26.31 -22.32
C MET G 276 17.25 27.36 -22.69
N LEU G 277 16.83 28.62 -22.57
CA LEU G 277 17.65 29.81 -22.74
C LEU G 277 17.53 30.58 -21.43
N SER G 278 18.66 31.02 -20.86
CA SER G 278 18.66 31.75 -19.61
CA SER G 278 18.66 31.74 -19.61
C SER G 278 19.12 33.18 -19.88
N GLY G 279 20.40 33.51 -19.69
CA GLY G 279 20.90 34.85 -19.96
C GLY G 279 20.73 35.24 -21.41
N GLU G 280 20.74 34.25 -22.33
CA GLU G 280 20.56 34.49 -23.76
C GLU G 280 19.27 35.28 -24.06
N THR G 281 18.18 35.03 -23.30
CA THR G 281 16.95 35.79 -23.51
C THR G 281 16.65 36.79 -22.40
N ALA G 282 17.11 36.52 -21.18
CA ALA G 282 16.82 37.42 -20.05
C ALA G 282 17.57 38.74 -20.11
N LYS G 283 18.85 38.70 -20.46
CA LYS G 283 19.68 39.91 -20.45
C LYS G 283 20.56 40.07 -21.69
N GLY G 284 20.41 39.20 -22.68
CA GLY G 284 21.25 39.25 -23.87
C GLY G 284 20.93 40.30 -24.90
N ASN G 285 21.86 40.50 -25.83
CA ASN G 285 21.68 41.48 -26.89
C ASN G 285 20.83 40.94 -28.05
N PHE G 286 20.71 39.60 -28.20
CA PHE G 286 19.99 38.96 -29.30
C PHE G 286 18.96 37.90 -28.82
N PRO G 287 17.98 38.26 -27.97
CA PRO G 287 17.05 37.25 -27.45
C PRO G 287 16.22 36.53 -28.50
N VAL G 288 15.72 37.27 -29.51
CA VAL G 288 14.91 36.68 -30.59
C VAL G 288 15.75 35.75 -31.44
N GLU G 289 16.99 36.16 -31.75
CA GLU G 289 17.89 35.35 -32.55
C GLU G 289 18.29 34.04 -31.84
N ALA G 290 18.39 34.08 -30.50
CA ALA G 290 18.73 32.89 -29.71
C ALA G 290 17.58 31.88 -29.80
N VAL G 291 16.32 32.36 -29.75
CA VAL G 291 15.15 31.50 -29.86
C VAL G 291 15.11 30.89 -31.27
N LYS G 292 15.36 31.72 -32.30
CA LYS G 292 15.39 31.27 -33.69
C LYS G 292 16.45 30.20 -33.91
N MET G 293 17.62 30.36 -33.28
CA MET G 293 18.70 29.40 -33.41
C MET G 293 18.35 28.05 -32.78
N GLN G 294 17.77 28.06 -31.56
CA GLN G 294 17.34 26.81 -30.92
C GLN G 294 16.27 26.12 -31.77
N HIS G 295 15.35 26.89 -32.34
CA HIS G 295 14.32 26.35 -33.22
C HIS G 295 14.93 25.64 -34.44
N ALA G 296 15.87 26.33 -35.12
CA ALA G 296 16.51 25.79 -36.32
C ALA G 296 17.29 24.51 -36.05
N ILE G 297 18.07 24.48 -34.94
CA ILE G 297 18.85 23.30 -34.61
C ILE G 297 17.95 22.14 -34.22
N ALA G 298 16.95 22.38 -33.35
CA ALA G 298 16.08 21.32 -32.84
C ALA G 298 15.35 20.63 -34.00
N ARG G 299 14.88 21.40 -34.98
CA ARG G 299 14.19 20.85 -36.13
C ARG G 299 15.10 19.88 -36.93
N GLU G 300 16.36 20.25 -37.13
CA GLU G 300 17.32 19.39 -37.83
C GLU G 300 17.62 18.12 -37.01
N ALA G 301 17.81 18.29 -35.68
CA ALA G 301 18.16 17.17 -34.81
C ALA G 301 17.03 16.18 -34.65
N GLU G 302 15.80 16.65 -34.62
CA GLU G 302 14.63 15.75 -34.47
C GLU G 302 14.50 14.81 -35.65
N ALA G 303 14.78 15.30 -36.86
CA ALA G 303 14.73 14.45 -38.06
C ALA G 303 15.86 13.40 -38.03
N ALA G 304 17.00 13.71 -37.37
CA ALA G 304 18.15 12.82 -37.25
C ALA G 304 18.03 11.75 -36.14
N VAL G 305 16.93 11.74 -35.38
CA VAL G 305 16.72 10.73 -34.34
C VAL G 305 16.55 9.36 -35.03
N TYR G 306 17.19 8.31 -34.51
CA TYR G 306 17.08 6.97 -35.07
C TYR G 306 15.85 6.27 -34.45
N HIS G 307 14.66 6.63 -34.94
CA HIS G 307 13.41 6.11 -34.41
C HIS G 307 13.28 4.61 -34.42
N ARG G 308 13.89 3.91 -35.38
CA ARG G 308 13.80 2.46 -35.47
C ARG G 308 14.28 1.79 -34.19
N GLN G 309 15.44 2.25 -33.67
CA GLN G 309 15.95 1.69 -32.41
C GLN G 309 15.24 2.29 -31.20
N LEU G 310 15.01 3.61 -31.21
CA LEU G 310 14.36 4.29 -30.10
C LEU G 310 12.97 3.69 -29.79
N PHE G 311 12.11 3.55 -30.82
CA PHE G 311 10.77 2.98 -30.61
C PHE G 311 10.85 1.56 -30.10
N GLU G 312 11.74 0.73 -30.66
CA GLU G 312 11.92 -0.67 -30.25
C GLU G 312 12.34 -0.74 -28.77
N GLU G 313 13.27 0.13 -28.34
CA GLU G 313 13.73 0.13 -26.95
C GLU G 313 12.70 0.66 -25.97
N LEU G 314 11.95 1.71 -26.36
CA LEU G 314 10.90 2.25 -25.49
C LEU G 314 9.77 1.21 -25.33
N ARG G 315 9.44 0.51 -26.42
CA ARG G 315 8.44 -0.56 -26.45
C ARG G 315 8.88 -1.71 -25.52
N ARG G 316 10.11 -2.20 -25.67
CA ARG G 316 10.66 -3.31 -24.89
C ARG G 316 10.72 -2.98 -23.40
N ALA G 317 11.09 -1.74 -23.05
CA ALA G 317 11.24 -1.36 -21.66
C ALA G 317 9.93 -0.99 -20.96
N ALA G 318 8.91 -0.59 -21.74
CA ALA G 318 7.63 -0.24 -21.13
C ALA G 318 6.88 -1.50 -20.75
N PRO G 319 6.36 -1.55 -19.52
CA PRO G 319 5.65 -2.76 -19.09
C PRO G 319 4.30 -2.92 -19.78
N LEU G 320 3.76 -4.15 -19.73
CA LEU G 320 2.41 -4.43 -20.23
C LEU G 320 1.41 -3.57 -19.45
N SER G 321 0.33 -3.14 -20.09
CA SER G 321 -0.63 -2.29 -19.42
C SER G 321 -2.04 -2.66 -19.74
N ARG G 322 -2.92 -2.52 -18.76
CA ARG G 322 -4.35 -2.71 -18.96
C ARG G 322 -5.10 -1.36 -19.01
N ASP G 323 -4.37 -0.22 -19.02
CA ASP G 323 -4.96 1.10 -19.10
C ASP G 323 -5.28 1.35 -20.58
N PRO G 324 -6.57 1.54 -20.93
CA PRO G 324 -6.92 1.75 -22.34
C PRO G 324 -6.22 2.95 -23.00
N THR G 325 -5.92 4.02 -22.25
CA THR G 325 -5.22 5.18 -22.82
C THR G 325 -3.82 4.77 -23.27
N GLU G 326 -3.09 4.02 -22.43
CA GLU G 326 -1.74 3.57 -22.75
CA GLU G 326 -1.75 3.56 -22.74
C GLU G 326 -1.76 2.55 -23.91
N VAL G 327 -2.73 1.66 -23.92
CA VAL G 327 -2.85 0.65 -24.99
C VAL G 327 -3.15 1.35 -26.33
N THR G 328 -4.06 2.34 -26.30
CA THR G 328 -4.43 3.10 -27.51
C THR G 328 -3.21 3.89 -27.98
N ALA G 329 -2.45 4.50 -27.05
CA ALA G 329 -1.29 5.29 -27.41
C ALA G 329 -0.24 4.51 -28.20
N ILE G 330 0.14 3.30 -27.73
CA ILE G 330 1.17 2.53 -28.42
C ILE G 330 0.64 2.03 -29.79
N GLY G 331 -0.62 1.68 -29.86
CA GLY G 331 -1.25 1.28 -31.11
C GLY G 331 -1.25 2.41 -32.10
N ALA G 332 -1.57 3.64 -31.65
CA ALA G 332 -1.58 4.84 -32.50
C ALA G 332 -0.20 5.19 -33.02
N VAL G 333 0.83 5.09 -32.16
CA VAL G 333 2.20 5.41 -32.57
C VAL G 333 2.71 4.36 -33.57
N GLU G 334 2.38 3.07 -33.36
CA GLU G 334 2.76 2.01 -34.29
CA GLU G 334 2.75 2.00 -34.29
C GLU G 334 2.08 2.26 -35.65
N ALA G 335 0.79 2.61 -35.64
CA ALA G 335 0.06 2.93 -36.87
C ALA G 335 0.66 4.14 -37.60
N ALA G 336 1.03 5.20 -36.84
CA ALA G 336 1.64 6.38 -37.44
C ALA G 336 2.97 6.05 -38.14
N PHE G 337 3.80 5.17 -37.55
CA PHE G 337 5.07 4.79 -38.19
C PHE G 337 4.81 3.96 -39.48
N LYS G 338 3.80 3.10 -39.45
CA LYS G 338 3.47 2.24 -40.59
C LYS G 338 3.11 3.04 -41.85
N CYS G 339 2.44 4.19 -41.70
CA CYS G 339 2.01 4.98 -42.85
C CYS G 339 2.75 6.31 -43.00
N CYS G 340 3.77 6.57 -42.18
CA CYS G 340 4.49 7.86 -42.14
C CYS G 340 3.47 9.01 -41.98
N ALA G 341 2.52 8.82 -41.03
CA ALA G 341 1.43 9.77 -40.79
C ALA G 341 1.95 11.18 -40.57
N ALA G 342 1.28 12.16 -41.15
CA ALA G 342 1.69 13.55 -40.96
C ALA G 342 1.48 13.98 -39.50
N ALA G 343 0.44 13.43 -38.83
CA ALA G 343 0.14 13.81 -37.45
C ALA G 343 -0.73 12.77 -36.75
N ILE G 344 -0.76 12.80 -35.42
CA ILE G 344 -1.67 12.07 -34.56
C ILE G 344 -2.50 13.15 -33.89
N ILE G 345 -3.79 13.24 -34.17
CA ILE G 345 -4.65 14.23 -33.55
C ILE G 345 -5.30 13.60 -32.35
N VAL G 346 -5.15 14.20 -31.17
CA VAL G 346 -5.72 13.63 -29.95
C VAL G 346 -6.57 14.63 -29.19
N LEU G 347 -7.73 14.19 -28.69
CA LEU G 347 -8.58 15.04 -27.85
C LEU G 347 -8.15 14.78 -26.41
N THR G 348 -7.94 15.84 -25.62
CA THR G 348 -7.46 15.68 -24.25
C THR G 348 -7.98 16.80 -23.35
N THR G 349 -8.38 16.46 -22.12
CA THR G 349 -8.85 17.47 -21.18
C THR G 349 -7.68 17.86 -20.26
N THR G 350 -6.94 16.87 -19.78
CA THR G 350 -5.83 17.09 -18.85
C THR G 350 -4.44 17.12 -19.50
N GLY G 351 -4.35 16.64 -20.73
CA GLY G 351 -3.08 16.48 -21.44
C GLY G 351 -2.53 15.06 -21.39
N ARG G 352 -3.07 14.22 -20.51
CA ARG G 352 -2.56 12.88 -20.28
C ARG G 352 -2.54 11.98 -21.54
N SER G 353 -3.60 11.98 -22.35
CA SER G 353 -3.61 11.15 -23.58
C SER G 353 -2.50 11.60 -24.54
N ALA G 354 -2.19 12.92 -24.59
CA ALA G 354 -1.10 13.42 -25.43
C ALA G 354 0.26 13.01 -24.86
N GLN G 355 0.40 13.08 -23.52
CA GLN G 355 1.66 12.69 -22.87
C GLN G 355 1.98 11.21 -23.13
N LEU G 356 0.95 10.34 -23.09
CA LEU G 356 1.18 8.90 -23.32
C LEU G 356 1.55 8.59 -24.79
N LEU G 357 1.13 9.44 -25.74
CA LEU G 357 1.55 9.29 -27.13
C LEU G 357 3.00 9.75 -27.25
N SER G 358 3.33 10.92 -26.65
CA SER G 358 4.65 11.53 -26.66
C SER G 358 5.75 10.59 -26.11
N ARG G 359 5.42 9.80 -25.08
CA ARG G 359 6.41 8.91 -24.45
C ARG G 359 6.98 7.86 -25.39
N TYR G 360 6.23 7.49 -26.46
CA TYR G 360 6.70 6.53 -27.46
C TYR G 360 7.46 7.19 -28.61
N ARG G 361 7.71 8.50 -28.54
CA ARG G 361 8.48 9.27 -29.49
C ARG G 361 8.12 9.04 -30.96
N PRO G 362 6.84 9.30 -31.32
CA PRO G 362 6.48 9.19 -32.74
C PRO G 362 7.16 10.29 -33.54
N ARG G 363 7.41 10.01 -34.82
CA ARG G 363 7.92 11.02 -35.74
C ARG G 363 6.77 11.99 -36.08
N ALA G 364 5.52 11.46 -36.16
CA ALA G 364 4.34 12.26 -36.45
C ALA G 364 4.11 13.24 -35.32
N ALA G 365 3.73 14.46 -35.65
CA ALA G 365 3.40 15.50 -34.68
C ALA G 365 2.17 15.08 -33.89
N VAL G 366 2.13 15.31 -32.57
CA VAL G 366 0.94 15.01 -31.79
C VAL G 366 0.15 16.31 -31.63
N ILE G 367 -0.93 16.46 -32.39
CA ILE G 367 -1.74 17.67 -32.33
C ILE G 367 -2.80 17.46 -31.25
N ALA G 368 -2.68 18.16 -30.12
CA ALA G 368 -3.58 17.96 -28.98
C ALA G 368 -4.63 19.04 -28.91
N VAL G 369 -5.90 18.67 -29.12
CA VAL G 369 -7.01 19.60 -29.08
C VAL G 369 -7.65 19.55 -27.69
N THR G 370 -7.73 20.71 -27.03
CA THR G 370 -8.27 20.79 -25.69
C THR G 370 -9.05 22.08 -25.46
N ARG G 371 -10.03 22.03 -24.57
CA ARG G 371 -10.78 23.21 -24.13
C ARG G 371 -10.10 23.82 -22.87
N SER G 372 -9.21 23.07 -22.20
CA SER G 372 -8.50 23.54 -21.02
C SER G 372 -7.33 24.41 -21.43
N ALA G 373 -7.40 25.71 -21.15
CA ALA G 373 -6.30 26.63 -21.43
C ALA G 373 -5.03 26.22 -20.68
N GLN G 374 -5.18 25.72 -19.45
CA GLN G 374 -4.03 25.28 -18.66
C GLN G 374 -3.37 24.03 -19.24
N ALA G 375 -4.17 23.02 -19.63
CA ALA G 375 -3.59 21.81 -20.22
C ALA G 375 -2.87 22.15 -21.53
N ALA G 376 -3.42 23.10 -22.31
CA ALA G 376 -2.82 23.52 -23.57
C ALA G 376 -1.43 24.11 -23.32
N ARG G 377 -1.28 24.89 -22.24
CA ARG G 377 0.03 25.46 -21.92
C ARG G 377 0.98 24.38 -21.38
N GLN G 378 0.48 23.51 -20.50
CA GLN G 378 1.33 22.50 -19.86
C GLN G 378 1.85 21.41 -20.77
N VAL G 379 1.09 21.05 -21.84
CA VAL G 379 1.58 19.97 -22.72
C VAL G 379 2.82 20.35 -23.51
N HIS G 380 3.22 21.63 -23.51
CA HIS G 380 4.51 22.03 -24.12
C HIS G 380 5.69 21.30 -23.44
N LEU G 381 5.50 20.77 -22.22
CA LEU G 381 6.56 20.02 -21.55
C LEU G 381 6.85 18.69 -22.25
N CYS G 382 5.91 18.15 -23.04
CA CYS G 382 6.07 16.84 -23.67
C CYS G 382 6.50 16.99 -25.12
N ARG G 383 7.61 16.33 -25.50
CA ARG G 383 8.11 16.47 -26.87
C ARG G 383 7.10 16.05 -27.92
N GLY G 384 6.97 16.89 -28.93
CA GLY G 384 6.13 16.62 -30.08
C GLY G 384 4.67 16.87 -29.88
N VAL G 385 4.27 17.55 -28.80
CA VAL G 385 2.87 17.84 -28.57
C VAL G 385 2.63 19.30 -28.94
N PHE G 386 1.71 19.52 -29.90
CA PHE G 386 1.35 20.83 -30.42
C PHE G 386 -0.05 21.13 -29.94
N PRO G 387 -0.16 21.97 -28.91
CA PRO G 387 -1.48 22.25 -28.34
C PRO G 387 -2.33 23.22 -29.12
N LEU G 388 -3.61 22.91 -29.23
CA LEU G 388 -4.58 23.76 -29.89
C LEU G 388 -5.69 24.00 -28.90
N LEU G 389 -5.95 25.28 -28.58
CA LEU G 389 -7.00 25.63 -27.63
C LEU G 389 -8.31 25.84 -28.38
N TYR G 390 -9.30 25.01 -28.10
CA TYR G 390 -10.60 25.06 -28.73
C TYR G 390 -11.54 25.95 -27.90
N ARG G 391 -12.03 27.04 -28.50
CA ARG G 391 -12.92 28.00 -27.82
C ARG G 391 -14.32 28.07 -28.42
N GLU G 392 -14.69 27.16 -29.31
CA GLU G 392 -16.02 27.20 -29.91
C GLU G 392 -17.10 26.77 -28.91
N PRO G 393 -18.35 27.26 -29.09
CA PRO G 393 -19.44 26.83 -28.21
C PRO G 393 -19.80 25.34 -28.44
N PRO G 394 -20.28 24.66 -27.39
CA PRO G 394 -20.51 23.21 -27.52
C PRO G 394 -21.67 22.81 -28.41
N GLU G 395 -21.52 21.67 -29.09
CA GLU G 395 -22.60 21.10 -29.89
C GLU G 395 -23.53 20.33 -28.94
N ALA G 396 -24.81 20.24 -29.28
CA ALA G 396 -25.79 19.52 -28.45
C ALA G 396 -25.48 18.02 -28.42
N ILE G 397 -25.07 17.47 -29.57
CA ILE G 397 -24.74 16.06 -29.68
C ILE G 397 -23.25 15.88 -29.47
N TRP G 398 -22.89 15.03 -28.49
CA TRP G 398 -21.49 14.78 -28.15
C TRP G 398 -20.63 14.29 -29.34
N ALA G 399 -21.07 13.27 -30.11
CA ALA G 399 -20.30 12.80 -31.26
C ALA G 399 -20.02 13.91 -32.27
N ASP G 400 -20.97 14.84 -32.47
CA ASP G 400 -20.77 15.99 -33.36
C ASP G 400 -19.72 16.96 -32.80
N ASP G 401 -19.72 17.13 -31.50
CA ASP G 401 -18.78 17.98 -30.81
C ASP G 401 -17.35 17.44 -30.90
N VAL G 402 -17.21 16.11 -30.81
CA VAL G 402 -15.95 15.42 -30.96
C VAL G 402 -15.45 15.64 -32.40
N ASP G 403 -16.34 15.44 -33.40
CA ASP G 403 -15.99 15.61 -34.80
C ASP G 403 -15.55 17.02 -35.11
N ARG G 404 -16.20 18.02 -34.52
CA ARG G 404 -15.82 19.41 -34.73
C ARG G 404 -14.42 19.69 -34.20
N ARG G 405 -14.05 19.07 -33.07
CA ARG G 405 -12.74 19.27 -32.49
C ARG G 405 -11.66 18.61 -33.31
N VAL G 406 -11.93 17.42 -33.83
CA VAL G 406 -10.99 16.73 -34.71
C VAL G 406 -10.78 17.56 -35.99
N GLN G 407 -11.86 18.11 -36.54
CA GLN G 407 -11.77 18.96 -37.73
C GLN G 407 -11.03 20.25 -37.46
N PHE G 408 -11.17 20.80 -36.26
CA PHE G 408 -10.40 21.97 -35.83
C PHE G 408 -8.90 21.65 -35.84
N GLY G 409 -8.54 20.44 -35.40
CA GLY G 409 -7.14 20.02 -35.43
C GLY G 409 -6.63 19.88 -36.87
N ILE G 410 -7.45 19.34 -37.76
CA ILE G 410 -7.09 19.20 -39.19
C ILE G 410 -6.95 20.58 -39.86
N GLU G 411 -7.92 21.48 -39.66
CA GLU G 411 -7.90 22.82 -40.25
C GLU G 411 -6.72 23.63 -39.72
N SER G 412 -6.42 23.52 -38.41
CA SER G 412 -5.28 24.22 -37.85
C SER G 412 -3.97 23.64 -38.43
N GLY G 413 -3.89 22.32 -38.55
CA GLY G 413 -2.72 21.66 -39.10
C GLY G 413 -2.48 22.03 -40.56
N LYS G 414 -3.56 22.18 -41.36
CA LYS G 414 -3.43 22.58 -42.76
C LYS G 414 -2.91 24.01 -42.83
N LEU G 415 -3.46 24.89 -41.99
CA LEU G 415 -3.06 26.30 -41.99
C LEU G 415 -1.61 26.46 -41.58
N ARG G 416 -1.16 25.67 -40.60
CA ARG G 416 0.21 25.78 -40.09
C ARG G 416 1.26 24.99 -40.91
N GLY G 417 0.84 24.20 -41.88
CA GLY G 417 1.76 23.43 -42.70
C GLY G 417 2.05 22.01 -42.22
N PHE G 418 1.40 21.55 -41.15
CA PHE G 418 1.59 20.20 -40.65
C PHE G 418 0.96 19.17 -41.61
N LEU G 419 -0.20 19.53 -42.21
CA LEU G 419 -1.01 18.61 -43.01
C LEU G 419 -1.37 19.17 -44.34
N ARG G 420 -1.61 18.27 -45.29
CA ARG G 420 -2.08 18.58 -46.65
C ARG G 420 -3.15 17.54 -47.02
N VAL G 421 -4.00 17.87 -48.01
CA VAL G 421 -4.98 16.95 -48.56
C VAL G 421 -4.24 15.73 -49.14
N GLY G 422 -4.70 14.53 -48.81
CA GLY G 422 -4.03 13.32 -49.24
C GLY G 422 -3.18 12.67 -48.15
N ASP G 423 -2.81 13.45 -47.11
CA ASP G 423 -2.03 12.88 -45.99
C ASP G 423 -2.88 11.89 -45.18
N LEU G 424 -2.22 10.98 -44.48
CA LEU G 424 -2.88 10.12 -43.54
C LEU G 424 -2.60 10.68 -42.13
N VAL G 425 -3.60 10.67 -41.27
CA VAL G 425 -3.47 11.08 -39.87
C VAL G 425 -4.08 10.00 -39.00
N ILE G 426 -3.60 9.90 -37.78
CA ILE G 426 -4.14 8.98 -36.81
C ILE G 426 -4.96 9.84 -35.84
N VAL G 427 -6.18 9.45 -35.51
CA VAL G 427 -7.03 10.23 -34.61
C VAL G 427 -7.29 9.44 -33.35
N VAL G 428 -7.03 10.03 -32.20
CA VAL G 428 -7.18 9.36 -30.91
C VAL G 428 -8.25 10.05 -30.07
N THR G 429 -9.27 9.30 -29.69
CA THR G 429 -10.41 9.83 -28.91
C THR G 429 -10.85 8.79 -27.85
N GLY G 430 -11.88 9.11 -27.06
CA GLY G 430 -12.45 8.16 -26.12
C GLY G 430 -13.90 7.83 -26.41
N TRP G 431 -14.47 6.84 -25.71
CA TRP G 431 -15.84 6.36 -25.97
C TRP G 431 -16.97 7.17 -25.31
N ARG G 432 -16.64 8.01 -24.34
CA ARG G 432 -17.63 8.84 -23.64
C ARG G 432 -16.98 10.17 -23.19
N PRO G 433 -17.80 11.20 -22.87
CA PRO G 433 -17.21 12.46 -22.40
C PRO G 433 -16.46 12.33 -21.07
N GLY G 434 -15.55 13.23 -20.85
CA GLY G 434 -14.74 13.25 -19.66
C GLY G 434 -13.36 12.63 -19.82
N SER G 435 -12.44 13.15 -19.07
CA SER G 435 -11.08 12.68 -19.00
C SER G 435 -11.01 11.22 -18.51
N GLY G 436 -10.02 10.45 -18.99
CA GLY G 436 -9.78 9.09 -18.52
C GLY G 436 -10.37 7.95 -19.35
N TYR G 437 -11.06 8.26 -20.44
CA TYR G 437 -11.71 7.24 -21.25
C TYR G 437 -11.15 7.05 -22.69
N THR G 438 -9.96 7.57 -23.00
CA THR G 438 -9.33 7.37 -24.32
C THR G 438 -9.18 5.88 -24.62
N ASN G 439 -9.74 5.43 -25.73
CA ASN G 439 -9.70 4.01 -26.07
C ASN G 439 -9.89 3.76 -27.60
N ILE G 440 -9.90 4.83 -28.43
CA ILE G 440 -10.15 4.68 -29.86
C ILE G 440 -9.01 5.28 -30.69
N MET G 441 -8.61 4.57 -31.74
CA MET G 441 -7.62 5.05 -32.69
C MET G 441 -8.23 4.86 -34.09
N ARG G 442 -8.23 5.92 -34.91
CA ARG G 442 -8.79 5.86 -36.26
C ARG G 442 -7.76 6.32 -37.29
N VAL G 443 -7.79 5.76 -38.49
CA VAL G 443 -6.89 6.14 -39.57
C VAL G 443 -7.73 6.97 -40.53
N LEU G 444 -7.38 8.23 -40.70
CA LEU G 444 -8.14 9.14 -41.54
C LEU G 444 -7.31 9.67 -42.71
N SER G 445 -7.91 9.75 -43.88
CA SER G 445 -7.28 10.33 -45.05
C SER G 445 -7.75 11.80 -45.09
N ILE G 446 -6.84 12.77 -45.13
CA ILE G 446 -7.19 14.18 -45.13
C ILE G 446 -7.86 14.58 -46.47
N SER G 447 -9.07 15.11 -46.38
CA SER G 447 -9.80 15.61 -47.55
C SER G 447 -9.92 17.15 -47.49
N GLY H 23 -2.35 -11.76 -12.05
CA GLY H 23 -1.91 -12.88 -11.23
C GLY H 23 -0.65 -13.55 -11.72
N THR H 24 0.11 -14.16 -10.81
CA THR H 24 1.34 -14.86 -11.17
C THR H 24 1.06 -16.11 -12.03
N ALA H 25 -0.09 -16.76 -11.81
CA ALA H 25 -0.48 -17.94 -12.56
C ALA H 25 -0.63 -17.62 -14.03
N PHE H 26 -1.19 -16.44 -14.35
CA PHE H 26 -1.38 -15.99 -15.73
C PHE H 26 -0.04 -15.93 -16.47
N PHE H 27 0.98 -15.36 -15.83
CA PHE H 27 2.30 -15.20 -16.43
C PHE H 27 3.16 -16.48 -16.48
N GLN H 28 2.64 -17.59 -15.94
CA GLN H 28 3.34 -18.87 -16.02
C GLN H 28 2.79 -19.74 -17.19
N GLN H 29 1.54 -19.48 -17.63
CA GLN H 29 0.87 -20.17 -18.73
C GLN H 29 1.32 -19.66 -20.11
N GLN H 30 0.87 -20.35 -21.19
CA GLN H 30 1.11 -20.06 -22.61
C GLN H 30 2.56 -19.64 -22.94
N GLN H 31 3.53 -20.31 -22.30
CA GLN H 31 4.96 -20.05 -22.48
C GLN H 31 5.33 -18.57 -22.32
N LEU H 32 4.61 -17.85 -21.43
CA LEU H 32 4.88 -16.43 -21.22
C LEU H 32 6.31 -16.15 -20.69
N PRO H 33 6.93 -16.99 -19.82
CA PRO H 33 8.34 -16.75 -19.46
C PRO H 33 9.26 -16.82 -20.70
N ALA H 34 9.04 -17.79 -21.61
CA ALA H 34 9.84 -17.90 -22.84
C ALA H 34 9.55 -16.74 -23.81
N ALA H 35 8.31 -16.23 -23.79
CA ALA H 35 7.90 -15.11 -24.64
C ALA H 35 8.66 -13.83 -24.28
N MET H 36 8.98 -13.64 -23.01
CA MET H 36 9.66 -12.42 -22.56
C MET H 36 11.19 -12.46 -22.74
N ALA H 37 11.76 -13.57 -23.21
CA ALA H 37 13.22 -13.68 -23.36
C ALA H 37 13.82 -12.66 -24.32
N ASP H 38 15.06 -12.24 -24.05
CA ASP H 38 15.76 -11.24 -24.88
C ASP H 38 16.46 -11.83 -26.09
N THR H 39 16.67 -13.15 -26.13
CA THR H 39 17.27 -13.79 -27.30
C THR H 39 16.49 -15.07 -27.64
N PHE H 40 16.61 -15.54 -28.88
CA PHE H 40 15.94 -16.79 -29.29
C PHE H 40 16.52 -17.97 -28.48
N LEU H 41 17.85 -17.97 -28.23
CA LEU H 41 18.47 -19.04 -27.43
C LEU H 41 17.88 -19.07 -26.02
N GLU H 42 17.72 -17.91 -25.35
CA GLU H 42 17.12 -17.85 -24.01
C GLU H 42 15.64 -18.25 -24.07
N HIS H 43 14.94 -17.90 -25.17
CA HIS H 43 13.55 -18.29 -25.38
C HIS H 43 13.44 -19.83 -25.36
N LEU H 44 14.34 -20.52 -26.10
CA LEU H 44 14.35 -21.99 -26.12
C LEU H 44 14.59 -22.55 -24.73
N CYS H 45 15.60 -22.00 -24.00
CA CYS H 45 15.95 -22.44 -22.65
C CYS H 45 14.80 -22.29 -21.66
N LEU H 46 13.87 -21.37 -21.90
CA LEU H 46 12.76 -21.12 -21.01
C LEU H 46 11.47 -21.87 -21.36
N LEU H 47 11.46 -22.65 -22.46
CA LEU H 47 10.26 -23.42 -22.82
C LEU H 47 9.98 -24.44 -21.71
N ASP H 48 8.72 -24.52 -21.29
CA ASP H 48 8.32 -25.31 -20.14
C ASP H 48 7.17 -26.25 -20.48
N ILE H 49 7.39 -27.57 -20.30
CA ILE H 49 6.35 -28.57 -20.55
C ILE H 49 5.15 -28.42 -19.59
N ASP H 50 5.34 -27.75 -18.43
CA ASP H 50 4.26 -27.52 -17.46
C ASP H 50 3.50 -26.22 -17.74
N SER H 51 3.94 -25.40 -18.71
CA SER H 51 3.24 -24.17 -19.05
C SER H 51 2.13 -24.53 -20.03
N GLU H 52 0.89 -24.53 -19.55
CA GLU H 52 -0.24 -24.96 -20.36
C GLU H 52 -0.74 -23.93 -21.36
N PRO H 53 -1.13 -24.38 -22.56
CA PRO H 53 -1.66 -23.43 -23.54
C PRO H 53 -3.04 -22.94 -23.10
N VAL H 54 -3.34 -21.66 -23.31
CA VAL H 54 -4.64 -21.10 -22.93
C VAL H 54 -5.38 -20.61 -24.17
N ALA H 55 -4.66 -19.99 -25.09
CA ALA H 55 -5.23 -19.47 -26.33
C ALA H 55 -5.89 -20.55 -27.16
N ALA H 56 -6.90 -20.16 -27.96
CA ALA H 56 -7.53 -21.12 -28.85
C ALA H 56 -6.50 -21.49 -29.97
N ARG H 57 -6.59 -22.72 -30.46
CA ARG H 57 -5.71 -23.22 -31.51
C ARG H 57 -5.94 -22.44 -32.81
N SER H 58 -4.92 -21.83 -33.33
CA SER H 58 -4.99 -20.91 -34.45
C SER H 58 -4.63 -21.49 -35.84
N THR H 59 -3.82 -22.57 -35.91
CA THR H 59 -3.46 -23.15 -37.19
C THR H 59 -4.60 -24.00 -37.64
N SER H 60 -5.14 -23.74 -38.84
CA SER H 60 -6.28 -24.53 -39.31
C SER H 60 -5.91 -25.95 -39.71
N ILE H 61 -6.86 -26.88 -39.54
CA ILE H 61 -6.66 -28.27 -39.92
C ILE H 61 -7.48 -28.59 -41.17
N ILE H 62 -6.81 -29.10 -42.20
CA ILE H 62 -7.46 -29.56 -43.42
C ILE H 62 -7.54 -31.09 -43.37
N ALA H 63 -8.73 -31.66 -43.44
CA ALA H 63 -8.90 -33.11 -43.42
C ALA H 63 -9.37 -33.56 -44.79
N THR H 64 -8.71 -34.57 -45.37
CA THR H 64 -9.13 -35.13 -46.64
C THR H 64 -10.29 -36.08 -46.41
N ILE H 65 -11.37 -35.89 -47.16
CA ILE H 65 -12.57 -36.70 -47.05
C ILE H 65 -12.39 -37.97 -47.88
N GLY H 66 -12.80 -39.08 -47.32
CA GLY H 66 -12.77 -40.36 -48.00
C GLY H 66 -13.65 -41.37 -47.30
N PRO H 67 -13.50 -42.66 -47.62
CA PRO H 67 -14.33 -43.69 -46.96
C PRO H 67 -14.32 -43.68 -45.44
N ALA H 68 -13.22 -43.28 -44.81
CA ALA H 68 -13.15 -43.23 -43.35
C ALA H 68 -13.81 -42.02 -42.71
N SER H 69 -14.18 -41.02 -43.49
CA SER H 69 -14.67 -39.75 -42.96
C SER H 69 -15.87 -39.21 -43.74
N ARG H 70 -16.60 -40.04 -44.46
CA ARG H 70 -17.75 -39.55 -45.25
C ARG H 70 -19.07 -39.61 -44.50
N SER H 71 -19.15 -40.44 -43.47
CA SER H 71 -20.37 -40.57 -42.67
C SER H 71 -20.75 -39.21 -42.06
N VAL H 72 -22.03 -38.81 -42.12
CA VAL H 72 -22.50 -37.54 -41.54
C VAL H 72 -22.22 -37.54 -40.03
N GLU H 73 -22.43 -38.69 -39.36
CA GLU H 73 -22.17 -38.78 -37.92
C GLU H 73 -20.69 -38.65 -37.59
N ARG H 74 -19.82 -39.22 -38.45
CA ARG H 74 -18.38 -39.11 -38.21
C ARG H 74 -17.93 -37.66 -38.50
N LEU H 75 -18.46 -37.05 -39.56
CA LEU H 75 -18.12 -35.65 -39.89
C LEU H 75 -18.46 -34.70 -38.74
N LYS H 76 -19.56 -35.00 -38.02
CA LYS H 76 -19.91 -34.19 -36.83
C LYS H 76 -18.83 -34.30 -35.77
N GLU H 77 -18.29 -35.53 -35.55
CA GLU H 77 -17.21 -35.70 -34.60
C GLU H 77 -15.93 -35.01 -35.07
N MET H 78 -15.64 -35.03 -36.38
CA MET H 78 -14.45 -34.37 -36.90
CA MET H 78 -14.45 -34.38 -36.91
C MET H 78 -14.53 -32.85 -36.78
N ILE H 79 -15.75 -32.28 -36.92
CA ILE H 79 -15.95 -30.84 -36.77
C ILE H 79 -15.71 -30.47 -35.31
N LYS H 80 -16.25 -31.29 -34.37
CA LYS H 80 -16.04 -31.07 -32.93
C LYS H 80 -14.56 -31.24 -32.53
N ALA H 81 -13.84 -32.16 -33.20
CA ALA H 81 -12.40 -32.42 -32.96
C ALA H 81 -11.50 -31.27 -33.46
N GLY H 82 -12.00 -30.48 -34.40
CA GLY H 82 -11.25 -29.34 -34.89
C GLY H 82 -11.03 -29.19 -36.39
N MET H 83 -11.65 -30.05 -37.23
CA MET H 83 -11.51 -29.92 -38.68
C MET H 83 -12.10 -28.57 -39.14
N ASN H 84 -11.32 -27.78 -39.90
CA ASN H 84 -11.79 -26.50 -40.39
C ASN H 84 -12.08 -26.49 -41.88
N ILE H 85 -11.33 -27.29 -42.64
CA ILE H 85 -11.45 -27.37 -44.09
C ILE H 85 -11.54 -28.84 -44.49
N ALA H 86 -12.52 -29.18 -45.32
CA ALA H 86 -12.71 -30.53 -45.85
C ALA H 86 -12.12 -30.54 -47.28
N ARG H 87 -11.14 -31.39 -47.52
CA ARG H 87 -10.49 -31.47 -48.82
C ARG H 87 -11.07 -32.63 -49.64
N LEU H 88 -11.49 -32.36 -50.87
CA LEU H 88 -11.99 -33.36 -51.81
C LEU H 88 -10.85 -33.63 -52.79
N ASN H 89 -10.26 -34.83 -52.73
CA ASN H 89 -9.16 -35.16 -53.63
C ASN H 89 -9.70 -35.71 -54.94
N PHE H 90 -9.68 -34.89 -56.00
CA PHE H 90 -10.21 -35.31 -57.30
C PHE H 90 -9.30 -36.29 -58.06
N SER H 91 -8.20 -36.77 -57.43
CA SER H 91 -7.38 -37.84 -58.01
C SER H 91 -8.12 -39.20 -57.86
N HIS H 92 -9.09 -39.30 -56.92
CA HIS H 92 -9.88 -40.51 -56.69
C HIS H 92 -11.37 -40.19 -56.72
N GLY H 93 -12.20 -41.13 -57.13
CA GLY H 93 -13.64 -40.97 -57.13
C GLY H 93 -14.24 -40.21 -58.29
N SER H 94 -15.50 -40.44 -58.57
CA SER H 94 -16.21 -39.77 -59.66
C SER H 94 -16.85 -38.44 -59.20
N HIS H 95 -17.46 -37.67 -60.12
CA HIS H 95 -18.20 -36.47 -59.74
C HIS H 95 -19.37 -36.81 -58.79
N GLU H 96 -20.02 -37.97 -59.00
CA GLU H 96 -21.11 -38.41 -58.14
C GLU H 96 -20.61 -38.64 -56.72
N TYR H 97 -19.43 -39.25 -56.58
CA TYR H 97 -18.83 -39.52 -55.28
C TYR H 97 -18.54 -38.19 -54.56
N HIS H 98 -17.92 -37.24 -55.25
CA HIS H 98 -17.59 -35.94 -54.64
C HIS H 98 -18.83 -35.10 -54.31
N ALA H 99 -19.90 -35.19 -55.12
CA ALA H 99 -21.15 -34.48 -54.81
C ALA H 99 -21.75 -35.00 -53.50
N GLU H 100 -21.66 -36.33 -53.27
CA GLU H 100 -22.14 -36.94 -52.02
C GLU H 100 -21.30 -36.49 -50.86
N SER H 101 -19.98 -36.39 -51.04
CA SER H 101 -19.07 -35.93 -49.98
C SER H 101 -19.45 -34.49 -49.57
N ILE H 102 -19.69 -33.63 -50.56
CA ILE H 102 -20.07 -32.24 -50.30
C ILE H 102 -21.39 -32.17 -49.54
N ALA H 103 -22.40 -32.98 -49.97
CA ALA H 103 -23.70 -33.01 -49.31
C ALA H 103 -23.57 -33.46 -47.86
N ASN H 104 -22.76 -34.50 -47.60
CA ASN H 104 -22.57 -35.00 -46.25
C ASN H 104 -21.86 -33.99 -45.37
N VAL H 105 -20.83 -33.32 -45.91
CA VAL H 105 -20.10 -32.29 -45.15
C VAL H 105 -21.07 -31.17 -44.78
N ARG H 106 -21.83 -30.68 -45.76
CA ARG H 106 -22.80 -29.62 -45.49
C ARG H 106 -23.87 -30.03 -44.49
N GLU H 107 -24.36 -31.29 -44.56
CA GLU H 107 -25.36 -31.75 -43.61
C GLU H 107 -24.77 -31.76 -42.19
N ALA H 108 -23.54 -32.25 -42.03
CA ALA H 108 -22.90 -32.28 -40.71
C ALA H 108 -22.65 -30.85 -40.18
N VAL H 109 -22.19 -29.95 -41.05
CA VAL H 109 -21.90 -28.56 -40.64
C VAL H 109 -23.20 -27.86 -40.23
N GLU H 110 -24.25 -27.99 -41.05
CA GLU H 110 -25.52 -27.33 -40.77
C GLU H 110 -26.30 -27.92 -39.62
N SER H 111 -25.94 -29.13 -39.14
CA SER H 111 -26.59 -29.71 -37.97
C SER H 111 -26.36 -28.87 -36.71
N PHE H 112 -25.33 -28.01 -36.69
CA PHE H 112 -25.01 -27.13 -35.57
C PHE H 112 -25.54 -25.70 -35.76
N ALA H 113 -26.19 -25.39 -36.88
CA ALA H 113 -26.69 -24.04 -37.15
C ALA H 113 -27.80 -23.55 -36.19
N GLY H 114 -28.48 -24.48 -35.51
CA GLY H 114 -29.53 -24.16 -34.56
C GLY H 114 -29.05 -23.43 -33.31
N SER H 115 -27.72 -23.48 -33.04
CA SER H 115 -27.10 -22.74 -31.94
C SER H 115 -26.08 -21.81 -32.59
N PRO H 116 -26.52 -20.61 -32.99
CA PRO H 116 -25.63 -19.69 -33.70
C PRO H 116 -24.36 -19.28 -32.99
N LEU H 117 -24.38 -19.24 -31.65
CA LEU H 117 -23.22 -18.84 -30.87
C LEU H 117 -22.08 -19.85 -30.88
N SER H 118 -22.36 -21.12 -31.25
CA SER H 118 -21.31 -22.13 -31.29
C SER H 118 -21.09 -22.73 -32.70
N TYR H 119 -21.87 -22.32 -33.71
CA TYR H 119 -21.77 -22.83 -35.07
C TYR H 119 -20.38 -22.58 -35.66
N ARG H 120 -19.74 -23.65 -36.19
CA ARG H 120 -18.42 -23.51 -36.78
C ARG H 120 -18.51 -23.67 -38.27
N PRO H 121 -18.19 -22.61 -39.03
CA PRO H 121 -18.10 -22.77 -40.49
C PRO H 121 -17.00 -23.79 -40.87
N VAL H 122 -17.20 -24.53 -41.97
CA VAL H 122 -16.20 -25.47 -42.48
C VAL H 122 -16.07 -25.25 -43.99
N ALA H 123 -14.85 -24.96 -44.47
CA ALA H 123 -14.64 -24.74 -45.90
C ALA H 123 -14.59 -26.06 -46.68
N ILE H 124 -14.90 -25.99 -47.96
CA ILE H 124 -14.78 -27.15 -48.84
C ILE H 124 -13.76 -26.79 -49.92
N ALA H 125 -12.70 -27.59 -50.02
CA ALA H 125 -11.63 -27.35 -50.96
C ALA H 125 -11.56 -28.48 -51.99
N LEU H 126 -11.41 -28.11 -53.27
CA LEU H 126 -11.32 -29.08 -54.35
C LEU H 126 -9.86 -29.20 -54.72
N ASP H 127 -9.26 -30.39 -54.60
CA ASP H 127 -7.87 -30.58 -54.94
C ASP H 127 -7.83 -31.31 -56.29
N THR H 128 -7.29 -30.65 -57.31
CA THR H 128 -7.32 -31.18 -58.67
C THR H 128 -6.40 -32.39 -58.91
N LYS H 129 -6.78 -33.22 -59.91
CA LYS H 129 -6.01 -34.39 -60.30
C LYS H 129 -4.64 -33.99 -60.85
N GLY H 130 -4.61 -32.92 -61.64
CA GLY H 130 -3.35 -32.42 -62.19
C GLY H 130 -3.18 -32.58 -63.68
N PRO H 131 -2.05 -32.06 -64.18
CA PRO H 131 -1.81 -32.09 -65.62
C PRO H 131 -1.33 -33.41 -66.19
N GLY H 132 -0.73 -34.26 -65.34
CA GLY H 132 -0.18 -35.53 -65.78
C GLY H 132 0.99 -35.29 -66.72
N SER H 133 0.97 -35.95 -67.88
CA SER H 133 2.02 -35.77 -68.90
C SER H 133 1.86 -34.49 -69.74
N GLY H 134 0.72 -33.81 -69.63
CA GLY H 134 0.44 -32.61 -70.39
C GLY H 134 1.20 -31.37 -69.93
N PRO H 135 1.24 -30.35 -70.79
CA PRO H 135 1.99 -29.13 -70.44
C PRO H 135 1.26 -28.10 -69.57
N GLY H 136 -0.06 -28.20 -69.52
CA GLY H 136 -0.87 -27.28 -68.74
C GLY H 136 -2.17 -27.89 -68.25
N LEU H 137 -3.24 -27.08 -68.18
CA LEU H 137 -4.54 -27.53 -67.69
C LEU H 137 -5.16 -28.66 -68.50
N SER H 138 -5.35 -29.82 -67.86
CA SER H 138 -5.93 -30.99 -68.51
C SER H 138 -7.44 -30.84 -68.73
N GLU H 139 -8.00 -31.64 -69.64
CA GLU H 139 -9.43 -31.59 -69.92
C GLU H 139 -10.24 -32.07 -68.72
N GLN H 140 -9.72 -33.04 -67.96
CA GLN H 140 -10.41 -33.53 -66.76
C GLN H 140 -10.44 -32.41 -65.71
N ASP H 141 -9.35 -31.64 -65.57
CA ASP H 141 -9.30 -30.54 -64.62
C ASP H 141 -10.32 -29.46 -64.99
N VAL H 142 -10.51 -29.17 -66.29
CA VAL H 142 -11.52 -28.18 -66.71
C VAL H 142 -12.92 -28.64 -66.27
N ARG H 143 -13.23 -29.94 -66.44
CA ARG H 143 -14.53 -30.47 -66.02
C ARG H 143 -14.68 -30.47 -64.49
N ASP H 144 -13.61 -30.82 -63.76
CA ASP H 144 -13.63 -30.84 -62.31
C ASP H 144 -13.78 -29.44 -61.72
N LEU H 145 -13.10 -28.46 -62.32
CA LEU H 145 -13.20 -27.07 -61.88
C LEU H 145 -14.60 -26.54 -62.12
N ARG H 146 -15.24 -26.90 -63.25
CA ARG H 146 -16.61 -26.52 -63.55
C ARG H 146 -17.55 -27.14 -62.51
N PHE H 147 -17.30 -28.41 -62.14
CA PHE H 147 -18.08 -29.10 -61.10
C PHE H 147 -17.95 -28.32 -59.77
N GLY H 148 -16.74 -27.88 -59.43
CA GLY H 148 -16.49 -27.11 -58.22
C GLY H 148 -17.30 -25.83 -58.15
N VAL H 149 -17.34 -25.08 -59.25
CA VAL H 149 -18.12 -23.84 -59.31
C VAL H 149 -19.61 -24.16 -59.15
N GLU H 150 -20.10 -25.19 -59.86
CA GLU H 150 -21.51 -25.57 -59.79
C GLU H 150 -21.92 -26.02 -58.40
N HIS H 151 -21.00 -26.66 -57.65
CA HIS H 151 -21.31 -27.12 -56.31
C HIS H 151 -20.90 -26.14 -55.20
N GLY H 152 -20.45 -24.96 -55.55
CA GLY H 152 -20.11 -23.90 -54.59
C GLY H 152 -18.92 -24.15 -53.69
N VAL H 153 -17.84 -24.77 -54.22
CA VAL H 153 -16.63 -24.98 -53.39
C VAL H 153 -16.01 -23.62 -53.05
N ASP H 154 -15.28 -23.57 -51.94
CA ASP H 154 -14.69 -22.31 -51.48
C ASP H 154 -13.28 -22.09 -51.98
N ILE H 155 -12.54 -23.18 -52.13
CA ILE H 155 -11.12 -23.15 -52.44
C ILE H 155 -10.75 -24.20 -53.48
N VAL H 156 -9.76 -23.91 -54.29
CA VAL H 156 -9.19 -24.87 -55.21
C VAL H 156 -7.72 -25.02 -54.82
N PHE H 157 -7.26 -26.26 -54.58
CA PHE H 157 -5.86 -26.57 -54.40
C PHE H 157 -5.42 -27.05 -55.79
N ALA H 158 -4.78 -26.17 -56.56
CA ALA H 158 -4.39 -26.47 -57.95
C ALA H 158 -3.09 -27.27 -58.01
N SER H 159 -3.17 -28.50 -58.49
CA SER H 159 -2.03 -29.39 -58.56
C SER H 159 -0.98 -28.98 -59.59
N PHE H 160 0.29 -29.27 -59.27
CA PHE H 160 1.46 -29.05 -60.10
C PHE H 160 1.53 -27.69 -60.78
N VAL H 161 1.41 -26.60 -60.00
CA VAL H 161 1.50 -25.25 -60.57
C VAL H 161 2.99 -24.98 -60.81
N ARG H 162 3.36 -24.68 -62.06
CA ARG H 162 4.75 -24.46 -62.46
C ARG H 162 5.08 -23.02 -62.85
N LYS H 163 4.07 -22.21 -63.14
CA LYS H 163 4.26 -20.84 -63.58
C LYS H 163 2.96 -20.04 -63.41
N ALA H 164 3.03 -18.72 -63.53
CA ALA H 164 1.86 -17.85 -63.39
C ALA H 164 0.74 -18.17 -64.39
N SER H 165 1.08 -18.60 -65.63
CA SER H 165 0.04 -18.93 -66.62
C SER H 165 -0.78 -20.15 -66.24
N ASP H 166 -0.24 -21.05 -65.41
CA ASP H 166 -1.00 -22.19 -64.91
C ASP H 166 -2.12 -21.70 -63.99
N VAL H 167 -1.85 -20.66 -63.18
CA VAL H 167 -2.85 -20.07 -62.28
C VAL H 167 -3.94 -19.39 -63.11
N ALA H 168 -3.53 -18.64 -64.15
CA ALA H 168 -4.47 -17.96 -65.04
C ALA H 168 -5.40 -18.96 -65.72
N ALA H 169 -4.88 -20.12 -66.12
CA ALA H 169 -5.70 -21.17 -66.74
C ALA H 169 -6.75 -21.70 -65.77
N VAL H 170 -6.37 -21.89 -64.49
CA VAL H 170 -7.33 -22.36 -63.46
C VAL H 170 -8.40 -21.31 -63.26
N ARG H 171 -7.99 -20.04 -63.15
N ARG H 171 -7.99 -20.04 -63.15
CA ARG H 171 -8.90 -18.91 -62.97
CA ARG H 171 -8.93 -18.93 -62.96
C ARG H 171 -9.91 -18.84 -64.14
C ARG H 171 -9.92 -18.86 -64.14
N ALA H 172 -9.42 -19.02 -65.38
CA ALA H 172 -10.28 -18.99 -66.57
C ALA H 172 -11.26 -20.18 -66.60
N ALA H 173 -10.81 -21.38 -66.20
CA ALA H 173 -11.70 -22.55 -66.14
C ALA H 173 -12.80 -22.40 -65.07
N LEU H 174 -12.55 -21.60 -64.01
CA LEU H 174 -13.57 -21.35 -62.99
C LEU H 174 -14.69 -20.41 -63.52
N GLY H 175 -14.41 -19.65 -64.59
CA GLY H 175 -15.37 -18.79 -65.26
C GLY H 175 -15.79 -17.57 -64.49
N PRO H 176 -16.78 -16.82 -65.03
CA PRO H 176 -17.24 -15.61 -64.34
C PRO H 176 -17.98 -15.88 -63.03
N GLU H 177 -18.58 -17.07 -62.90
CA GLU H 177 -19.31 -17.43 -61.68
C GLU H 177 -18.36 -17.88 -60.51
N GLY H 178 -17.10 -18.18 -60.80
CA GLY H 178 -16.16 -18.62 -59.78
C GLY H 178 -15.10 -17.62 -59.38
N HIS H 179 -15.36 -16.30 -59.57
CA HIS H 179 -14.38 -15.26 -59.23
CA HIS H 179 -14.38 -15.26 -59.23
C HIS H 179 -14.06 -15.19 -57.72
N GLY H 180 -15.01 -15.61 -56.88
CA GLY H 180 -14.81 -15.54 -55.42
C GLY H 180 -14.07 -16.73 -54.82
N ILE H 181 -13.83 -17.78 -55.62
CA ILE H 181 -13.12 -18.98 -55.15
C ILE H 181 -11.63 -18.69 -54.96
N LYS H 182 -11.05 -19.13 -53.84
CA LYS H 182 -9.62 -18.91 -53.58
C LYS H 182 -8.78 -19.95 -54.31
N ILE H 183 -7.71 -19.53 -54.97
CA ILE H 183 -6.82 -20.46 -55.64
C ILE H 183 -5.51 -20.61 -54.83
N ILE H 184 -5.28 -21.80 -54.31
CA ILE H 184 -4.06 -22.12 -53.55
C ILE H 184 -3.23 -22.97 -54.49
N SER H 185 -2.09 -22.45 -54.93
CA SER H 185 -1.25 -23.18 -55.86
C SER H 185 -0.39 -24.22 -55.13
N LYS H 186 -0.45 -25.46 -55.59
CA LYS H 186 0.37 -26.52 -55.01
C LYS H 186 1.75 -26.52 -55.70
N ILE H 187 2.81 -26.39 -54.92
CA ILE H 187 4.18 -26.41 -55.44
C ILE H 187 4.67 -27.83 -55.25
N GLU H 188 4.87 -28.54 -56.36
CA GLU H 188 5.19 -29.96 -56.31
C GLU H 188 6.43 -30.38 -57.07
N ASN H 189 7.13 -29.45 -57.72
CA ASN H 189 8.32 -29.81 -58.49
C ASN H 189 9.36 -28.70 -58.51
N HIS H 190 10.53 -28.96 -59.12
CA HIS H 190 11.62 -27.99 -59.16
C HIS H 190 11.20 -26.70 -59.83
N GLU H 191 10.48 -26.75 -60.95
CA GLU H 191 10.07 -25.53 -61.65
C GLU H 191 9.16 -24.64 -60.80
N GLY H 192 8.22 -25.25 -60.07
CA GLY H 192 7.35 -24.51 -59.18
C GLY H 192 8.12 -23.78 -58.09
N VAL H 193 9.16 -24.44 -57.54
CA VAL H 193 10.00 -23.80 -56.52
C VAL H 193 10.80 -22.65 -57.13
N LYS H 194 11.40 -22.87 -58.30
CA LYS H 194 12.18 -21.83 -58.96
C LYS H 194 11.37 -20.64 -59.45
N ARG H 195 10.13 -20.86 -59.88
CA ARG H 195 9.25 -19.76 -60.28
C ARG H 195 8.26 -19.38 -59.19
N PHE H 196 8.58 -19.68 -57.92
CA PHE H 196 7.72 -19.40 -56.78
C PHE H 196 7.20 -17.98 -56.72
N ASP H 197 8.07 -16.98 -56.87
CA ASP H 197 7.64 -15.59 -56.73
C ASP H 197 6.55 -15.19 -57.72
N GLU H 198 6.68 -15.60 -58.98
CA GLU H 198 5.67 -15.27 -59.97
C GLU H 198 4.35 -16.02 -59.71
N ILE H 199 4.42 -17.23 -59.14
CA ILE H 199 3.24 -18.02 -58.82
C ILE H 199 2.52 -17.40 -57.62
N LEU H 200 3.26 -17.07 -56.54
CA LEU H 200 2.66 -16.47 -55.35
C LEU H 200 1.97 -15.15 -55.67
N GLU H 201 2.59 -14.33 -56.53
CA GLU H 201 2.02 -13.03 -56.91
C GLU H 201 0.60 -13.11 -57.44
N VAL H 202 0.28 -14.15 -58.21
CA VAL H 202 -1.05 -14.30 -58.81
C VAL H 202 -1.96 -15.30 -58.08
N SER H 203 -1.46 -15.99 -57.05
CA SER H 203 -2.25 -16.96 -56.30
C SER H 203 -2.80 -16.32 -55.03
N ASP H 204 -3.83 -16.93 -54.45
CA ASP H 204 -4.32 -16.50 -53.14
C ASP H 204 -3.44 -17.07 -51.99
N GLY H 205 -2.73 -18.15 -52.27
CA GLY H 205 -1.89 -18.82 -51.30
C GLY H 205 -1.17 -20.01 -51.91
N ILE H 206 -0.44 -20.75 -51.07
CA ILE H 206 0.39 -21.86 -51.54
C ILE H 206 0.20 -23.10 -50.70
N MET H 207 0.37 -24.26 -51.31
CA MET H 207 0.44 -25.51 -50.58
C MET H 207 1.82 -26.11 -50.86
N VAL H 208 2.57 -26.45 -49.81
CA VAL H 208 3.83 -27.16 -49.93
C VAL H 208 3.45 -28.64 -50.02
N ALA H 209 3.34 -29.15 -51.25
CA ALA H 209 2.89 -30.52 -51.50
C ALA H 209 4.09 -31.42 -51.43
N ARG H 210 4.47 -31.83 -50.21
CA ARG H 210 5.72 -32.55 -49.95
C ARG H 210 5.81 -33.95 -50.57
N GLY H 211 4.69 -34.58 -50.83
CA GLY H 211 4.65 -35.92 -51.45
C GLY H 211 5.34 -35.92 -52.81
N ASP H 212 4.78 -35.18 -53.76
CA ASP H 212 5.38 -35.08 -55.09
C ASP H 212 6.69 -34.32 -55.07
N LEU H 213 6.80 -33.26 -54.24
CA LEU H 213 8.05 -32.50 -54.13
C LEU H 213 9.23 -33.41 -53.73
N GLY H 214 8.99 -34.34 -52.81
CA GLY H 214 9.98 -35.30 -52.32
C GLY H 214 10.39 -36.36 -53.32
N ILE H 215 9.68 -36.45 -54.45
CA ILE H 215 10.02 -37.36 -55.53
C ILE H 215 10.64 -36.57 -56.71
N GLU H 216 10.23 -35.31 -56.91
CA GLU H 216 10.74 -34.44 -57.95
C GLU H 216 12.12 -33.87 -57.62
N ILE H 217 12.37 -33.59 -56.34
CA ILE H 217 13.67 -33.07 -55.89
C ILE H 217 14.21 -34.05 -54.82
N PRO H 218 15.52 -34.03 -54.49
CA PRO H 218 16.02 -34.94 -53.46
C PRO H 218 15.24 -34.79 -52.14
N ALA H 219 14.86 -35.90 -51.53
CA ALA H 219 14.06 -35.93 -50.30
C ALA H 219 14.69 -35.08 -49.18
N GLU H 220 16.01 -35.06 -49.11
CA GLU H 220 16.72 -34.29 -48.08
C GLU H 220 16.68 -32.77 -48.30
N LYS H 221 16.12 -32.30 -49.42
CA LYS H 221 16.02 -30.86 -49.69
C LYS H 221 14.61 -30.31 -49.45
N VAL H 222 13.61 -31.17 -49.23
CA VAL H 222 12.22 -30.73 -49.06
C VAL H 222 12.06 -29.72 -47.93
N PHE H 223 12.75 -29.93 -46.79
CA PHE H 223 12.63 -28.98 -45.67
C PHE H 223 13.08 -27.56 -46.05
N LEU H 224 14.06 -27.43 -46.97
CA LEU H 224 14.54 -26.12 -47.40
C LEU H 224 13.44 -25.44 -48.23
N ALA H 225 12.79 -26.18 -49.14
CA ALA H 225 11.71 -25.65 -49.96
C ALA H 225 10.54 -25.27 -49.04
N GLN H 226 10.21 -26.11 -48.08
CA GLN H 226 9.11 -25.83 -47.13
C GLN H 226 9.38 -24.55 -46.35
N LYS H 227 10.57 -24.44 -45.71
CA LYS H 227 10.89 -23.26 -44.91
C LYS H 227 10.95 -21.98 -45.74
N MET H 228 11.48 -22.06 -46.98
CA MET H 228 11.54 -20.91 -47.87
C MET H 228 10.13 -20.45 -48.26
N MET H 229 9.27 -21.38 -48.66
CA MET H 229 7.93 -21.04 -49.12
C MET H 229 7.08 -20.48 -47.98
N ILE H 230 7.20 -21.07 -46.79
CA ILE H 230 6.48 -20.55 -45.62
C ILE H 230 6.95 -19.13 -45.28
N GLY H 231 8.27 -18.91 -45.26
CA GLY H 231 8.83 -17.58 -45.00
C GLY H 231 8.35 -16.54 -46.02
N ARG H 232 8.37 -16.89 -47.32
CA ARG H 232 7.92 -15.96 -48.35
C ARG H 232 6.43 -15.67 -48.27
N CYS H 233 5.61 -16.67 -47.95
CA CYS H 233 4.16 -16.47 -47.80
C CYS H 233 3.88 -15.62 -46.58
N ASN H 234 4.62 -15.82 -45.48
CA ASN H 234 4.46 -15.01 -44.27
C ASN H 234 4.82 -13.55 -44.59
N LEU H 235 5.88 -13.34 -45.38
CA LEU H 235 6.31 -11.99 -45.75
C LEU H 235 5.23 -11.33 -46.65
N ALA H 236 4.67 -12.08 -47.58
CA ALA H 236 3.62 -11.60 -48.46
C ALA H 236 2.23 -11.47 -47.82
N GLY H 237 2.04 -12.05 -46.64
CA GLY H 237 0.75 -12.02 -45.95
C GLY H 237 -0.30 -12.90 -46.64
N LYS H 238 0.15 -14.00 -47.26
CA LYS H 238 -0.75 -14.92 -47.95
C LYS H 238 -0.69 -16.31 -47.31
N PRO H 239 -1.82 -17.00 -47.22
CA PRO H 239 -1.84 -18.34 -46.59
C PRO H 239 -0.91 -19.39 -47.19
N VAL H 240 -0.33 -20.22 -46.32
CA VAL H 240 0.52 -21.31 -46.77
C VAL H 240 0.13 -22.57 -46.00
N VAL H 241 0.01 -23.67 -46.73
CA VAL H 241 -0.41 -24.96 -46.16
C VAL H 241 0.76 -25.92 -46.18
N CYS H 242 0.99 -26.64 -45.09
CA CYS H 242 1.99 -27.71 -45.06
C CYS H 242 1.23 -29.02 -45.23
N ALA H 243 1.66 -29.87 -46.17
CA ALA H 243 0.92 -31.09 -46.47
C ALA H 243 1.79 -32.34 -46.60
N THR H 244 1.16 -33.53 -46.39
CA THR H 244 1.57 -34.91 -46.69
C THR H 244 2.46 -35.57 -45.65
N GLN H 245 1.97 -36.75 -45.18
CA GLN H 245 2.62 -37.68 -44.24
C GLN H 245 2.95 -37.07 -42.89
N MET H 246 2.21 -36.01 -42.48
CA MET H 246 2.47 -35.37 -41.19
C MET H 246 2.24 -36.29 -40.00
N LEU H 247 1.21 -37.14 -40.08
CA LEU H 247 0.92 -38.12 -39.01
C LEU H 247 0.65 -39.49 -39.67
N GLU H 248 1.41 -39.83 -40.72
CA GLU H 248 1.24 -41.02 -41.55
C GLU H 248 0.97 -42.35 -40.79
N SER H 249 1.73 -42.63 -39.73
CA SER H 249 1.58 -43.88 -38.98
C SER H 249 0.19 -43.97 -38.31
N MET H 250 -0.53 -42.83 -38.10
CA MET H 250 -1.89 -42.87 -37.52
C MET H 250 -2.96 -43.40 -38.50
N ILE H 251 -2.57 -43.76 -39.74
CA ILE H 251 -3.50 -44.45 -40.66
C ILE H 251 -3.83 -45.85 -40.04
N THR H 252 -2.86 -46.46 -39.36
CA THR H 252 -2.97 -47.82 -38.81
C THR H 252 -2.80 -47.88 -37.29
N LYS H 253 -2.14 -46.90 -36.69
CA LYS H 253 -1.83 -46.87 -35.27
C LYS H 253 -2.54 -45.75 -34.48
N PRO H 254 -2.88 -46.00 -33.21
CA PRO H 254 -3.59 -44.98 -32.43
C PRO H 254 -2.75 -43.74 -32.07
N ARG H 255 -1.41 -43.89 -32.03
CA ARG H 255 -0.53 -42.78 -31.64
C ARG H 255 0.54 -42.61 -32.71
N PRO H 256 0.95 -41.36 -32.96
CA PRO H 256 1.97 -41.12 -34.00
C PRO H 256 3.41 -41.33 -33.50
N THR H 257 4.37 -41.33 -34.42
CA THR H 257 5.78 -41.48 -34.05
C THR H 257 6.32 -40.13 -33.50
N ARG H 258 7.51 -40.16 -32.88
CA ARG H 258 8.16 -38.95 -32.38
C ARG H 258 8.52 -37.99 -33.51
N ALA H 259 8.86 -38.53 -34.71
CA ALA H 259 9.19 -37.67 -35.86
C ALA H 259 7.94 -36.94 -36.39
N GLU H 260 6.80 -37.62 -36.36
CA GLU H 260 5.53 -37.06 -36.82
C GLU H 260 5.04 -35.91 -35.94
N THR H 261 5.10 -36.07 -34.60
CA THR H 261 4.68 -34.96 -33.72
C THR H 261 5.62 -33.78 -33.90
N SER H 262 6.92 -34.05 -34.03
CA SER H 262 7.93 -33.04 -34.26
C SER H 262 7.65 -32.30 -35.59
N ASP H 263 7.28 -33.02 -36.65
CA ASP H 263 6.99 -32.43 -37.97
C ASP H 263 5.82 -31.45 -37.89
N VAL H 264 4.74 -31.85 -37.19
CA VAL H 264 3.57 -30.97 -37.03
C VAL H 264 3.98 -29.72 -36.24
N ALA H 265 4.69 -29.90 -35.10
CA ALA H 265 5.11 -28.76 -34.27
C ALA H 265 6.01 -27.81 -35.05
N ASN H 266 6.96 -28.36 -35.81
CA ASN H 266 7.87 -27.53 -36.61
C ASN H 266 7.20 -26.84 -37.79
N ALA H 267 6.18 -27.42 -38.39
CA ALA H 267 5.45 -26.74 -39.49
C ALA H 267 4.75 -25.48 -38.92
N VAL H 268 4.17 -25.59 -37.71
CA VAL H 268 3.53 -24.46 -37.03
C VAL H 268 4.58 -23.43 -36.66
N LEU H 269 5.69 -23.87 -36.04
CA LEU H 269 6.75 -22.95 -35.67
C LEU H 269 7.35 -22.25 -36.89
N ASP H 270 7.48 -22.95 -38.04
CA ASP H 270 7.98 -22.38 -39.31
C ASP H 270 7.08 -21.20 -39.75
N GLY H 271 5.77 -21.30 -39.51
CA GLY H 271 4.81 -20.25 -39.84
C GLY H 271 3.65 -20.70 -40.72
N ALA H 272 3.40 -22.02 -40.81
CA ALA H 272 2.30 -22.50 -41.66
C ALA H 272 0.95 -22.00 -41.15
N ASP H 273 0.11 -21.51 -42.07
CA ASP H 273 -1.24 -21.11 -41.70
C ASP H 273 -2.13 -22.34 -41.46
N CYS H 274 -1.93 -23.38 -42.30
CA CYS H 274 -2.72 -24.61 -42.23
C CYS H 274 -1.82 -25.81 -42.22
N ILE H 275 -2.31 -26.89 -41.63
CA ILE H 275 -1.65 -28.20 -41.66
C ILE H 275 -2.70 -29.17 -42.21
N MET H 276 -2.25 -30.25 -42.86
CA MET H 276 -3.16 -31.13 -43.55
C MET H 276 -3.01 -32.62 -43.16
N LEU H 277 -4.10 -33.35 -43.32
CA LEU H 277 -4.20 -34.79 -43.14
C LEU H 277 -4.75 -35.34 -44.46
N SER H 278 -4.12 -36.40 -44.96
CA SER H 278 -4.52 -37.01 -46.21
C SER H 278 -5.06 -38.41 -45.92
N GLY H 279 -4.25 -39.47 -45.99
CA GLY H 279 -4.72 -40.81 -45.68
C GLY H 279 -5.18 -40.95 -44.24
N GLU H 280 -4.61 -40.15 -43.32
CA GLU H 280 -4.97 -40.16 -41.90
C GLU H 280 -6.46 -39.93 -41.68
N THR H 281 -7.12 -39.11 -42.55
CA THR H 281 -8.56 -38.92 -42.42
C THR H 281 -9.34 -39.53 -43.58
N ALA H 282 -8.73 -39.71 -44.76
CA ALA H 282 -9.45 -40.23 -45.90
C ALA H 282 -9.69 -41.71 -45.82
N LYS H 283 -8.71 -42.48 -45.35
CA LYS H 283 -8.86 -43.94 -45.36
C LYS H 283 -8.44 -44.68 -44.13
N GLY H 284 -7.87 -44.00 -43.17
CA GLY H 284 -7.30 -44.66 -41.99
C GLY H 284 -8.31 -45.08 -40.94
N ASN H 285 -7.81 -45.75 -39.88
CA ASN H 285 -8.68 -46.20 -38.82
C ASN H 285 -8.84 -45.20 -37.68
N PHE H 286 -8.12 -44.06 -37.71
CA PHE H 286 -8.17 -43.07 -36.63
C PHE H 286 -8.38 -41.62 -37.16
N PRO H 287 -9.39 -41.38 -38.02
CA PRO H 287 -9.55 -40.02 -38.56
C PRO H 287 -9.81 -38.97 -37.50
N VAL H 288 -10.70 -39.24 -36.53
CA VAL H 288 -11.01 -38.27 -35.47
C VAL H 288 -9.80 -38.03 -34.59
N GLU H 289 -9.10 -39.12 -34.22
CA GLU H 289 -7.92 -39.02 -33.37
C GLU H 289 -6.77 -38.27 -34.08
N ALA H 290 -6.66 -38.39 -35.41
CA ALA H 290 -5.62 -37.69 -36.15
C ALA H 290 -5.90 -36.16 -36.11
N VAL H 291 -7.17 -35.78 -36.21
CA VAL H 291 -7.56 -34.36 -36.12
C VAL H 291 -7.27 -33.85 -34.69
N LYS H 292 -7.61 -34.66 -33.67
CA LYS H 292 -7.35 -34.31 -32.28
C LYS H 292 -5.87 -34.15 -32.00
N MET H 293 -5.02 -34.99 -32.61
CA MET H 293 -3.57 -34.93 -32.40
C MET H 293 -3.00 -33.67 -33.04
N GLN H 294 -3.41 -33.32 -34.27
CA GLN H 294 -2.96 -32.08 -34.90
C GLN H 294 -3.38 -30.88 -34.10
N HIS H 295 -4.62 -30.90 -33.58
CA HIS H 295 -5.13 -29.82 -32.71
C HIS H 295 -4.24 -29.65 -31.46
N ALA H 296 -3.97 -30.76 -30.76
CA ALA H 296 -3.16 -30.73 -29.52
C ALA H 296 -1.74 -30.24 -29.77
N ILE H 297 -1.09 -30.70 -30.84
CA ILE H 297 0.28 -30.28 -31.13
C ILE H 297 0.31 -28.80 -31.55
N ALA H 298 -0.58 -28.39 -32.45
CA ALA H 298 -0.61 -27.00 -32.94
C ALA H 298 -0.79 -26.02 -31.79
N ARG H 299 -1.66 -26.34 -30.84
CA ARG H 299 -1.90 -25.46 -29.69
C ARG H 299 -0.62 -25.27 -28.86
N GLU H 300 0.14 -26.35 -28.63
CA GLU H 300 1.39 -26.26 -27.88
C GLU H 300 2.42 -25.45 -28.67
N ALA H 301 2.54 -25.72 -29.97
CA ALA H 301 3.54 -25.04 -30.81
C ALA H 301 3.25 -23.55 -31.01
N GLU H 302 1.98 -23.16 -31.09
CA GLU H 302 1.61 -21.75 -31.24
C GLU H 302 2.04 -20.94 -30.02
N ALA H 303 1.92 -21.50 -28.81
CA ALA H 303 2.36 -20.81 -27.59
C ALA H 303 3.90 -20.69 -27.55
N ALA H 304 4.63 -21.62 -28.18
CA ALA H 304 6.09 -21.62 -28.24
C ALA H 304 6.68 -20.68 -29.31
N VAL H 305 5.84 -20.02 -30.12
CA VAL H 305 6.33 -19.07 -31.13
C VAL H 305 7.00 -17.87 -30.42
N TYR H 306 8.18 -17.46 -30.88
CA TYR H 306 8.89 -16.33 -30.29
C TYR H 306 8.36 -15.03 -30.92
N HIS H 307 7.17 -14.57 -30.47
CA HIS H 307 6.50 -13.40 -31.03
C HIS H 307 7.34 -12.14 -30.99
N ARG H 308 8.21 -11.99 -29.98
CA ARG H 308 9.05 -10.79 -29.87
C ARG H 308 9.90 -10.57 -31.14
N GLN H 309 10.55 -11.64 -31.64
CA GLN H 309 11.33 -11.54 -32.86
C GLN H 309 10.45 -11.56 -34.11
N LEU H 310 9.45 -12.45 -34.13
CA LEU H 310 8.55 -12.55 -35.27
C LEU H 310 7.87 -11.21 -35.60
N PHE H 311 7.25 -10.56 -34.62
CA PHE H 311 6.57 -9.28 -34.83
C PHE H 311 7.54 -8.19 -35.30
N GLU H 312 8.73 -8.11 -34.68
CA GLU H 312 9.77 -7.16 -35.05
C GLU H 312 10.23 -7.38 -36.50
N GLU H 313 10.41 -8.64 -36.92
CA GLU H 313 10.85 -8.94 -38.28
C GLU H 313 9.76 -8.73 -39.31
N LEU H 314 8.49 -9.03 -38.98
CA LEU H 314 7.38 -8.80 -39.90
C LEU H 314 7.24 -7.29 -40.15
N ARG H 315 7.45 -6.46 -39.11
CA ARG H 315 7.31 -5.03 -39.30
C ARG H 315 8.52 -4.44 -40.06
N ARG H 316 9.73 -4.91 -39.74
CA ARG H 316 10.95 -4.45 -40.43
C ARG H 316 10.97 -4.84 -41.92
N ALA H 317 10.45 -6.03 -42.24
CA ALA H 317 10.44 -6.49 -43.63
C ALA H 317 9.31 -5.93 -44.46
N ALA H 318 8.20 -5.58 -43.83
CA ALA H 318 7.06 -5.04 -44.53
C ALA H 318 7.31 -3.59 -44.88
N PRO H 319 7.04 -3.22 -46.14
CA PRO H 319 7.16 -1.81 -46.51
C PRO H 319 6.09 -0.94 -45.85
N LEU H 320 6.28 0.39 -45.88
CA LEU H 320 5.29 1.34 -45.40
C LEU H 320 3.98 1.16 -46.18
N SER H 321 2.85 1.43 -45.54
CA SER H 321 1.58 1.30 -46.21
C SER H 321 0.70 2.49 -46.03
N ARG H 322 0.00 2.87 -47.08
CA ARG H 322 -0.98 3.93 -47.03
C ARG H 322 -2.43 3.36 -47.04
N ASP H 323 -2.58 2.03 -46.93
CA ASP H 323 -3.89 1.41 -46.92
C ASP H 323 -4.40 1.48 -45.47
N PRO H 324 -5.54 2.14 -45.23
CA PRO H 324 -6.04 2.26 -43.84
C PRO H 324 -6.33 0.93 -43.16
N THR H 325 -6.77 -0.11 -43.89
CA THR H 325 -7.03 -1.41 -43.29
C THR H 325 -5.73 -1.99 -42.74
N GLU H 326 -4.66 -1.91 -43.52
CA GLU H 326 -3.33 -2.41 -43.14
C GLU H 326 -2.77 -1.61 -41.96
N VAL H 327 -2.96 -0.29 -41.97
CA VAL H 327 -2.47 0.58 -40.89
C VAL H 327 -3.23 0.29 -39.59
N THR H 328 -4.55 0.12 -39.67
CA THR H 328 -5.38 -0.20 -38.50
C THR H 328 -4.99 -1.60 -37.97
N ALA H 329 -4.74 -2.56 -38.87
CA ALA H 329 -4.34 -3.92 -38.46
C ALA H 329 -3.05 -3.93 -37.62
N ILE H 330 -1.99 -3.23 -38.03
CA ILE H 330 -0.74 -3.22 -37.26
C ILE H 330 -0.94 -2.49 -35.92
N GLY H 331 -1.76 -1.44 -35.91
CA GLY H 331 -2.07 -0.73 -34.67
C GLY H 331 -2.84 -1.62 -33.71
N ALA H 332 -3.79 -2.41 -34.23
CA ALA H 332 -4.59 -3.31 -33.42
C ALA H 332 -3.72 -4.44 -32.84
N VAL H 333 -2.80 -4.99 -33.64
CA VAL H 333 -1.94 -6.09 -33.18
C VAL H 333 -0.96 -5.56 -32.12
N GLU H 334 -0.43 -4.34 -32.31
CA GLU H 334 0.45 -3.72 -31.32
C GLU H 334 -0.32 -3.49 -30.00
N ALA H 335 -1.56 -3.00 -30.09
CA ALA H 335 -2.41 -2.78 -28.91
C ALA H 335 -2.72 -4.09 -28.21
N ALA H 336 -3.04 -5.17 -28.97
CA ALA H 336 -3.34 -6.47 -28.39
C ALA H 336 -2.14 -7.03 -27.60
N PHE H 337 -0.92 -6.87 -28.13
CA PHE H 337 0.29 -7.34 -27.43
C PHE H 337 0.52 -6.53 -26.13
N LYS H 338 0.25 -5.23 -26.16
CA LYS H 338 0.47 -4.35 -25.01
C LYS H 338 -0.36 -4.73 -23.79
N CYS H 339 -1.60 -5.16 -24.01
CA CYS H 339 -2.50 -5.49 -22.90
C CYS H 339 -2.77 -6.97 -22.74
N CYS H 340 -2.09 -7.85 -23.52
CA CYS H 340 -2.36 -9.30 -23.50
C CYS H 340 -3.83 -9.55 -23.79
N ALA H 341 -4.39 -8.82 -24.80
CA ALA H 341 -5.79 -8.92 -25.15
C ALA H 341 -6.22 -10.36 -25.38
N ALA H 342 -7.42 -10.73 -24.87
CA ALA H 342 -7.93 -12.09 -25.06
C ALA H 342 -8.29 -12.34 -26.53
N ALA H 343 -8.67 -11.28 -27.27
CA ALA H 343 -9.07 -11.42 -28.67
C ALA H 343 -9.07 -10.06 -29.39
N ILE H 344 -9.05 -10.09 -30.73
CA ILE H 344 -9.25 -8.94 -31.59
C ILE H 344 -10.55 -9.30 -32.34
N ILE H 345 -11.64 -8.55 -32.13
CA ILE H 345 -12.90 -8.82 -32.81
C ILE H 345 -12.94 -7.92 -34.03
N VAL H 346 -13.10 -8.49 -35.21
CA VAL H 346 -13.11 -7.70 -36.45
C VAL H 346 -14.36 -7.97 -37.29
N LEU H 347 -14.95 -6.92 -37.85
CA LEU H 347 -16.08 -7.09 -38.75
C LEU H 347 -15.46 -7.17 -40.15
N THR H 348 -15.91 -8.12 -40.97
CA THR H 348 -15.36 -8.28 -42.30
C THR H 348 -16.41 -8.82 -43.28
N THR H 349 -16.42 -8.29 -44.48
CA THR H 349 -17.35 -8.72 -45.52
C THR H 349 -16.67 -9.77 -46.39
N THR H 350 -15.41 -9.53 -46.80
CA THR H 350 -14.66 -10.42 -47.69
C THR H 350 -13.64 -11.31 -46.97
N GLY H 351 -13.32 -10.99 -45.72
CA GLY H 351 -12.27 -11.66 -44.93
C GLY H 351 -10.96 -10.85 -44.89
N ARG H 352 -10.81 -9.88 -45.79
CA ARG H 352 -9.58 -9.12 -45.93
C ARG H 352 -9.09 -8.42 -44.66
N SER H 353 -9.99 -7.81 -43.88
CA SER H 353 -9.54 -7.13 -42.63
C SER H 353 -8.98 -8.16 -41.63
N ALA H 354 -9.55 -9.36 -41.61
CA ALA H 354 -9.07 -10.43 -40.72
C ALA H 354 -7.72 -10.95 -41.23
N GLN H 355 -7.57 -11.10 -42.55
CA GLN H 355 -6.30 -11.55 -43.15
C GLN H 355 -5.15 -10.60 -42.83
N LEU H 356 -5.41 -9.27 -42.88
CA LEU H 356 -4.37 -8.30 -42.57
C LEU H 356 -3.99 -8.27 -41.09
N LEU H 357 -4.89 -8.66 -40.19
CA LEU H 357 -4.57 -8.79 -38.78
C LEU H 357 -3.69 -10.05 -38.61
N SER H 358 -4.12 -11.15 -39.22
CA SER H 358 -3.45 -12.47 -39.17
C SER H 358 -1.98 -12.39 -39.65
N ARG H 359 -1.68 -11.57 -40.67
CA ARG H 359 -0.34 -11.46 -41.23
C ARG H 359 0.71 -10.96 -40.22
N TYR H 360 0.27 -10.24 -39.17
CA TYR H 360 1.18 -9.76 -38.12
C TYR H 360 1.34 -10.73 -36.96
N ARG H 361 0.71 -11.92 -37.07
CA ARG H 361 0.77 -13.02 -36.12
C ARG H 361 0.54 -12.61 -34.67
N PRO H 362 -0.65 -12.03 -34.35
CA PRO H 362 -0.92 -11.72 -32.95
C PRO H 362 -1.08 -12.99 -32.13
N ARG H 363 -0.80 -12.88 -30.83
CA ARG H 363 -1.05 -13.98 -29.91
C ARG H 363 -2.59 -14.05 -29.65
N ALA H 364 -3.27 -12.88 -29.62
CA ALA H 364 -4.71 -12.79 -29.41
C ALA H 364 -5.44 -13.44 -30.60
N ALA H 365 -6.51 -14.16 -30.33
CA ALA H 365 -7.36 -14.78 -31.36
C ALA H 365 -8.03 -13.68 -32.18
N VAL H 366 -8.17 -13.86 -33.49
CA VAL H 366 -8.87 -12.87 -34.33
C VAL H 366 -10.28 -13.42 -34.58
N ILE H 367 -11.27 -12.91 -33.88
CA ILE H 367 -12.65 -13.33 -34.02
C ILE H 367 -13.28 -12.51 -35.15
N ALA H 368 -13.54 -13.14 -36.29
CA ALA H 368 -14.03 -12.43 -37.47
C ALA H 368 -15.55 -12.63 -37.62
N VAL H 369 -16.30 -11.53 -37.53
CA VAL H 369 -17.74 -11.61 -37.63
C VAL H 369 -18.16 -11.18 -39.02
N THR H 370 -18.83 -12.07 -39.75
CA THR H 370 -19.25 -11.81 -41.12
C THR H 370 -20.64 -12.36 -41.43
N ARG H 371 -21.32 -11.73 -42.38
CA ARG H 371 -22.58 -12.25 -42.91
C ARG H 371 -22.34 -13.16 -44.11
N SER H 372 -21.15 -13.10 -44.72
CA SER H 372 -20.87 -13.90 -45.91
C SER H 372 -20.49 -15.31 -45.45
N ALA H 373 -21.36 -16.28 -45.76
CA ALA H 373 -21.08 -17.69 -45.41
C ALA H 373 -19.79 -18.16 -46.12
N GLN H 374 -19.57 -17.71 -47.37
CA GLN H 374 -18.35 -18.07 -48.09
C GLN H 374 -17.09 -17.47 -47.47
N ALA H 375 -17.11 -16.16 -47.13
CA ALA H 375 -15.94 -15.54 -46.48
C ALA H 375 -15.65 -16.22 -45.13
N ALA H 376 -16.69 -16.60 -44.40
CA ALA H 376 -16.53 -17.27 -43.10
C ALA H 376 -15.79 -18.60 -43.28
N ARG H 377 -16.09 -19.35 -44.35
CA ARG H 377 -15.39 -20.59 -44.64
C ARG H 377 -13.96 -20.32 -45.10
N GLN H 378 -13.77 -19.36 -46.00
CA GLN H 378 -12.46 -19.06 -46.58
C GLN H 378 -11.43 -18.50 -45.60
N VAL H 379 -11.86 -17.75 -44.56
CA VAL H 379 -10.87 -17.17 -43.63
C VAL H 379 -10.14 -18.22 -42.79
N HIS H 380 -10.60 -19.49 -42.83
CA HIS H 380 -9.85 -20.57 -42.17
C HIS H 380 -8.45 -20.73 -42.77
N LEU H 381 -8.23 -20.22 -44.00
CA LEU H 381 -6.89 -20.27 -44.60
C LEU H 381 -5.88 -19.39 -43.84
N CYS H 382 -6.35 -18.39 -43.06
CA CYS H 382 -5.46 -17.46 -42.33
C CYS H 382 -5.29 -17.84 -40.89
N ARG H 383 -4.05 -18.02 -40.46
CA ARG H 383 -3.80 -18.42 -39.07
C ARG H 383 -4.41 -17.49 -38.04
N GLY H 384 -5.09 -18.07 -37.07
CA GLY H 384 -5.61 -17.32 -35.95
C GLY H 384 -6.92 -16.60 -36.19
N VAL H 385 -7.60 -16.91 -37.30
CA VAL H 385 -8.88 -16.30 -37.58
C VAL H 385 -9.98 -17.30 -37.27
N PHE H 386 -10.86 -16.93 -36.35
CA PHE H 386 -12.00 -17.73 -35.90
C PHE H 386 -13.26 -17.11 -36.47
N PRO H 387 -13.78 -17.67 -37.57
CA PRO H 387 -14.94 -17.05 -38.22
C PRO H 387 -16.26 -17.34 -37.53
N LEU H 388 -17.10 -16.30 -37.42
CA LEU H 388 -18.43 -16.41 -36.85
C LEU H 388 -19.41 -15.94 -37.90
N LEU H 389 -20.38 -16.81 -38.25
CA LEU H 389 -21.40 -16.43 -39.22
C LEU H 389 -22.58 -15.72 -38.53
N TYR H 390 -22.80 -14.46 -38.88
CA TYR H 390 -23.90 -13.67 -38.35
C TYR H 390 -25.11 -13.77 -39.30
N ARG H 391 -26.27 -14.18 -38.79
CA ARG H 391 -27.43 -14.45 -39.64
C ARG H 391 -28.54 -13.42 -39.65
N GLU H 392 -28.52 -12.46 -38.74
CA GLU H 392 -29.58 -11.44 -38.68
C GLU H 392 -29.49 -10.44 -39.80
N PRO H 393 -30.66 -10.05 -40.37
CA PRO H 393 -30.64 -9.00 -41.42
C PRO H 393 -30.22 -7.65 -40.81
N PRO H 394 -29.70 -6.74 -41.65
CA PRO H 394 -29.21 -5.45 -41.11
C PRO H 394 -30.22 -4.61 -40.37
N GLU H 395 -29.77 -3.98 -39.28
CA GLU H 395 -30.51 -3.02 -38.47
C GLU H 395 -30.64 -1.73 -39.31
N ALA H 396 -31.68 -0.96 -39.06
CA ALA H 396 -31.93 0.29 -39.78
C ALA H 396 -30.84 1.31 -39.43
N ILE H 397 -30.39 1.34 -38.18
CA ILE H 397 -29.31 2.24 -37.78
C ILE H 397 -27.99 1.49 -37.91
N TRP H 398 -27.11 1.93 -38.80
CA TRP H 398 -25.87 1.21 -39.08
C TRP H 398 -24.96 1.04 -37.86
N ALA H 399 -24.84 2.07 -37.01
CA ALA H 399 -24.06 1.93 -35.77
C ALA H 399 -24.62 0.81 -34.85
N ASP H 400 -25.94 0.62 -34.83
CA ASP H 400 -26.54 -0.46 -34.01
C ASP H 400 -26.23 -1.82 -34.67
N ASP H 401 -26.26 -1.89 -36.00
CA ASP H 401 -25.96 -3.14 -36.71
C ASP H 401 -24.50 -3.58 -36.42
N VAL H 402 -23.59 -2.61 -36.42
CA VAL H 402 -22.17 -2.82 -36.08
C VAL H 402 -22.09 -3.32 -34.62
N ASP H 403 -22.71 -2.59 -33.65
CA ASP H 403 -22.68 -2.97 -32.24
C ASP H 403 -23.24 -4.36 -31.99
N ARG H 404 -24.34 -4.72 -32.66
CA ARG H 404 -24.95 -6.05 -32.49
C ARG H 404 -24.00 -7.14 -32.95
N ARG H 405 -23.23 -6.91 -34.02
CA ARG H 405 -22.25 -7.91 -34.50
C ARG H 405 -21.09 -8.02 -33.54
N VAL H 406 -20.64 -6.90 -32.97
CA VAL H 406 -19.56 -6.93 -31.98
C VAL H 406 -20.02 -7.71 -30.75
N GLN H 407 -21.28 -7.50 -30.31
CA GLN H 407 -21.84 -8.24 -29.17
C GLN H 407 -21.98 -9.71 -29.48
N PHE H 408 -22.32 -10.05 -30.73
CA PHE H 408 -22.40 -11.44 -31.16
C PHE H 408 -21.01 -12.11 -31.05
N GLY H 409 -19.96 -11.38 -31.43
CA GLY H 409 -18.58 -11.85 -31.29
C GLY H 409 -18.21 -12.08 -29.84
N ILE H 410 -18.59 -11.16 -28.95
CA ILE H 410 -18.35 -11.28 -27.51
C ILE H 410 -19.12 -12.47 -26.90
N GLU H 411 -20.40 -12.60 -27.20
CA GLU H 411 -21.22 -13.69 -26.67
C GLU H 411 -20.73 -15.04 -27.16
N SER H 412 -20.31 -15.13 -28.45
CA SER H 412 -19.78 -16.38 -28.99
C SER H 412 -18.47 -16.71 -28.29
N GLY H 413 -17.61 -15.70 -28.11
CA GLY H 413 -16.34 -15.88 -27.45
C GLY H 413 -16.50 -16.35 -26.01
N LYS H 414 -17.48 -15.80 -25.28
CA LYS H 414 -17.73 -16.20 -23.88
C LYS H 414 -18.19 -17.65 -23.84
N LEU H 415 -19.11 -18.02 -24.73
CA LEU H 415 -19.64 -19.37 -24.79
C LEU H 415 -18.55 -20.39 -25.12
N ARG H 416 -17.66 -20.02 -26.04
CA ARG H 416 -16.61 -20.92 -26.48
C ARG H 416 -15.35 -20.94 -25.60
N GLY H 417 -15.26 -20.07 -24.61
CA GLY H 417 -14.11 -20.02 -23.71
C GLY H 417 -12.99 -19.08 -24.12
N PHE H 418 -13.16 -18.33 -25.20
CA PHE H 418 -12.15 -17.36 -25.64
C PHE H 418 -12.11 -16.15 -24.68
N LEU H 419 -13.26 -15.75 -24.15
CA LEU H 419 -13.40 -14.54 -23.37
C LEU H 419 -14.12 -14.76 -22.07
N ARG H 420 -13.83 -13.90 -21.11
CA ARG H 420 -14.45 -13.89 -19.79
C ARG H 420 -14.58 -12.43 -19.33
N VAL H 421 -15.52 -12.17 -18.41
CA VAL H 421 -15.70 -10.85 -17.81
C VAL H 421 -14.40 -10.33 -17.22
N GLY H 422 -14.02 -9.10 -17.58
CA GLY H 422 -12.77 -8.53 -17.10
C GLY H 422 -11.67 -8.54 -18.16
N ASP H 423 -11.80 -9.38 -19.20
CA ASP H 423 -10.80 -9.43 -20.27
C ASP H 423 -10.82 -8.13 -21.09
N LEU H 424 -9.71 -7.82 -21.74
CA LEU H 424 -9.63 -6.70 -22.66
C LEU H 424 -9.67 -7.30 -24.07
N VAL H 425 -10.40 -6.67 -24.97
CA VAL H 425 -10.44 -7.06 -26.37
C VAL H 425 -10.17 -5.82 -27.22
N ILE H 426 -9.64 -6.03 -28.41
CA ILE H 426 -9.43 -4.96 -29.37
C ILE H 426 -10.57 -5.16 -30.40
N VAL H 427 -11.31 -4.11 -30.74
CA VAL H 427 -12.42 -4.21 -31.72
C VAL H 427 -12.04 -3.39 -32.97
N VAL H 428 -12.09 -4.03 -34.14
CA VAL H 428 -11.71 -3.45 -35.41
C VAL H 428 -12.92 -3.31 -36.33
N THR H 429 -13.27 -2.07 -36.68
CA THR H 429 -14.43 -1.78 -37.52
C THR H 429 -14.02 -0.71 -38.59
N GLY H 430 -14.98 -0.30 -39.42
CA GLY H 430 -14.74 0.72 -40.42
C GLY H 430 -15.67 1.92 -40.27
N TRP H 431 -15.50 2.93 -41.12
CA TRP H 431 -16.25 4.18 -40.96
C TRP H 431 -17.57 4.24 -41.76
N ARG H 432 -17.78 3.28 -42.65
CA ARG H 432 -19.02 3.21 -43.43
C ARG H 432 -19.33 1.76 -43.82
N PRO H 433 -20.58 1.48 -44.26
CA PRO H 433 -20.91 0.12 -44.72
C PRO H 433 -20.14 -0.24 -46.00
N GLY H 434 -20.02 -1.55 -46.24
CA GLY H 434 -19.34 -2.09 -47.40
C GLY H 434 -17.88 -2.39 -47.12
N SER H 435 -17.32 -3.28 -47.93
CA SER H 435 -15.95 -3.73 -47.85
C SER H 435 -14.93 -2.64 -48.21
N GLY H 436 -13.76 -2.68 -47.57
CA GLY H 436 -12.65 -1.78 -47.89
C GLY H 436 -12.51 -0.53 -47.06
N TYR H 437 -13.33 -0.35 -46.03
CA TYR H 437 -13.30 0.87 -45.23
C TYR H 437 -12.93 0.68 -43.78
N THR H 438 -12.26 -0.44 -43.44
CA THR H 438 -11.77 -0.63 -42.08
C THR H 438 -10.78 0.48 -41.72
N ASN H 439 -10.99 1.14 -40.57
CA ASN H 439 -10.08 2.20 -40.17
C ASN H 439 -10.11 2.52 -38.69
N ILE H 440 -10.79 1.71 -37.86
CA ILE H 440 -10.94 2.02 -36.45
C ILE H 440 -10.55 0.86 -35.58
N MET H 441 -9.81 1.12 -34.51
CA MET H 441 -9.52 0.12 -33.52
C MET H 441 -9.91 0.72 -32.12
N ARG H 442 -10.58 -0.07 -31.29
CA ARG H 442 -11.07 0.35 -29.97
CA ARG H 442 -10.97 0.38 -29.96
C ARG H 442 -10.66 -0.66 -28.90
N VAL H 443 -10.29 -0.21 -27.72
CA VAL H 443 -9.95 -1.09 -26.59
C VAL H 443 -11.18 -1.21 -25.69
N LEU H 444 -11.73 -2.42 -25.56
CA LEU H 444 -12.98 -2.66 -24.84
C LEU H 444 -12.80 -3.64 -23.68
N SER H 445 -13.42 -3.33 -22.54
CA SER H 445 -13.38 -4.20 -21.38
C SER H 445 -14.64 -5.10 -21.42
N ILE H 446 -14.48 -6.41 -21.34
CA ILE H 446 -15.60 -7.34 -21.37
C ILE H 446 -16.43 -7.27 -20.07
N SER H 447 -17.73 -7.00 -20.20
CA SER H 447 -18.64 -6.95 -19.05
C SER H 447 -19.65 -8.11 -19.09
#